data_2KSR
#
_entry.id   2KSR
#
_entity_poly.entity_id   1
_entity_poly.type   'polypeptide(L)'
_entity_poly.pdbx_seq_one_letter_code
;MHHHHHHSTSVDLGTENLYFQSNARRKPLFYTINLIIPCVLITSLAILVFYLPSDCGEKMTLCISVLLALTVFLLLISKI
VPPTSLDVPLVGKYLMFTMVLVTFSIVTSVCVLNVHHRSPTTHTPRGGGGYVAMVIDRLFLWIFVFVCVFGTIGMFLQPL
FQNY
;
_entity_poly.pdbx_strand_id   A
#
# COMPACT_ATOMS: atom_id res chain seq x y z
N ARG A 25 30.06 3.52 2.77
CA ARG A 25 28.94 4.44 2.90
C ARG A 25 27.72 3.92 2.15
N ARG A 26 27.95 3.15 1.10
CA ARG A 26 26.87 2.58 0.31
C ARG A 26 25.89 1.82 1.19
N LYS A 27 26.34 0.67 1.70
CA LYS A 27 25.50 -0.15 2.57
C LYS A 27 24.29 -0.68 1.81
N PRO A 28 23.69 -1.77 2.32
CA PRO A 28 22.51 -2.39 1.70
C PRO A 28 21.26 -1.52 1.84
N LEU A 29 21.34 -0.51 2.69
CA LEU A 29 20.22 0.40 2.92
C LEU A 29 19.69 0.94 1.60
N PHE A 30 20.58 1.08 0.62
CA PHE A 30 20.20 1.60 -0.70
C PHE A 30 19.53 0.51 -1.53
N TYR A 31 19.97 -0.73 -1.34
CA TYR A 31 19.42 -1.86 -2.07
C TYR A 31 18.02 -2.20 -1.58
N THR A 32 17.86 -2.25 -0.26
CA THR A 32 16.57 -2.57 0.34
C THR A 32 15.51 -1.54 -0.06
N ILE A 33 15.91 -0.28 -0.10
CA ILE A 33 14.99 0.80 -0.48
C ILE A 33 14.74 0.80 -1.98
N ASN A 34 15.71 0.35 -2.74
CA ASN A 34 15.60 0.30 -4.20
C ASN A 34 14.37 -0.50 -4.61
N LEU A 35 13.96 -1.43 -3.76
CA LEU A 35 12.79 -2.26 -4.04
C LEU A 35 11.53 -1.64 -3.47
N ILE A 36 11.70 -0.73 -2.52
CA ILE A 36 10.57 -0.05 -1.90
C ILE A 36 10.00 1.03 -2.82
N ILE A 37 10.87 1.68 -3.57
CA ILE A 37 10.46 2.72 -4.50
C ILE A 37 9.39 2.22 -5.47
N PRO A 38 9.74 1.15 -6.20
CA PRO A 38 8.82 0.54 -7.18
C PRO A 38 7.66 -0.17 -6.51
N CYS A 39 7.83 -0.51 -5.24
CA CYS A 39 6.78 -1.20 -4.49
C CYS A 39 5.67 -0.24 -4.10
N VAL A 40 6.06 0.94 -3.62
CA VAL A 40 5.09 1.94 -3.20
C VAL A 40 4.57 2.74 -4.39
N LEU A 41 5.40 2.85 -5.43
CA LEU A 41 5.02 3.58 -6.64
C LEU A 41 3.67 3.10 -7.16
N ILE A 42 3.40 1.82 -6.99
CA ILE A 42 2.14 1.23 -7.44
C ILE A 42 0.95 1.92 -6.79
N THR A 43 1.12 2.34 -5.53
CA THR A 43 0.07 3.01 -4.79
C THR A 43 -0.26 4.36 -5.41
N SER A 44 0.78 5.09 -5.82
CA SER A 44 0.60 6.39 -6.44
C SER A 44 -0.38 6.33 -7.60
N LEU A 45 -0.24 5.30 -8.43
CA LEU A 45 -1.11 5.12 -9.58
C LEU A 45 -2.48 4.58 -9.15
N ALA A 46 -2.47 3.67 -8.18
CA ALA A 46 -3.70 3.08 -7.68
C ALA A 46 -4.64 4.15 -7.14
N ILE A 47 -4.08 5.18 -6.53
CA ILE A 47 -4.86 6.27 -5.97
C ILE A 47 -5.59 7.05 -7.07
N LEU A 48 -4.96 7.12 -8.24
CA LEU A 48 -5.53 7.83 -9.38
C LEU A 48 -6.93 7.29 -9.70
N VAL A 49 -7.13 6.00 -9.49
CA VAL A 49 -8.41 5.37 -9.75
C VAL A 49 -9.19 5.15 -8.45
N PHE A 50 -8.47 4.81 -7.39
CA PHE A 50 -9.09 4.57 -6.09
C PHE A 50 -9.59 5.88 -5.47
N TYR A 51 -8.64 6.77 -5.16
CA TYR A 51 -8.98 8.05 -4.55
C TYR A 51 -9.67 8.96 -5.56
N LEU A 52 -8.98 9.28 -6.65
CA LEU A 52 -9.54 10.14 -7.69
C LEU A 52 -10.72 9.45 -8.39
N PRO A 53 -11.55 10.26 -9.06
CA PRO A 53 -12.72 9.75 -9.78
C PRO A 53 -12.34 8.95 -11.03
N SER A 54 -13.01 7.82 -11.21
CA SER A 54 -12.73 6.97 -12.37
C SER A 54 -13.68 5.76 -12.39
N ASP A 55 -14.95 6.01 -12.14
CA ASP A 55 -15.96 4.96 -12.13
C ASP A 55 -15.91 4.15 -13.42
N CYS A 56 -15.45 2.92 -13.32
CA CYS A 56 -15.35 2.04 -14.48
C CYS A 56 -14.80 0.66 -14.09
N GLY A 57 -15.06 -0.33 -14.92
CA GLY A 57 -14.60 -1.68 -14.65
C GLY A 57 -13.11 -1.73 -14.37
N GLU A 58 -12.37 -0.78 -14.94
CA GLU A 58 -10.93 -0.72 -14.75
C GLU A 58 -10.58 -0.27 -13.34
N LYS A 59 -11.38 0.63 -12.79
CA LYS A 59 -11.16 1.14 -11.44
C LYS A 59 -11.02 0.00 -10.45
N MET A 60 -11.96 -0.94 -10.49
CA MET A 60 -11.93 -2.10 -9.59
C MET A 60 -10.79 -3.04 -9.95
N THR A 61 -10.67 -3.36 -11.23
CA THR A 61 -9.63 -4.27 -11.70
C THR A 61 -8.25 -3.77 -11.27
N LEU A 62 -8.13 -2.47 -11.08
CA LEU A 62 -6.86 -1.87 -10.66
C LEU A 62 -6.56 -2.19 -9.19
N CYS A 63 -7.60 -2.16 -8.37
CA CYS A 63 -7.46 -2.45 -6.95
C CYS A 63 -7.06 -3.90 -6.73
N ILE A 64 -7.74 -4.82 -7.41
CA ILE A 64 -7.46 -6.24 -7.29
C ILE A 64 -6.13 -6.59 -7.94
N SER A 65 -5.81 -5.91 -9.03
CA SER A 65 -4.56 -6.16 -9.75
C SER A 65 -3.35 -5.95 -8.83
N VAL A 66 -3.53 -5.11 -7.81
CA VAL A 66 -2.46 -4.81 -6.87
C VAL A 66 -2.04 -6.08 -6.12
N LEU A 67 -3.01 -6.90 -5.75
CA LEU A 67 -2.74 -8.14 -5.04
C LEU A 67 -1.70 -8.97 -5.77
N LEU A 68 -1.65 -8.83 -7.10
CA LEU A 68 -0.70 -9.57 -7.91
C LEU A 68 0.72 -9.09 -7.67
N ALA A 69 0.88 -7.78 -7.51
CA ALA A 69 2.19 -7.19 -7.27
C ALA A 69 2.73 -7.63 -5.91
N LEU A 70 1.84 -7.88 -4.97
CA LEU A 70 2.24 -8.30 -3.63
C LEU A 70 2.91 -9.66 -3.66
N THR A 71 2.23 -10.64 -4.24
CA THR A 71 2.77 -11.99 -4.34
C THR A 71 4.06 -12.01 -5.17
N VAL A 72 4.08 -11.21 -6.23
CA VAL A 72 5.25 -11.14 -7.10
C VAL A 72 6.40 -10.43 -6.41
N PHE A 73 6.08 -9.46 -5.55
CA PHE A 73 7.08 -8.71 -4.83
C PHE A 73 8.02 -9.64 -4.06
N LEU A 74 7.49 -10.78 -3.64
CA LEU A 74 8.27 -11.76 -2.90
C LEU A 74 9.37 -12.35 -3.77
N LEU A 75 9.01 -12.80 -4.96
CA LEU A 75 9.97 -13.39 -5.89
C LEU A 75 10.86 -12.31 -6.50
N LEU A 76 10.28 -11.13 -6.70
CA LEU A 76 11.03 -10.01 -7.28
C LEU A 76 12.16 -9.56 -6.36
N ILE A 77 11.82 -9.26 -5.11
CA ILE A 77 12.81 -8.83 -4.13
C ILE A 77 13.80 -9.94 -3.82
N SER A 78 13.32 -11.19 -3.92
CA SER A 78 14.17 -12.35 -3.64
C SER A 78 15.04 -12.67 -4.85
N LYS A 79 14.65 -12.18 -6.01
CA LYS A 79 15.39 -12.41 -7.24
C LYS A 79 16.63 -11.52 -7.31
N ILE A 80 16.71 -10.56 -6.40
CA ILE A 80 17.84 -9.64 -6.36
C ILE A 80 19.16 -10.39 -6.26
N VAL A 81 19.09 -11.60 -5.72
CA VAL A 81 20.29 -12.43 -5.56
C VAL A 81 21.31 -11.76 -4.63
N PRO A 82 21.02 -11.83 -3.31
CA PRO A 82 21.89 -11.24 -2.29
C PRO A 82 23.21 -12.00 -2.15
N PRO A 83 24.16 -11.39 -1.43
CA PRO A 83 25.48 -11.99 -1.20
C PRO A 83 25.41 -13.20 -0.27
N THR A 84 24.74 -13.03 0.86
CA THR A 84 24.59 -14.11 1.84
C THR A 84 23.15 -14.24 2.31
N SER A 85 22.23 -13.60 1.58
CA SER A 85 20.82 -13.64 1.92
C SER A 85 20.60 -13.26 3.39
N LEU A 86 21.38 -12.30 3.86
CA LEU A 86 21.28 -11.83 5.23
C LEU A 86 19.96 -11.09 5.47
N ASP A 87 19.27 -10.77 4.38
CA ASP A 87 17.99 -10.08 4.46
C ASP A 87 16.83 -11.06 4.44
N VAL A 88 17.10 -12.30 4.82
CA VAL A 88 16.07 -13.34 4.85
C VAL A 88 15.03 -13.05 5.92
N PRO A 89 15.48 -12.93 7.18
CA PRO A 89 14.60 -12.65 8.32
C PRO A 89 14.04 -11.23 8.28
N LEU A 90 14.70 -10.36 7.53
CA LEU A 90 14.27 -8.97 7.42
C LEU A 90 13.03 -8.86 6.53
N VAL A 91 13.09 -9.47 5.36
CA VAL A 91 11.97 -9.44 4.42
C VAL A 91 10.90 -10.45 4.82
N GLY A 92 11.32 -11.67 5.12
CA GLY A 92 10.38 -12.70 5.51
C GLY A 92 9.46 -12.25 6.64
N LYS A 93 10.03 -11.53 7.61
CA LYS A 93 9.25 -11.04 8.74
C LYS A 93 8.36 -9.87 8.32
N TYR A 94 8.76 -9.19 7.25
CA TYR A 94 7.99 -8.05 6.76
C TYR A 94 6.72 -8.51 6.05
N LEU A 95 6.80 -9.65 5.38
CA LEU A 95 5.66 -10.21 4.66
C LEU A 95 4.45 -10.31 5.57
N MET A 96 4.69 -10.49 6.86
CA MET A 96 3.61 -10.61 7.83
C MET A 96 2.91 -9.26 8.03
N PHE A 97 3.70 -8.20 8.13
CA PHE A 97 3.15 -6.86 8.31
C PHE A 97 2.56 -6.33 7.02
N THR A 98 3.34 -6.40 5.95
CA THR A 98 2.89 -5.92 4.64
C THR A 98 1.56 -6.56 4.25
N MET A 99 1.33 -7.77 4.73
CA MET A 99 0.09 -8.49 4.43
C MET A 99 -1.10 -7.80 5.07
N VAL A 100 -0.86 -7.14 6.21
CA VAL A 100 -1.92 -6.43 6.92
C VAL A 100 -2.21 -5.08 6.28
N LEU A 101 -1.17 -4.48 5.68
CA LEU A 101 -1.31 -3.19 5.04
C LEU A 101 -2.05 -3.32 3.71
N VAL A 102 -1.85 -4.45 3.03
CA VAL A 102 -2.49 -4.70 1.74
C VAL A 102 -3.96 -5.09 1.93
N THR A 103 -4.22 -5.87 2.98
CA THR A 103 -5.58 -6.31 3.27
C THR A 103 -6.43 -5.17 3.81
N PHE A 104 -5.82 -4.33 4.64
CA PHE A 104 -6.52 -3.19 5.22
C PHE A 104 -6.91 -2.17 4.15
N SER A 105 -6.08 -2.07 3.12
CA SER A 105 -6.32 -1.14 2.03
C SER A 105 -7.49 -1.60 1.17
N ILE A 106 -7.60 -2.91 0.98
CA ILE A 106 -8.67 -3.48 0.19
C ILE A 106 -10.02 -3.35 0.89
N VAL A 107 -10.07 -3.81 2.14
CA VAL A 107 -11.28 -3.74 2.93
C VAL A 107 -11.84 -2.32 2.98
N THR A 108 -10.93 -1.34 3.02
CA THR A 108 -11.33 0.06 3.06
C THR A 108 -12.30 0.39 1.93
N SER A 109 -12.14 -0.28 0.80
CA SER A 109 -13.01 -0.05 -0.35
C SER A 109 -14.48 -0.12 0.05
N VAL A 110 -14.78 -0.94 1.06
CA VAL A 110 -16.15 -1.08 1.54
C VAL A 110 -16.76 0.27 1.86
N CYS A 111 -15.94 1.20 2.32
CA CYS A 111 -16.41 2.54 2.67
C CYS A 111 -16.93 3.27 1.43
N VAL A 112 -16.16 3.21 0.35
CA VAL A 112 -16.53 3.87 -0.89
C VAL A 112 -17.66 3.11 -1.59
N LEU A 113 -17.59 1.79 -1.55
CA LEU A 113 -18.61 0.94 -2.18
C LEU A 113 -19.94 1.05 -1.44
N ASN A 114 -19.86 1.28 -0.13
CA ASN A 114 -21.05 1.39 0.70
C ASN A 114 -21.96 2.51 0.19
N VAL A 115 -21.33 3.56 -0.34
CA VAL A 115 -22.08 4.71 -0.86
C VAL A 115 -22.15 4.67 -2.39
N HIS A 116 -21.18 4.00 -3.00
CA HIS A 116 -21.12 3.89 -4.46
C HIS A 116 -22.39 3.23 -4.99
N HIS A 117 -22.54 1.93 -4.72
CA HIS A 117 -23.71 1.18 -5.17
C HIS A 117 -23.76 -0.18 -4.51
N ARG A 118 -23.61 -0.21 -3.20
CA ARG A 118 -23.64 -1.45 -2.44
C ARG A 118 -24.09 -1.21 -1.01
N SER A 119 -25.39 -1.32 -0.76
CA SER A 119 -25.95 -1.10 0.56
C SER A 119 -25.72 0.34 1.03
N PRO A 120 -26.48 1.27 0.43
CA PRO A 120 -26.37 2.69 0.77
C PRO A 120 -26.91 3.01 2.17
N THR A 121 -26.06 3.62 2.99
CA THR A 121 -26.45 3.97 4.35
C THR A 121 -26.85 5.43 4.45
N THR A 122 -26.33 6.25 3.53
CA THR A 122 -26.64 7.68 3.51
C THR A 122 -26.11 8.36 4.75
N HIS A 123 -24.95 9.01 4.62
CA HIS A 123 -24.33 9.70 5.74
C HIS A 123 -23.90 11.11 5.33
N THR A 124 -23.37 11.23 4.12
CA THR A 124 -22.91 12.52 3.61
C THR A 124 -23.70 12.93 2.38
N PRO A 125 -23.69 14.24 2.06
CA PRO A 125 -24.40 14.78 0.91
C PRO A 125 -23.76 14.37 -0.41
N ARG A 126 -24.25 14.94 -1.51
CA ARG A 126 -23.73 14.63 -2.83
C ARG A 126 -23.93 13.15 -3.16
N GLY A 127 -23.61 12.77 -4.39
CA GLY A 127 -23.75 11.39 -4.80
C GLY A 127 -23.12 11.11 -6.16
N GLY A 128 -23.84 10.40 -7.01
CA GLY A 128 -23.33 10.08 -8.33
C GLY A 128 -22.35 8.92 -8.31
N GLY A 129 -21.27 9.07 -7.54
CA GLY A 129 -20.28 8.02 -7.46
C GLY A 129 -19.94 7.66 -6.03
N GLY A 130 -18.70 7.22 -5.80
CA GLY A 130 -18.28 6.85 -4.45
C GLY A 130 -17.26 7.81 -3.88
N TYR A 131 -17.20 9.00 -4.45
CA TYR A 131 -16.25 10.02 -3.99
C TYR A 131 -16.73 10.67 -2.70
N VAL A 132 -18.04 10.67 -2.51
CA VAL A 132 -18.64 11.27 -1.31
C VAL A 132 -18.14 10.58 -0.04
N ALA A 133 -17.96 9.26 -0.13
CA ALA A 133 -17.49 8.48 1.01
C ALA A 133 -16.07 8.89 1.40
N MET A 134 -15.33 9.45 0.45
CA MET A 134 -13.97 9.89 0.70
C MET A 134 -13.90 10.82 1.90
N VAL A 135 -14.99 11.58 2.11
CA VAL A 135 -15.06 12.52 3.23
C VAL A 135 -14.84 11.80 4.55
N ILE A 136 -15.66 10.80 4.84
CA ILE A 136 -15.56 10.04 6.07
C ILE A 136 -14.36 9.10 6.04
N ASP A 137 -14.11 8.52 4.88
CA ASP A 137 -12.99 7.60 4.71
C ASP A 137 -11.66 8.31 4.97
N ARG A 138 -11.62 9.60 4.69
CA ARG A 138 -10.41 10.39 4.90
C ARG A 138 -9.88 10.20 6.32
N LEU A 139 -10.78 9.95 7.26
CA LEU A 139 -10.41 9.76 8.65
C LEU A 139 -9.48 8.55 8.80
N PHE A 140 -9.90 7.42 8.23
CA PHE A 140 -9.12 6.19 8.31
C PHE A 140 -7.90 6.27 7.37
N LEU A 141 -8.13 6.76 6.16
CA LEU A 141 -7.07 6.88 5.17
C LEU A 141 -5.88 7.63 5.75
N TRP A 142 -6.15 8.59 6.63
CA TRP A 142 -5.10 9.38 7.25
C TRP A 142 -4.06 8.48 7.91
N ILE A 143 -4.54 7.50 8.66
CA ILE A 143 -3.65 6.56 9.35
C ILE A 143 -3.08 5.54 8.38
N PHE A 144 -3.86 5.19 7.37
CA PHE A 144 -3.43 4.21 6.37
C PHE A 144 -2.11 4.64 5.72
N VAL A 145 -2.11 5.84 5.14
CA VAL A 145 -0.91 6.37 4.49
C VAL A 145 0.27 6.36 5.45
N PHE A 146 0.01 6.62 6.72
CA PHE A 146 1.06 6.65 7.73
C PHE A 146 1.72 5.28 7.87
N VAL A 147 0.93 4.22 7.67
CA VAL A 147 1.43 2.86 7.78
C VAL A 147 2.44 2.56 6.67
N CYS A 148 2.17 3.09 5.48
CA CYS A 148 3.05 2.87 4.33
C CYS A 148 4.46 3.40 4.63
N VAL A 149 4.55 4.65 5.08
CA VAL A 149 5.82 5.25 5.39
C VAL A 149 6.38 4.71 6.70
N PHE A 150 5.49 4.38 7.63
CA PHE A 150 5.89 3.85 8.93
C PHE A 150 6.82 2.65 8.76
N GLY A 151 6.40 1.69 7.96
CA GLY A 151 7.20 0.50 7.74
C GLY A 151 8.33 0.75 6.75
N THR A 152 8.21 1.81 5.96
CA THR A 152 9.22 2.15 4.98
C THR A 152 10.45 2.76 5.64
N ILE A 153 10.24 3.79 6.46
CA ILE A 153 11.33 4.45 7.16
C ILE A 153 11.80 3.62 8.35
N GLY A 154 10.89 2.85 8.93
CA GLY A 154 11.24 2.02 10.07
C GLY A 154 12.39 1.08 9.76
N MET A 155 12.30 0.37 8.65
CA MET A 155 13.35 -0.57 8.25
C MET A 155 14.60 0.18 7.79
N PHE A 156 14.40 1.35 7.21
CA PHE A 156 15.51 2.17 6.73
C PHE A 156 16.28 2.78 7.89
N LEU A 157 15.61 2.93 9.03
CA LEU A 157 16.23 3.51 10.21
C LEU A 157 17.16 2.50 10.88
N GLN A 158 16.87 1.22 10.69
CA GLN A 158 17.68 0.15 11.27
C GLN A 158 19.16 0.35 10.95
N PRO A 159 19.48 0.35 9.65
CA PRO A 159 20.85 0.53 9.17
C PRO A 159 21.37 1.94 9.40
N LEU A 160 20.44 2.87 9.66
CA LEU A 160 20.80 4.27 9.89
C LEU A 160 20.96 4.54 11.39
N PHE A 161 21.58 3.59 12.10
CA PHE A 161 21.79 3.73 13.53
C PHE A 161 22.46 5.07 13.85
N GLN A 162 23.68 5.24 13.34
CA GLN A 162 24.43 6.47 13.58
C GLN A 162 25.75 6.46 12.81
N ASN A 163 26.70 5.68 13.31
CA ASN A 163 28.02 5.58 12.68
C ASN A 163 28.71 6.93 12.65
N TYR A 164 29.62 7.14 13.58
CA TYR A 164 30.36 8.40 13.66
C TYR A 164 31.44 8.33 14.74
N ARG A 25 31.34 4.41 4.08
CA ARG A 25 31.23 3.94 2.70
C ARG A 25 29.94 3.15 2.50
N ARG A 26 29.66 2.24 3.42
CA ARG A 26 28.46 1.42 3.34
C ARG A 26 27.21 2.27 3.47
N LYS A 27 26.67 2.71 2.33
CA LYS A 27 25.47 3.54 2.31
C LYS A 27 24.32 2.80 1.65
N PRO A 28 23.77 1.80 2.36
CA PRO A 28 22.65 1.00 1.86
C PRO A 28 21.35 1.80 1.79
N LEU A 29 21.34 2.98 2.41
CA LEU A 29 20.16 3.83 2.41
C LEU A 29 19.66 4.06 0.99
N PHE A 30 20.58 4.06 0.03
CA PHE A 30 20.22 4.27 -1.36
C PHE A 30 19.64 3.00 -1.97
N TYR A 31 20.13 1.85 -1.51
CA TYR A 31 19.66 0.57 -2.02
C TYR A 31 18.26 0.26 -1.50
N THR A 32 18.05 0.47 -0.20
CA THR A 32 16.76 0.22 0.41
C THR A 32 15.67 1.08 -0.22
N ILE A 33 16.00 2.33 -0.52
CA ILE A 33 15.05 3.25 -1.13
C ILE A 33 14.84 2.93 -2.61
N ASN A 34 15.88 2.37 -3.23
CA ASN A 34 15.82 2.02 -4.65
C ASN A 34 14.65 1.08 -4.92
N LEU A 35 14.26 0.32 -3.90
CA LEU A 35 13.14 -0.62 -4.03
C LEU A 35 11.83 0.04 -3.64
N ILE A 36 11.92 1.13 -2.90
CA ILE A 36 10.73 1.86 -2.45
C ILE A 36 10.14 2.69 -3.59
N ILE A 37 11.00 3.22 -4.45
CA ILE A 37 10.57 4.03 -5.57
C ILE A 37 9.58 3.26 -6.45
N PRO A 38 10.01 2.09 -6.94
CA PRO A 38 9.17 1.24 -7.80
C PRO A 38 8.02 0.60 -7.02
N CYS A 39 8.15 0.54 -5.71
CA CYS A 39 7.12 -0.04 -4.85
C CYS A 39 5.94 0.91 -4.69
N VAL A 40 6.26 2.18 -4.44
CA VAL A 40 5.23 3.20 -4.26
C VAL A 40 4.72 3.71 -5.60
N LEU A 41 5.58 3.67 -6.61
CA LEU A 41 5.22 4.12 -7.95
C LEU A 41 3.91 3.48 -8.41
N ILE A 42 3.70 2.23 -7.99
CA ILE A 42 2.48 1.50 -8.36
C ILE A 42 1.23 2.25 -7.89
N THR A 43 1.34 2.90 -6.74
CA THR A 43 0.23 3.65 -6.18
C THR A 43 -0.14 4.83 -7.07
N SER A 44 0.86 5.45 -7.68
CA SER A 44 0.65 6.58 -8.56
C SER A 44 -0.35 6.24 -9.67
N LEU A 45 -0.14 5.09 -10.30
CA LEU A 45 -1.02 4.66 -11.38
C LEU A 45 -2.35 4.16 -10.83
N ALA A 46 -2.29 3.41 -9.73
CA ALA A 46 -3.49 2.88 -9.10
C ALA A 46 -4.46 4.00 -8.73
N ILE A 47 -3.95 5.00 -8.02
CA ILE A 47 -4.77 6.14 -7.61
C ILE A 47 -5.26 6.94 -8.81
N LEU A 48 -4.45 6.96 -9.86
CA LEU A 48 -4.81 7.69 -11.08
C LEU A 48 -6.18 7.29 -11.57
N VAL A 49 -6.51 6.00 -11.45
CA VAL A 49 -7.80 5.48 -11.87
C VAL A 49 -8.73 5.28 -10.69
N PHE A 50 -8.17 4.87 -9.55
CA PHE A 50 -8.95 4.63 -8.35
C PHE A 50 -9.52 5.95 -7.82
N TYR A 51 -8.65 6.87 -7.45
CA TYR A 51 -9.07 8.16 -6.91
C TYR A 51 -10.01 8.87 -7.90
N LEU A 52 -9.56 9.02 -9.14
CA LEU A 52 -10.35 9.67 -10.17
C LEU A 52 -11.75 9.06 -10.25
N PRO A 53 -12.69 9.80 -10.85
CA PRO A 53 -14.07 9.35 -11.01
C PRO A 53 -14.21 8.21 -12.00
N SER A 54 -15.44 7.87 -12.34
CA SER A 54 -15.71 6.80 -13.30
C SER A 54 -15.02 5.50 -12.85
N ASP A 55 -15.76 4.69 -12.10
CA ASP A 55 -15.23 3.42 -11.61
C ASP A 55 -16.36 2.41 -11.40
N CYS A 56 -16.05 1.14 -11.62
CA CYS A 56 -17.03 0.07 -11.46
C CYS A 56 -16.38 -1.30 -11.62
N GLY A 57 -16.07 -1.65 -12.87
CA GLY A 57 -15.46 -2.94 -13.13
C GLY A 57 -13.94 -2.90 -13.00
N GLU A 58 -13.31 -1.93 -13.66
CA GLU A 58 -11.87 -1.77 -13.60
C GLU A 58 -11.40 -1.52 -12.18
N LYS A 59 -12.10 -0.63 -11.48
CA LYS A 59 -11.76 -0.29 -10.10
C LYS A 59 -11.65 -1.55 -9.25
N MET A 60 -12.66 -2.41 -9.33
CA MET A 60 -12.67 -3.65 -8.56
C MET A 60 -11.57 -4.59 -9.02
N THR A 61 -11.30 -4.60 -10.33
CA THR A 61 -10.26 -5.46 -10.89
C THR A 61 -8.88 -5.01 -10.43
N LEU A 62 -8.74 -3.71 -10.17
CA LEU A 62 -7.46 -3.16 -9.72
C LEU A 62 -7.16 -3.58 -8.29
N CYS A 63 -8.12 -3.38 -7.40
CA CYS A 63 -7.95 -3.75 -6.00
C CYS A 63 -7.52 -5.21 -5.86
N ILE A 64 -8.24 -6.10 -6.52
CA ILE A 64 -7.93 -7.53 -6.47
C ILE A 64 -6.60 -7.82 -7.17
N SER A 65 -6.32 -7.07 -8.23
CA SER A 65 -5.09 -7.26 -8.99
C SER A 65 -3.88 -6.87 -8.14
N VAL A 66 -4.09 -6.01 -7.16
CA VAL A 66 -3.02 -5.58 -6.28
C VAL A 66 -2.36 -6.76 -5.57
N LEU A 67 -3.18 -7.75 -5.21
CA LEU A 67 -2.68 -8.94 -4.53
C LEU A 67 -1.52 -9.57 -5.31
N LEU A 68 -1.54 -9.38 -6.62
CA LEU A 68 -0.49 -9.93 -7.48
C LEU A 68 0.84 -9.22 -7.25
N ALA A 69 0.77 -7.90 -7.06
CA ALA A 69 1.96 -7.10 -6.82
C ALA A 69 2.61 -7.46 -5.49
N LEU A 70 1.78 -7.89 -4.53
CA LEU A 70 2.27 -8.27 -3.21
C LEU A 70 3.18 -9.49 -3.29
N THR A 71 2.67 -10.56 -3.89
CA THR A 71 3.43 -11.79 -4.03
C THR A 71 4.68 -11.57 -4.88
N VAL A 72 4.54 -10.75 -5.92
CA VAL A 72 5.66 -10.46 -6.80
C VAL A 72 6.69 -9.57 -6.12
N PHE A 73 6.21 -8.70 -5.24
CA PHE A 73 7.10 -7.79 -4.51
C PHE A 73 8.23 -8.56 -3.84
N LEU A 74 7.96 -9.80 -3.47
CA LEU A 74 8.95 -10.64 -2.82
C LEU A 74 10.00 -11.12 -3.81
N LEU A 75 9.56 -11.50 -5.00
CA LEU A 75 10.45 -11.97 -6.05
C LEU A 75 11.25 -10.81 -6.65
N LEU A 76 10.61 -9.65 -6.73
CA LEU A 76 11.26 -8.47 -7.28
C LEU A 76 12.36 -7.95 -6.35
N ILE A 77 11.98 -7.69 -5.10
CA ILE A 77 12.93 -7.21 -4.11
C ILE A 77 14.11 -8.16 -3.97
N SER A 78 13.90 -9.42 -4.32
CA SER A 78 14.96 -10.43 -4.23
C SER A 78 16.11 -10.09 -5.18
N LYS A 79 15.84 -9.19 -6.13
CA LYS A 79 16.85 -8.78 -7.09
C LYS A 79 18.01 -8.07 -6.40
N ILE A 80 17.78 -7.66 -5.16
CA ILE A 80 18.81 -6.97 -4.39
C ILE A 80 20.12 -7.75 -4.39
N VAL A 81 20.01 -9.07 -4.51
CA VAL A 81 21.19 -9.93 -4.53
C VAL A 81 21.97 -9.81 -3.23
N PRO A 82 21.46 -10.46 -2.16
CA PRO A 82 22.10 -10.43 -0.84
C PRO A 82 23.40 -11.23 -0.82
N PRO A 83 24.19 -11.06 0.25
CA PRO A 83 25.47 -11.76 0.42
C PRO A 83 25.29 -13.25 0.67
N THR A 84 24.41 -13.59 1.61
CA THR A 84 24.14 -14.98 1.94
C THR A 84 22.65 -15.24 2.05
N SER A 85 21.85 -14.35 1.48
CA SER A 85 20.40 -14.49 1.52
C SER A 85 19.91 -14.75 2.94
N LEU A 86 20.42 -13.97 3.89
CA LEU A 86 20.04 -14.12 5.29
C LEU A 86 18.92 -13.16 5.65
N ASP A 87 18.17 -12.72 4.64
CA ASP A 87 17.06 -11.80 4.85
C ASP A 87 15.74 -12.55 4.87
N VAL A 88 15.79 -13.84 5.21
CA VAL A 88 14.59 -14.67 5.26
C VAL A 88 13.67 -14.22 6.40
N PRO A 89 14.20 -14.23 7.63
CA PRO A 89 13.45 -13.83 8.82
C PRO A 89 13.16 -12.33 8.85
N LEU A 90 13.94 -11.57 8.08
CA LEU A 90 13.76 -10.12 8.03
C LEU A 90 12.52 -9.76 7.20
N VAL A 91 12.46 -10.28 5.98
CA VAL A 91 11.33 -10.02 5.09
C VAL A 91 10.13 -10.89 5.45
N GLY A 92 10.40 -12.15 5.78
CA GLY A 92 9.34 -13.07 6.14
C GLY A 92 8.45 -12.53 7.24
N LYS A 93 9.04 -11.77 8.15
CA LYS A 93 8.30 -11.19 9.26
C LYS A 93 7.53 -9.96 8.81
N TYR A 94 7.99 -9.34 7.74
CA TYR A 94 7.35 -8.14 7.20
C TYR A 94 6.07 -8.50 6.44
N LEU A 95 6.09 -9.65 5.77
CA LEU A 95 4.94 -10.11 5.01
C LEU A 95 3.68 -10.10 5.86
N MET A 96 3.87 -10.32 7.17
CA MET A 96 2.74 -10.35 8.10
C MET A 96 2.13 -8.95 8.24
N PHE A 97 2.97 -7.94 8.34
CA PHE A 97 2.51 -6.56 8.48
C PHE A 97 1.99 -6.03 7.15
N THR A 98 2.81 -6.16 6.11
CA THR A 98 2.44 -5.68 4.78
C THR A 98 1.09 -6.26 4.35
N MET A 99 0.79 -7.46 4.84
CA MET A 99 -0.47 -8.12 4.50
C MET A 99 -1.66 -7.36 5.09
N VAL A 100 -1.43 -6.69 6.21
CA VAL A 100 -2.48 -5.92 6.87
C VAL A 100 -2.68 -4.58 6.20
N LEU A 101 -1.61 -4.04 5.64
CA LEU A 101 -1.66 -2.74 4.97
C LEU A 101 -2.34 -2.86 3.61
N VAL A 102 -2.17 -4.01 2.96
CA VAL A 102 -2.78 -4.25 1.66
C VAL A 102 -4.26 -4.57 1.80
N THR A 103 -4.61 -5.32 2.84
CA THR A 103 -5.99 -5.70 3.08
C THR A 103 -6.81 -4.51 3.57
N PHE A 104 -6.21 -3.70 4.44
CA PHE A 104 -6.88 -2.52 4.98
C PHE A 104 -7.19 -1.52 3.87
N SER A 105 -6.32 -1.47 2.86
CA SER A 105 -6.50 -0.55 1.75
C SER A 105 -7.62 -1.01 0.84
N ILE A 106 -7.78 -2.33 0.71
CA ILE A 106 -8.81 -2.90 -0.14
C ILE A 106 -10.18 -2.78 0.52
N VAL A 107 -10.28 -3.22 1.78
CA VAL A 107 -11.53 -3.16 2.52
C VAL A 107 -12.10 -1.75 2.52
N THR A 108 -11.21 -0.77 2.54
CA THR A 108 -11.63 0.64 2.55
C THR A 108 -12.60 0.93 1.41
N SER A 109 -12.42 0.23 0.29
CA SER A 109 -13.29 0.41 -0.86
C SER A 109 -14.76 0.33 -0.47
N VAL A 110 -15.05 -0.46 0.55
CA VAL A 110 -16.42 -0.63 1.03
C VAL A 110 -17.06 0.73 1.32
N CYS A 111 -16.25 1.68 1.76
CA CYS A 111 -16.73 3.01 2.08
C CYS A 111 -17.21 3.73 0.82
N VAL A 112 -16.36 3.72 -0.21
CA VAL A 112 -16.70 4.37 -1.48
C VAL A 112 -17.81 3.62 -2.20
N LEU A 113 -17.80 2.30 -2.09
CA LEU A 113 -18.81 1.46 -2.73
C LEU A 113 -20.16 1.60 -2.04
N ASN A 114 -20.13 1.69 -0.71
CA ASN A 114 -21.35 1.82 0.08
C ASN A 114 -22.18 3.01 -0.41
N VAL A 115 -21.50 4.04 -0.90
CA VAL A 115 -22.17 5.23 -1.40
C VAL A 115 -22.23 5.23 -2.92
N HIS A 116 -21.31 4.50 -3.55
CA HIS A 116 -21.25 4.42 -5.01
C HIS A 116 -22.61 4.02 -5.58
N HIS A 117 -23.16 2.93 -5.04
CA HIS A 117 -24.46 2.44 -5.51
C HIS A 117 -24.94 1.29 -4.62
N ARG A 118 -24.71 1.42 -3.32
CA ARG A 118 -25.12 0.39 -2.37
C ARG A 118 -25.83 1.01 -1.16
N SER A 119 -26.31 0.16 -0.27
CA SER A 119 -27.01 0.62 0.93
C SER A 119 -26.09 1.50 1.79
N PRO A 120 -26.71 2.30 2.67
CA PRO A 120 -25.96 3.20 3.56
C PRO A 120 -25.19 2.45 4.63
N THR A 121 -24.03 2.99 5.02
CA THR A 121 -23.21 2.36 6.04
C THR A 121 -23.65 2.76 7.44
N THR A 122 -22.88 2.34 8.44
CA THR A 122 -23.21 2.66 9.82
C THR A 122 -21.96 3.13 10.58
N HIS A 123 -21.47 4.31 10.23
CA HIS A 123 -20.29 4.87 10.87
C HIS A 123 -19.99 6.26 10.32
N THR A 124 -19.97 6.39 9.00
CA THR A 124 -19.68 7.66 8.35
C THR A 124 -20.19 7.66 6.91
N PRO A 125 -21.52 7.65 6.75
CA PRO A 125 -22.16 7.65 5.43
C PRO A 125 -21.99 8.99 4.71
N ARG A 126 -22.70 9.15 3.60
CA ARG A 126 -22.62 10.37 2.81
C ARG A 126 -23.92 10.61 2.05
N GLY A 127 -24.15 9.79 1.03
CA GLY A 127 -25.36 9.92 0.23
C GLY A 127 -25.40 8.94 -0.92
N GLY A 128 -24.94 9.37 -2.09
CA GLY A 128 -24.94 8.50 -3.25
C GLY A 128 -24.01 8.99 -4.34
N GLY A 129 -23.75 8.14 -5.33
CA GLY A 129 -22.87 8.51 -6.42
C GLY A 129 -21.56 7.75 -6.39
N GLY A 130 -20.66 8.15 -5.50
CA GLY A 130 -19.37 7.49 -5.39
C GLY A 130 -18.23 8.47 -5.23
N TYR A 131 -18.41 9.68 -5.77
CA TYR A 131 -17.38 10.70 -5.68
C TYR A 131 -17.46 11.45 -4.35
N VAL A 132 -18.66 11.48 -3.77
CA VAL A 132 -18.87 12.15 -2.49
C VAL A 132 -18.09 11.48 -1.38
N ALA A 133 -17.88 10.17 -1.50
CA ALA A 133 -17.14 9.41 -0.51
C ALA A 133 -15.74 9.97 -0.33
N MET A 134 -15.22 10.64 -1.35
CA MET A 134 -13.89 11.23 -1.30
C MET A 134 -13.74 12.12 -0.07
N VAL A 135 -14.85 12.74 0.34
CA VAL A 135 -14.83 13.61 1.52
C VAL A 135 -14.31 12.89 2.75
N ILE A 136 -14.99 11.80 3.11
CA ILE A 136 -14.59 11.01 4.28
C ILE A 136 -13.34 10.20 3.98
N ASP A 137 -13.25 9.67 2.76
CA ASP A 137 -12.10 8.87 2.36
C ASP A 137 -10.82 9.68 2.44
N ARG A 138 -10.93 10.99 2.22
CA ARG A 138 -9.78 11.88 2.27
C ARG A 138 -9.02 11.72 3.58
N LEU A 139 -9.75 11.34 4.63
CA LEU A 139 -9.14 11.16 5.95
C LEU A 139 -8.29 9.90 5.98
N PHE A 140 -8.81 8.83 5.41
CA PHE A 140 -8.10 7.55 5.37
C PHE A 140 -6.95 7.60 4.36
N LEU A 141 -7.27 7.99 3.14
CA LEU A 141 -6.27 8.08 2.07
C LEU A 141 -5.06 8.91 2.53
N TRP A 142 -5.32 9.88 3.39
CA TRP A 142 -4.27 10.75 3.89
C TRP A 142 -3.32 9.96 4.79
N ILE A 143 -3.88 9.11 5.65
CA ILE A 143 -3.09 8.30 6.57
C ILE A 143 -2.45 7.12 5.85
N PHE A 144 -3.14 6.62 4.82
CA PHE A 144 -2.64 5.49 4.04
C PHE A 144 -1.26 5.79 3.47
N VAL A 145 -1.17 6.87 2.70
CA VAL A 145 0.09 7.28 2.09
C VAL A 145 1.18 7.44 3.14
N PHE A 146 0.80 7.90 4.33
CA PHE A 146 1.75 8.09 5.41
C PHE A 146 2.27 6.76 5.92
N VAL A 147 1.42 5.73 5.88
CA VAL A 147 1.79 4.40 6.34
C VAL A 147 2.82 3.77 5.40
N CYS A 148 2.71 4.07 4.12
CA CYS A 148 3.63 3.53 3.12
C CYS A 148 5.07 3.81 3.51
N VAL A 149 5.37 5.07 3.79
CA VAL A 149 6.72 5.47 4.18
C VAL A 149 7.05 5.00 5.60
N PHE A 150 6.05 5.02 6.46
CA PHE A 150 6.23 4.60 7.85
C PHE A 150 6.86 3.21 7.92
N GLY A 151 6.44 2.32 7.02
CA GLY A 151 6.98 0.98 7.01
C GLY A 151 8.35 0.92 6.38
N THR A 152 8.70 1.94 5.59
CA THR A 152 9.99 2.00 4.93
C THR A 152 11.11 2.29 5.92
N ILE A 153 10.94 3.36 6.69
CA ILE A 153 11.93 3.75 7.69
C ILE A 153 11.85 2.86 8.92
N GLY A 154 10.68 2.27 9.15
CA GLY A 154 10.50 1.40 10.29
C GLY A 154 11.44 0.21 10.28
N MET A 155 11.51 -0.47 9.15
CA MET A 155 12.38 -1.63 9.00
C MET A 155 13.83 -1.20 8.80
N PHE A 156 14.02 -0.06 8.15
CA PHE A 156 15.35 0.46 7.89
C PHE A 156 16.00 0.97 9.17
N LEU A 157 15.17 1.32 10.15
CA LEU A 157 15.66 1.81 11.44
C LEU A 157 16.21 0.68 12.28
N GLN A 158 15.69 -0.53 12.06
CA GLN A 158 16.14 -1.70 12.80
C GLN A 158 17.66 -1.84 12.76
N PRO A 159 18.21 -1.97 11.54
CA PRO A 159 19.65 -2.10 11.34
C PRO A 159 20.40 -0.82 11.63
N LEU A 160 19.67 0.29 11.69
CA LEU A 160 20.27 1.60 11.97
C LEU A 160 20.23 1.90 13.47
N PHE A 161 20.56 0.90 14.28
CA PHE A 161 20.56 1.07 15.73
C PHE A 161 21.88 1.67 16.21
N GLN A 162 22.95 0.89 16.10
CA GLN A 162 24.28 1.35 16.51
C GLN A 162 25.23 1.42 15.33
N ASN A 163 24.96 0.61 14.31
CA ASN A 163 25.79 0.57 13.12
C ASN A 163 25.99 1.98 12.55
N TYR A 164 24.89 2.61 12.15
CA TYR A 164 24.94 3.94 11.58
C TYR A 164 23.55 4.44 11.23
N ARG A 25 30.20 -0.48 3.55
CA ARG A 25 30.99 -0.21 2.35
C ARG A 25 30.13 -0.32 1.10
N ARG A 26 29.29 -1.35 1.05
CA ARG A 26 28.41 -1.56 -0.10
C ARG A 26 27.32 -0.50 -0.16
N LYS A 27 26.98 0.05 1.00
CA LYS A 27 25.95 1.08 1.08
C LYS A 27 24.62 0.57 0.53
N PRO A 28 23.96 -0.32 1.29
CA PRO A 28 22.68 -0.90 0.90
C PRO A 28 21.55 0.11 0.93
N LEU A 29 21.81 1.26 1.54
CA LEU A 29 20.81 2.32 1.64
C LEU A 29 20.24 2.67 0.27
N PHE A 30 21.07 2.52 -0.76
CA PHE A 30 20.64 2.81 -2.13
C PHE A 30 19.78 1.70 -2.68
N TYR A 31 20.02 0.47 -2.23
CA TYR A 31 19.27 -0.69 -2.67
C TYR A 31 17.90 -0.73 -2.02
N THR A 32 17.87 -0.49 -0.71
CA THR A 32 16.62 -0.50 0.05
C THR A 32 15.64 0.54 -0.50
N ILE A 33 16.16 1.71 -0.84
CA ILE A 33 15.34 2.79 -1.37
C ILE A 33 14.87 2.48 -2.79
N ASN A 34 15.67 1.70 -3.51
CA ASN A 34 15.33 1.33 -4.88
C ASN A 34 14.08 0.45 -4.91
N LEU A 35 13.83 -0.26 -3.82
CA LEU A 35 12.67 -1.14 -3.72
C LEU A 35 11.47 -0.39 -3.14
N ILE A 36 11.74 0.67 -2.39
CA ILE A 36 10.69 1.48 -1.79
C ILE A 36 10.09 2.43 -2.80
N ILE A 37 10.89 2.85 -3.78
CA ILE A 37 10.43 3.77 -4.81
C ILE A 37 9.20 3.22 -5.52
N PRO A 38 9.34 2.01 -6.10
CA PRO A 38 8.25 1.35 -6.82
C PRO A 38 7.14 0.89 -5.90
N CYS A 39 7.45 0.77 -4.60
CA CYS A 39 6.48 0.33 -3.61
C CYS A 39 5.51 1.46 -3.27
N VAL A 40 6.05 2.65 -3.08
CA VAL A 40 5.23 3.82 -2.74
C VAL A 40 4.61 4.43 -3.99
N LEU A 41 5.30 4.28 -5.12
CA LEU A 41 4.82 4.81 -6.39
C LEU A 41 3.37 4.40 -6.64
N ILE A 42 3.03 3.19 -6.20
CA ILE A 42 1.67 2.67 -6.37
C ILE A 42 0.64 3.58 -5.73
N THR A 43 1.02 4.19 -4.61
CA THR A 43 0.13 5.10 -3.88
C THR A 43 -0.16 6.35 -4.70
N SER A 44 0.86 6.88 -5.36
CA SER A 44 0.70 8.07 -6.18
C SER A 44 -0.43 7.91 -7.18
N LEU A 45 -0.48 6.73 -7.81
CA LEU A 45 -1.51 6.44 -8.79
C LEU A 45 -2.85 6.14 -8.12
N ALA A 46 -2.79 5.41 -7.01
CA ALA A 46 -3.99 5.05 -6.26
C ALA A 46 -4.74 6.29 -5.81
N ILE A 47 -4.02 7.21 -5.16
CA ILE A 47 -4.63 8.44 -4.67
C ILE A 47 -5.44 9.13 -5.77
N LEU A 48 -5.00 8.96 -7.02
CA LEU A 48 -5.70 9.56 -8.15
C LEU A 48 -7.19 9.24 -8.12
N VAL A 49 -7.52 7.99 -7.79
CA VAL A 49 -8.91 7.57 -7.71
C VAL A 49 -9.39 7.51 -6.26
N PHE A 50 -8.50 7.08 -5.37
CA PHE A 50 -8.83 6.98 -3.95
C PHE A 50 -9.15 8.36 -3.37
N TYR A 51 -8.14 9.24 -3.35
CA TYR A 51 -8.30 10.58 -2.82
C TYR A 51 -9.14 11.44 -3.76
N LEU A 52 -8.68 11.54 -5.01
CA LEU A 52 -9.39 12.33 -6.01
C LEU A 52 -10.31 11.46 -6.85
N PRO A 53 -11.30 12.09 -7.51
CA PRO A 53 -12.26 11.39 -8.36
C PRO A 53 -11.62 10.84 -9.64
N SER A 54 -12.05 9.64 -10.03
CA SER A 54 -11.51 9.01 -11.23
C SER A 54 -12.44 7.90 -11.71
N ASP A 55 -13.17 8.16 -12.80
CA ASP A 55 -14.08 7.18 -13.35
C ASP A 55 -15.05 6.68 -12.29
N CYS A 56 -15.82 5.65 -12.64
CA CYS A 56 -16.78 5.06 -11.71
C CYS A 56 -16.35 3.67 -11.27
N GLY A 57 -16.47 2.71 -12.17
CA GLY A 57 -16.09 1.34 -11.85
C GLY A 57 -14.59 1.17 -11.75
N GLU A 58 -13.85 2.02 -12.46
CA GLU A 58 -12.39 1.95 -12.44
C GLU A 58 -11.86 1.96 -11.01
N LYS A 59 -12.54 2.69 -10.14
CA LYS A 59 -12.14 2.78 -8.73
C LYS A 59 -12.02 1.39 -8.12
N MET A 60 -13.06 0.58 -8.27
CA MET A 60 -13.06 -0.77 -7.74
C MET A 60 -11.92 -1.60 -8.33
N THR A 61 -11.84 -1.61 -9.66
CA THR A 61 -10.81 -2.35 -10.36
C THR A 61 -9.41 -1.97 -9.86
N LEU A 62 -9.27 -0.71 -9.45
CA LEU A 62 -7.99 -0.21 -8.95
C LEU A 62 -7.72 -0.74 -7.54
N CYS A 63 -8.75 -0.76 -6.71
CA CYS A 63 -8.61 -1.23 -5.34
C CYS A 63 -8.33 -2.73 -5.31
N ILE A 64 -9.14 -3.50 -6.02
CA ILE A 64 -8.97 -4.94 -6.07
C ILE A 64 -7.62 -5.32 -6.70
N SER A 65 -7.18 -4.53 -7.67
CA SER A 65 -5.91 -4.76 -8.34
C SER A 65 -4.74 -4.65 -7.36
N VAL A 66 -4.94 -3.84 -6.32
CA VAL A 66 -3.91 -3.64 -5.30
C VAL A 66 -3.52 -4.95 -4.64
N LEU A 67 -4.51 -5.80 -4.39
CA LEU A 67 -4.27 -7.09 -3.76
C LEU A 67 -3.20 -7.87 -4.51
N LEU A 68 -3.10 -7.63 -5.82
CA LEU A 68 -2.12 -8.31 -6.65
C LEU A 68 -0.72 -7.77 -6.40
N ALA A 69 -0.60 -6.45 -6.36
CA ALA A 69 0.69 -5.80 -6.12
C ALA A 69 1.35 -6.35 -4.86
N LEU A 70 0.53 -6.78 -3.91
CA LEU A 70 1.04 -7.33 -2.66
C LEU A 70 1.95 -8.53 -2.92
N THR A 71 1.44 -9.51 -3.65
CA THR A 71 2.20 -10.71 -3.97
C THR A 71 3.43 -10.37 -4.82
N VAL A 72 3.33 -9.29 -5.58
CA VAL A 72 4.43 -8.85 -6.43
C VAL A 72 5.59 -8.29 -5.61
N PHE A 73 5.25 -7.67 -4.48
CA PHE A 73 6.26 -7.08 -3.60
C PHE A 73 7.33 -8.12 -3.26
N LEU A 74 6.89 -9.29 -2.83
CA LEU A 74 7.82 -10.37 -2.47
C LEU A 74 8.66 -10.78 -3.66
N LEU A 75 8.08 -10.70 -4.85
CA LEU A 75 8.77 -11.07 -6.07
C LEU A 75 9.83 -10.03 -6.44
N LEU A 76 9.45 -8.75 -6.34
CA LEU A 76 10.36 -7.67 -6.65
C LEU A 76 11.50 -7.59 -5.65
N ILE A 77 11.14 -7.59 -4.36
CA ILE A 77 12.14 -7.53 -3.30
C ILE A 77 13.13 -8.69 -3.40
N SER A 78 12.70 -9.78 -4.02
CA SER A 78 13.55 -10.94 -4.19
C SER A 78 14.52 -10.76 -5.36
N LYS A 79 14.19 -9.81 -6.24
CA LYS A 79 15.02 -9.52 -7.39
C LYS A 79 16.34 -8.89 -6.98
N ILE A 80 16.43 -8.49 -5.72
CA ILE A 80 17.64 -7.87 -5.18
C ILE A 80 18.86 -8.75 -5.42
N VAL A 81 18.62 -10.06 -5.53
CA VAL A 81 19.70 -11.01 -5.75
C VAL A 81 20.70 -11.00 -4.61
N PRO A 82 20.31 -11.61 -3.48
CA PRO A 82 21.16 -11.69 -2.29
C PRO A 82 22.36 -12.60 -2.49
N PRO A 83 23.33 -12.53 -1.55
CA PRO A 83 24.53 -13.35 -1.60
C PRO A 83 24.26 -14.82 -1.34
N THR A 84 23.51 -15.10 -0.28
CA THR A 84 23.17 -16.47 0.08
C THR A 84 21.68 -16.60 0.39
N SER A 85 20.92 -15.58 0.04
CA SER A 85 19.48 -15.58 0.30
C SER A 85 19.18 -15.91 1.75
N LEU A 86 19.60 -15.03 2.65
CA LEU A 86 19.39 -15.22 4.08
C LEU A 86 18.50 -14.11 4.65
N ASP A 87 17.67 -13.53 3.79
CA ASP A 87 16.76 -12.47 4.21
C ASP A 87 15.34 -12.99 4.33
N VAL A 88 15.20 -14.29 4.51
CA VAL A 88 13.88 -14.92 4.64
C VAL A 88 13.21 -14.51 5.94
N PRO A 89 13.88 -14.79 7.07
CA PRO A 89 13.36 -14.45 8.40
C PRO A 89 13.36 -12.96 8.66
N LEU A 90 14.15 -12.22 7.89
CA LEU A 90 14.24 -10.77 8.05
C LEU A 90 12.99 -10.09 7.49
N VAL A 91 12.66 -10.42 6.24
CA VAL A 91 11.49 -9.84 5.59
C VAL A 91 10.20 -10.55 6.02
N GLY A 92 10.35 -11.79 6.47
CA GLY A 92 9.21 -12.56 6.90
C GLY A 92 8.36 -11.82 7.92
N LYS A 93 9.00 -11.30 8.96
CA LYS A 93 8.31 -10.57 10.01
C LYS A 93 7.65 -9.32 9.44
N TYR A 94 8.30 -8.69 8.47
CA TYR A 94 7.78 -7.49 7.85
C TYR A 94 6.44 -7.75 7.17
N LEU A 95 6.35 -8.88 6.49
CA LEU A 95 5.11 -9.27 5.80
C LEU A 95 3.92 -9.19 6.74
N MET A 96 4.17 -9.43 8.03
CA MET A 96 3.12 -9.39 9.04
C MET A 96 2.60 -7.97 9.22
N PHE A 97 3.51 -7.00 9.26
CA PHE A 97 3.14 -5.60 9.44
C PHE A 97 2.57 -5.03 8.14
N THR A 98 3.31 -5.19 7.04
CA THR A 98 2.87 -4.69 5.75
C THR A 98 1.46 -5.19 5.41
N MET A 99 1.13 -6.37 5.91
CA MET A 99 -0.18 -6.96 5.67
C MET A 99 -1.29 -6.14 6.33
N VAL A 100 -0.95 -5.49 7.45
CA VAL A 100 -1.91 -4.67 8.18
C VAL A 100 -2.07 -3.31 7.53
N LEU A 101 -1.01 -2.83 6.89
CA LEU A 101 -1.03 -1.53 6.22
C LEU A 101 -1.83 -1.61 4.92
N VAL A 102 -1.75 -2.76 4.26
CA VAL A 102 -2.47 -2.96 3.00
C VAL A 102 -3.95 -3.20 3.24
N THR A 103 -4.26 -3.94 4.31
CA THR A 103 -5.64 -4.24 4.64
C THR A 103 -6.36 -3.02 5.19
N PHE A 104 -5.67 -2.26 6.04
CA PHE A 104 -6.24 -1.06 6.64
C PHE A 104 -6.62 -0.04 5.56
N SER A 105 -5.85 -0.04 4.47
CA SER A 105 -6.09 0.89 3.37
C SER A 105 -7.30 0.45 2.54
N ILE A 106 -7.46 -0.86 2.40
CA ILE A 106 -8.58 -1.41 1.65
C ILE A 106 -9.88 -1.31 2.42
N VAL A 107 -9.85 -1.75 3.68
CA VAL A 107 -11.02 -1.70 4.54
C VAL A 107 -11.61 -0.30 4.59
N THR A 108 -10.73 0.71 4.53
CA THR A 108 -11.16 2.10 4.57
C THR A 108 -12.25 2.37 3.53
N SER A 109 -12.16 1.67 2.40
CA SER A 109 -13.14 1.85 1.33
C SER A 109 -14.56 1.75 1.87
N VAL A 110 -14.74 0.95 2.91
CA VAL A 110 -16.06 0.77 3.52
C VAL A 110 -16.69 2.12 3.87
N CYS A 111 -15.84 3.09 4.23
CA CYS A 111 -16.32 4.41 4.59
C CYS A 111 -16.97 5.10 3.39
N VAL A 112 -16.35 4.97 2.22
CA VAL A 112 -16.87 5.58 1.00
C VAL A 112 -18.03 4.76 0.44
N LEU A 113 -17.94 3.44 0.57
CA LEU A 113 -18.98 2.55 0.08
C LEU A 113 -20.24 2.64 0.94
N ASN A 114 -20.05 2.93 2.21
CA ASN A 114 -21.17 3.05 3.14
C ASN A 114 -22.12 4.16 2.70
N VAL A 115 -21.57 5.19 2.08
CA VAL A 115 -22.36 6.32 1.62
C VAL A 115 -22.59 6.25 0.11
N HIS A 116 -21.68 5.55 -0.58
CA HIS A 116 -21.78 5.41 -2.03
C HIS A 116 -22.60 4.17 -2.40
N HIS A 117 -22.02 3.00 -2.17
CA HIS A 117 -22.70 1.74 -2.48
C HIS A 117 -21.84 0.55 -2.10
N ARG A 118 -22.27 -0.19 -1.08
CA ARG A 118 -21.52 -1.36 -0.61
C ARG A 118 -22.35 -2.63 -0.77
N SER A 119 -23.66 -2.50 -0.60
CA SER A 119 -24.57 -3.63 -0.72
C SER A 119 -24.38 -4.34 -2.05
N PRO A 120 -24.83 -5.60 -2.12
CA PRO A 120 -24.72 -6.42 -3.33
C PRO A 120 -25.63 -5.92 -4.45
N THR A 121 -25.51 -6.55 -5.63
CA THR A 121 -26.32 -6.17 -6.77
C THR A 121 -26.16 -7.16 -7.91
N THR A 122 -25.01 -7.13 -8.57
CA THR A 122 -24.73 -8.04 -9.68
C THR A 122 -23.23 -8.24 -9.86
N HIS A 123 -22.86 -8.93 -10.93
CA HIS A 123 -21.46 -9.19 -11.21
C HIS A 123 -20.77 -7.96 -11.80
N THR A 124 -20.77 -6.88 -11.04
CA THR A 124 -20.15 -5.64 -11.48
C THR A 124 -19.21 -5.08 -10.42
N PRO A 125 -18.29 -4.20 -10.85
CA PRO A 125 -17.31 -3.58 -9.95
C PRO A 125 -17.95 -2.59 -9.00
N ARG A 126 -19.20 -2.23 -9.27
CA ARG A 126 -19.93 -1.28 -8.43
C ARG A 126 -19.11 -0.01 -8.24
N GLY A 127 -19.28 0.94 -9.15
CA GLY A 127 -18.56 2.20 -9.05
C GLY A 127 -19.47 3.41 -9.19
N GLY A 128 -18.89 4.60 -9.18
CA GLY A 128 -19.67 5.81 -9.31
C GLY A 128 -18.93 7.03 -8.81
N GLY A 129 -19.46 7.65 -7.75
CA GLY A 129 -18.83 8.84 -7.19
C GLY A 129 -18.23 8.57 -5.82
N GLY A 130 -18.78 9.23 -4.81
CA GLY A 130 -18.28 9.05 -3.46
C GLY A 130 -17.42 10.21 -3.00
N TYR A 131 -17.82 11.42 -3.36
CA TYR A 131 -17.07 12.62 -2.99
C TYR A 131 -17.51 13.13 -1.63
N VAL A 132 -18.76 12.84 -1.26
CA VAL A 132 -19.30 13.27 0.03
C VAL A 132 -18.56 12.60 1.19
N ALA A 133 -18.15 11.36 0.98
CA ALA A 133 -17.43 10.61 2.00
C ALA A 133 -16.01 11.15 2.18
N MET A 134 -15.48 11.78 1.13
CA MET A 134 -14.15 12.34 1.17
C MET A 134 -13.97 13.26 2.37
N VAL A 135 -15.06 13.90 2.77
CA VAL A 135 -15.04 14.83 3.91
C VAL A 135 -14.54 14.12 5.17
N ILE A 136 -15.24 13.06 5.56
CA ILE A 136 -14.88 12.30 6.75
C ILE A 136 -13.64 11.44 6.49
N ASP A 137 -13.56 10.89 5.29
CA ASP A 137 -12.43 10.05 4.91
C ASP A 137 -11.13 10.83 4.97
N ARG A 138 -11.21 12.13 4.72
CA ARG A 138 -10.03 13.00 4.75
C ARG A 138 -9.26 12.83 6.05
N LEU A 139 -9.98 12.51 7.13
CA LEU A 139 -9.35 12.31 8.43
C LEU A 139 -8.56 11.01 8.46
N PHE A 140 -9.10 9.96 7.86
CA PHE A 140 -8.44 8.67 7.82
C PHE A 140 -7.27 8.69 6.84
N LEU A 141 -7.54 9.10 5.61
CA LEU A 141 -6.52 9.17 4.58
C LEU A 141 -5.30 9.96 5.06
N TRP A 142 -5.55 10.95 5.91
CA TRP A 142 -4.48 11.78 6.46
C TRP A 142 -3.49 10.94 7.26
N ILE A 143 -4.02 10.03 8.08
CA ILE A 143 -3.19 9.16 8.90
C ILE A 143 -2.58 8.04 8.07
N PHE A 144 -3.33 7.57 7.07
CA PHE A 144 -2.87 6.50 6.20
C PHE A 144 -1.54 6.86 5.55
N VAL A 145 -1.52 7.99 4.84
CA VAL A 145 -0.31 8.45 4.17
C VAL A 145 0.85 8.57 5.14
N PHE A 146 0.55 8.97 6.37
CA PHE A 146 1.57 9.11 7.41
C PHE A 146 2.20 7.77 7.75
N VAL A 147 1.40 6.71 7.67
CA VAL A 147 1.87 5.37 7.98
C VAL A 147 3.00 4.96 7.03
N CYS A 148 2.76 5.10 5.73
CA CYS A 148 3.75 4.73 4.72
C CYS A 148 5.09 5.42 5.02
N VAL A 149 5.02 6.61 5.60
CA VAL A 149 6.22 7.36 5.93
C VAL A 149 7.15 6.56 6.85
N PHE A 150 6.58 6.04 7.93
CA PHE A 150 7.34 5.25 8.90
C PHE A 150 7.69 3.89 8.32
N GLY A 151 6.87 3.41 7.39
CA GLY A 151 7.11 2.12 6.78
C GLY A 151 8.51 1.99 6.23
N THR A 152 8.86 2.88 5.30
CA THR A 152 10.19 2.86 4.69
C THR A 152 11.28 3.06 5.74
N ILE A 153 10.96 3.83 6.77
CA ILE A 153 11.92 4.10 7.84
C ILE A 153 12.12 2.87 8.72
N GLY A 154 11.12 2.00 8.74
CA GLY A 154 11.22 0.79 9.54
C GLY A 154 12.29 -0.16 9.05
N MET A 155 12.28 -0.43 7.74
CA MET A 155 13.27 -1.33 7.15
C MET A 155 14.58 -0.61 6.92
N PHE A 156 14.51 0.70 6.64
CA PHE A 156 15.70 1.49 6.41
C PHE A 156 16.48 1.71 7.70
N LEU A 157 15.78 1.61 8.82
CA LEU A 157 16.41 1.79 10.13
C LEU A 157 17.26 0.58 10.50
N GLN A 158 16.87 -0.58 9.98
CA GLN A 158 17.59 -1.82 10.25
C GLN A 158 19.08 -1.65 9.98
N PRO A 159 19.43 -1.33 8.73
CA PRO A 159 20.83 -1.14 8.31
C PRO A 159 21.43 0.13 8.90
N LEU A 160 20.58 1.01 9.40
CA LEU A 160 21.03 2.27 10.00
C LEU A 160 21.19 2.13 11.51
N PHE A 161 21.72 1.00 11.94
CA PHE A 161 21.92 0.73 13.36
C PHE A 161 23.30 1.21 13.81
N GLN A 162 24.26 1.16 12.89
CA GLN A 162 25.62 1.60 13.20
C GLN A 162 25.92 2.94 12.56
N ASN A 163 25.68 3.04 11.26
CA ASN A 163 25.92 4.28 10.53
C ASN A 163 24.88 5.34 10.88
N TYR A 164 25.06 5.98 12.04
CA TYR A 164 24.14 7.01 12.49
C TYR A 164 24.28 8.28 11.65
N ARG A 25 30.09 0.71 6.40
CA ARG A 25 30.61 -0.43 5.67
C ARG A 25 29.49 -1.14 4.91
N ARG A 26 28.66 -1.88 5.64
CA ARG A 26 27.56 -2.61 5.05
C ARG A 26 26.25 -1.86 5.22
N LYS A 27 26.23 -0.60 4.77
CA LYS A 27 25.03 0.23 4.88
C LYS A 27 24.56 0.66 3.51
N PRO A 28 24.01 -0.29 2.74
CA PRO A 28 23.50 -0.02 1.38
C PRO A 28 22.24 0.84 1.39
N LEU A 29 22.41 2.14 1.58
CA LEU A 29 21.29 3.07 1.63
C LEU A 29 20.69 3.26 0.23
N PHE A 30 21.54 3.16 -0.78
CA PHE A 30 21.10 3.31 -2.16
C PHE A 30 20.41 2.04 -2.67
N TYR A 31 20.85 0.90 -2.17
CA TYR A 31 20.28 -0.38 -2.56
C TYR A 31 18.89 -0.57 -1.95
N THR A 32 18.77 -0.25 -0.66
CA THR A 32 17.50 -0.39 0.04
C THR A 32 16.42 0.49 -0.59
N ILE A 33 16.81 1.70 -0.99
CA ILE A 33 15.87 2.62 -1.62
C ILE A 33 15.57 2.22 -3.05
N ASN A 34 16.54 1.56 -3.70
CA ASN A 34 16.37 1.12 -5.07
C ASN A 34 15.13 0.24 -5.22
N LEU A 35 14.75 -0.42 -4.13
CA LEU A 35 13.59 -1.30 -4.13
C LEU A 35 12.34 -0.53 -3.71
N ILE A 36 12.53 0.60 -3.06
CA ILE A 36 11.42 1.42 -2.60
C ILE A 36 10.81 2.20 -3.77
N ILE A 37 11.65 2.62 -4.70
CA ILE A 37 11.19 3.38 -5.86
C ILE A 37 10.11 2.62 -6.62
N PRO A 38 10.45 1.39 -7.05
CA PRO A 38 9.51 0.54 -7.79
C PRO A 38 8.37 0.03 -6.92
N CYS A 39 8.60 0.01 -5.61
CA CYS A 39 7.58 -0.44 -4.67
C CYS A 39 6.49 0.60 -4.48
N VAL A 40 6.91 1.85 -4.30
CA VAL A 40 5.96 2.94 -4.12
C VAL A 40 5.41 3.43 -5.45
N LEU A 41 6.21 3.28 -6.51
CA LEU A 41 5.80 3.71 -7.84
C LEU A 41 4.43 3.15 -8.20
N ILE A 42 4.15 1.94 -7.71
CA ILE A 42 2.87 1.29 -7.98
C ILE A 42 1.71 2.13 -7.47
N THR A 43 1.93 2.84 -6.37
CA THR A 43 0.89 3.68 -5.78
C THR A 43 0.57 4.85 -6.69
N SER A 44 1.58 5.36 -7.38
CA SER A 44 1.40 6.49 -8.30
C SER A 44 0.31 6.19 -9.31
N LEU A 45 0.42 5.04 -9.98
CA LEU A 45 -0.55 4.63 -10.98
C LEU A 45 -1.88 4.27 -10.33
N ALA A 46 -1.81 3.55 -9.21
CA ALA A 46 -3.00 3.13 -8.49
C ALA A 46 -3.86 4.33 -8.12
N ILE A 47 -3.24 5.35 -7.55
CA ILE A 47 -3.95 6.55 -7.14
C ILE A 47 -4.50 7.29 -8.35
N LEU A 48 -3.80 7.21 -9.47
CA LEU A 48 -4.23 7.87 -10.70
C LEU A 48 -5.67 7.51 -11.03
N VAL A 49 -6.05 6.26 -10.77
CA VAL A 49 -7.40 5.80 -11.05
C VAL A 49 -8.23 5.75 -9.77
N PHE A 50 -7.58 5.38 -8.67
CA PHE A 50 -8.25 5.28 -7.38
C PHE A 50 -8.70 6.66 -6.90
N TYR A 51 -7.73 7.54 -6.68
CA TYR A 51 -8.03 8.90 -6.21
C TYR A 51 -9.01 9.59 -7.15
N LEU A 52 -8.77 9.44 -8.45
CA LEU A 52 -9.63 10.06 -9.46
C LEU A 52 -11.10 9.67 -9.24
N PRO A 53 -12.01 10.46 -9.82
CA PRO A 53 -13.46 10.22 -9.71
C PRO A 53 -13.89 8.97 -10.48
N SER A 54 -15.18 8.68 -10.42
CA SER A 54 -15.73 7.52 -11.12
C SER A 54 -15.14 6.23 -10.56
N ASP A 55 -15.81 5.11 -10.84
CA ASP A 55 -15.35 3.81 -10.36
C ASP A 55 -16.28 2.70 -10.83
N CYS A 56 -16.06 2.22 -12.05
CA CYS A 56 -16.88 1.16 -12.62
C CYS A 56 -16.46 -0.20 -12.09
N GLY A 57 -17.00 -1.26 -12.68
CA GLY A 57 -16.66 -2.61 -12.26
C GLY A 57 -15.17 -2.86 -12.23
N GLU A 58 -14.44 -2.12 -13.07
CA GLU A 58 -12.99 -2.27 -13.16
C GLU A 58 -12.35 -2.03 -11.79
N LYS A 59 -12.93 -1.11 -11.02
CA LYS A 59 -12.41 -0.79 -9.70
C LYS A 59 -12.29 -2.04 -8.84
N MET A 60 -13.37 -2.80 -8.76
CA MET A 60 -13.39 -4.02 -7.97
C MET A 60 -12.23 -4.93 -8.36
N THR A 61 -12.10 -5.20 -9.66
CA THR A 61 -11.03 -6.06 -10.16
C THR A 61 -9.66 -5.48 -9.82
N LEU A 62 -9.56 -4.15 -9.86
CA LEU A 62 -8.31 -3.47 -9.58
C LEU A 62 -7.91 -3.67 -8.11
N CYS A 63 -8.86 -3.47 -7.21
CA CYS A 63 -8.61 -3.63 -5.79
C CYS A 63 -8.10 -5.04 -5.47
N ILE A 64 -8.83 -6.04 -5.94
CA ILE A 64 -8.47 -7.43 -5.71
C ILE A 64 -7.18 -7.78 -6.44
N SER A 65 -6.98 -7.18 -7.62
CA SER A 65 -5.78 -7.44 -8.41
C SER A 65 -4.53 -7.05 -7.64
N VAL A 66 -4.68 -6.13 -6.70
CA VAL A 66 -3.56 -5.67 -5.89
C VAL A 66 -2.90 -6.82 -5.15
N LEU A 67 -3.72 -7.76 -4.68
CA LEU A 67 -3.22 -8.92 -3.96
C LEU A 67 -2.14 -9.63 -4.76
N LEU A 68 -2.22 -9.54 -6.08
CA LEU A 68 -1.25 -10.17 -6.96
C LEU A 68 0.11 -9.48 -6.86
N ALA A 69 0.08 -8.16 -6.75
CA ALA A 69 1.32 -7.38 -6.64
C ALA A 69 2.04 -7.67 -5.33
N LEU A 70 1.27 -8.01 -4.30
CA LEU A 70 1.84 -8.32 -2.99
C LEU A 70 2.71 -9.57 -3.05
N THR A 71 2.12 -10.66 -3.54
CA THR A 71 2.84 -11.92 -3.65
C THR A 71 4.04 -11.80 -4.59
N VAL A 72 3.85 -11.04 -5.67
CA VAL A 72 4.92 -10.84 -6.64
C VAL A 72 6.01 -9.94 -6.08
N PHE A 73 5.62 -9.00 -5.23
CA PHE A 73 6.58 -8.07 -4.62
C PHE A 73 7.73 -8.84 -3.99
N LEU A 74 7.45 -10.04 -3.51
CA LEU A 74 8.47 -10.87 -2.88
C LEU A 74 9.41 -11.47 -3.91
N LEU A 75 8.86 -11.87 -5.05
CA LEU A 75 9.65 -12.46 -6.13
C LEU A 75 10.48 -11.38 -6.84
N LEU A 76 9.88 -10.22 -7.05
CA LEU A 76 10.56 -9.12 -7.71
C LEU A 76 11.74 -8.62 -6.87
N ILE A 77 11.46 -8.28 -5.62
CA ILE A 77 12.49 -7.80 -4.71
C ILE A 77 13.63 -8.80 -4.58
N SER A 78 13.32 -10.07 -4.86
CA SER A 78 14.32 -11.13 -4.77
C SER A 78 15.20 -11.16 -6.01
N LYS A 79 14.69 -10.59 -7.11
CA LYS A 79 15.42 -10.54 -8.37
C LYS A 79 16.74 -9.80 -8.20
N ILE A 80 16.81 -8.98 -7.15
CA ILE A 80 18.03 -8.20 -6.88
C ILE A 80 19.26 -9.09 -6.85
N VAL A 81 19.06 -10.36 -6.48
CA VAL A 81 20.16 -11.32 -6.42
C VAL A 81 21.22 -10.88 -5.42
N PRO A 82 20.93 -11.06 -4.12
CA PRO A 82 21.85 -10.69 -3.04
C PRO A 82 23.08 -11.58 -3.00
N PRO A 83 24.09 -11.15 -2.22
CA PRO A 83 25.34 -11.91 -2.07
C PRO A 83 25.15 -13.20 -1.29
N THR A 84 24.47 -13.11 -0.14
CA THR A 84 24.22 -14.27 0.70
C THR A 84 22.73 -14.54 0.83
N SER A 85 21.92 -13.52 0.56
CA SER A 85 20.47 -13.65 0.64
C SER A 85 20.04 -13.94 2.08
N LEU A 86 20.60 -13.19 3.01
CA LEU A 86 20.27 -13.37 4.43
C LEU A 86 19.19 -12.38 4.86
N ASP A 87 18.38 -11.93 3.91
CA ASP A 87 17.31 -10.99 4.19
C ASP A 87 15.96 -11.70 4.24
N VAL A 88 15.99 -13.00 4.51
CA VAL A 88 14.77 -13.79 4.59
C VAL A 88 13.91 -13.37 5.77
N PRO A 89 14.49 -13.43 6.98
CA PRO A 89 13.80 -13.06 8.21
C PRO A 89 13.55 -11.55 8.31
N LEU A 90 14.52 -10.78 7.84
CA LEU A 90 14.41 -9.31 7.87
C LEU A 90 13.11 -8.86 7.20
N VAL A 91 12.90 -9.31 5.97
CA VAL A 91 11.70 -8.95 5.22
C VAL A 91 10.50 -9.79 5.66
N GLY A 92 10.79 -10.99 6.16
CA GLY A 92 9.72 -11.87 6.60
C GLY A 92 8.76 -11.19 7.57
N LYS A 93 9.32 -10.57 8.61
CA LYS A 93 8.51 -9.88 9.60
C LYS A 93 7.75 -8.71 8.98
N TYR A 94 8.39 -8.05 8.01
CA TYR A 94 7.78 -6.91 7.33
C TYR A 94 6.49 -7.33 6.63
N LEU A 95 6.50 -8.52 6.05
CA LEU A 95 5.33 -9.03 5.35
C LEU A 95 4.08 -8.94 6.22
N MET A 96 4.28 -9.04 7.53
CA MET A 96 3.17 -8.97 8.48
C MET A 96 2.56 -7.56 8.50
N PHE A 97 3.43 -6.55 8.50
CA PHE A 97 2.97 -5.16 8.52
C PHE A 97 2.44 -4.75 7.16
N THR A 98 3.24 -4.97 6.11
CA THR A 98 2.85 -4.61 4.76
C THR A 98 1.50 -5.21 4.40
N MET A 99 1.19 -6.36 5.00
CA MET A 99 -0.08 -7.04 4.74
C MET A 99 -1.25 -6.22 5.27
N VAL A 100 -0.99 -5.46 6.33
CA VAL A 100 -2.04 -4.63 6.93
C VAL A 100 -2.22 -3.34 6.15
N LEU A 101 -1.16 -2.87 5.52
CA LEU A 101 -1.21 -1.64 4.73
C LEU A 101 -1.93 -1.88 3.40
N VAL A 102 -1.76 -3.07 2.86
CA VAL A 102 -2.40 -3.43 1.59
C VAL A 102 -3.88 -3.73 1.78
N THR A 103 -4.21 -4.38 2.90
CA THR A 103 -5.59 -4.72 3.19
C THR A 103 -6.40 -3.48 3.58
N PHE A 104 -5.79 -2.62 4.39
CA PHE A 104 -6.45 -1.39 4.83
C PHE A 104 -6.81 -0.51 3.64
N SER A 105 -5.98 -0.56 2.60
CA SER A 105 -6.21 0.24 1.40
C SER A 105 -7.36 -0.34 0.57
N ILE A 106 -7.46 -1.66 0.56
CA ILE A 106 -8.51 -2.34 -0.19
C ILE A 106 -9.86 -2.21 0.50
N VAL A 107 -9.88 -2.52 1.80
CA VAL A 107 -11.10 -2.44 2.59
C VAL A 107 -11.73 -1.05 2.47
N THR A 108 -10.90 -0.04 2.35
CA THR A 108 -11.37 1.33 2.24
C THR A 108 -12.40 1.47 1.12
N SER A 109 -12.24 0.67 0.08
CA SER A 109 -13.16 0.70 -1.06
C SER A 109 -14.61 0.60 -0.59
N VAL A 110 -14.81 -0.10 0.51
CA VAL A 110 -16.16 -0.26 1.07
C VAL A 110 -16.84 1.08 1.26
N CYS A 111 -16.05 2.10 1.56
CA CYS A 111 -16.60 3.45 1.77
C CYS A 111 -17.15 4.01 0.47
N VAL A 112 -16.38 3.88 -0.61
CA VAL A 112 -16.79 4.38 -1.91
C VAL A 112 -17.90 3.52 -2.51
N LEU A 113 -17.82 2.21 -2.25
CA LEU A 113 -18.81 1.28 -2.76
C LEU A 113 -20.15 1.43 -2.02
N ASN A 114 -20.07 1.64 -0.71
CA ASN A 114 -21.25 1.81 0.12
C ASN A 114 -22.15 2.92 -0.44
N VAL A 115 -21.53 3.91 -1.08
CA VAL A 115 -22.27 5.02 -1.65
C VAL A 115 -22.40 4.87 -3.16
N HIS A 116 -21.49 4.11 -3.76
CA HIS A 116 -21.50 3.88 -5.19
C HIS A 116 -22.86 3.36 -5.65
N HIS A 117 -23.25 2.20 -5.14
CA HIS A 117 -24.53 1.59 -5.49
C HIS A 117 -25.00 0.63 -4.41
N ARG A 118 -24.59 0.90 -3.17
CA ARG A 118 -24.96 0.07 -2.04
C ARG A 118 -25.67 0.90 -0.96
N SER A 119 -26.02 0.24 0.14
CA SER A 119 -26.71 0.91 1.24
C SER A 119 -25.74 1.19 2.39
N PRO A 120 -26.12 2.14 3.27
CA PRO A 120 -25.30 2.51 4.42
C PRO A 120 -25.26 1.42 5.48
N THR A 121 -24.14 1.34 6.21
CA THR A 121 -23.96 0.34 7.24
C THR A 121 -23.45 0.98 8.53
N THR A 122 -22.18 1.35 8.54
CA THR A 122 -21.58 1.97 9.71
C THR A 122 -20.27 2.67 9.36
N HIS A 123 -20.15 3.10 8.10
CA HIS A 123 -18.94 3.78 7.63
C HIS A 123 -19.30 4.97 6.75
N THR A 124 -20.00 4.70 5.65
CA THR A 124 -20.41 5.75 4.72
C THR A 124 -21.92 5.91 4.70
N PRO A 125 -22.47 6.50 5.78
CA PRO A 125 -23.91 6.73 5.90
C PRO A 125 -24.42 7.79 4.92
N ARG A 126 -25.73 7.99 4.91
CA ARG A 126 -26.35 8.98 4.03
C ARG A 126 -26.13 8.61 2.57
N GLY A 127 -27.18 8.10 1.93
CA GLY A 127 -27.08 7.71 0.53
C GLY A 127 -26.52 8.82 -0.35
N GLY A 128 -25.78 8.43 -1.38
CA GLY A 128 -25.20 9.41 -2.28
C GLY A 128 -25.02 8.87 -3.68
N GLY A 129 -23.97 9.32 -4.36
CA GLY A 129 -23.71 8.88 -5.72
C GLY A 129 -22.45 8.04 -5.82
N GLY A 130 -21.30 8.70 -5.76
CA GLY A 130 -20.03 8.00 -5.85
C GLY A 130 -18.84 8.91 -5.66
N TYR A 131 -18.88 10.07 -6.31
CA TYR A 131 -17.80 11.04 -6.21
C TYR A 131 -17.77 11.70 -4.84
N VAL A 132 -18.93 11.76 -4.20
CA VAL A 132 -19.04 12.36 -2.87
C VAL A 132 -18.24 11.56 -1.84
N ALA A 133 -18.07 10.27 -2.10
CA ALA A 133 -17.33 9.41 -1.20
C ALA A 133 -15.92 9.94 -0.95
N MET A 134 -15.41 10.72 -1.91
CA MET A 134 -14.08 11.29 -1.80
C MET A 134 -13.92 12.04 -0.48
N VAL A 135 -15.01 12.60 0.02
CA VAL A 135 -15.00 13.35 1.27
C VAL A 135 -14.47 12.48 2.41
N ILE A 136 -15.15 11.37 2.66
CA ILE A 136 -14.75 10.46 3.73
C ILE A 136 -13.50 9.67 3.33
N ASP A 137 -13.42 9.29 2.06
CA ASP A 137 -12.29 8.53 1.56
C ASP A 137 -10.99 9.32 1.71
N ARG A 138 -11.11 10.64 1.65
CA ARG A 138 -9.95 11.52 1.78
C ARG A 138 -9.15 11.18 3.03
N LEU A 139 -9.86 10.69 4.05
CA LEU A 139 -9.21 10.34 5.32
C LEU A 139 -8.39 9.06 5.17
N PHE A 140 -9.01 8.03 4.61
CA PHE A 140 -8.34 6.74 4.42
C PHE A 140 -7.23 6.87 3.40
N LEU A 141 -7.56 7.39 2.22
CA LEU A 141 -6.58 7.57 1.16
C LEU A 141 -5.35 8.33 1.66
N TRP A 142 -5.58 9.23 2.61
CA TRP A 142 -4.50 10.02 3.18
C TRP A 142 -3.60 9.17 4.07
N ILE A 143 -4.21 8.25 4.81
CA ILE A 143 -3.48 7.37 5.70
C ILE A 143 -2.78 6.26 4.93
N PHE A 144 -3.41 5.83 3.83
CA PHE A 144 -2.84 4.78 3.00
C PHE A 144 -1.43 5.12 2.55
N VAL A 145 -1.30 6.28 1.89
CA VAL A 145 0.00 6.73 1.40
C VAL A 145 0.87 7.21 2.55
N PHE A 146 0.25 7.82 3.55
CA PHE A 146 0.99 8.33 4.70
C PHE A 146 1.72 7.20 5.42
N VAL A 147 1.02 6.09 5.65
CA VAL A 147 1.62 4.94 6.33
C VAL A 147 2.65 4.27 5.44
N CYS A 148 2.40 4.27 4.13
CA CYS A 148 3.31 3.65 3.18
C CYS A 148 4.74 4.15 3.39
N VAL A 149 4.89 5.47 3.42
CA VAL A 149 6.21 6.08 3.60
C VAL A 149 6.66 5.99 5.06
N PHE A 150 5.70 6.05 5.98
CA PHE A 150 5.99 5.96 7.39
C PHE A 150 6.74 4.67 7.73
N GLY A 151 6.29 3.57 7.14
CA GLY A 151 6.91 2.28 7.38
C GLY A 151 8.16 2.09 6.54
N THR A 152 8.28 2.86 5.47
CA THR A 152 9.44 2.76 4.58
C THR A 152 10.72 3.12 5.32
N ILE A 153 10.72 4.28 5.97
CA ILE A 153 11.90 4.74 6.71
C ILE A 153 12.33 3.70 7.74
N GLY A 154 11.38 2.88 8.18
CA GLY A 154 11.68 1.86 9.17
C GLY A 154 12.86 1.00 8.77
N MET A 155 12.84 0.50 7.54
CA MET A 155 13.91 -0.34 7.03
C MET A 155 15.23 0.42 7.00
N PHE A 156 15.15 1.73 6.78
CA PHE A 156 16.34 2.57 6.72
C PHE A 156 16.92 2.79 8.12
N LEU A 157 16.06 2.64 9.14
CA LEU A 157 16.48 2.83 10.52
C LEU A 157 17.21 1.59 11.03
N GLN A 158 16.92 0.44 10.44
CA GLN A 158 17.55 -0.81 10.84
C GLN A 158 19.07 -0.68 10.85
N PRO A 159 19.63 -0.31 9.69
CA PRO A 159 21.08 -0.14 9.54
C PRO A 159 21.61 1.08 10.29
N LEU A 160 20.70 2.00 10.61
CA LEU A 160 21.07 3.22 11.34
C LEU A 160 21.86 2.88 12.60
N PHE A 161 21.26 2.09 13.48
CA PHE A 161 21.90 1.69 14.72
C PHE A 161 22.14 2.90 15.62
N GLN A 162 21.49 4.01 15.29
CA GLN A 162 21.63 5.24 16.07
C GLN A 162 20.62 5.30 17.20
N ASN A 163 20.60 4.25 18.02
CA ASN A 163 19.67 4.17 19.15
C ASN A 163 20.18 4.99 20.33
N TYR A 164 21.50 5.16 20.40
CA TYR A 164 22.11 5.93 21.48
C TYR A 164 21.48 7.31 21.60
N ARG A 25 26.47 0.73 1.12
CA ARG A 25 27.43 0.04 1.99
C ARG A 25 27.30 0.56 3.42
N ARG A 26 27.78 1.77 3.65
CA ARG A 26 27.73 2.38 4.97
C ARG A 26 26.44 3.17 5.18
N LYS A 27 25.86 3.63 4.07
CA LYS A 27 24.62 4.39 4.11
C LYS A 27 23.56 3.77 3.22
N PRO A 28 22.92 2.70 3.72
CA PRO A 28 21.87 1.99 2.98
C PRO A 28 20.60 2.81 2.84
N LEU A 29 20.58 3.97 3.49
CA LEU A 29 19.41 4.85 3.44
C LEU A 29 19.01 5.14 2.00
N PHE A 30 20.00 5.15 1.11
CA PHE A 30 19.74 5.41 -0.31
C PHE A 30 19.21 4.16 -1.01
N TYR A 31 19.63 3.00 -0.52
CA TYR A 31 19.20 1.73 -1.10
C TYR A 31 17.77 1.40 -0.68
N THR A 32 17.48 1.56 0.61
CA THR A 32 16.15 1.28 1.14
C THR A 32 15.09 2.12 0.44
N ILE A 33 15.42 3.39 0.20
CA ILE A 33 14.50 4.31 -0.46
C ILE A 33 14.34 3.96 -1.93
N ASN A 34 15.39 3.39 -2.52
CA ASN A 34 15.37 3.01 -3.93
C ASN A 34 14.30 1.94 -4.19
N LEU A 35 13.98 1.17 -3.15
CA LEU A 35 12.98 0.12 -3.27
C LEU A 35 11.60 0.64 -2.92
N ILE A 36 11.55 1.72 -2.14
CA ILE A 36 10.29 2.31 -1.73
C ILE A 36 9.69 3.16 -2.86
N ILE A 37 10.56 3.75 -3.68
CA ILE A 37 10.12 4.57 -4.79
C ILE A 37 9.17 3.81 -5.70
N PRO A 38 9.65 2.66 -6.22
CA PRO A 38 8.86 1.82 -7.12
C PRO A 38 7.71 1.12 -6.39
N CYS A 39 7.82 1.01 -5.08
CA CYS A 39 6.79 0.37 -4.27
C CYS A 39 5.59 1.29 -4.10
N VAL A 40 5.85 2.57 -3.84
CA VAL A 40 4.79 3.55 -3.66
C VAL A 40 4.26 4.05 -5.00
N LEU A 41 5.13 4.04 -6.01
CA LEU A 41 4.76 4.49 -7.34
C LEU A 41 3.48 3.80 -7.81
N ILE A 42 3.30 2.55 -7.41
CA ILE A 42 2.12 1.79 -7.78
C ILE A 42 0.84 2.47 -7.31
N THR A 43 0.92 3.13 -6.16
CA THR A 43 -0.23 3.82 -5.60
C THR A 43 -0.63 5.00 -6.48
N SER A 44 0.36 5.70 -7.02
CA SER A 44 0.11 6.85 -7.87
C SER A 44 -0.86 6.49 -9.00
N LEU A 45 -0.61 5.34 -9.63
CA LEU A 45 -1.46 4.88 -10.72
C LEU A 45 -2.76 4.30 -10.20
N ALA A 46 -2.68 3.56 -9.09
CA ALA A 46 -3.87 2.96 -8.49
C ALA A 46 -4.90 4.02 -8.13
N ILE A 47 -4.43 5.16 -7.67
CA ILE A 47 -5.32 6.26 -7.29
C ILE A 47 -6.08 6.79 -8.51
N LEU A 48 -5.44 6.73 -9.66
CA LEU A 48 -6.06 7.20 -10.90
C LEU A 48 -7.43 6.59 -11.09
N VAL A 49 -7.56 5.31 -10.74
CA VAL A 49 -8.83 4.61 -10.87
C VAL A 49 -9.54 4.50 -9.53
N PHE A 50 -8.76 4.31 -8.46
CA PHE A 50 -9.32 4.19 -7.12
C PHE A 50 -9.94 5.51 -6.67
N TYR A 51 -9.09 6.53 -6.53
CA TYR A 51 -9.55 7.84 -6.09
C TYR A 51 -10.36 8.53 -7.19
N LEU A 52 -10.09 8.15 -8.43
CA LEU A 52 -10.79 8.73 -9.59
C LEU A 52 -11.42 7.63 -10.44
N PRO A 53 -12.49 7.02 -9.91
CA PRO A 53 -13.21 5.96 -10.62
C PRO A 53 -13.98 6.47 -11.83
N SER A 54 -14.77 5.60 -12.45
CA SER A 54 -15.55 5.96 -13.62
C SER A 54 -16.73 5.01 -13.80
N ASP A 55 -17.20 4.44 -12.70
CA ASP A 55 -18.33 3.52 -12.74
C ASP A 55 -18.03 2.34 -13.68
N CYS A 56 -17.52 1.26 -13.11
CA CYS A 56 -17.19 0.07 -13.89
C CYS A 56 -16.64 -1.04 -12.99
N GLY A 57 -17.01 -2.28 -13.29
CA GLY A 57 -16.55 -3.40 -12.51
C GLY A 57 -15.03 -3.49 -12.45
N GLU A 58 -14.38 -2.90 -13.44
CA GLU A 58 -12.92 -2.92 -13.50
C GLU A 58 -12.31 -2.43 -12.18
N LYS A 59 -12.98 -1.47 -11.55
CA LYS A 59 -12.51 -0.93 -10.29
C LYS A 59 -12.25 -2.04 -9.27
N MET A 60 -13.10 -3.06 -9.28
CA MET A 60 -12.98 -4.18 -8.37
C MET A 60 -11.76 -5.03 -8.73
N THR A 61 -11.66 -5.41 -9.99
CA THR A 61 -10.55 -6.23 -10.47
C THR A 61 -9.21 -5.51 -10.25
N LEU A 62 -9.24 -4.19 -10.28
CA LEU A 62 -8.04 -3.39 -10.08
C LEU A 62 -7.63 -3.36 -8.62
N CYS A 63 -8.62 -3.32 -7.74
CA CYS A 63 -8.37 -3.30 -6.30
C CYS A 63 -7.75 -4.61 -5.83
N ILE A 64 -8.30 -5.72 -6.30
CA ILE A 64 -7.81 -7.03 -5.93
C ILE A 64 -6.51 -7.36 -6.67
N SER A 65 -6.39 -6.85 -7.90
CA SER A 65 -5.20 -7.09 -8.70
C SER A 65 -3.93 -6.73 -7.92
N VAL A 66 -4.07 -5.83 -6.97
CA VAL A 66 -2.94 -5.39 -6.15
C VAL A 66 -2.29 -6.57 -5.44
N LEU A 67 -3.10 -7.57 -5.10
CA LEU A 67 -2.59 -8.76 -4.43
C LEU A 67 -1.43 -9.38 -5.19
N LEU A 68 -1.44 -9.19 -6.51
CA LEU A 68 -0.38 -9.72 -7.36
C LEU A 68 0.94 -8.99 -7.11
N ALA A 69 0.86 -7.68 -6.91
CA ALA A 69 2.04 -6.88 -6.65
C ALA A 69 2.68 -7.23 -5.32
N LEU A 70 1.85 -7.68 -4.38
CA LEU A 70 2.34 -8.05 -3.05
C LEU A 70 3.25 -9.27 -3.13
N THR A 71 2.75 -10.35 -3.74
CA THR A 71 3.51 -11.58 -3.88
C THR A 71 4.76 -11.35 -4.71
N VAL A 72 4.64 -10.53 -5.76
CA VAL A 72 5.76 -10.22 -6.63
C VAL A 72 6.78 -9.33 -5.93
N PHE A 73 6.30 -8.46 -5.05
CA PHE A 73 7.16 -7.55 -4.30
C PHE A 73 8.29 -8.31 -3.62
N LEU A 74 8.02 -9.56 -3.25
CA LEU A 74 9.00 -10.40 -2.59
C LEU A 74 10.13 -10.78 -3.55
N LEU A 75 9.75 -11.21 -4.75
CA LEU A 75 10.73 -11.60 -5.76
C LEU A 75 11.44 -10.38 -6.34
N LEU A 76 10.72 -9.27 -6.44
CA LEU A 76 11.28 -8.03 -6.97
C LEU A 76 12.34 -7.47 -6.03
N ILE A 77 11.96 -7.27 -4.78
CA ILE A 77 12.88 -6.74 -3.78
C ILE A 77 14.06 -7.67 -3.57
N SER A 78 13.83 -8.96 -3.77
CA SER A 78 14.89 -9.96 -3.60
C SER A 78 15.79 -10.02 -4.83
N LYS A 79 15.25 -9.58 -5.96
CA LYS A 79 16.01 -9.58 -7.21
C LYS A 79 17.16 -8.58 -7.15
N ILE A 80 17.09 -7.68 -6.17
CA ILE A 80 18.14 -6.67 -6.00
C ILE A 80 19.52 -7.33 -5.85
N VAL A 81 19.53 -8.57 -5.40
CA VAL A 81 20.77 -9.30 -5.23
C VAL A 81 21.65 -8.64 -4.17
N PRO A 82 21.29 -8.82 -2.89
CA PRO A 82 22.04 -8.25 -1.77
C PRO A 82 23.39 -8.92 -1.57
N PRO A 83 24.24 -8.29 -0.74
CA PRO A 83 25.58 -8.82 -0.44
C PRO A 83 25.54 -10.09 0.39
N THR A 84 24.44 -10.30 1.09
CA THR A 84 24.28 -11.48 1.93
C THR A 84 23.53 -12.58 1.19
N SER A 85 22.63 -12.18 0.30
CA SER A 85 21.84 -13.13 -0.48
C SER A 85 21.10 -14.09 0.44
N LEU A 86 20.82 -13.64 1.66
CA LEU A 86 20.11 -14.46 2.63
C LEU A 86 19.14 -13.62 3.46
N ASP A 87 18.30 -12.86 2.77
CA ASP A 87 17.31 -12.02 3.43
C ASP A 87 15.95 -12.70 3.47
N VAL A 88 15.96 -14.03 3.48
CA VAL A 88 14.72 -14.80 3.53
C VAL A 88 14.02 -14.62 4.87
N PRO A 89 14.72 -14.95 5.95
CA PRO A 89 14.17 -14.84 7.32
C PRO A 89 14.01 -13.38 7.74
N LEU A 90 14.72 -12.48 7.08
CA LEU A 90 14.64 -11.06 7.40
C LEU A 90 13.34 -10.45 6.89
N VAL A 91 13.05 -10.67 5.61
CA VAL A 91 11.84 -10.15 5.01
C VAL A 91 10.64 -11.03 5.34
N GLY A 92 10.91 -12.29 5.67
CA GLY A 92 9.84 -13.21 6.01
C GLY A 92 8.91 -12.66 7.06
N LYS A 93 9.48 -12.12 8.13
CA LYS A 93 8.69 -11.55 9.22
C LYS A 93 7.98 -10.29 8.76
N TYR A 94 8.63 -9.52 7.90
CA TYR A 94 8.06 -8.28 7.39
C TYR A 94 6.75 -8.55 6.64
N LEU A 95 6.69 -9.69 5.96
CA LEU A 95 5.50 -10.07 5.20
C LEU A 95 4.25 -9.98 6.07
N MET A 96 4.42 -10.19 7.37
CA MET A 96 3.31 -10.13 8.31
C MET A 96 2.79 -8.70 8.45
N PHE A 97 3.72 -7.76 8.55
CA PHE A 97 3.35 -6.35 8.69
C PHE A 97 2.88 -5.78 7.36
N THR A 98 3.68 -5.97 6.31
CA THR A 98 3.34 -5.46 4.99
C THR A 98 1.95 -5.93 4.56
N MET A 99 1.56 -7.10 5.05
CA MET A 99 0.25 -7.66 4.72
C MET A 99 -0.87 -6.81 5.31
N VAL A 100 -0.60 -6.16 6.44
CA VAL A 100 -1.58 -5.32 7.09
C VAL A 100 -1.67 -3.95 6.42
N LEU A 101 -0.55 -3.51 5.85
CA LEU A 101 -0.50 -2.22 5.18
C LEU A 101 -1.20 -2.30 3.81
N VAL A 102 -1.10 -3.45 3.17
CA VAL A 102 -1.73 -3.65 1.87
C VAL A 102 -3.23 -3.88 2.00
N THR A 103 -3.62 -4.63 3.03
CA THR A 103 -5.03 -4.92 3.27
C THR A 103 -5.76 -3.70 3.80
N PHE A 104 -5.05 -2.86 4.55
CA PHE A 104 -5.63 -1.65 5.11
C PHE A 104 -6.20 -0.76 4.02
N SER A 105 -5.54 -0.76 2.87
CA SER A 105 -5.97 0.06 1.73
C SER A 105 -7.21 -0.55 1.07
N ILE A 106 -7.29 -1.88 1.06
CA ILE A 106 -8.41 -2.57 0.46
C ILE A 106 -9.64 -2.49 1.35
N VAL A 107 -9.48 -2.82 2.62
CA VAL A 107 -10.59 -2.78 3.58
C VAL A 107 -11.25 -1.41 3.57
N THR A 108 -10.45 -0.36 3.40
CA THR A 108 -10.97 1.00 3.39
C THR A 108 -12.11 1.14 2.39
N SER A 109 -12.06 0.38 1.31
CA SER A 109 -13.09 0.41 0.29
C SER A 109 -14.48 0.28 0.90
N VAL A 110 -14.55 -0.46 2.01
CA VAL A 110 -15.82 -0.67 2.70
C VAL A 110 -16.51 0.66 3.00
N CYS A 111 -15.71 1.69 3.25
CA CYS A 111 -16.24 3.02 3.55
C CYS A 111 -16.94 3.60 2.32
N VAL A 112 -16.27 3.56 1.19
CA VAL A 112 -16.82 4.10 -0.05
C VAL A 112 -17.98 3.23 -0.56
N LEU A 113 -17.86 1.93 -0.36
CA LEU A 113 -18.90 0.99 -0.79
C LEU A 113 -20.13 1.10 0.09
N ASN A 114 -19.91 1.25 1.40
CA ASN A 114 -21.01 1.36 2.34
C ASN A 114 -21.98 2.45 1.92
N VAL A 115 -21.45 3.49 1.26
CA VAL A 115 -22.27 4.59 0.79
C VAL A 115 -22.55 4.48 -0.70
N HIS A 116 -21.68 3.78 -1.41
CA HIS A 116 -21.83 3.59 -2.85
C HIS A 116 -23.22 3.05 -3.19
N HIS A 117 -23.43 1.76 -2.90
CA HIS A 117 -24.70 1.12 -3.18
C HIS A 117 -24.93 -0.06 -2.24
N ARG A 118 -23.89 -0.87 -2.05
CA ARG A 118 -23.98 -2.03 -1.18
C ARG A 118 -24.14 -1.61 0.28
N SER A 119 -25.24 -2.03 0.90
CA SER A 119 -25.51 -1.69 2.29
C SER A 119 -25.41 -0.18 2.51
N PRO A 120 -26.40 0.56 1.99
CA PRO A 120 -26.44 2.02 2.12
C PRO A 120 -26.72 2.47 3.55
N THR A 121 -26.45 3.74 3.83
CA THR A 121 -26.67 4.29 5.16
C THR A 121 -27.70 5.42 5.12
N THR A 122 -28.56 5.39 4.10
CA THR A 122 -29.59 6.41 3.95
C THR A 122 -28.98 7.79 3.72
N HIS A 123 -27.98 7.85 2.85
CA HIS A 123 -27.31 9.11 2.54
C HIS A 123 -26.42 8.95 1.31
N THR A 124 -26.78 9.66 0.24
CA THR A 124 -26.02 9.61 -1.00
C THR A 124 -26.24 10.85 -1.84
N PRO A 125 -25.74 12.00 -1.35
CA PRO A 125 -25.88 13.29 -2.04
C PRO A 125 -25.05 13.35 -3.31
N ARG A 126 -25.66 13.01 -4.44
CA ARG A 126 -24.97 13.02 -5.73
C ARG A 126 -23.79 12.06 -5.73
N GLY A 127 -22.97 12.14 -6.76
CA GLY A 127 -21.81 11.26 -6.87
C GLY A 127 -21.94 10.26 -7.99
N GLY A 128 -20.83 9.58 -8.29
CA GLY A 128 -20.85 8.59 -9.35
C GLY A 128 -20.28 7.25 -8.91
N GLY A 129 -19.10 7.29 -8.31
CA GLY A 129 -18.46 6.07 -7.85
C GLY A 129 -18.02 6.16 -6.40
N GLY A 130 -18.58 7.10 -5.66
CA GLY A 130 -18.22 7.28 -4.27
C GLY A 130 -17.47 8.56 -4.02
N TYR A 131 -17.97 9.65 -4.59
CA TYR A 131 -17.33 10.96 -4.43
C TYR A 131 -17.63 11.55 -3.06
N VAL A 132 -18.86 11.33 -2.58
CA VAL A 132 -19.28 11.83 -1.28
C VAL A 132 -18.48 11.17 -0.15
N ALA A 133 -18.15 9.90 -0.33
CA ALA A 133 -17.38 9.17 0.66
C ALA A 133 -15.95 9.69 0.76
N MET A 134 -15.47 10.30 -0.32
CA MET A 134 -14.12 10.85 -0.34
C MET A 134 -13.90 11.79 0.84
N VAL A 135 -14.95 12.45 1.28
CA VAL A 135 -14.87 13.38 2.40
C VAL A 135 -14.33 12.69 3.64
N ILE A 136 -15.01 11.63 4.08
CA ILE A 136 -14.60 10.87 5.25
C ILE A 136 -13.36 10.02 4.95
N ASP A 137 -13.32 9.47 3.75
CA ASP A 137 -12.19 8.63 3.33
C ASP A 137 -10.89 9.43 3.34
N ARG A 138 -11.00 10.73 3.08
CA ARG A 138 -9.83 11.60 3.05
C ARG A 138 -9.01 11.45 4.33
N LEU A 139 -9.68 11.13 5.42
CA LEU A 139 -9.01 10.95 6.71
C LEU A 139 -8.19 9.66 6.73
N PHE A 140 -8.83 8.56 6.33
CA PHE A 140 -8.16 7.27 6.31
C PHE A 140 -7.00 7.28 5.31
N LEU A 141 -7.29 7.69 4.08
CA LEU A 141 -6.28 7.75 3.03
C LEU A 141 -5.06 8.52 3.50
N TRP A 142 -5.27 9.55 4.31
CA TRP A 142 -4.18 10.36 4.83
C TRP A 142 -3.23 9.52 5.67
N ILE A 143 -3.78 8.61 6.46
CA ILE A 143 -2.97 7.74 7.31
C ILE A 143 -2.33 6.62 6.49
N PHE A 144 -3.03 6.19 5.45
CA PHE A 144 -2.53 5.12 4.59
C PHE A 144 -1.15 5.48 4.03
N VAL A 145 -1.07 6.61 3.34
CA VAL A 145 0.17 7.07 2.76
C VAL A 145 1.27 7.18 3.81
N PHE A 146 0.88 7.59 5.02
CA PHE A 146 1.82 7.74 6.11
C PHE A 146 2.40 6.39 6.54
N VAL A 147 1.57 5.36 6.45
CA VAL A 147 2.00 4.01 6.81
C VAL A 147 3.27 3.61 6.07
N CYS A 148 3.38 4.05 4.82
CA CYS A 148 4.55 3.74 4.00
C CYS A 148 5.83 4.11 4.73
N VAL A 149 5.88 5.34 5.24
CA VAL A 149 7.06 5.82 5.96
C VAL A 149 7.32 5.00 7.22
N PHE A 150 6.24 4.51 7.83
CA PHE A 150 6.36 3.70 9.03
C PHE A 150 7.32 2.54 8.83
N GLY A 151 7.06 1.74 7.79
CA GLY A 151 7.93 0.61 7.50
C GLY A 151 9.20 1.01 6.78
N THR A 152 9.17 2.19 6.17
CA THR A 152 10.33 2.69 5.43
C THR A 152 11.57 2.73 6.32
N ILE A 153 11.44 3.38 7.47
CA ILE A 153 12.56 3.48 8.40
C ILE A 153 12.77 2.18 9.17
N GLY A 154 11.69 1.42 9.33
CA GLY A 154 11.77 0.15 10.04
C GLY A 154 12.84 -0.76 9.47
N MET A 155 12.82 -0.95 8.14
CA MET A 155 13.79 -1.79 7.48
C MET A 155 15.17 -1.15 7.46
N PHE A 156 15.19 0.19 7.40
CA PHE A 156 16.44 0.93 7.38
C PHE A 156 17.13 0.87 8.74
N LEU A 157 16.34 0.65 9.79
CA LEU A 157 16.87 0.58 11.15
C LEU A 157 17.59 -0.75 11.38
N GLN A 158 17.19 -1.77 10.64
CA GLN A 158 17.80 -3.09 10.76
C GLN A 158 19.31 -3.01 10.64
N PRO A 159 19.78 -2.52 9.49
CA PRO A 159 21.22 -2.37 9.21
C PRO A 159 21.86 -1.27 10.05
N LEU A 160 21.02 -0.41 10.63
CA LEU A 160 21.50 0.69 11.46
C LEU A 160 21.54 0.29 12.93
N PHE A 161 21.97 -0.94 13.19
CA PHE A 161 22.04 -1.44 14.56
C PHE A 161 23.34 -0.99 15.23
N GLN A 162 24.36 -0.73 14.43
CA GLN A 162 25.65 -0.28 14.94
C GLN A 162 26.28 -1.35 15.82
N ASN A 163 27.29 -2.02 15.29
CA ASN A 163 27.98 -3.08 16.03
C ASN A 163 29.41 -2.65 16.38
N TYR A 164 29.62 -1.35 16.47
CA TYR A 164 30.94 -0.81 16.80
C TYR A 164 30.87 0.69 17.06
N ARG A 25 33.72 -3.08 1.10
CA ARG A 25 32.78 -2.05 0.68
C ARG A 25 31.36 -2.60 0.60
N ARG A 26 31.10 -3.65 1.39
CA ARG A 26 29.78 -4.27 1.41
C ARG A 26 28.73 -3.31 1.95
N LYS A 27 28.09 -2.56 1.07
CA LYS A 27 27.07 -1.60 1.46
C LYS A 27 25.75 -1.90 0.75
N PRO A 28 25.01 -2.90 1.26
CA PRO A 28 23.72 -3.30 0.69
C PRO A 28 22.64 -2.25 0.92
N LEU A 29 22.98 -1.21 1.68
CA LEU A 29 22.03 -0.14 1.97
C LEU A 29 21.41 0.41 0.70
N PHE A 30 22.17 0.36 -0.39
CA PHE A 30 21.69 0.86 -1.68
C PHE A 30 20.81 -0.19 -2.37
N TYR A 31 21.12 -1.46 -2.13
CA TYR A 31 20.36 -2.55 -2.72
C TYR A 31 18.99 -2.68 -2.06
N THR A 32 18.97 -2.64 -0.74
CA THR A 32 17.72 -2.76 0.01
C THR A 32 16.76 -1.65 -0.36
N ILE A 33 17.28 -0.44 -0.55
CA ILE A 33 16.46 0.71 -0.90
C ILE A 33 16.04 0.64 -2.37
N ASN A 34 16.87 0.02 -3.19
CA ASN A 34 16.60 -0.11 -4.62
C ASN A 34 15.24 -0.77 -4.85
N LEU A 35 14.83 -1.60 -3.89
CA LEU A 35 13.55 -2.29 -3.99
C LEU A 35 12.43 -1.48 -3.34
N ILE A 36 12.81 -0.52 -2.50
CA ILE A 36 11.84 0.33 -1.82
C ILE A 36 11.30 1.40 -2.77
N ILE A 37 12.15 1.88 -3.66
CA ILE A 37 11.76 2.90 -4.62
C ILE A 37 10.54 2.46 -5.43
N PRO A 38 10.67 1.30 -6.11
CA PRO A 38 9.60 0.74 -6.93
C PRO A 38 8.44 0.22 -6.09
N CYS A 39 8.70 -0.02 -4.81
CA CYS A 39 7.68 -0.51 -3.89
C CYS A 39 6.68 0.58 -3.55
N VAL A 40 7.19 1.78 -3.27
CA VAL A 40 6.34 2.91 -2.93
C VAL A 40 5.76 3.57 -4.18
N LEU A 41 6.51 3.48 -5.28
CA LEU A 41 6.08 4.07 -6.55
C LEU A 41 4.65 3.63 -6.88
N ILE A 42 4.30 2.41 -6.51
CA ILE A 42 2.97 1.88 -6.77
C ILE A 42 1.89 2.75 -6.13
N THR A 43 2.21 3.31 -4.96
CA THR A 43 1.27 4.16 -4.25
C THR A 43 0.99 5.45 -5.03
N SER A 44 2.04 6.01 -5.61
CA SER A 44 1.90 7.25 -6.38
C SER A 44 0.82 7.11 -7.44
N LEU A 45 0.81 5.97 -8.13
CA LEU A 45 -0.17 5.70 -9.17
C LEU A 45 -1.53 5.36 -8.56
N ALA A 46 -1.51 4.58 -7.49
CA ALA A 46 -2.73 4.18 -6.81
C ALA A 46 -3.53 5.39 -6.34
N ILE A 47 -2.85 6.30 -5.62
CA ILE A 47 -3.50 7.50 -5.13
C ILE A 47 -4.27 8.22 -6.22
N LEU A 48 -3.78 8.10 -7.45
CA LEU A 48 -4.42 8.74 -8.60
C LEU A 48 -5.90 8.40 -8.65
N VAL A 49 -6.22 7.14 -8.38
CA VAL A 49 -7.61 6.68 -8.39
C VAL A 49 -8.16 6.57 -6.97
N PHE A 50 -7.32 6.12 -6.05
CA PHE A 50 -7.71 5.96 -4.66
C PHE A 50 -8.08 7.31 -4.04
N TYR A 51 -7.09 8.19 -3.93
CA TYR A 51 -7.29 9.51 -3.36
C TYR A 51 -8.09 10.40 -4.31
N LEU A 52 -7.52 10.66 -5.49
CA LEU A 52 -8.18 11.50 -6.48
C LEU A 52 -9.42 10.80 -7.04
N PRO A 53 -10.31 11.60 -7.64
CA PRO A 53 -11.56 11.09 -8.23
C PRO A 53 -11.31 10.26 -9.48
N SER A 54 -12.23 9.34 -9.77
CA SER A 54 -12.11 8.48 -10.94
C SER A 54 -13.35 7.59 -11.09
N ASP A 55 -14.48 8.22 -11.37
CA ASP A 55 -15.74 7.50 -11.54
C ASP A 55 -15.65 6.55 -12.72
N CYS A 56 -15.32 5.30 -12.45
CA CYS A 56 -15.21 4.29 -13.49
C CYS A 56 -14.83 2.92 -12.90
N GLY A 57 -15.35 1.86 -13.51
CA GLY A 57 -15.06 0.52 -13.03
C GLY A 57 -13.57 0.27 -12.88
N GLU A 58 -12.77 0.95 -13.69
CA GLU A 58 -11.32 0.80 -13.63
C GLU A 58 -10.79 1.01 -12.21
N LYS A 59 -11.44 1.91 -11.48
CA LYS A 59 -11.04 2.20 -10.11
C LYS A 59 -10.97 0.93 -9.28
N MET A 60 -12.05 0.15 -9.31
CA MET A 60 -12.12 -1.09 -8.56
C MET A 60 -10.99 -2.03 -8.97
N THR A 61 -10.83 -2.22 -10.28
CA THR A 61 -9.78 -3.09 -10.80
C THR A 61 -8.40 -2.61 -10.38
N LEU A 62 -8.23 -1.29 -10.28
CA LEU A 62 -6.96 -0.70 -9.89
C LEU A 62 -6.63 -1.04 -8.44
N CYS A 63 -7.59 -0.78 -7.55
CA CYS A 63 -7.41 -1.05 -6.13
C CYS A 63 -6.98 -2.50 -5.90
N ILE A 64 -7.72 -3.43 -6.49
CA ILE A 64 -7.41 -4.84 -6.35
C ILE A 64 -6.13 -5.21 -7.08
N SER A 65 -5.90 -4.55 -8.21
CA SER A 65 -4.70 -4.80 -9.00
C SER A 65 -3.45 -4.71 -8.14
N VAL A 66 -3.50 -3.87 -7.11
CA VAL A 66 -2.37 -3.70 -6.21
C VAL A 66 -2.02 -5.00 -5.50
N LEU A 67 -3.05 -5.74 -5.08
CA LEU A 67 -2.84 -7.00 -4.39
C LEU A 67 -1.94 -7.93 -5.19
N LEU A 68 -1.95 -7.77 -6.51
CA LEU A 68 -1.13 -8.58 -7.39
C LEU A 68 0.36 -8.24 -7.22
N ALA A 69 0.64 -6.95 -7.06
CA ALA A 69 2.01 -6.48 -6.88
C ALA A 69 2.59 -6.98 -5.56
N LEU A 70 1.73 -7.17 -4.56
CA LEU A 70 2.15 -7.64 -3.25
C LEU A 70 2.69 -9.07 -3.34
N THR A 71 1.87 -9.97 -3.88
CA THR A 71 2.26 -11.37 -4.02
C THR A 71 3.49 -11.51 -4.91
N VAL A 72 3.55 -10.70 -5.96
CA VAL A 72 4.67 -10.73 -6.89
C VAL A 72 5.94 -10.16 -6.25
N PHE A 73 5.75 -9.17 -5.37
CA PHE A 73 6.86 -8.54 -4.69
C PHE A 73 7.65 -9.56 -3.87
N LEU A 74 6.96 -10.59 -3.39
CA LEU A 74 7.59 -11.63 -2.59
C LEU A 74 8.65 -12.38 -3.41
N LEU A 75 8.23 -12.91 -4.55
CA LEU A 75 9.14 -13.64 -5.42
C LEU A 75 10.10 -12.70 -6.13
N LEU A 76 9.63 -11.49 -6.41
CA LEU A 76 10.46 -10.49 -7.08
C LEU A 76 11.69 -10.16 -6.25
N ILE A 77 11.47 -9.77 -5.01
CA ILE A 77 12.58 -9.43 -4.11
C ILE A 77 13.44 -10.64 -3.80
N SER A 78 12.83 -11.83 -3.87
CA SER A 78 13.53 -13.07 -3.59
C SER A 78 14.29 -13.55 -4.83
N LYS A 79 13.96 -12.98 -5.97
CA LYS A 79 14.60 -13.35 -7.24
C LYS A 79 15.78 -12.41 -7.53
N ILE A 80 15.89 -11.35 -6.75
CA ILE A 80 16.96 -10.38 -6.93
C ILE A 80 18.33 -11.07 -6.90
N VAL A 81 18.41 -12.19 -6.18
CA VAL A 81 19.65 -12.94 -6.08
C VAL A 81 20.74 -12.11 -5.40
N PRO A 82 20.62 -11.97 -4.07
CA PRO A 82 21.58 -11.20 -3.27
C PRO A 82 22.94 -11.90 -3.16
N PRO A 83 23.95 -11.16 -2.70
CA PRO A 83 25.30 -11.69 -2.55
C PRO A 83 25.41 -12.71 -1.42
N THR A 84 24.87 -12.35 -0.25
CA THR A 84 24.90 -13.23 0.91
C THR A 84 23.49 -13.64 1.32
N SER A 85 22.58 -12.67 1.30
CA SER A 85 21.19 -12.93 1.68
C SER A 85 20.35 -11.66 1.55
N LEU A 86 20.91 -10.54 1.99
CA LEU A 86 20.21 -9.26 1.92
C LEU A 86 18.96 -9.28 2.80
N ASP A 87 19.16 -9.29 4.11
CA ASP A 87 18.05 -9.31 5.06
C ASP A 87 17.06 -10.42 4.71
N VAL A 88 17.52 -11.66 4.81
CA VAL A 88 16.68 -12.82 4.51
C VAL A 88 15.58 -12.98 5.56
N PRO A 89 16.00 -13.14 6.82
CA PRO A 89 15.07 -13.31 7.95
C PRO A 89 14.29 -12.04 8.26
N LEU A 90 14.85 -10.90 7.88
CA LEU A 90 14.22 -9.61 8.12
C LEU A 90 13.04 -9.40 7.16
N VAL A 91 13.30 -9.55 5.87
CA VAL A 91 12.28 -9.38 4.85
C VAL A 91 11.20 -10.46 4.98
N GLY A 92 11.62 -11.71 5.08
CA GLY A 92 10.68 -12.81 5.22
C GLY A 92 9.68 -12.58 6.32
N LYS A 93 10.17 -12.16 7.49
CA LYS A 93 9.31 -11.91 8.65
C LYS A 93 8.48 -10.64 8.44
N TYR A 94 9.00 -9.74 7.60
CA TYR A 94 8.31 -8.49 7.32
C TYR A 94 7.06 -8.73 6.46
N LEU A 95 7.12 -9.76 5.63
CA LEU A 95 6.00 -10.10 4.76
C LEU A 95 4.73 -10.30 5.57
N MET A 96 4.88 -10.74 6.81
CA MET A 96 3.74 -10.97 7.69
C MET A 96 3.10 -9.65 8.11
N PHE A 97 3.94 -8.67 8.44
CA PHE A 97 3.47 -7.36 8.86
C PHE A 97 2.95 -6.56 7.67
N THR A 98 3.78 -6.47 6.63
CA THR A 98 3.41 -5.72 5.43
C THR A 98 2.06 -6.20 4.88
N MET A 99 1.74 -7.46 5.11
CA MET A 99 0.49 -8.03 4.65
C MET A 99 -0.69 -7.41 5.37
N VAL A 100 -0.47 -6.99 6.61
CA VAL A 100 -1.52 -6.37 7.42
C VAL A 100 -1.70 -4.91 7.04
N LEU A 101 -0.62 -4.27 6.60
CA LEU A 101 -0.66 -2.87 6.21
C LEU A 101 -1.34 -2.70 4.86
N VAL A 102 -1.17 -3.69 3.99
CA VAL A 102 -1.78 -3.66 2.66
C VAL A 102 -3.26 -3.97 2.72
N THR A 103 -3.62 -4.91 3.60
CA THR A 103 -5.02 -5.30 3.76
C THR A 103 -5.82 -4.22 4.48
N PHE A 104 -5.26 -3.70 5.57
CA PHE A 104 -5.93 -2.66 6.34
C PHE A 104 -6.35 -1.50 5.44
N SER A 105 -5.57 -1.26 4.40
CA SER A 105 -5.85 -0.18 3.47
C SER A 105 -7.02 -0.54 2.55
N ILE A 106 -6.96 -1.72 1.96
CA ILE A 106 -8.01 -2.19 1.08
C ILE A 106 -9.37 -2.16 1.76
N VAL A 107 -9.38 -2.44 3.07
CA VAL A 107 -10.61 -2.44 3.84
C VAL A 107 -11.36 -1.11 3.68
N THR A 108 -10.63 -0.02 3.78
CA THR A 108 -11.23 1.31 3.65
C THR A 108 -12.03 1.43 2.36
N SER A 109 -11.60 0.72 1.33
CA SER A 109 -12.29 0.74 0.04
C SER A 109 -13.78 0.47 0.22
N VAL A 110 -14.11 -0.32 1.23
CA VAL A 110 -15.51 -0.66 1.50
C VAL A 110 -16.36 0.59 1.61
N CYS A 111 -15.76 1.68 2.12
CA CYS A 111 -16.47 2.94 2.28
C CYS A 111 -16.84 3.53 0.93
N VAL A 112 -15.86 3.56 0.02
CA VAL A 112 -16.08 4.10 -1.32
C VAL A 112 -16.95 3.17 -2.15
N LEU A 113 -16.79 1.87 -1.95
CA LEU A 113 -17.56 0.88 -2.68
C LEU A 113 -19.01 0.86 -2.21
N ASN A 114 -19.20 0.93 -0.90
CA ASN A 114 -20.54 0.92 -0.32
C ASN A 114 -21.42 1.98 -0.96
N VAL A 115 -20.79 3.07 -1.41
CA VAL A 115 -21.53 4.16 -2.05
C VAL A 115 -21.35 4.11 -3.57
N HIS A 116 -20.29 3.46 -4.02
CA HIS A 116 -20.02 3.34 -5.45
C HIS A 116 -21.17 2.66 -6.17
N HIS A 117 -21.32 1.36 -5.94
CA HIS A 117 -22.38 0.58 -6.57
C HIS A 117 -22.35 -0.87 -6.11
N ARG A 118 -22.02 -1.07 -4.84
CA ARG A 118 -21.94 -2.42 -4.27
C ARG A 118 -22.24 -2.39 -2.78
N SER A 119 -23.24 -3.15 -2.36
CA SER A 119 -23.63 -3.21 -0.96
C SER A 119 -23.94 -1.81 -0.42
N PRO A 120 -25.05 -1.23 -0.90
CA PRO A 120 -25.48 0.10 -0.48
C PRO A 120 -25.98 0.13 0.96
N THR A 121 -25.14 0.63 1.87
CA THR A 121 -25.49 0.71 3.28
C THR A 121 -24.48 1.54 4.06
N THR A 122 -24.66 2.86 4.03
CA THR A 122 -23.77 3.76 4.73
C THR A 122 -24.42 5.11 4.96
N HIS A 123 -23.74 5.98 5.72
CA HIS A 123 -24.26 7.31 6.01
C HIS A 123 -23.60 8.35 5.12
N THR A 124 -24.00 8.38 3.85
CA THR A 124 -23.45 9.33 2.89
C THR A 124 -24.54 10.23 2.31
N PRO A 125 -24.12 11.38 1.77
CA PRO A 125 -25.06 12.34 1.17
C PRO A 125 -25.66 11.84 -0.13
N ARG A 126 -26.75 11.07 -0.02
CA ARG A 126 -27.42 10.52 -1.18
C ARG A 126 -26.51 9.56 -1.93
N GLY A 127 -26.77 8.27 -1.79
CA GLY A 127 -25.97 7.27 -2.46
C GLY A 127 -25.83 7.52 -3.95
N GLY A 128 -24.69 8.04 -4.36
CA GLY A 128 -24.46 8.33 -5.77
C GLY A 128 -23.01 8.66 -6.07
N GLY A 129 -22.47 8.01 -7.11
CA GLY A 129 -21.08 8.24 -7.48
C GLY A 129 -20.12 7.93 -6.35
N GLY A 130 -18.82 8.01 -6.64
CA GLY A 130 -17.82 7.72 -5.64
C GLY A 130 -17.02 8.95 -5.25
N TYR A 131 -17.56 10.13 -5.56
CA TYR A 131 -16.88 11.38 -5.25
C TYR A 131 -17.25 11.86 -3.85
N VAL A 132 -18.45 11.52 -3.40
CA VAL A 132 -18.92 11.91 -2.08
C VAL A 132 -18.25 11.09 -1.00
N ALA A 133 -17.89 9.85 -1.33
CA ALA A 133 -17.23 8.96 -0.38
C ALA A 133 -15.95 9.59 0.17
N MET A 134 -15.37 10.50 -0.61
CA MET A 134 -14.15 11.18 -0.20
C MET A 134 -14.30 11.80 1.18
N VAL A 135 -15.52 12.21 1.51
CA VAL A 135 -15.80 12.81 2.81
C VAL A 135 -15.40 11.88 3.96
N ILE A 136 -16.04 10.72 4.02
CA ILE A 136 -15.75 9.74 5.05
C ILE A 136 -14.38 9.09 4.83
N ASP A 137 -14.06 8.83 3.57
CA ASP A 137 -12.79 8.21 3.21
C ASP A 137 -11.62 9.08 3.66
N ARG A 138 -11.83 10.39 3.68
CA ARG A 138 -10.80 11.33 4.10
C ARG A 138 -10.28 11.00 5.49
N LEU A 139 -11.12 10.35 6.29
CA LEU A 139 -10.75 9.97 7.64
C LEU A 139 -9.68 8.87 7.64
N PHE A 140 -9.93 7.81 6.88
CA PHE A 140 -8.99 6.70 6.79
C PHE A 140 -7.79 7.09 5.93
N LEU A 141 -8.04 7.88 4.89
CA LEU A 141 -6.97 8.32 4.00
C LEU A 141 -5.82 8.94 4.79
N TRP A 142 -6.15 9.61 5.89
CA TRP A 142 -5.14 10.24 6.73
C TRP A 142 -4.17 9.21 7.28
N ILE A 143 -4.71 8.12 7.83
CA ILE A 143 -3.90 7.06 8.40
C ILE A 143 -3.26 6.21 7.31
N PHE A 144 -3.97 6.07 6.19
CA PHE A 144 -3.48 5.28 5.07
C PHE A 144 -2.11 5.78 4.61
N VAL A 145 -2.05 7.06 4.26
CA VAL A 145 -0.81 7.66 3.80
C VAL A 145 0.30 7.51 4.85
N PHE A 146 -0.09 7.60 6.11
CA PHE A 146 0.87 7.47 7.21
C PHE A 146 1.44 6.06 7.28
N VAL A 147 0.62 5.08 6.91
CA VAL A 147 1.05 3.69 6.93
C VAL A 147 2.21 3.45 5.97
N CYS A 148 2.21 4.18 4.85
CA CYS A 148 3.26 4.05 3.86
C CYS A 148 4.61 4.47 4.44
N VAL A 149 4.66 5.66 5.03
CA VAL A 149 5.89 6.16 5.62
C VAL A 149 6.24 5.41 6.90
N PHE A 150 5.21 5.01 7.65
CA PHE A 150 5.41 4.28 8.89
C PHE A 150 5.98 2.89 8.62
N GLY A 151 5.45 2.24 7.59
CA GLY A 151 5.92 0.92 7.23
C GLY A 151 7.24 0.94 6.49
N THR A 152 7.44 1.97 5.69
CA THR A 152 8.68 2.11 4.92
C THR A 152 9.84 2.55 5.80
N ILE A 153 9.62 3.64 6.52
CA ILE A 153 10.65 4.18 7.41
C ILE A 153 10.76 3.35 8.69
N GLY A 154 9.67 2.68 9.04
CA GLY A 154 9.66 1.86 10.24
C GLY A 154 10.73 0.78 10.21
N MET A 155 10.78 0.03 9.10
CA MET A 155 11.75 -1.05 8.95
C MET A 155 13.13 -0.48 8.63
N PHE A 156 13.16 0.64 7.91
CA PHE A 156 14.41 1.27 7.53
C PHE A 156 15.09 1.91 8.74
N LEU A 157 14.30 2.23 9.76
CA LEU A 157 14.82 2.84 10.97
C LEU A 157 15.54 1.82 11.83
N GLN A 158 15.14 0.56 11.70
CA GLN A 158 15.75 -0.52 12.47
C GLN A 158 17.27 -0.51 12.32
N PRO A 159 17.74 -0.66 11.07
CA PRO A 159 19.18 -0.66 10.77
C PRO A 159 19.81 0.71 10.95
N LEU A 160 19.00 1.76 10.78
CA LEU A 160 19.49 3.13 10.92
C LEU A 160 20.22 3.31 12.25
N PHE A 161 19.53 2.99 13.35
CA PHE A 161 20.11 3.12 14.67
C PHE A 161 20.40 4.59 15.01
N GLN A 162 19.84 5.48 14.21
CA GLN A 162 20.04 6.91 14.41
C GLN A 162 19.12 7.73 13.50
N ASN A 163 18.16 8.43 14.11
CA ASN A 163 17.22 9.24 13.35
C ASN A 163 17.94 10.38 12.64
N TYR A 164 18.56 11.26 13.42
CA TYR A 164 19.27 12.40 12.86
C TYR A 164 18.34 13.31 12.07
N ARG A 25 29.26 -4.89 0.43
CA ARG A 25 30.22 -4.13 -0.36
C ARG A 25 30.36 -2.70 0.18
N ARG A 26 29.25 -1.97 0.19
CA ARG A 26 29.25 -0.59 0.67
C ARG A 26 27.95 -0.29 1.41
N LYS A 27 27.73 1.00 1.69
CA LYS A 27 26.52 1.43 2.38
C LYS A 27 25.28 0.82 1.75
N PRO A 28 24.66 -0.14 2.46
CA PRO A 28 23.44 -0.81 1.99
C PRO A 28 22.23 0.11 1.99
N LEU A 29 22.37 1.27 2.62
CA LEU A 29 21.28 2.24 2.70
C LEU A 29 20.73 2.54 1.31
N PHE A 30 21.59 2.46 0.30
CA PHE A 30 21.17 2.71 -1.08
C PHE A 30 20.45 1.51 -1.67
N TYR A 31 20.87 0.32 -1.25
CA TYR A 31 20.27 -0.92 -1.74
C TYR A 31 18.88 -1.11 -1.16
N THR A 32 18.76 -0.92 0.15
CA THR A 32 17.48 -1.07 0.83
C THR A 32 16.43 -0.12 0.27
N ILE A 33 16.86 1.11 -0.04
CA ILE A 33 15.96 2.11 -0.58
C ILE A 33 15.66 1.84 -2.05
N ASN A 34 16.61 1.21 -2.74
CA ASN A 34 16.45 0.89 -4.15
C ASN A 34 15.19 0.07 -4.38
N LEU A 35 14.78 -0.68 -3.36
CA LEU A 35 13.59 -1.51 -3.45
C LEU A 35 12.35 -0.75 -2.98
N ILE A 36 12.57 0.34 -2.24
CA ILE A 36 11.48 1.16 -1.74
C ILE A 36 10.90 2.04 -2.84
N ILE A 37 11.77 2.51 -3.73
CA ILE A 37 11.34 3.35 -4.84
C ILE A 37 10.25 2.69 -5.66
N PRO A 38 10.56 1.48 -6.18
CA PRO A 38 9.61 0.71 -6.99
C PRO A 38 8.45 0.17 -6.17
N CYS A 39 8.66 0.06 -4.86
CA CYS A 39 7.62 -0.45 -3.96
C CYS A 39 6.55 0.61 -3.71
N VAL A 40 7.00 1.84 -3.44
CA VAL A 40 6.07 2.94 -3.19
C VAL A 40 5.55 3.53 -4.48
N LEU A 41 6.35 3.44 -5.53
CA LEU A 41 5.97 3.98 -6.84
C LEU A 41 4.59 3.47 -7.25
N ILE A 42 4.28 2.24 -6.86
CA ILE A 42 2.99 1.64 -7.18
C ILE A 42 1.84 2.48 -6.62
N THR A 43 2.06 3.08 -5.47
CA THR A 43 1.04 3.91 -4.83
C THR A 43 0.75 5.15 -5.66
N SER A 44 1.79 5.75 -6.22
CA SER A 44 1.65 6.95 -7.04
C SER A 44 0.62 6.72 -8.14
N LEU A 45 0.71 5.57 -8.80
CA LEU A 45 -0.20 5.23 -9.88
C LEU A 45 -1.58 4.84 -9.33
N ALA A 46 -1.57 4.09 -8.24
CA ALA A 46 -2.82 3.65 -7.61
C ALA A 46 -3.70 4.84 -7.25
N ILE A 47 -3.07 5.92 -6.81
CA ILE A 47 -3.79 7.14 -6.43
C ILE A 47 -4.51 7.75 -7.64
N LEU A 48 -3.92 7.59 -8.81
CA LEU A 48 -4.50 8.13 -10.03
C LEU A 48 -5.92 7.62 -10.23
N VAL A 49 -6.17 6.38 -9.80
CA VAL A 49 -7.48 5.77 -9.92
C VAL A 49 -8.23 5.81 -8.60
N PHE A 50 -7.49 5.62 -7.50
CA PHE A 50 -8.09 5.63 -6.17
C PHE A 50 -8.50 7.04 -5.77
N TYR A 51 -7.51 7.92 -5.62
CA TYR A 51 -7.78 9.30 -5.24
C TYR A 51 -8.47 10.06 -6.36
N LEU A 52 -7.83 10.12 -7.52
CA LEU A 52 -8.39 10.81 -8.68
C LEU A 52 -9.48 9.97 -9.34
N PRO A 53 -10.33 10.63 -10.14
CA PRO A 53 -11.43 9.96 -10.86
C PRO A 53 -10.92 9.05 -11.97
N SER A 54 -11.64 7.96 -12.20
CA SER A 54 -11.27 7.01 -13.25
C SER A 54 -12.29 5.87 -13.33
N ASP A 55 -13.46 6.17 -13.87
CA ASP A 55 -14.51 5.17 -14.01
C ASP A 55 -14.83 4.52 -12.67
N CYS A 56 -15.65 3.48 -12.70
CA CYS A 56 -16.04 2.77 -11.49
C CYS A 56 -15.64 1.30 -11.57
N GLY A 57 -16.10 0.63 -12.62
CA GLY A 57 -15.79 -0.78 -12.80
C GLY A 57 -14.29 -1.05 -12.71
N GLU A 58 -13.52 -0.39 -13.57
CA GLU A 58 -12.07 -0.57 -13.58
C GLU A 58 -11.48 -0.39 -12.19
N LYS A 59 -12.08 0.53 -11.42
CA LYS A 59 -11.61 0.80 -10.06
C LYS A 59 -11.54 -0.48 -9.25
N MET A 60 -12.60 -1.27 -9.30
CA MET A 60 -12.66 -2.53 -8.56
C MET A 60 -11.58 -3.49 -9.04
N THR A 61 -11.53 -3.70 -10.35
CA THR A 61 -10.55 -4.61 -10.93
C THR A 61 -9.12 -4.16 -10.60
N LEU A 62 -8.96 -2.86 -10.37
CA LEU A 62 -7.65 -2.31 -10.04
C LEU A 62 -7.27 -2.63 -8.59
N CYS A 63 -8.28 -2.66 -7.72
CA CYS A 63 -8.05 -2.95 -6.31
C CYS A 63 -7.68 -4.42 -6.11
N ILE A 64 -8.51 -5.31 -6.66
CA ILE A 64 -8.26 -6.74 -6.54
C ILE A 64 -6.95 -7.14 -7.22
N SER A 65 -6.65 -6.48 -8.33
CA SER A 65 -5.43 -6.76 -9.07
C SER A 65 -4.19 -6.45 -8.23
N VAL A 66 -4.34 -5.55 -7.28
CA VAL A 66 -3.24 -5.16 -6.40
C VAL A 66 -2.68 -6.38 -5.66
N LEU A 67 -3.57 -7.30 -5.29
CA LEU A 67 -3.17 -8.51 -4.58
C LEU A 67 -2.05 -9.24 -5.32
N LEU A 68 -2.03 -9.08 -6.64
CA LEU A 68 -1.01 -9.71 -7.47
C LEU A 68 0.36 -9.09 -7.23
N ALA A 69 0.38 -7.77 -7.07
CA ALA A 69 1.62 -7.05 -6.83
C ALA A 69 2.22 -7.43 -5.47
N LEU A 70 1.36 -7.78 -4.53
CA LEU A 70 1.81 -8.16 -3.19
C LEU A 70 2.62 -9.44 -3.23
N THR A 71 2.04 -10.49 -3.81
CA THR A 71 2.71 -11.78 -3.91
C THR A 71 3.98 -11.67 -4.74
N VAL A 72 3.92 -10.86 -5.80
CA VAL A 72 5.07 -10.67 -6.68
C VAL A 72 6.16 -9.84 -5.99
N PHE A 73 5.72 -8.92 -5.14
CA PHE A 73 6.66 -8.06 -4.42
C PHE A 73 7.72 -8.89 -3.71
N LEU A 74 7.36 -10.10 -3.31
CA LEU A 74 8.28 -11.00 -2.62
C LEU A 74 9.28 -11.60 -3.59
N LEU A 75 8.81 -11.94 -4.79
CA LEU A 75 9.66 -12.53 -5.81
C LEU A 75 10.60 -11.47 -6.40
N LEU A 76 10.07 -10.27 -6.60
CA LEU A 76 10.85 -9.18 -7.17
C LEU A 76 11.96 -8.75 -6.21
N ILE A 77 11.58 -8.41 -4.98
CA ILE A 77 12.53 -8.00 -3.97
C ILE A 77 13.60 -9.06 -3.75
N SER A 78 13.22 -10.32 -3.94
CA SER A 78 14.15 -11.43 -3.75
C SER A 78 15.05 -11.60 -4.98
N LYS A 79 14.57 -11.11 -6.12
CA LYS A 79 15.33 -11.21 -7.37
C LYS A 79 16.56 -10.30 -7.32
N ILE A 80 16.60 -9.41 -6.34
CA ILE A 80 17.72 -8.49 -6.19
C ILE A 80 19.03 -9.24 -6.08
N VAL A 81 18.96 -10.49 -5.63
CA VAL A 81 20.16 -11.32 -5.48
C VAL A 81 21.10 -10.74 -4.44
N PRO A 82 20.74 -10.90 -3.16
CA PRO A 82 21.54 -10.40 -2.04
C PRO A 82 22.84 -11.18 -1.87
N PRO A 83 23.76 -10.63 -1.05
CA PRO A 83 25.05 -11.26 -0.78
C PRO A 83 24.93 -12.53 0.05
N THR A 84 24.18 -12.45 1.13
CA THR A 84 23.97 -13.60 2.01
C THR A 84 22.51 -14.00 2.05
N SER A 85 21.63 -13.08 1.67
CA SER A 85 20.19 -13.35 1.66
C SER A 85 19.69 -13.61 3.07
N LEU A 86 20.08 -12.74 4.01
CA LEU A 86 19.67 -12.88 5.40
C LEU A 86 18.51 -11.94 5.72
N ASP A 87 17.74 -11.59 4.70
CA ASP A 87 16.60 -10.70 4.87
C ASP A 87 15.29 -11.50 4.94
N VAL A 88 15.40 -12.77 5.32
CA VAL A 88 14.23 -13.63 5.43
C VAL A 88 13.32 -13.19 6.57
N PRO A 89 13.88 -13.13 7.79
CA PRO A 89 13.13 -12.72 8.98
C PRO A 89 12.79 -11.23 8.97
N LEU A 90 13.52 -10.47 8.16
CA LEU A 90 13.30 -9.03 8.05
C LEU A 90 12.04 -8.74 7.25
N VAL A 91 11.95 -9.31 6.05
CA VAL A 91 10.79 -9.11 5.19
C VAL A 91 9.64 -10.02 5.60
N GLY A 92 9.98 -11.21 6.08
CA GLY A 92 8.96 -12.16 6.49
C GLY A 92 7.96 -11.54 7.47
N LYS A 93 8.47 -10.93 8.53
CA LYS A 93 7.63 -10.31 9.55
C LYS A 93 6.84 -9.15 8.95
N TYR A 94 7.46 -8.44 8.01
CA TYR A 94 6.81 -7.31 7.35
C TYR A 94 5.54 -7.75 6.63
N LEU A 95 5.59 -8.94 6.04
CA LEU A 95 4.45 -9.47 5.31
C LEU A 95 3.19 -9.44 6.17
N MET A 96 3.37 -9.54 7.48
CA MET A 96 2.25 -9.51 8.41
C MET A 96 1.59 -8.13 8.44
N PHE A 97 2.42 -7.10 8.45
CA PHE A 97 1.91 -5.72 8.47
C PHE A 97 1.38 -5.31 7.11
N THR A 98 2.21 -5.50 6.07
CA THR A 98 1.83 -5.15 4.71
C THR A 98 0.50 -5.79 4.33
N MET A 99 0.23 -6.96 4.91
CA MET A 99 -1.00 -7.68 4.64
C MET A 99 -2.22 -6.91 5.15
N VAL A 100 -2.01 -6.15 6.23
CA VAL A 100 -3.08 -5.36 6.83
C VAL A 100 -3.32 -4.08 6.05
N LEU A 101 -2.26 -3.56 5.44
CA LEU A 101 -2.35 -2.33 4.66
C LEU A 101 -3.04 -2.58 3.32
N VAL A 102 -2.82 -3.77 2.77
CA VAL A 102 -3.43 -4.13 1.49
C VAL A 102 -4.90 -4.49 1.66
N THR A 103 -5.22 -5.16 2.76
CA THR A 103 -6.59 -5.56 3.05
C THR A 103 -7.45 -4.35 3.43
N PHE A 104 -6.88 -3.47 4.24
CA PHE A 104 -7.59 -2.27 4.68
C PHE A 104 -7.96 -1.39 3.49
N SER A 105 -7.12 -1.40 2.46
CA SER A 105 -7.36 -0.60 1.27
C SER A 105 -8.52 -1.16 0.47
N ILE A 106 -8.69 -2.48 0.50
CA ILE A 106 -9.77 -3.13 -0.22
C ILE A 106 -11.11 -2.90 0.47
N VAL A 107 -11.16 -3.19 1.77
CA VAL A 107 -12.38 -3.02 2.54
C VAL A 107 -12.92 -1.60 2.41
N THR A 108 -12.01 -0.64 2.28
CA THR A 108 -12.40 0.76 2.15
C THR A 108 -13.41 0.95 1.02
N SER A 109 -13.30 0.11 -0.02
CA SER A 109 -14.20 0.19 -1.15
C SER A 109 -15.65 0.20 -0.69
N VAL A 110 -15.93 -0.47 0.42
CA VAL A 110 -17.27 -0.53 0.96
C VAL A 110 -17.87 0.85 1.13
N CYS A 111 -17.01 1.82 1.44
CA CYS A 111 -17.45 3.20 1.63
C CYS A 111 -17.99 3.78 0.33
N VAL A 112 -17.29 3.53 -0.78
CA VAL A 112 -17.70 4.03 -2.08
C VAL A 112 -18.85 3.20 -2.65
N LEU A 113 -18.83 1.90 -2.37
CA LEU A 113 -19.87 1.00 -2.85
C LEU A 113 -21.18 1.23 -2.10
N ASN A 114 -21.06 1.62 -0.83
CA ASN A 114 -22.23 1.88 0.01
C ASN A 114 -23.04 3.04 -0.53
N VAL A 115 -22.36 3.98 -1.19
CA VAL A 115 -23.02 5.16 -1.75
C VAL A 115 -23.19 5.01 -3.25
N HIS A 116 -22.39 4.13 -3.86
CA HIS A 116 -22.47 3.90 -5.30
C HIS A 116 -23.65 2.99 -5.64
N HIS A 117 -23.49 1.70 -5.35
CA HIS A 117 -24.54 0.73 -5.63
C HIS A 117 -24.13 -0.66 -5.14
N ARG A 118 -24.80 -1.14 -4.10
CA ARG A 118 -24.50 -2.45 -3.54
C ARG A 118 -25.45 -2.77 -2.39
N SER A 119 -25.26 -3.94 -1.77
CA SER A 119 -26.10 -4.37 -0.65
C SER A 119 -26.17 -3.28 0.42
N PRO A 120 -27.20 -3.36 1.28
CA PRO A 120 -27.41 -2.40 2.37
C PRO A 120 -26.35 -2.53 3.46
N THR A 121 -25.18 -1.96 3.21
CA THR A 121 -24.09 -2.01 4.17
C THR A 121 -24.14 -0.83 5.13
N THR A 122 -23.18 -0.77 6.04
CA THR A 122 -23.11 0.31 7.02
C THR A 122 -21.67 0.65 7.38
N HIS A 123 -21.33 1.94 7.29
CA HIS A 123 -19.98 2.39 7.60
C HIS A 123 -20.00 3.80 8.19
N THR A 124 -20.55 4.74 7.43
CA THR A 124 -20.63 6.12 7.87
C THR A 124 -21.86 6.81 7.31
N PRO A 125 -22.28 7.91 7.96
CA PRO A 125 -23.45 8.68 7.54
C PRO A 125 -23.23 9.42 6.24
N ARG A 126 -21.97 9.48 5.80
CA ARG A 126 -21.62 10.16 4.56
C ARG A 126 -22.27 9.47 3.36
N GLY A 127 -22.53 10.25 2.31
CA GLY A 127 -23.15 9.69 1.12
C GLY A 127 -23.29 10.73 0.02
N GLY A 128 -24.11 10.41 -0.98
CA GLY A 128 -24.32 11.32 -2.08
C GLY A 128 -24.15 10.65 -3.42
N GLY A 129 -23.46 11.33 -4.34
CA GLY A 129 -23.24 10.77 -5.67
C GLY A 129 -22.31 9.58 -5.64
N GLY A 130 -21.33 9.57 -6.56
CA GLY A 130 -20.39 8.47 -6.62
C GLY A 130 -18.99 8.88 -6.22
N TYR A 131 -18.49 9.95 -6.84
CA TYR A 131 -17.15 10.44 -6.55
C TYR A 131 -17.10 11.10 -5.18
N VAL A 132 -18.24 11.61 -4.72
CA VAL A 132 -18.32 12.26 -3.42
C VAL A 132 -17.85 11.33 -2.31
N ALA A 133 -17.97 10.03 -2.54
CA ALA A 133 -17.55 9.03 -1.56
C ALA A 133 -16.08 9.23 -1.19
N MET A 134 -15.32 9.83 -2.09
CA MET A 134 -13.90 10.08 -1.84
C MET A 134 -13.69 10.80 -0.51
N VAL A 135 -14.67 11.62 -0.13
CA VAL A 135 -14.59 12.36 1.12
C VAL A 135 -14.46 11.42 2.31
N ILE A 136 -15.04 10.23 2.19
CA ILE A 136 -15.00 9.24 3.25
C ILE A 136 -13.61 8.60 3.35
N ASP A 137 -13.08 8.20 2.20
CA ASP A 137 -11.76 7.56 2.16
C ASP A 137 -10.67 8.58 2.46
N ARG A 138 -10.92 9.85 2.13
CA ARG A 138 -9.96 10.91 2.36
C ARG A 138 -9.57 10.97 3.83
N LEU A 139 -10.46 10.50 4.70
CA LEU A 139 -10.22 10.50 6.14
C LEU A 139 -9.15 9.48 6.51
N PHE A 140 -9.34 8.25 6.04
CA PHE A 140 -8.40 7.18 6.33
C PHE A 140 -7.12 7.35 5.52
N LEU A 141 -7.23 8.00 4.37
CA LEU A 141 -6.10 8.22 3.49
C LEU A 141 -4.94 8.85 4.26
N TRP A 142 -5.27 9.75 5.19
CA TRP A 142 -4.27 10.41 6.00
C TRP A 142 -3.33 9.41 6.65
N ILE A 143 -3.90 8.42 7.34
CA ILE A 143 -3.12 7.40 8.01
C ILE A 143 -2.59 6.38 7.02
N PHE A 144 -3.42 6.05 6.02
CA PHE A 144 -3.03 5.07 5.00
C PHE A 144 -1.73 5.49 4.32
N VAL A 145 -1.72 6.68 3.75
CA VAL A 145 -0.54 7.20 3.06
C VAL A 145 0.66 7.22 3.99
N PHE A 146 0.43 7.49 5.27
CA PHE A 146 1.49 7.54 6.25
C PHE A 146 2.07 6.15 6.50
N VAL A 147 1.21 5.14 6.43
CA VAL A 147 1.63 3.76 6.65
C VAL A 147 2.76 3.37 5.69
N CYS A 148 2.64 3.81 4.44
CA CYS A 148 3.64 3.50 3.43
C CYS A 148 5.03 3.90 3.92
N VAL A 149 5.14 5.11 4.44
CA VAL A 149 6.42 5.61 4.94
C VAL A 149 6.77 4.99 6.28
N PHE A 150 5.75 4.77 7.12
CA PHE A 150 5.95 4.19 8.43
C PHE A 150 6.62 2.82 8.32
N GLY A 151 6.42 2.16 7.18
CA GLY A 151 7.01 0.85 6.96
C GLY A 151 8.47 0.93 6.53
N THR A 152 8.71 1.60 5.41
CA THR A 152 10.06 1.75 4.89
C THR A 152 10.99 2.36 5.93
N ILE A 153 10.49 3.37 6.65
CA ILE A 153 11.27 4.04 7.68
C ILE A 153 11.64 3.08 8.80
N GLY A 154 10.82 2.04 8.98
CA GLY A 154 11.08 1.07 10.02
C GLY A 154 12.49 0.51 9.96
N MET A 155 12.89 0.07 8.78
CA MET A 155 14.23 -0.49 8.58
C MET A 155 15.29 0.61 8.66
N PHE A 156 14.92 1.81 8.23
CA PHE A 156 15.85 2.94 8.24
C PHE A 156 16.17 3.36 9.68
N LEU A 157 15.30 2.97 10.60
CA LEU A 157 15.49 3.31 12.01
C LEU A 157 16.59 2.47 12.64
N GLN A 158 16.78 1.26 12.10
CA GLN A 158 17.79 0.35 12.61
C GLN A 158 19.16 1.03 12.63
N PRO A 159 19.63 1.45 11.45
CA PRO A 159 20.93 2.13 11.32
C PRO A 159 20.93 3.52 11.93
N LEU A 160 19.74 4.10 12.07
CA LEU A 160 19.59 5.43 12.64
C LEU A 160 20.24 5.50 14.02
N PHE A 161 20.33 4.35 14.69
CA PHE A 161 20.94 4.29 16.02
C PHE A 161 22.32 4.94 16.02
N GLN A 162 23.00 4.86 14.89
CA GLN A 162 24.33 5.45 14.76
C GLN A 162 25.32 4.75 15.69
N ASN A 163 26.17 3.90 15.13
CA ASN A 163 27.16 3.18 15.91
C ASN A 163 28.57 3.58 15.52
N TYR A 164 28.71 4.81 15.02
CA TYR A 164 30.01 5.32 14.61
C TYR A 164 30.69 4.36 13.63
N ARG A 25 27.60 -3.81 -0.96
CA ARG A 25 26.89 -5.02 -0.57
C ARG A 25 26.52 -4.98 0.91
N ARG A 26 27.37 -4.34 1.72
CA ARG A 26 27.13 -4.23 3.15
C ARG A 26 25.93 -3.33 3.43
N LYS A 27 26.02 -2.08 3.01
CA LYS A 27 24.94 -1.12 3.22
C LYS A 27 24.43 -0.58 1.89
N PRO A 28 23.78 -1.44 1.10
CA PRO A 28 23.22 -1.08 -0.21
C PRO A 28 22.03 -0.14 -0.08
N LEU A 29 22.30 1.14 0.16
CA LEU A 29 21.24 2.13 0.30
C LEU A 29 20.61 2.43 -1.05
N PHE A 30 21.39 2.32 -2.12
CA PHE A 30 20.90 2.58 -3.46
C PHE A 30 20.09 1.39 -3.98
N TYR A 31 20.47 0.20 -3.56
CA TYR A 31 19.79 -1.02 -3.98
C TYR A 31 18.43 -1.15 -3.30
N THR A 32 18.40 -0.89 -2.00
CA THR A 32 17.16 -0.97 -1.23
C THR A 32 16.12 0.00 -1.76
N ILE A 33 16.57 1.21 -2.13
CA ILE A 33 15.67 2.22 -2.65
C ILE A 33 15.26 1.91 -4.08
N ASN A 34 16.14 1.23 -4.82
CA ASN A 34 15.87 0.86 -6.20
C ASN A 34 14.56 0.08 -6.30
N LEU A 35 14.21 -0.62 -5.23
CA LEU A 35 12.98 -1.41 -5.21
C LEU A 35 11.80 -0.59 -4.68
N ILE A 36 12.12 0.51 -3.99
CA ILE A 36 11.09 1.37 -3.44
C ILE A 36 10.48 2.25 -4.52
N ILE A 37 11.30 2.66 -5.49
CA ILE A 37 10.84 3.50 -6.59
C ILE A 37 9.66 2.85 -7.31
N PRO A 38 9.88 1.63 -7.81
CA PRO A 38 8.85 0.88 -8.54
C PRO A 38 7.71 0.42 -7.63
N CYS A 39 8.00 0.36 -6.33
CA CYS A 39 7.01 -0.08 -5.35
C CYS A 39 5.99 1.03 -5.09
N VAL A 40 6.48 2.26 -4.93
CA VAL A 40 5.60 3.41 -4.68
C VAL A 40 5.00 3.93 -5.97
N LEU A 41 5.72 3.75 -7.07
CA LEU A 41 5.26 4.21 -8.37
C LEU A 41 3.84 3.73 -8.65
N ILE A 42 3.53 2.53 -8.16
CA ILE A 42 2.20 1.95 -8.35
C ILE A 42 1.12 2.86 -7.76
N THR A 43 1.44 3.53 -6.66
CA THR A 43 0.49 4.42 -6.01
C THR A 43 0.17 5.62 -6.89
N SER A 44 1.18 6.10 -7.61
CA SER A 44 1.00 7.25 -8.50
C SER A 44 -0.16 7.01 -9.47
N LEU A 45 -0.11 5.89 -10.17
CA LEU A 45 -1.15 5.54 -11.13
C LEU A 45 -2.46 5.22 -10.42
N ALA A 46 -2.37 4.51 -9.30
CA ALA A 46 -3.54 4.15 -8.52
C ALA A 46 -4.34 5.39 -8.12
N ILE A 47 -3.66 6.35 -7.53
CA ILE A 47 -4.30 7.59 -7.09
C ILE A 47 -4.85 8.37 -8.28
N LEU A 48 -4.16 8.26 -9.41
CA LEU A 48 -4.59 8.96 -10.62
C LEU A 48 -6.05 8.69 -10.93
N VAL A 49 -6.49 7.46 -10.68
CA VAL A 49 -7.88 7.07 -10.93
C VAL A 49 -8.67 7.03 -9.63
N PHE A 50 -8.02 6.59 -8.56
CA PHE A 50 -8.67 6.50 -7.26
C PHE A 50 -8.98 7.89 -6.71
N TYR A 51 -7.95 8.67 -6.47
CA TYR A 51 -8.10 10.03 -5.94
C TYR A 51 -9.02 10.85 -6.84
N LEU A 52 -9.09 10.48 -8.11
CA LEU A 52 -9.93 11.18 -9.07
C LEU A 52 -11.40 10.80 -8.90
N PRO A 53 -12.30 11.64 -9.42
CA PRO A 53 -13.74 11.40 -9.34
C PRO A 53 -14.18 10.23 -10.20
N SER A 54 -13.97 9.02 -9.72
CA SER A 54 -14.35 7.82 -10.45
C SER A 54 -14.32 6.59 -9.54
N ASP A 55 -15.15 5.60 -9.86
CA ASP A 55 -15.22 4.37 -9.08
C ASP A 55 -15.86 3.25 -9.87
N CYS A 56 -15.76 3.34 -11.20
CA CYS A 56 -16.34 2.34 -12.08
C CYS A 56 -15.63 0.99 -11.90
N GLY A 57 -15.94 0.05 -12.79
CA GLY A 57 -15.33 -1.26 -12.71
C GLY A 57 -13.81 -1.21 -12.68
N GLU A 58 -13.24 -0.36 -13.54
CA GLU A 58 -11.79 -0.21 -13.60
C GLU A 58 -11.21 0.09 -12.22
N LYS A 59 -11.90 0.94 -11.46
CA LYS A 59 -11.45 1.31 -10.13
C LYS A 59 -11.35 0.08 -9.23
N MET A 60 -12.37 -0.78 -9.29
CA MET A 60 -12.39 -1.99 -8.48
C MET A 60 -11.25 -2.93 -8.88
N THR A 61 -11.15 -3.22 -10.18
CA THR A 61 -10.12 -4.10 -10.69
C THR A 61 -8.74 -3.63 -10.26
N LEU A 62 -8.56 -2.32 -10.17
CA LEU A 62 -7.28 -1.74 -9.77
C LEU A 62 -6.95 -2.10 -8.32
N CYS A 63 -7.92 -1.86 -7.44
CA CYS A 63 -7.74 -2.16 -6.02
C CYS A 63 -7.31 -3.61 -5.82
N ILE A 64 -8.07 -4.52 -6.40
CA ILE A 64 -7.77 -5.95 -6.28
C ILE A 64 -6.47 -6.30 -7.00
N SER A 65 -6.21 -5.62 -8.12
CA SER A 65 -5.00 -5.86 -8.90
C SER A 65 -3.76 -5.58 -8.06
N VAL A 66 -3.89 -4.71 -7.07
CA VAL A 66 -2.78 -4.37 -6.20
C VAL A 66 -2.21 -5.60 -5.51
N LEU A 67 -3.09 -6.52 -5.12
CA LEU A 67 -2.67 -7.74 -4.45
C LEU A 67 -1.60 -8.47 -5.27
N LEU A 68 -1.65 -8.29 -6.58
CA LEU A 68 -0.69 -8.92 -7.48
C LEU A 68 0.70 -8.32 -7.29
N ALA A 69 0.75 -7.01 -7.11
CA ALA A 69 2.03 -6.32 -6.91
C ALA A 69 2.69 -6.73 -5.61
N LEU A 70 1.86 -7.08 -4.62
CA LEU A 70 2.36 -7.51 -3.32
C LEU A 70 3.17 -8.80 -3.43
N THR A 71 2.54 -9.82 -4.00
CA THR A 71 3.19 -11.12 -4.17
C THR A 71 4.42 -11.00 -5.07
N VAL A 72 4.31 -10.17 -6.10
CA VAL A 72 5.41 -9.96 -7.04
C VAL A 72 6.54 -9.18 -6.39
N PHE A 73 6.19 -8.27 -5.48
CA PHE A 73 7.18 -7.45 -4.79
C PHE A 73 8.15 -8.32 -3.99
N LEU A 74 7.66 -9.47 -3.54
CA LEU A 74 8.49 -10.39 -2.77
C LEU A 74 9.50 -11.09 -3.66
N LEU A 75 9.05 -11.55 -4.82
CA LEU A 75 9.92 -12.23 -5.77
C LEU A 75 10.86 -11.26 -6.45
N LEU A 76 10.39 -10.03 -6.66
CA LEU A 76 11.19 -9.00 -7.30
C LEU A 76 12.34 -8.57 -6.40
N ILE A 77 12.00 -8.15 -5.19
CA ILE A 77 13.01 -7.71 -4.23
C ILE A 77 14.05 -8.81 -3.98
N SER A 78 13.66 -10.05 -4.23
CA SER A 78 14.56 -11.19 -4.03
C SER A 78 15.67 -11.19 -5.07
N LYS A 79 15.50 -10.39 -6.12
CA LYS A 79 16.49 -10.29 -7.19
C LYS A 79 17.81 -9.75 -6.65
N ILE A 80 17.77 -9.15 -5.46
CA ILE A 80 18.96 -8.59 -4.84
C ILE A 80 20.09 -9.62 -4.81
N VAL A 81 19.73 -10.90 -4.71
CA VAL A 81 20.71 -11.97 -4.68
C VAL A 81 21.70 -11.77 -3.54
N PRO A 82 21.30 -12.15 -2.32
CA PRO A 82 22.14 -12.02 -1.13
C PRO A 82 23.31 -12.99 -1.15
N PRO A 83 24.28 -12.76 -0.24
CA PRO A 83 25.47 -13.61 -0.13
C PRO A 83 25.14 -15.00 0.42
N THR A 84 24.40 -15.03 1.52
CA THR A 84 24.02 -16.29 2.15
C THR A 84 22.55 -16.28 2.55
N SER A 85 21.77 -15.42 1.90
CA SER A 85 20.35 -15.32 2.20
C SER A 85 20.11 -15.12 3.69
N LEU A 86 20.84 -14.18 4.28
CA LEU A 86 20.71 -13.89 5.70
C LEU A 86 19.77 -12.72 5.94
N ASP A 87 18.86 -12.51 4.99
CA ASP A 87 17.89 -11.42 5.10
C ASP A 87 16.48 -11.98 5.31
N VAL A 88 16.40 -13.18 5.88
CA VAL A 88 15.11 -13.81 6.14
C VAL A 88 14.32 -13.05 7.19
N PRO A 89 14.92 -12.90 8.39
CA PRO A 89 14.29 -12.20 9.50
C PRO A 89 14.19 -10.69 9.25
N LEU A 90 15.01 -10.19 8.34
CA LEU A 90 15.01 -8.77 8.02
C LEU A 90 13.79 -8.41 7.17
N VAL A 91 13.59 -9.14 6.08
CA VAL A 91 12.46 -8.89 5.19
C VAL A 91 11.17 -9.52 5.75
N GLY A 92 11.33 -10.69 6.38
CA GLY A 92 10.17 -11.37 6.94
C GLY A 92 9.36 -10.48 7.86
N LYS A 93 10.06 -9.68 8.66
CA LYS A 93 9.39 -8.77 9.59
C LYS A 93 8.64 -7.67 8.85
N TYR A 94 9.09 -7.38 7.62
CA TYR A 94 8.46 -6.36 6.81
C TYR A 94 7.16 -6.88 6.18
N LEU A 95 7.21 -8.09 5.65
CA LEU A 95 6.05 -8.70 5.03
C LEU A 95 4.86 -8.72 5.99
N MET A 96 5.15 -8.81 7.28
CA MET A 96 4.11 -8.83 8.30
C MET A 96 3.39 -7.50 8.38
N PHE A 97 4.16 -6.41 8.34
CA PHE A 97 3.60 -5.07 8.40
C PHE A 97 2.94 -4.68 7.07
N THR A 98 3.70 -4.84 5.99
CA THR A 98 3.20 -4.50 4.66
C THR A 98 1.87 -5.20 4.38
N MET A 99 1.68 -6.37 4.98
CA MET A 99 0.46 -7.15 4.80
C MET A 99 -0.73 -6.43 5.42
N VAL A 100 -0.47 -5.66 6.48
CA VAL A 100 -1.53 -4.92 7.15
C VAL A 100 -1.87 -3.64 6.39
N LEU A 101 -0.89 -3.08 5.70
CA LEU A 101 -1.08 -1.86 4.93
C LEU A 101 -1.86 -2.14 3.65
N VAL A 102 -1.64 -3.32 3.08
CA VAL A 102 -2.32 -3.71 1.86
C VAL A 102 -3.77 -4.12 2.13
N THR A 103 -3.97 -4.81 3.26
CA THR A 103 -5.30 -5.26 3.65
C THR A 103 -6.17 -4.09 4.10
N PHE A 104 -5.57 -3.16 4.84
CA PHE A 104 -6.29 -2.00 5.34
C PHE A 104 -6.75 -1.11 4.18
N SER A 105 -5.97 -1.10 3.11
CA SER A 105 -6.29 -0.28 1.94
C SER A 105 -7.47 -0.88 1.18
N ILE A 106 -7.53 -2.21 1.15
CA ILE A 106 -8.60 -2.91 0.45
C ILE A 106 -9.92 -2.78 1.20
N VAL A 107 -9.90 -3.10 2.49
CA VAL A 107 -11.09 -3.03 3.32
C VAL A 107 -11.72 -1.64 3.25
N THR A 108 -10.88 -0.61 3.16
CA THR A 108 -11.36 0.76 3.08
C THR A 108 -12.39 0.92 1.96
N SER A 109 -12.23 0.14 0.90
CA SER A 109 -13.13 0.20 -0.24
C SER A 109 -14.58 0.10 0.23
N VAL A 110 -14.80 -0.63 1.32
CA VAL A 110 -16.15 -0.81 1.87
C VAL A 110 -16.83 0.53 2.08
N CYS A 111 -16.04 1.55 2.41
CA CYS A 111 -16.58 2.89 2.64
C CYS A 111 -17.15 3.48 1.36
N VAL A 112 -16.43 3.30 0.26
CA VAL A 112 -16.86 3.81 -1.04
C VAL A 112 -17.96 2.94 -1.64
N LEU A 113 -17.86 1.63 -1.41
CA LEU A 113 -18.84 0.69 -1.92
C LEU A 113 -20.16 0.80 -1.17
N ASN A 114 -20.07 1.14 0.11
CA ASN A 114 -21.27 1.28 0.95
C ASN A 114 -22.18 2.36 0.39
N VAL A 115 -21.59 3.38 -0.24
CA VAL A 115 -22.36 4.47 -0.82
C VAL A 115 -22.48 4.31 -2.33
N HIS A 116 -21.54 3.59 -2.93
CA HIS A 116 -21.55 3.35 -4.37
C HIS A 116 -22.59 2.30 -4.75
N HIS A 117 -22.91 1.42 -3.81
CA HIS A 117 -23.88 0.36 -4.04
C HIS A 117 -24.17 -0.40 -2.75
N ARG A 118 -24.89 -1.52 -2.88
CA ARG A 118 -25.24 -2.34 -1.73
C ARG A 118 -26.00 -1.52 -0.69
N SER A 119 -26.25 -2.14 0.47
CA SER A 119 -26.97 -1.47 1.54
C SER A 119 -26.06 -1.24 2.74
N PRO A 120 -26.45 -0.31 3.62
CA PRO A 120 -25.68 0.02 4.82
C PRO A 120 -25.71 -1.09 5.85
N THR A 121 -24.52 -1.54 6.28
CA THR A 121 -24.42 -2.61 7.26
C THR A 121 -23.59 -2.16 8.46
N THR A 122 -22.28 -2.07 8.26
CA THR A 122 -21.37 -1.65 9.32
C THR A 122 -21.13 -0.14 9.29
N HIS A 123 -20.92 0.38 8.09
CA HIS A 123 -20.68 1.82 7.91
C HIS A 123 -21.99 2.57 7.68
N THR A 124 -21.88 3.83 7.31
CA THR A 124 -23.04 4.67 7.05
C THR A 124 -23.07 5.16 5.61
N PRO A 125 -24.28 5.32 5.05
CA PRO A 125 -24.47 5.79 3.68
C PRO A 125 -24.08 7.26 3.51
N ARG A 126 -24.34 7.80 2.33
CA ARG A 126 -24.03 9.20 2.04
C ARG A 126 -24.78 9.68 0.80
N GLY A 127 -25.61 10.70 0.99
CA GLY A 127 -26.37 11.25 -0.13
C GLY A 127 -25.49 11.62 -1.30
N GLY A 128 -25.48 10.77 -2.33
CA GLY A 128 -24.67 11.04 -3.50
C GLY A 128 -24.87 10.01 -4.59
N GLY A 129 -23.86 9.17 -4.81
CA GLY A 129 -23.95 8.14 -5.83
C GLY A 129 -22.84 7.10 -5.71
N GLY A 130 -21.65 7.56 -5.34
CA GLY A 130 -20.53 6.66 -5.20
C GLY A 130 -19.20 7.39 -5.07
N TYR A 131 -19.11 8.55 -5.70
CA TYR A 131 -17.89 9.35 -5.66
C TYR A 131 -17.88 10.25 -4.43
N VAL A 132 -19.05 10.60 -3.93
CA VAL A 132 -19.18 11.46 -2.76
C VAL A 132 -18.38 10.88 -1.58
N ALA A 133 -18.21 9.57 -1.58
CA ALA A 133 -17.48 8.90 -0.52
C ALA A 133 -16.08 9.48 -0.36
N MET A 134 -15.57 10.06 -1.44
CA MET A 134 -14.24 10.66 -1.42
C MET A 134 -14.11 11.66 -0.28
N VAL A 135 -15.22 12.31 0.06
CA VAL A 135 -15.24 13.29 1.13
C VAL A 135 -14.74 12.69 2.44
N ILE A 136 -15.41 11.65 2.90
CA ILE A 136 -15.03 10.98 4.14
C ILE A 136 -13.79 10.14 3.95
N ASP A 137 -13.66 9.51 2.80
CA ASP A 137 -12.52 8.67 2.48
C ASP A 137 -11.23 9.49 2.51
N ARG A 138 -11.34 10.77 2.16
CA ARG A 138 -10.20 11.67 2.14
C ARG A 138 -9.44 11.63 3.47
N LEU A 139 -10.17 11.34 4.54
CA LEU A 139 -9.58 11.28 5.87
C LEU A 139 -8.61 10.10 5.97
N PHE A 140 -9.06 8.93 5.53
CA PHE A 140 -8.23 7.73 5.57
C PHE A 140 -7.15 7.78 4.50
N LEU A 141 -7.51 8.24 3.31
CA LEU A 141 -6.58 8.34 2.21
C LEU A 141 -5.32 9.10 2.63
N TRP A 142 -5.49 10.07 3.52
CA TRP A 142 -4.38 10.87 4.01
C TRP A 142 -3.34 9.98 4.71
N ILE A 143 -3.81 9.19 5.68
CA ILE A 143 -2.93 8.31 6.43
C ILE A 143 -2.44 7.16 5.56
N PHE A 144 -3.29 6.73 4.62
CA PHE A 144 -2.94 5.62 3.73
C PHE A 144 -1.65 5.92 2.98
N VAL A 145 -1.49 7.16 2.54
CA VAL A 145 -0.30 7.58 1.81
C VAL A 145 0.90 7.70 2.74
N PHE A 146 0.69 8.32 3.90
CA PHE A 146 1.76 8.51 4.87
C PHE A 146 2.43 7.18 5.20
N VAL A 147 1.63 6.13 5.31
CA VAL A 147 2.15 4.80 5.62
C VAL A 147 3.23 4.39 4.62
N CYS A 148 3.07 4.82 3.37
CA CYS A 148 4.03 4.51 2.33
C CYS A 148 5.45 4.86 2.76
N VAL A 149 5.63 6.10 3.21
CA VAL A 149 6.94 6.56 3.66
C VAL A 149 7.29 6.00 5.03
N PHE A 150 6.26 5.83 5.87
CA PHE A 150 6.46 5.31 7.22
C PHE A 150 7.25 3.99 7.17
N GLY A 151 6.93 3.15 6.19
CA GLY A 151 7.61 1.88 6.06
C GLY A 151 8.96 2.00 5.38
N THR A 152 8.99 2.78 4.29
CA THR A 152 10.23 2.98 3.54
C THR A 152 11.37 3.43 4.46
N ILE A 153 11.12 4.48 5.24
CA ILE A 153 12.12 4.99 6.16
C ILE A 153 12.23 4.11 7.40
N GLY A 154 11.16 3.39 7.71
CA GLY A 154 11.17 2.52 8.86
C GLY A 154 12.33 1.54 8.85
N MET A 155 12.50 0.85 7.72
CA MET A 155 13.58 -0.12 7.60
C MET A 155 14.94 0.56 7.69
N PHE A 156 15.00 1.81 7.23
CA PHE A 156 16.26 2.57 7.25
C PHE A 156 16.54 3.09 8.67
N LEU A 157 15.48 3.22 9.46
CA LEU A 157 15.61 3.70 10.83
C LEU A 157 16.12 2.60 11.75
N GLN A 158 15.84 1.36 11.39
CA GLN A 158 16.27 0.21 12.18
C GLN A 158 17.76 0.28 12.47
N PRO A 159 18.57 0.32 11.41
CA PRO A 159 20.03 0.38 11.53
C PRO A 159 20.51 1.73 12.06
N LEU A 160 19.64 2.73 12.00
CA LEU A 160 19.96 4.07 12.47
C LEU A 160 19.76 4.18 13.98
N PHE A 161 18.86 3.36 14.51
CA PHE A 161 18.56 3.36 15.93
C PHE A 161 19.84 3.19 16.75
N GLN A 162 20.39 1.98 16.73
CA GLN A 162 21.62 1.68 17.47
C GLN A 162 21.39 1.84 18.96
N ASN A 163 21.27 0.71 19.66
CA ASN A 163 21.05 0.72 21.10
C ASN A 163 22.34 1.05 21.84
N TYR A 164 22.68 2.33 21.90
CA TYR A 164 23.89 2.78 22.57
C TYR A 164 23.95 2.23 23.99
N ARG A 25 28.79 -1.47 -6.01
CA ARG A 25 30.00 -1.59 -5.20
C ARG A 25 29.69 -1.44 -3.71
N ARG A 26 29.19 -0.26 -3.34
CA ARG A 26 28.86 0.01 -1.95
C ARG A 26 27.66 0.97 -1.86
N LYS A 27 27.42 1.49 -0.67
CA LYS A 27 26.30 2.41 -0.45
C LYS A 27 24.99 1.78 -0.89
N PRO A 28 24.49 0.82 -0.09
CA PRO A 28 23.22 0.13 -0.37
C PRO A 28 22.02 1.04 -0.21
N LEU A 29 22.23 2.20 0.38
CA LEU A 29 21.16 3.16 0.61
C LEU A 29 20.40 3.44 -0.69
N PHE A 30 21.11 3.36 -1.81
CA PHE A 30 20.50 3.60 -3.12
C PHE A 30 19.72 2.38 -3.58
N TYR A 31 20.20 1.20 -3.22
CA TYR A 31 19.54 -0.05 -3.60
C TYR A 31 18.25 -0.24 -2.82
N THR A 32 18.31 -0.03 -1.52
CA THR A 32 17.14 -0.18 -0.66
C THR A 32 16.02 0.76 -1.09
N ILE A 33 16.38 1.98 -1.46
CA ILE A 33 15.41 2.97 -1.90
C ILE A 33 14.90 2.67 -3.30
N ASN A 34 15.76 2.04 -4.10
CA ASN A 34 15.40 1.69 -5.48
C ASN A 34 14.12 0.85 -5.51
N LEU A 35 13.87 0.12 -4.43
CA LEU A 35 12.69 -0.72 -4.33
C LEU A 35 11.53 0.03 -3.71
N ILE A 36 11.84 1.12 -3.01
CA ILE A 36 10.82 1.94 -2.37
C ILE A 36 10.09 2.81 -3.39
N ILE A 37 10.82 3.27 -4.41
CA ILE A 37 10.24 4.11 -5.44
C ILE A 37 9.04 3.42 -6.09
N PRO A 38 9.27 2.22 -6.64
CA PRO A 38 8.22 1.44 -7.31
C PRO A 38 7.19 0.91 -6.32
N CYS A 39 7.59 0.80 -5.05
CA CYS A 39 6.70 0.30 -4.02
C CYS A 39 5.68 1.37 -3.61
N VAL A 40 6.18 2.58 -3.39
CA VAL A 40 5.31 3.69 -3.00
C VAL A 40 4.62 4.31 -4.21
N LEU A 41 5.27 4.22 -5.37
CA LEU A 41 4.73 4.77 -6.60
C LEU A 41 3.29 4.29 -6.82
N ILE A 42 3.02 3.06 -6.40
CA ILE A 42 1.69 2.49 -6.55
C ILE A 42 0.64 3.33 -5.84
N THR A 43 1.03 3.92 -4.71
CA THR A 43 0.12 4.76 -3.94
C THR A 43 -0.26 6.01 -4.71
N SER A 44 0.71 6.58 -5.41
CA SER A 44 0.48 7.79 -6.19
C SER A 44 -0.72 7.62 -7.13
N LEU A 45 -0.69 6.56 -7.93
CA LEU A 45 -1.78 6.28 -8.86
C LEU A 45 -3.06 5.90 -8.12
N ALA A 46 -2.90 5.12 -7.05
CA ALA A 46 -4.03 4.69 -6.25
C ALA A 46 -4.82 5.88 -5.73
N ILE A 47 -4.12 6.84 -5.12
CA ILE A 47 -4.75 8.03 -4.59
C ILE A 47 -5.38 8.87 -5.69
N LEU A 48 -4.75 8.85 -6.86
CA LEU A 48 -5.26 9.61 -8.00
C LEU A 48 -6.71 9.28 -8.28
N VAL A 49 -7.09 8.03 -8.06
CA VAL A 49 -8.46 7.59 -8.29
C VAL A 49 -9.23 7.48 -6.97
N PHE A 50 -8.53 7.05 -5.93
CA PHE A 50 -9.15 6.90 -4.61
C PHE A 50 -9.46 8.26 -3.99
N TYR A 51 -8.40 9.02 -3.71
CA TYR A 51 -8.56 10.34 -3.11
C TYR A 51 -9.18 11.32 -4.11
N LEU A 52 -8.48 11.56 -5.21
CA LEU A 52 -8.96 12.47 -6.25
C LEU A 52 -10.25 11.94 -6.87
N PRO A 53 -11.00 12.86 -7.52
CA PRO A 53 -12.26 12.52 -8.17
C PRO A 53 -12.06 11.66 -9.42
N SER A 54 -13.12 11.49 -10.20
CA SER A 54 -13.06 10.70 -11.41
C SER A 54 -12.79 9.24 -11.09
N ASP A 55 -13.21 8.35 -11.99
CA ASP A 55 -13.00 6.92 -11.80
C ASP A 55 -13.55 6.46 -10.45
N CYS A 56 -14.83 6.11 -10.42
CA CYS A 56 -15.46 5.66 -9.18
C CYS A 56 -15.30 4.15 -9.00
N GLY A 57 -15.99 3.39 -9.84
CA GLY A 57 -15.92 1.95 -9.76
C GLY A 57 -14.49 1.43 -9.86
N GLU A 58 -13.67 2.14 -10.61
CA GLU A 58 -12.27 1.75 -10.79
C GLU A 58 -11.59 1.53 -9.45
N LYS A 59 -11.98 2.32 -8.46
CA LYS A 59 -11.42 2.21 -7.11
C LYS A 59 -11.51 0.78 -6.60
N MET A 60 -12.70 0.20 -6.71
CA MET A 60 -12.92 -1.17 -6.26
C MET A 60 -11.98 -2.15 -6.96
N THR A 61 -11.94 -2.08 -8.29
CA THR A 61 -11.08 -2.94 -9.08
C THR A 61 -9.61 -2.71 -8.75
N LEU A 62 -9.29 -1.49 -8.33
CA LEU A 62 -7.92 -1.13 -7.98
C LEU A 62 -7.54 -1.71 -6.62
N CYS A 63 -8.39 -1.47 -5.62
CA CYS A 63 -8.13 -1.97 -4.27
C CYS A 63 -7.87 -3.47 -4.28
N ILE A 64 -8.66 -4.19 -5.08
CA ILE A 64 -8.53 -5.64 -5.18
C ILE A 64 -7.29 -6.02 -5.98
N SER A 65 -6.96 -5.21 -6.98
CA SER A 65 -5.81 -5.45 -7.83
C SER A 65 -4.51 -5.23 -7.05
N VAL A 66 -4.58 -4.39 -6.03
CA VAL A 66 -3.42 -4.09 -5.20
C VAL A 66 -2.85 -5.35 -4.58
N LEU A 67 -3.72 -6.30 -4.25
CA LEU A 67 -3.30 -7.56 -3.65
C LEU A 67 -2.23 -8.23 -4.49
N LEU A 68 -2.26 -7.99 -5.80
CA LEU A 68 -1.29 -8.56 -6.72
C LEU A 68 0.10 -7.96 -6.49
N ALA A 69 0.13 -6.66 -6.23
CA ALA A 69 1.39 -5.97 -6.00
C ALA A 69 2.05 -6.44 -4.71
N LEU A 70 1.23 -6.86 -3.75
CA LEU A 70 1.74 -7.34 -2.47
C LEU A 70 2.54 -8.62 -2.64
N THR A 71 1.92 -9.62 -3.27
CA THR A 71 2.57 -10.90 -3.50
C THR A 71 3.81 -10.73 -4.38
N VAL A 72 3.71 -9.85 -5.37
CA VAL A 72 4.82 -9.60 -6.29
C VAL A 72 5.94 -8.83 -5.59
N PHE A 73 5.57 -7.97 -4.64
CA PHE A 73 6.53 -7.17 -3.91
C PHE A 73 7.63 -8.06 -3.31
N LEU A 74 7.27 -9.30 -3.00
CA LEU A 74 8.21 -10.25 -2.42
C LEU A 74 9.18 -10.76 -3.48
N LEU A 75 8.67 -11.04 -4.68
CA LEU A 75 9.49 -11.52 -5.78
C LEU A 75 10.36 -10.40 -6.34
N LEU A 76 9.82 -9.19 -6.35
CA LEU A 76 10.54 -8.03 -6.86
C LEU A 76 11.70 -7.66 -5.94
N ILE A 77 11.40 -7.45 -4.67
CA ILE A 77 12.41 -7.09 -3.69
C ILE A 77 13.52 -8.13 -3.65
N SER A 78 13.20 -9.36 -4.05
CA SER A 78 14.17 -10.44 -4.05
C SER A 78 15.24 -10.21 -5.10
N LYS A 79 14.98 -9.27 -6.01
CA LYS A 79 15.93 -8.94 -7.07
C LYS A 79 17.26 -8.48 -6.49
N ILE A 80 17.22 -8.03 -5.23
CA ILE A 80 18.42 -7.56 -4.55
C ILE A 80 19.55 -8.58 -4.66
N VAL A 81 19.18 -9.85 -4.75
CA VAL A 81 20.16 -10.93 -4.85
C VAL A 81 21.07 -10.96 -3.64
N PRO A 82 20.56 -11.50 -2.52
CA PRO A 82 21.31 -11.61 -1.27
C PRO A 82 22.44 -12.63 -1.36
N PRO A 83 23.34 -12.60 -0.35
CA PRO A 83 24.48 -13.53 -0.30
C PRO A 83 24.06 -14.97 -0.02
N THR A 84 23.22 -15.14 1.00
CA THR A 84 22.73 -16.47 1.37
C THR A 84 21.22 -16.47 1.55
N SER A 85 20.58 -15.38 1.15
CA SER A 85 19.13 -15.26 1.26
C SER A 85 18.68 -15.58 2.69
N LEU A 86 19.28 -14.90 3.66
CA LEU A 86 18.94 -15.12 5.06
C LEU A 86 17.93 -14.09 5.54
N ASP A 87 17.15 -13.55 4.61
CA ASP A 87 16.15 -12.55 4.93
C ASP A 87 14.74 -13.16 4.91
N VAL A 88 14.67 -14.47 5.11
CA VAL A 88 13.40 -15.18 5.11
C VAL A 88 12.55 -14.77 6.31
N PRO A 89 13.11 -14.98 7.52
CA PRO A 89 12.42 -14.65 8.77
C PRO A 89 12.29 -13.13 8.97
N LEU A 90 13.13 -12.38 8.28
CA LEU A 90 13.10 -10.92 8.38
C LEU A 90 11.89 -10.34 7.65
N VAL A 91 11.74 -10.72 6.38
CA VAL A 91 10.62 -10.24 5.57
C VAL A 91 9.36 -11.03 5.86
N GLY A 92 9.52 -12.31 6.18
CA GLY A 92 8.38 -13.16 6.47
C GLY A 92 7.47 -12.56 7.52
N LYS A 93 8.04 -12.17 8.66
CA LYS A 93 7.27 -11.57 9.74
C LYS A 93 6.64 -10.26 9.29
N TYR A 94 7.36 -9.51 8.46
CA TYR A 94 6.87 -8.23 7.96
C TYR A 94 5.57 -8.41 7.17
N LEU A 95 5.49 -9.50 6.44
CA LEU A 95 4.30 -9.79 5.64
C LEU A 95 3.04 -9.70 6.48
N MET A 96 3.17 -10.00 7.77
CA MET A 96 2.04 -9.94 8.70
C MET A 96 1.59 -8.51 8.92
N PHE A 97 2.55 -7.62 9.11
CA PHE A 97 2.26 -6.20 9.34
C PHE A 97 1.85 -5.52 8.04
N THR A 98 2.67 -5.68 7.01
CA THR A 98 2.39 -5.08 5.71
C THR A 98 0.98 -5.44 5.22
N MET A 99 0.51 -6.60 5.63
CA MET A 99 -0.82 -7.06 5.23
C MET A 99 -1.90 -6.18 5.86
N VAL A 100 -1.62 -5.63 7.03
CA VAL A 100 -2.56 -4.77 7.72
C VAL A 100 -2.55 -3.36 7.14
N LEU A 101 -1.41 -2.95 6.63
CA LEU A 101 -1.26 -1.62 6.03
C LEU A 101 -1.92 -1.55 4.66
N VAL A 102 -1.89 -2.67 3.95
CA VAL A 102 -2.50 -2.75 2.62
C VAL A 102 -4.01 -2.89 2.71
N THR A 103 -4.46 -3.68 3.68
CA THR A 103 -5.89 -3.92 3.87
C THR A 103 -6.56 -2.68 4.47
N PHE A 104 -5.82 -1.95 5.30
CA PHE A 104 -6.35 -0.75 5.93
C PHE A 104 -6.85 0.24 4.89
N SER A 105 -6.17 0.29 3.75
CA SER A 105 -6.55 1.21 2.67
C SER A 105 -7.78 0.70 1.94
N ILE A 106 -7.92 -0.62 1.86
CA ILE A 106 -9.06 -1.24 1.20
C ILE A 106 -10.32 -1.13 2.05
N VAL A 107 -10.22 -1.55 3.30
CA VAL A 107 -11.34 -1.50 4.23
C VAL A 107 -11.93 -0.10 4.29
N THR A 108 -11.06 0.91 4.21
CA THR A 108 -11.50 2.30 4.27
C THR A 108 -12.60 2.57 3.25
N SER A 109 -12.55 1.86 2.12
CA SER A 109 -13.55 2.03 1.07
C SER A 109 -14.96 1.94 1.64
N VAL A 110 -15.12 1.14 2.68
CA VAL A 110 -16.42 0.97 3.32
C VAL A 110 -17.04 2.31 3.69
N CYS A 111 -16.19 3.28 4.02
CA CYS A 111 -16.66 4.61 4.40
C CYS A 111 -17.30 5.31 3.21
N VAL A 112 -16.61 5.26 2.07
CA VAL A 112 -17.12 5.90 0.85
C VAL A 112 -18.30 5.12 0.27
N LEU A 113 -18.24 3.80 0.38
CA LEU A 113 -19.30 2.95 -0.12
C LEU A 113 -20.55 3.04 0.74
N ASN A 114 -20.34 3.24 2.04
CA ASN A 114 -21.46 3.36 2.98
C ASN A 114 -22.36 4.54 2.60
N VAL A 115 -21.77 5.57 2.00
CA VAL A 115 -22.52 6.75 1.58
C VAL A 115 -22.79 6.73 0.08
N HIS A 116 -21.95 6.02 -0.65
CA HIS A 116 -22.09 5.92 -2.10
C HIS A 116 -23.07 4.81 -2.47
N HIS A 117 -22.65 3.57 -2.27
CA HIS A 117 -23.50 2.42 -2.59
C HIS A 117 -22.79 1.12 -2.22
N ARG A 118 -23.41 0.33 -1.35
CA ARG A 118 -22.85 -0.94 -0.92
C ARG A 118 -23.95 -1.90 -0.49
N SER A 119 -23.63 -3.20 -0.48
CA SER A 119 -24.59 -4.23 -0.10
C SER A 119 -23.96 -5.61 -0.16
N PRO A 120 -24.59 -6.57 0.53
CA PRO A 120 -24.10 -7.96 0.57
C PRO A 120 -24.29 -8.67 -0.76
N THR A 121 -23.39 -8.39 -1.71
CA THR A 121 -23.45 -9.00 -3.03
C THR A 121 -22.20 -8.70 -3.84
N THR A 122 -22.13 -9.24 -5.05
CA THR A 122 -21.00 -9.02 -5.93
C THR A 122 -21.44 -8.79 -7.37
N HIS A 123 -22.07 -7.64 -7.60
CA HIS A 123 -22.55 -7.29 -8.93
C HIS A 123 -21.42 -6.72 -9.78
N THR A 124 -21.04 -5.48 -9.49
CA THR A 124 -19.98 -4.81 -10.23
C THR A 124 -19.60 -3.49 -9.58
N PRO A 125 -18.38 -3.00 -9.89
CA PRO A 125 -17.87 -1.75 -9.34
C PRO A 125 -18.62 -0.53 -9.90
N ARG A 126 -19.40 -0.75 -10.95
CA ARG A 126 -20.16 0.32 -11.58
C ARG A 126 -20.99 1.08 -10.54
N GLY A 127 -20.84 2.40 -10.51
CA GLY A 127 -21.58 3.22 -9.57
C GLY A 127 -20.91 4.56 -9.32
N GLY A 128 -21.70 5.62 -9.34
CA GLY A 128 -21.16 6.95 -9.12
C GLY A 128 -22.04 7.78 -8.19
N GLY A 129 -21.42 8.70 -7.47
CA GLY A 129 -22.15 9.55 -6.55
C GLY A 129 -21.81 9.27 -5.11
N GLY A 130 -20.87 10.05 -4.56
CA GLY A 130 -20.47 9.86 -3.18
C GLY A 130 -19.07 10.39 -2.92
N TYR A 131 -18.82 11.63 -3.31
CA TYR A 131 -17.51 12.25 -3.11
C TYR A 131 -17.43 12.93 -1.75
N VAL A 132 -18.58 13.33 -1.23
CA VAL A 132 -18.64 13.99 0.07
C VAL A 132 -17.96 13.14 1.15
N ALA A 133 -17.94 11.83 0.94
CA ALA A 133 -17.31 10.91 1.89
C ALA A 133 -15.87 11.30 2.14
N MET A 134 -15.25 11.97 1.18
CA MET A 134 -13.86 12.39 1.30
C MET A 134 -13.64 13.16 2.60
N VAL A 135 -14.67 13.87 3.05
CA VAL A 135 -14.59 14.64 4.28
C VAL A 135 -14.20 13.77 5.46
N ILE A 136 -15.01 12.76 5.73
CA ILE A 136 -14.74 11.85 6.84
C ILE A 136 -13.60 10.89 6.50
N ASP A 137 -13.51 10.50 5.23
CA ASP A 137 -12.46 9.60 4.78
C ASP A 137 -11.09 10.24 4.95
N ARG A 138 -11.03 11.56 4.85
CA ARG A 138 -9.78 12.29 4.99
C ARG A 138 -9.09 11.93 6.29
N LEU A 139 -9.87 11.55 7.30
CA LEU A 139 -9.33 11.17 8.60
C LEU A 139 -8.52 9.88 8.51
N PHE A 140 -9.11 8.87 7.88
CA PHE A 140 -8.46 7.58 7.71
C PHE A 140 -7.34 7.66 6.67
N LEU A 141 -7.66 8.26 5.52
CA LEU A 141 -6.69 8.41 4.44
C LEU A 141 -5.40 9.04 4.94
N TRP A 142 -5.54 10.15 5.66
CA TRP A 142 -4.39 10.86 6.21
C TRP A 142 -3.50 9.91 7.02
N ILE A 143 -4.13 8.92 7.66
CA ILE A 143 -3.40 7.95 8.47
C ILE A 143 -2.71 6.91 7.58
N PHE A 144 -3.42 6.45 6.56
CA PHE A 144 -2.86 5.46 5.64
C PHE A 144 -1.55 5.95 5.03
N VAL A 145 -1.61 7.11 4.37
CA VAL A 145 -0.43 7.69 3.74
C VAL A 145 0.72 7.82 4.74
N PHE A 146 0.38 8.16 5.98
CA PHE A 146 1.38 8.32 7.02
C PHE A 146 1.98 6.97 7.42
N VAL A 147 1.12 5.97 7.56
CA VAL A 147 1.57 4.63 7.93
C VAL A 147 2.47 4.03 6.86
N CYS A 148 2.17 4.36 5.61
CA CYS A 148 2.96 3.86 4.48
C CYS A 148 4.45 4.11 4.70
N VAL A 149 4.77 5.31 5.15
CA VAL A 149 6.16 5.68 5.40
C VAL A 149 6.68 5.05 6.69
N PHE A 150 5.79 4.90 7.66
CA PHE A 150 6.17 4.30 8.94
C PHE A 150 6.71 2.90 8.75
N GLY A 151 5.93 2.04 8.08
CA GLY A 151 6.35 0.68 7.85
C GLY A 151 7.52 0.60 6.87
N THR A 152 7.72 1.65 6.10
CA THR A 152 8.81 1.69 5.13
C THR A 152 10.15 1.92 5.82
N ILE A 153 10.22 2.96 6.63
CA ILE A 153 11.45 3.29 7.35
C ILE A 153 11.66 2.35 8.54
N GLY A 154 10.55 1.84 9.08
CA GLY A 154 10.63 0.93 10.21
C GLY A 154 11.56 -0.24 9.96
N MET A 155 11.37 -0.90 8.82
CA MET A 155 12.19 -2.04 8.45
C MET A 155 13.61 -1.60 8.09
N PHE A 156 13.72 -0.41 7.52
CA PHE A 156 15.02 0.13 7.12
C PHE A 156 15.83 0.54 8.35
N LEU A 157 15.15 0.78 9.46
CA LEU A 157 15.80 1.18 10.69
C LEU A 157 16.42 -0.01 11.40
N GLN A 158 15.86 -1.19 11.17
CA GLN A 158 16.35 -2.42 11.78
C GLN A 158 17.85 -2.57 11.54
N PRO A 159 18.25 -2.60 10.26
CA PRO A 159 19.66 -2.74 9.87
C PRO A 159 20.48 -1.50 10.20
N LEU A 160 19.80 -0.40 10.48
CA LEU A 160 20.46 0.85 10.81
C LEU A 160 20.60 1.01 12.32
N PHE A 161 20.93 -0.08 13.00
CA PHE A 161 21.09 -0.07 14.45
C PHE A 161 22.39 0.64 14.84
N GLN A 162 23.36 0.64 13.93
CA GLN A 162 24.64 1.28 14.19
C GLN A 162 25.36 0.61 15.35
N ASN A 163 26.39 -0.17 15.03
CA ASN A 163 27.16 -0.87 16.06
C ASN A 163 28.35 -0.02 16.51
N TYR A 164 29.27 0.23 15.59
CA TYR A 164 30.46 1.02 15.90
C TYR A 164 31.17 0.48 17.14
N ARG A 25 28.46 -3.21 -5.49
CA ARG A 25 27.29 -3.02 -4.64
C ARG A 25 27.67 -2.41 -3.30
N ARG A 26 28.79 -1.68 -3.28
CA ARG A 26 29.27 -1.05 -2.06
C ARG A 26 28.23 -0.09 -1.50
N LYS A 27 27.40 0.47 -2.38
CA LYS A 27 26.36 1.40 -1.98
C LYS A 27 24.98 0.92 -2.44
N PRO A 28 24.42 -0.03 -1.69
CA PRO A 28 23.10 -0.60 -1.99
C PRO A 28 21.98 0.39 -1.76
N LEU A 29 22.32 1.56 -1.22
CA LEU A 29 21.34 2.60 -0.94
C LEU A 29 20.50 2.90 -2.17
N PHE A 30 21.09 2.73 -3.35
CA PHE A 30 20.40 2.99 -4.60
C PHE A 30 19.54 1.79 -5.00
N TYR A 31 19.99 0.60 -4.63
CA TYR A 31 19.26 -0.63 -4.94
C TYR A 31 18.00 -0.75 -4.08
N THR A 32 18.16 -0.49 -2.79
CA THR A 32 17.03 -0.58 -1.86
C THR A 32 15.93 0.39 -2.24
N ILE A 33 16.32 1.59 -2.66
CA ILE A 33 15.37 2.62 -3.06
C ILE A 33 14.77 2.30 -4.43
N ASN A 34 15.54 1.62 -5.27
CA ASN A 34 15.09 1.26 -6.60
C ASN A 34 13.78 0.48 -6.55
N LEU A 35 13.56 -0.22 -5.43
CA LEU A 35 12.35 -1.00 -5.24
C LEU A 35 11.26 -0.18 -4.57
N ILE A 36 11.66 0.92 -3.92
CA ILE A 36 10.72 1.79 -3.24
C ILE A 36 9.97 2.68 -4.23
N ILE A 37 10.65 3.07 -5.30
CA ILE A 37 10.04 3.91 -6.32
C ILE A 37 8.79 3.27 -6.89
N PRO A 38 8.93 2.04 -7.42
CA PRO A 38 7.82 1.29 -8.00
C PRO A 38 6.82 0.82 -6.94
N CYS A 39 7.28 0.75 -5.70
CA CYS A 39 6.43 0.31 -4.59
C CYS A 39 5.40 1.38 -4.25
N VAL A 40 5.84 2.63 -4.18
CA VAL A 40 4.94 3.74 -3.87
C VAL A 40 4.18 4.20 -5.10
N LEU A 41 4.80 4.02 -6.27
CA LEU A 41 4.17 4.42 -7.53
C LEU A 41 2.77 3.85 -7.64
N ILE A 42 2.56 2.66 -7.09
CA ILE A 42 1.25 2.02 -7.13
C ILE A 42 0.19 2.89 -6.46
N THR A 43 0.60 3.61 -5.42
CA THR A 43 -0.33 4.48 -4.70
C THR A 43 -0.80 5.63 -5.57
N SER A 44 0.12 6.18 -6.36
CA SER A 44 -0.20 7.29 -7.25
C SER A 44 -1.41 6.95 -8.12
N LEU A 45 -1.35 5.80 -8.79
CA LEU A 45 -2.44 5.36 -9.65
C LEU A 45 -3.66 4.97 -8.84
N ALA A 46 -3.43 4.38 -7.67
CA ALA A 46 -4.52 3.95 -6.80
C ALA A 46 -5.38 5.13 -6.38
N ILE A 47 -4.73 6.28 -6.13
CA ILE A 47 -5.44 7.48 -5.73
C ILE A 47 -6.37 7.97 -6.84
N LEU A 48 -5.96 7.74 -8.08
CA LEU A 48 -6.75 8.16 -9.23
C LEU A 48 -8.19 7.67 -9.11
N VAL A 49 -8.36 6.45 -8.60
CA VAL A 49 -9.69 5.87 -8.43
C VAL A 49 -10.14 5.96 -6.97
N PHE A 50 -9.19 5.79 -6.05
CA PHE A 50 -9.49 5.85 -4.63
C PHE A 50 -9.91 7.26 -4.22
N TYR A 51 -8.97 8.20 -4.33
CA TYR A 51 -9.24 9.59 -3.97
C TYR A 51 -10.17 10.24 -4.99
N LEU A 52 -10.16 9.73 -6.21
CA LEU A 52 -11.02 10.27 -7.26
C LEU A 52 -11.89 9.16 -7.88
N PRO A 53 -12.88 8.71 -7.11
CA PRO A 53 -13.80 7.66 -7.55
C PRO A 53 -14.73 8.13 -8.66
N SER A 54 -15.51 7.21 -9.22
CA SER A 54 -16.45 7.53 -10.28
C SER A 54 -17.41 6.38 -10.53
N ASP A 55 -18.17 6.48 -11.62
CA ASP A 55 -19.14 5.45 -11.97
C ASP A 55 -18.48 4.37 -12.83
N CYS A 56 -18.04 3.29 -12.19
CA CYS A 56 -17.40 2.19 -12.90
C CYS A 56 -17.00 1.08 -11.95
N GLY A 57 -17.22 -0.17 -12.37
CA GLY A 57 -16.88 -1.30 -11.53
C GLY A 57 -15.39 -1.49 -11.37
N GLU A 58 -14.63 -0.97 -12.34
CA GLU A 58 -13.18 -1.10 -12.30
C GLU A 58 -12.62 -0.63 -10.95
N LYS A 59 -13.25 0.39 -10.38
CA LYS A 59 -12.83 0.93 -9.10
C LYS A 59 -12.72 -0.17 -8.05
N MET A 60 -13.78 -0.96 -7.92
CA MET A 60 -13.80 -2.05 -6.94
C MET A 60 -12.77 -3.12 -7.32
N THR A 61 -12.48 -3.23 -8.61
CA THR A 61 -11.52 -4.22 -9.10
C THR A 61 -10.09 -3.78 -8.80
N LEU A 62 -9.87 -2.47 -8.80
CA LEU A 62 -8.54 -1.92 -8.53
C LEU A 62 -8.14 -2.16 -7.07
N CYS A 63 -9.02 -1.79 -6.15
CA CYS A 63 -8.77 -1.96 -4.72
C CYS A 63 -8.40 -3.41 -4.41
N ILE A 64 -9.20 -4.34 -4.92
CA ILE A 64 -8.97 -5.75 -4.70
C ILE A 64 -7.73 -6.23 -5.45
N SER A 65 -7.50 -5.67 -6.64
CA SER A 65 -6.36 -6.04 -7.46
C SER A 65 -5.05 -5.74 -6.73
N VAL A 66 -5.08 -4.74 -5.85
CA VAL A 66 -3.90 -4.35 -5.09
C VAL A 66 -3.37 -5.52 -4.27
N LEU A 67 -4.26 -6.30 -3.71
CA LEU A 67 -3.89 -7.46 -2.91
C LEU A 67 -2.93 -8.36 -3.67
N LEU A 68 -3.05 -8.36 -5.00
CA LEU A 68 -2.21 -9.18 -5.85
C LEU A 68 -0.80 -8.58 -5.95
N ALA A 69 -0.73 -7.28 -6.17
CA ALA A 69 0.54 -6.58 -6.28
C ALA A 69 1.45 -6.90 -5.09
N LEU A 70 0.83 -7.17 -3.95
CA LEU A 70 1.58 -7.48 -2.73
C LEU A 70 2.46 -8.71 -2.94
N THR A 71 1.86 -9.80 -3.38
CA THR A 71 2.60 -11.04 -3.62
C THR A 71 3.64 -10.85 -4.71
N VAL A 72 3.38 -9.91 -5.61
CA VAL A 72 4.31 -9.62 -6.70
C VAL A 72 5.58 -8.94 -6.19
N PHE A 73 5.43 -8.14 -5.15
CA PHE A 73 6.57 -7.44 -4.56
C PHE A 73 7.57 -8.42 -3.96
N LEU A 74 7.06 -9.54 -3.46
CA LEU A 74 7.91 -10.56 -2.85
C LEU A 74 8.67 -11.34 -3.93
N LEU A 75 7.93 -11.83 -4.92
CA LEU A 75 8.53 -12.60 -6.01
C LEU A 75 9.45 -11.73 -6.85
N LEU A 76 9.06 -10.48 -7.04
CA LEU A 76 9.85 -9.53 -7.82
C LEU A 76 11.21 -9.29 -7.16
N ILE A 77 11.19 -8.89 -5.90
CA ILE A 77 12.41 -8.62 -5.16
C ILE A 77 13.20 -9.90 -4.93
N SER A 78 12.49 -11.03 -4.86
CA SER A 78 13.13 -12.32 -4.64
C SER A 78 13.67 -12.88 -5.96
N LYS A 79 13.23 -12.30 -7.06
CA LYS A 79 13.67 -12.74 -8.38
C LYS A 79 14.86 -11.92 -8.87
N ILE A 80 15.17 -10.85 -8.14
CA ILE A 80 16.28 -9.97 -8.49
C ILE A 80 17.61 -10.73 -8.43
N VAL A 81 17.59 -11.88 -7.77
CA VAL A 81 18.80 -12.70 -7.63
C VAL A 81 19.87 -11.97 -6.83
N PRO A 82 19.72 -11.95 -5.50
CA PRO A 82 20.67 -11.29 -4.61
C PRO A 82 22.01 -12.02 -4.54
N PRO A 83 23.03 -11.34 -4.02
CA PRO A 83 24.38 -11.91 -3.88
C PRO A 83 24.44 -13.00 -2.81
N THR A 84 23.90 -12.70 -1.64
CA THR A 84 23.90 -13.66 -0.54
C THR A 84 22.49 -13.90 -0.02
N SER A 85 21.69 -12.84 -0.02
CA SER A 85 20.31 -12.93 0.46
C SER A 85 19.60 -11.58 0.32
N LEU A 86 20.32 -10.51 0.62
CA LEU A 86 19.75 -9.17 0.53
C LEU A 86 18.63 -8.98 1.54
N ASP A 87 19.00 -8.92 2.82
CA ASP A 87 18.02 -8.73 3.88
C ASP A 87 16.87 -9.72 3.74
N VAL A 88 17.19 -11.01 3.79
CA VAL A 88 16.20 -12.07 3.67
C VAL A 88 15.28 -12.09 4.88
N PRO A 89 15.87 -12.27 6.07
CA PRO A 89 15.13 -12.33 7.33
C PRO A 89 14.55 -10.96 7.72
N LEU A 90 15.19 -9.91 7.25
CA LEU A 90 14.75 -8.55 7.55
C LEU A 90 13.46 -8.23 6.80
N VAL A 91 13.38 -8.67 5.54
CA VAL A 91 12.20 -8.43 4.72
C VAL A 91 11.08 -9.42 5.05
N GLY A 92 11.46 -10.68 5.24
CA GLY A 92 10.48 -11.70 5.57
C GLY A 92 9.61 -11.32 6.73
N LYS A 93 10.22 -10.83 7.80
CA LYS A 93 9.49 -10.41 8.99
C LYS A 93 8.70 -9.14 8.73
N TYR A 94 9.23 -8.28 7.88
CA TYR A 94 8.58 -7.01 7.55
C TYR A 94 7.24 -7.27 6.87
N LEU A 95 7.15 -8.36 6.13
CA LEU A 95 5.93 -8.72 5.43
C LEU A 95 4.74 -8.75 6.39
N MET A 96 5.01 -9.07 7.65
CA MET A 96 3.97 -9.13 8.67
C MET A 96 3.40 -7.75 8.94
N PHE A 97 4.27 -6.75 9.02
CA PHE A 97 3.85 -5.38 9.28
C PHE A 97 3.22 -4.76 8.03
N THR A 98 3.96 -4.82 6.92
CA THR A 98 3.48 -4.26 5.67
C THR A 98 2.09 -4.80 5.30
N MET A 99 1.82 -6.02 5.74
CA MET A 99 0.54 -6.67 5.47
C MET A 99 -0.59 -5.94 6.20
N VAL A 100 -0.26 -5.35 7.35
CA VAL A 100 -1.25 -4.63 8.14
C VAL A 100 -1.49 -3.23 7.58
N LEU A 101 -0.46 -2.66 6.96
CA LEU A 101 -0.56 -1.34 6.37
C LEU A 101 -1.36 -1.37 5.08
N VAL A 102 -1.25 -2.47 4.34
CA VAL A 102 -1.97 -2.63 3.08
C VAL A 102 -3.44 -2.96 3.33
N THR A 103 -3.70 -3.77 4.34
CA THR A 103 -5.06 -4.16 4.68
C THR A 103 -5.82 -3.00 5.31
N PHE A 104 -5.15 -2.23 6.15
CA PHE A 104 -5.76 -1.10 6.83
C PHE A 104 -6.15 -0.02 5.81
N SER A 105 -5.38 0.09 4.74
CA SER A 105 -5.64 1.07 3.70
C SER A 105 -6.84 0.66 2.86
N ILE A 106 -7.00 -0.64 2.65
CA ILE A 106 -8.10 -1.17 1.87
C ILE A 106 -9.41 -1.09 2.64
N VAL A 107 -9.40 -1.61 3.87
CA VAL A 107 -10.60 -1.60 4.71
C VAL A 107 -11.16 -0.19 4.84
N THR A 108 -10.27 0.80 4.85
CA THR A 108 -10.69 2.19 4.98
C THR A 108 -11.74 2.55 3.93
N SER A 109 -11.66 1.92 2.77
CA SER A 109 -12.61 2.17 1.69
C SER A 109 -14.04 2.07 2.20
N VAL A 110 -14.26 1.21 3.19
CA VAL A 110 -15.59 1.01 3.76
C VAL A 110 -16.20 2.34 4.19
N CYS A 111 -15.35 3.27 4.62
CA CYS A 111 -15.81 4.58 5.05
C CYS A 111 -16.41 5.36 3.89
N VAL A 112 -15.74 5.31 2.74
CA VAL A 112 -16.21 6.00 1.55
C VAL A 112 -17.37 5.26 0.89
N LEU A 113 -17.32 3.94 0.95
CA LEU A 113 -18.37 3.10 0.36
C LEU A 113 -19.65 3.19 1.18
N ASN A 114 -19.51 3.34 2.49
CA ASN A 114 -20.65 3.43 3.38
C ASN A 114 -21.53 4.63 3.01
N VAL A 115 -20.92 5.67 2.49
CA VAL A 115 -21.65 6.87 2.09
C VAL A 115 -21.84 6.91 0.57
N HIS A 116 -20.96 6.23 -0.15
CA HIS A 116 -21.04 6.19 -1.61
C HIS A 116 -21.81 4.97 -2.08
N HIS A 117 -21.18 3.80 -1.99
CA HIS A 117 -21.81 2.56 -2.41
C HIS A 117 -21.14 1.36 -1.76
N ARG A 118 -21.71 0.88 -0.67
CA ARG A 118 -21.16 -0.26 0.06
C ARG A 118 -21.94 -1.54 -0.26
N SER A 119 -23.21 -1.37 -0.63
CA SER A 119 -24.06 -2.50 -0.96
C SER A 119 -23.40 -3.40 -1.99
N PRO A 120 -23.87 -4.65 -2.07
CA PRO A 120 -23.33 -5.65 -3.01
C PRO A 120 -23.67 -5.32 -4.46
N THR A 121 -22.68 -5.43 -5.34
CA THR A 121 -22.87 -5.14 -6.75
C THR A 121 -21.66 -5.56 -7.57
N THR A 122 -21.59 -6.84 -7.93
CA THR A 122 -20.48 -7.36 -8.71
C THR A 122 -20.82 -7.38 -10.20
N HIS A 123 -21.72 -6.50 -10.60
CA HIS A 123 -22.14 -6.42 -12.01
C HIS A 123 -22.20 -4.96 -12.46
N THR A 124 -22.91 -4.14 -11.70
CA THR A 124 -23.06 -2.73 -12.02
C THR A 124 -23.10 -1.88 -10.77
N PRO A 125 -21.96 -1.80 -10.07
CA PRO A 125 -21.84 -1.02 -8.83
C PRO A 125 -21.89 0.49 -9.09
N ARG A 126 -21.78 0.87 -10.35
CA ARG A 126 -21.81 2.28 -10.74
C ARG A 126 -23.04 2.96 -10.16
N GLY A 127 -22.84 4.17 -9.63
CA GLY A 127 -23.95 4.92 -9.06
C GLY A 127 -23.54 5.69 -7.82
N GLY A 128 -23.52 7.02 -7.94
CA GLY A 128 -23.14 7.85 -6.81
C GLY A 128 -21.82 8.56 -7.04
N GLY A 129 -21.19 8.98 -5.95
CA GLY A 129 -19.92 9.67 -6.05
C GLY A 129 -18.91 9.20 -5.03
N GLY A 130 -18.98 9.74 -3.82
CA GLY A 130 -18.05 9.35 -2.77
C GLY A 130 -17.08 10.46 -2.41
N TYR A 131 -17.43 11.69 -2.76
CA TYR A 131 -16.58 12.84 -2.48
C TYR A 131 -16.87 13.41 -1.10
N VAL A 132 -18.08 13.19 -0.62
CA VAL A 132 -18.50 13.68 0.69
C VAL A 132 -17.68 13.04 1.80
N ALA A 133 -17.35 11.77 1.62
CA ALA A 133 -16.56 11.04 2.60
C ALA A 133 -15.13 11.58 2.68
N MET A 134 -14.68 12.18 1.59
CA MET A 134 -13.33 12.74 1.54
C MET A 134 -13.09 13.70 2.70
N VAL A 135 -14.16 14.35 3.14
CA VAL A 135 -14.07 15.29 4.26
C VAL A 135 -13.49 14.63 5.49
N ILE A 136 -14.17 13.59 5.97
CA ILE A 136 -13.73 12.85 7.15
C ILE A 136 -12.51 11.98 6.83
N ASP A 137 -12.50 11.39 5.65
CA ASP A 137 -11.40 10.54 5.23
C ASP A 137 -10.09 11.33 5.17
N ARG A 138 -10.20 12.62 4.90
CA ARG A 138 -9.02 13.48 4.82
C ARG A 138 -8.16 13.34 6.07
N LEU A 139 -8.81 13.05 7.19
CA LEU A 139 -8.11 12.89 8.47
C LEU A 139 -7.28 11.61 8.48
N PHE A 140 -7.87 10.53 7.96
CA PHE A 140 -7.21 9.24 7.91
C PHE A 140 -6.13 9.22 6.83
N LEU A 141 -6.51 9.62 5.62
CA LEU A 141 -5.58 9.65 4.49
C LEU A 141 -4.32 10.43 4.87
N TRP A 142 -4.47 11.45 5.70
CA TRP A 142 -3.35 12.28 6.13
C TRP A 142 -2.32 11.43 6.88
N ILE A 143 -2.80 10.60 7.80
CA ILE A 143 -1.93 9.75 8.59
C ILE A 143 -1.45 8.55 7.78
N PHE A 144 -2.30 8.08 6.88
CA PHE A 144 -1.96 6.93 6.03
C PHE A 144 -0.68 7.19 5.26
N VAL A 145 -0.66 8.27 4.48
CA VAL A 145 0.51 8.63 3.69
C VAL A 145 1.75 8.76 4.58
N PHE A 146 1.56 9.24 5.79
CA PHE A 146 2.66 9.41 6.74
C PHE A 146 3.18 8.05 7.21
N VAL A 147 2.29 7.08 7.32
CA VAL A 147 2.66 5.75 7.75
C VAL A 147 3.54 5.05 6.71
N CYS A 148 3.28 5.34 5.44
CA CYS A 148 4.06 4.74 4.36
C CYS A 148 5.50 5.22 4.39
N VAL A 149 5.69 6.53 4.55
CA VAL A 149 7.02 7.12 4.60
C VAL A 149 7.69 6.85 5.95
N PHE A 150 6.89 6.88 7.01
CA PHE A 150 7.40 6.64 8.36
C PHE A 150 7.77 5.17 8.56
N GLY A 151 7.07 4.30 7.82
CA GLY A 151 7.33 2.87 7.94
C GLY A 151 8.79 2.54 7.75
N THR A 152 9.50 3.37 6.99
CA THR A 152 10.93 3.16 6.74
C THR A 152 11.70 3.00 8.04
N ILE A 153 11.24 3.69 9.09
CA ILE A 153 11.89 3.62 10.39
C ILE A 153 12.00 2.18 10.88
N GLY A 154 11.09 1.33 10.40
CA GLY A 154 11.10 -0.07 10.79
C GLY A 154 12.45 -0.71 10.62
N MET A 155 13.03 -0.55 9.43
CA MET A 155 14.34 -1.12 9.12
C MET A 155 15.45 -0.35 9.84
N PHE A 156 15.24 0.95 10.01
CA PHE A 156 16.22 1.80 10.67
C PHE A 156 16.33 1.46 12.15
N LEU A 157 15.28 0.83 12.68
CA LEU A 157 15.25 0.45 14.09
C LEU A 157 16.15 -0.75 14.34
N GLN A 158 16.31 -1.59 13.33
CA GLN A 158 17.13 -2.79 13.45
C GLN A 158 18.53 -2.43 13.96
N PRO A 159 19.24 -1.59 13.21
CA PRO A 159 20.60 -1.15 13.57
C PRO A 159 20.60 -0.23 14.79
N LEU A 160 19.42 0.31 15.12
CA LEU A 160 19.30 1.21 16.26
C LEU A 160 18.87 0.45 17.51
N PHE A 161 19.45 -0.74 17.69
CA PHE A 161 19.14 -1.57 18.86
C PHE A 161 19.75 -0.98 20.13
N GLN A 162 20.83 -0.24 19.96
CA GLN A 162 21.51 0.39 21.10
C GLN A 162 22.07 -0.68 22.04
N ASN A 163 23.38 -0.88 21.98
CA ASN A 163 24.03 -1.87 22.83
C ASN A 163 24.23 -1.34 24.24
N TYR A 164 25.18 -0.40 24.38
CA TYR A 164 25.47 0.19 25.68
C TYR A 164 24.60 1.43 25.92
N ARG A 25 31.19 -1.41 -2.05
CA ARG A 25 29.83 -1.92 -2.27
C ARG A 25 29.11 -2.13 -0.94
N ARG A 26 29.51 -1.38 0.07
CA ARG A 26 28.91 -1.48 1.40
C ARG A 26 27.84 -0.42 1.59
N LYS A 27 27.25 0.03 0.48
CA LYS A 27 26.21 1.04 0.52
C LYS A 27 24.87 0.48 0.06
N PRO A 28 24.25 -0.34 0.92
CA PRO A 28 22.96 -0.98 0.62
C PRO A 28 21.81 0.03 0.61
N LEU A 29 22.09 1.23 1.09
CA LEU A 29 21.08 2.29 1.14
C LEU A 29 20.43 2.48 -0.23
N PHE A 30 21.20 2.23 -1.28
CA PHE A 30 20.70 2.37 -2.65
C PHE A 30 19.85 1.16 -3.04
N TYR A 31 20.21 0.00 -2.52
CA TYR A 31 19.48 -1.23 -2.82
C TYR A 31 18.14 -1.25 -2.12
N THR A 32 18.13 -0.89 -0.84
CA THR A 32 16.90 -0.87 -0.05
C THR A 32 15.89 0.09 -0.64
N ILE A 33 16.38 1.24 -1.11
CA ILE A 33 15.51 2.25 -1.71
C ILE A 33 15.07 1.84 -3.11
N ASN A 34 15.91 1.07 -3.78
CA ASN A 34 15.61 0.60 -5.14
C ASN A 34 14.27 -0.14 -5.17
N LEU A 35 13.90 -0.73 -4.04
CA LEU A 35 12.66 -1.47 -3.94
C LEU A 35 11.52 -0.57 -3.47
N ILE A 36 11.88 0.56 -2.86
CA ILE A 36 10.89 1.51 -2.37
C ILE A 36 10.30 2.32 -3.52
N ILE A 37 11.11 2.61 -4.52
CA ILE A 37 10.67 3.39 -5.68
C ILE A 37 9.46 2.73 -6.34
N PRO A 38 9.63 1.46 -6.74
CA PRO A 38 8.56 0.69 -7.39
C PRO A 38 7.43 0.33 -6.44
N CYS A 39 7.73 0.38 -5.14
CA CYS A 39 6.73 0.05 -4.12
C CYS A 39 5.75 1.21 -3.95
N VAL A 40 6.27 2.43 -3.90
CA VAL A 40 5.43 3.61 -3.74
C VAL A 40 4.82 4.04 -5.07
N LEU A 41 5.53 3.75 -6.16
CA LEU A 41 5.06 4.11 -7.50
C LEU A 41 3.62 3.63 -7.71
N ILE A 42 3.28 2.49 -7.11
CA ILE A 42 1.94 1.93 -7.23
C ILE A 42 0.89 2.91 -6.72
N THR A 43 1.25 3.67 -5.69
CA THR A 43 0.34 4.65 -5.11
C THR A 43 0.03 5.76 -6.09
N SER A 44 1.04 6.18 -6.85
CA SER A 44 0.88 7.25 -7.82
C SER A 44 -0.28 6.95 -8.77
N LEU A 45 -0.29 5.74 -9.31
CA LEU A 45 -1.34 5.33 -10.23
C LEU A 45 -2.65 5.05 -9.49
N ALA A 46 -2.53 4.51 -8.28
CA ALA A 46 -3.70 4.20 -7.46
C ALA A 46 -4.52 5.45 -7.19
N ILE A 47 -3.83 6.57 -6.98
CA ILE A 47 -4.50 7.84 -6.71
C ILE A 47 -5.32 8.30 -7.91
N LEU A 48 -4.84 7.97 -9.11
CA LEU A 48 -5.52 8.35 -10.34
C LEU A 48 -6.97 7.85 -10.33
N VAL A 49 -7.19 6.69 -9.71
CA VAL A 49 -8.52 6.11 -9.62
C VAL A 49 -9.14 6.36 -8.25
N PHE A 50 -8.32 6.29 -7.22
CA PHE A 50 -8.78 6.50 -5.85
C PHE A 50 -9.13 7.97 -5.62
N TYR A 51 -8.13 8.84 -5.69
CA TYR A 51 -8.33 10.27 -5.48
C TYR A 51 -9.13 10.87 -6.63
N LEU A 52 -9.10 10.22 -7.78
CA LEU A 52 -9.82 10.68 -8.95
C LEU A 52 -10.70 9.58 -9.54
N PRO A 53 -11.80 9.27 -8.85
CA PRO A 53 -12.74 8.23 -9.29
C PRO A 53 -13.51 8.63 -10.54
N SER A 54 -13.58 7.73 -11.50
CA SER A 54 -14.30 7.99 -12.75
C SER A 54 -15.78 7.64 -12.62
N ASP A 55 -16.07 6.35 -12.47
CA ASP A 55 -17.44 5.89 -12.33
C ASP A 55 -17.62 5.13 -11.03
N CYS A 56 -17.13 3.90 -10.98
CA CYS A 56 -17.24 3.06 -9.79
C CYS A 56 -16.57 1.71 -10.01
N GLY A 57 -17.09 0.95 -10.96
CA GLY A 57 -16.53 -0.36 -11.25
C GLY A 57 -15.03 -0.31 -11.49
N GLU A 58 -14.62 0.40 -12.54
CA GLU A 58 -13.20 0.52 -12.86
C GLU A 58 -12.40 0.97 -11.65
N LYS A 59 -12.99 1.85 -10.84
CA LYS A 59 -12.33 2.35 -9.65
C LYS A 59 -12.05 1.23 -8.66
N MET A 60 -13.05 0.37 -8.46
CA MET A 60 -12.91 -0.76 -7.55
C MET A 60 -11.98 -1.82 -8.11
N THR A 61 -12.21 -2.19 -9.37
CA THR A 61 -11.40 -3.20 -10.03
C THR A 61 -9.92 -2.83 -9.98
N LEU A 62 -9.64 -1.53 -9.88
CA LEU A 62 -8.26 -1.04 -9.82
C LEU A 62 -7.65 -1.29 -8.45
N CYS A 63 -8.47 -1.14 -7.40
CA CYS A 63 -8.02 -1.36 -6.04
C CYS A 63 -7.84 -2.85 -5.75
N ILE A 64 -8.84 -3.63 -6.11
CA ILE A 64 -8.80 -5.08 -5.88
C ILE A 64 -7.56 -5.69 -6.51
N SER A 65 -7.12 -5.11 -7.63
CA SER A 65 -5.95 -5.60 -8.32
C SER A 65 -4.67 -5.31 -7.54
N VAL A 66 -4.73 -4.29 -6.70
CA VAL A 66 -3.58 -3.91 -5.88
C VAL A 66 -3.13 -5.06 -4.99
N LEU A 67 -4.09 -5.82 -4.49
CA LEU A 67 -3.79 -6.97 -3.63
C LEU A 67 -2.82 -7.92 -4.31
N LEU A 68 -2.88 -7.97 -5.64
CA LEU A 68 -2.02 -8.85 -6.42
C LEU A 68 -0.57 -8.35 -6.37
N ALA A 69 -0.38 -7.05 -6.55
CA ALA A 69 0.95 -6.45 -6.53
C ALA A 69 1.70 -6.85 -5.26
N LEU A 70 0.95 -7.08 -4.18
CA LEU A 70 1.55 -7.47 -2.90
C LEU A 70 2.33 -8.76 -3.04
N THR A 71 1.68 -9.80 -3.54
CA THR A 71 2.32 -11.10 -3.73
C THR A 71 3.50 -11.00 -4.68
N VAL A 72 3.45 -10.02 -5.59
CA VAL A 72 4.51 -9.83 -6.56
C VAL A 72 5.77 -9.28 -5.88
N PHE A 73 5.58 -8.48 -4.84
CA PHE A 73 6.70 -7.90 -4.11
C PHE A 73 7.57 -9.00 -3.50
N LEU A 74 6.94 -10.13 -3.16
CA LEU A 74 7.66 -11.24 -2.55
C LEU A 74 8.64 -11.86 -3.55
N LEU A 75 8.15 -12.16 -4.74
CA LEU A 75 8.99 -12.76 -5.78
C LEU A 75 9.96 -11.71 -6.36
N LEU A 76 9.47 -10.49 -6.52
CA LEU A 76 10.28 -9.41 -7.05
C LEU A 76 11.54 -9.20 -6.21
N ILE A 77 11.34 -8.98 -4.91
CA ILE A 77 12.46 -8.76 -4.00
C ILE A 77 13.30 -10.03 -3.85
N SER A 78 12.69 -11.18 -4.13
CA SER A 78 13.38 -12.46 -4.02
C SER A 78 14.23 -12.72 -5.27
N LYS A 79 13.93 -11.99 -6.34
CA LYS A 79 14.67 -12.14 -7.59
C LYS A 79 16.10 -11.62 -7.44
N ILE A 80 16.36 -10.92 -6.34
CA ILE A 80 17.69 -10.38 -6.08
C ILE A 80 18.76 -11.47 -6.19
N VAL A 81 18.36 -12.71 -5.91
CA VAL A 81 19.28 -13.83 -5.96
C VAL A 81 20.43 -13.67 -4.98
N PRO A 82 20.14 -13.93 -3.69
CA PRO A 82 21.13 -13.81 -2.62
C PRO A 82 22.20 -14.89 -2.71
N PRO A 83 23.29 -14.71 -1.93
CA PRO A 83 24.40 -15.67 -1.90
C PRO A 83 24.01 -16.98 -1.22
N THR A 84 23.41 -16.88 -0.05
CA THR A 84 23.00 -18.06 0.70
C THR A 84 21.58 -17.90 1.25
N SER A 85 20.84 -16.95 0.67
CA SER A 85 19.46 -16.70 1.11
C SER A 85 19.40 -16.48 2.61
N LEU A 86 20.03 -15.42 3.09
CA LEU A 86 20.06 -15.10 4.51
C LEU A 86 19.16 -13.90 4.81
N ASP A 87 18.18 -13.67 3.95
CA ASP A 87 17.26 -12.56 4.12
C ASP A 87 15.84 -13.06 4.39
N VAL A 88 15.73 -14.28 4.92
CA VAL A 88 14.44 -14.88 5.22
C VAL A 88 13.71 -14.09 6.31
N PRO A 89 14.35 -13.96 7.48
CA PRO A 89 13.78 -13.24 8.61
C PRO A 89 13.71 -11.73 8.37
N LEU A 90 14.53 -11.25 7.44
CA LEU A 90 14.57 -9.83 7.11
C LEU A 90 13.33 -9.43 6.32
N VAL A 91 13.07 -10.14 5.23
CA VAL A 91 11.91 -9.86 4.38
C VAL A 91 10.64 -10.45 4.99
N GLY A 92 10.74 -11.68 5.49
CA GLY A 92 9.59 -12.33 6.08
C GLY A 92 8.92 -11.48 7.14
N LYS A 93 9.73 -10.77 7.92
CA LYS A 93 9.21 -9.92 8.98
C LYS A 93 8.57 -8.66 8.41
N TYR A 94 8.98 -8.29 7.19
CA TYR A 94 8.45 -7.12 6.53
C TYR A 94 7.06 -7.38 5.97
N LEU A 95 6.87 -8.58 5.43
CA LEU A 95 5.58 -8.97 4.87
C LEU A 95 4.47 -8.81 5.89
N MET A 96 4.81 -8.98 7.17
CA MET A 96 3.84 -8.86 8.24
C MET A 96 3.40 -7.41 8.42
N PHE A 97 4.36 -6.49 8.36
CA PHE A 97 4.08 -5.07 8.51
C PHE A 97 3.42 -4.50 7.25
N THR A 98 4.05 -4.76 6.11
CA THR A 98 3.53 -4.28 4.83
C THR A 98 2.08 -4.69 4.64
N MET A 99 1.70 -5.82 5.22
CA MET A 99 0.34 -6.33 5.11
C MET A 99 -0.63 -5.41 5.83
N VAL A 100 -0.15 -4.74 6.88
CA VAL A 100 -0.98 -3.83 7.66
C VAL A 100 -1.11 -2.48 6.97
N LEU A 101 -0.08 -2.11 6.22
CA LEU A 101 -0.08 -0.83 5.50
C LEU A 101 -0.99 -0.90 4.28
N VAL A 102 -1.07 -2.08 3.67
CA VAL A 102 -1.90 -2.27 2.49
C VAL A 102 -3.37 -2.38 2.87
N THR A 103 -3.64 -3.04 3.99
CA THR A 103 -5.01 -3.22 4.46
C THR A 103 -5.57 -1.91 5.01
N PHE A 104 -4.78 -1.23 5.83
CA PHE A 104 -5.21 0.03 6.42
C PHE A 104 -5.70 1.00 5.35
N SER A 105 -5.13 0.88 4.16
CA SER A 105 -5.50 1.75 3.03
C SER A 105 -6.87 1.35 2.48
N ILE A 106 -7.02 0.06 2.17
CA ILE A 106 -8.26 -0.46 1.64
C ILE A 106 -9.44 -0.10 2.54
N VAL A 107 -9.20 -0.09 3.84
CA VAL A 107 -10.23 0.24 4.81
C VAL A 107 -10.89 1.58 4.49
N THR A 108 -10.07 2.57 4.19
CA THR A 108 -10.57 3.90 3.85
C THR A 108 -11.62 3.84 2.75
N SER A 109 -11.47 2.87 1.85
CA SER A 109 -12.41 2.71 0.74
C SER A 109 -13.84 2.68 1.25
N VAL A 110 -14.03 2.17 2.47
CA VAL A 110 -15.35 2.09 3.07
C VAL A 110 -16.06 3.44 3.04
N CYS A 111 -15.28 4.51 3.16
CA CYS A 111 -15.82 5.86 3.14
C CYS A 111 -16.44 6.18 1.78
N VAL A 112 -15.69 5.89 0.72
CA VAL A 112 -16.16 6.14 -0.64
C VAL A 112 -17.26 5.18 -1.04
N LEU A 113 -17.14 3.93 -0.58
CA LEU A 113 -18.12 2.90 -0.89
C LEU A 113 -19.43 3.14 -0.13
N ASN A 114 -19.31 3.70 1.07
CA ASN A 114 -20.47 3.99 1.90
C ASN A 114 -21.40 4.97 1.20
N VAL A 115 -20.83 5.85 0.38
CA VAL A 115 -21.61 6.84 -0.35
C VAL A 115 -21.79 6.43 -1.81
N HIS A 116 -20.89 5.59 -2.30
CA HIS A 116 -20.95 5.12 -3.68
C HIS A 116 -21.34 3.65 -3.74
N HIS A 117 -22.48 3.36 -4.35
CA HIS A 117 -22.97 1.99 -4.47
C HIS A 117 -21.90 1.09 -5.07
N ARG A 118 -22.16 -0.22 -5.04
CA ARG A 118 -21.22 -1.19 -5.58
C ARG A 118 -21.81 -2.60 -5.57
N SER A 119 -20.99 -3.58 -5.92
CA SER A 119 -21.45 -4.97 -5.96
C SER A 119 -22.11 -5.36 -4.64
N PRO A 120 -22.91 -6.44 -4.68
CA PRO A 120 -23.62 -6.94 -3.50
C PRO A 120 -22.67 -7.56 -2.47
N THR A 121 -22.00 -6.71 -1.70
CA THR A 121 -21.06 -7.17 -0.69
C THR A 121 -21.75 -7.33 0.67
N THR A 122 -20.97 -7.61 1.70
CA THR A 122 -21.50 -7.79 3.04
C THR A 122 -20.97 -6.73 4.00
N HIS A 123 -19.81 -6.16 3.67
CA HIS A 123 -19.20 -5.13 4.49
C HIS A 123 -20.20 -4.01 4.77
N THR A 124 -20.45 -3.18 3.77
CA THR A 124 -21.37 -2.06 3.91
C THR A 124 -21.85 -1.57 2.55
N PRO A 125 -22.73 -2.34 1.92
CA PRO A 125 -23.29 -2.01 0.59
C PRO A 125 -24.24 -0.82 0.66
N ARG A 126 -23.74 0.35 0.30
CA ARG A 126 -24.55 1.57 0.31
C ARG A 126 -24.14 2.50 -0.83
N GLY A 127 -25.06 3.37 -1.23
CA GLY A 127 -24.79 4.30 -2.31
C GLY A 127 -25.28 5.70 -2.00
N GLY A 128 -25.41 6.53 -3.05
CA GLY A 128 -25.87 7.89 -2.86
C GLY A 128 -24.75 8.90 -2.92
N GLY A 129 -24.02 8.91 -4.05
CA GLY A 129 -22.92 9.84 -4.21
C GLY A 129 -21.64 9.15 -4.67
N GLY A 130 -20.53 9.84 -4.55
CA GLY A 130 -19.25 9.28 -4.97
C GLY A 130 -18.11 10.27 -4.83
N TYR A 131 -18.17 11.35 -5.60
CA TYR A 131 -17.13 12.38 -5.57
C TYR A 131 -17.10 13.08 -4.22
N VAL A 132 -18.29 13.35 -3.68
CA VAL A 132 -18.40 14.03 -2.39
C VAL A 132 -17.62 13.30 -1.31
N ALA A 133 -17.45 11.99 -1.50
CA ALA A 133 -16.71 11.17 -0.54
C ALA A 133 -15.30 11.72 -0.32
N MET A 134 -14.79 12.42 -1.32
CA MET A 134 -13.45 13.00 -1.24
C MET A 134 -13.29 13.83 0.03
N VAL A 135 -14.39 14.44 0.48
CA VAL A 135 -14.38 15.25 1.68
C VAL A 135 -13.86 14.46 2.88
N ILE A 136 -14.54 13.36 3.19
CA ILE A 136 -14.15 12.52 4.32
C ILE A 136 -12.90 11.71 3.99
N ASP A 137 -12.80 11.26 2.74
CA ASP A 137 -11.66 10.48 2.30
C ASP A 137 -10.36 11.26 2.48
N ARG A 138 -10.45 12.58 2.32
CA ARG A 138 -9.29 13.45 2.45
C ARG A 138 -8.64 13.28 3.83
N LEU A 139 -9.45 12.87 4.80
CA LEU A 139 -8.96 12.67 6.17
C LEU A 139 -8.00 11.48 6.24
N PHE A 140 -8.44 10.34 5.70
CA PHE A 140 -7.63 9.14 5.69
C PHE A 140 -6.49 9.26 4.69
N LEU A 141 -6.77 9.89 3.56
CA LEU A 141 -5.77 10.06 2.50
C LEU A 141 -4.49 10.68 3.07
N TRP A 142 -4.65 11.54 4.07
CA TRP A 142 -3.50 12.19 4.70
C TRP A 142 -2.75 11.22 5.60
N ILE A 143 -3.48 10.31 6.23
CA ILE A 143 -2.87 9.33 7.12
C ILE A 143 -2.20 8.21 6.31
N PHE A 144 -2.76 7.90 5.15
CA PHE A 144 -2.23 6.86 4.29
C PHE A 144 -0.76 7.13 3.97
N VAL A 145 -0.50 8.29 3.38
CA VAL A 145 0.86 8.68 3.01
C VAL A 145 1.80 8.58 4.22
N PHE A 146 1.28 8.89 5.39
CA PHE A 146 2.07 8.84 6.62
C PHE A 146 2.45 7.40 6.96
N VAL A 147 1.50 6.49 6.79
CA VAL A 147 1.74 5.08 7.08
C VAL A 147 2.83 4.51 6.19
N CYS A 148 2.90 5.00 4.95
CA CYS A 148 3.90 4.54 4.00
C CYS A 148 5.31 4.66 4.59
N VAL A 149 5.55 5.74 5.33
CA VAL A 149 6.85 5.96 5.95
C VAL A 149 7.04 5.07 7.18
N PHE A 150 5.94 4.79 7.87
CA PHE A 150 5.99 3.95 9.06
C PHE A 150 6.70 2.62 8.77
N GLY A 151 6.22 1.92 7.75
CA GLY A 151 6.81 0.65 7.38
C GLY A 151 8.14 0.82 6.67
N THR A 152 8.38 2.01 6.14
CA THR A 152 9.62 2.29 5.44
C THR A 152 10.78 2.44 6.40
N ILE A 153 10.62 3.30 7.40
CA ILE A 153 11.66 3.52 8.39
C ILE A 153 11.72 2.37 9.40
N GLY A 154 10.60 1.67 9.55
CA GLY A 154 10.55 0.56 10.48
C GLY A 154 11.64 -0.46 10.22
N MET A 155 11.81 -0.86 8.97
CA MET A 155 12.82 -1.83 8.60
C MET A 155 14.20 -1.18 8.53
N PHE A 156 14.23 0.09 8.12
CA PHE A 156 15.48 0.83 8.01
C PHE A 156 16.09 1.09 9.39
N LEU A 157 15.24 1.03 10.42
CA LEU A 157 15.70 1.27 11.78
C LEU A 157 16.47 0.06 12.31
N GLN A 158 16.13 -1.12 11.81
CA GLN A 158 16.81 -2.34 12.23
C GLN A 158 18.32 -2.20 12.12
N PRO A 159 18.81 -1.95 10.89
CA PRO A 159 20.23 -1.79 10.62
C PRO A 159 20.79 -0.50 11.21
N LEU A 160 19.96 0.53 11.28
CA LEU A 160 20.36 1.82 11.82
C LEU A 160 20.99 1.66 13.20
N PHE A 161 20.28 0.99 14.10
CA PHE A 161 20.78 0.76 15.45
C PHE A 161 20.93 2.09 16.20
N GLN A 162 20.34 3.14 15.65
CA GLN A 162 20.41 4.47 16.27
C GLN A 162 19.89 4.43 17.70
N ASN A 163 18.60 4.15 17.85
CA ASN A 163 17.97 4.08 19.16
C ASN A 163 18.25 5.35 19.96
N TYR A 164 18.38 6.48 19.25
CA TYR A 164 18.64 7.75 19.89
C TYR A 164 19.90 7.69 20.74
N ARG A 25 27.97 -5.39 -0.35
CA ARG A 25 26.57 -5.34 0.03
C ARG A 25 26.41 -5.08 1.53
N ARG A 26 27.43 -4.45 2.13
CA ARG A 26 27.41 -4.15 3.54
C ARG A 26 26.28 -3.18 3.88
N LYS A 27 26.41 -1.95 3.41
CA LYS A 27 25.40 -0.92 3.66
C LYS A 27 24.82 -0.41 2.35
N PRO A 28 24.05 -1.27 1.66
CA PRO A 28 23.42 -0.93 0.38
C PRO A 28 22.28 0.08 0.56
N LEU A 29 22.65 1.35 0.70
CA LEU A 29 21.66 2.41 0.88
C LEU A 29 20.93 2.69 -0.43
N PHE A 30 21.61 2.48 -1.55
CA PHE A 30 21.02 2.70 -2.86
C PHE A 30 20.10 1.55 -3.25
N TYR A 31 20.45 0.35 -2.79
CA TYR A 31 19.66 -0.83 -3.09
C TYR A 31 18.36 -0.84 -2.29
N THR A 32 18.46 -0.52 -1.00
CA THR A 32 17.29 -0.48 -0.13
C THR A 32 16.27 0.54 -0.61
N ILE A 33 16.76 1.68 -1.08
CA ILE A 33 15.89 2.74 -1.57
C ILE A 33 15.33 2.39 -2.95
N ASN A 34 16.09 1.61 -3.72
CA ASN A 34 15.67 1.21 -5.05
C ASN A 34 14.32 0.51 -5.01
N LEU A 35 14.02 -0.11 -3.87
CA LEU A 35 12.75 -0.82 -3.71
C LEU A 35 11.69 0.11 -3.13
N ILE A 36 12.12 1.22 -2.54
CA ILE A 36 11.21 2.19 -1.95
C ILE A 36 10.55 3.04 -3.02
N ILE A 37 11.30 3.33 -4.08
CA ILE A 37 10.78 4.14 -5.18
C ILE A 37 9.50 3.53 -5.75
N PRO A 38 9.60 2.27 -6.20
CA PRO A 38 8.46 1.55 -6.78
C PRO A 38 7.41 1.21 -5.73
N CYS A 39 7.81 1.20 -4.47
CA CYS A 39 6.89 0.88 -3.37
C CYS A 39 5.98 2.07 -3.09
N VAL A 40 6.55 3.27 -3.04
CA VAL A 40 5.78 4.48 -2.77
C VAL A 40 5.09 4.98 -4.03
N LEU A 41 5.69 4.70 -5.18
CA LEU A 41 5.13 5.13 -6.46
C LEU A 41 3.66 4.73 -6.57
N ILE A 42 3.33 3.58 -6.00
CA ILE A 42 1.96 3.08 -6.02
C ILE A 42 0.99 4.08 -5.39
N THR A 43 1.46 4.78 -4.37
CA THR A 43 0.64 5.78 -3.68
C THR A 43 0.31 6.95 -4.59
N SER A 44 1.30 7.38 -5.37
CA SER A 44 1.11 8.50 -6.29
C SER A 44 -0.10 8.26 -7.20
N LEU A 45 -0.23 7.03 -7.69
CA LEU A 45 -1.34 6.68 -8.56
C LEU A 45 -2.61 6.48 -7.77
N ALA A 46 -2.49 5.86 -6.60
CA ALA A 46 -3.65 5.61 -5.75
C ALA A 46 -4.33 6.91 -5.35
N ILE A 47 -3.55 7.86 -4.86
CA ILE A 47 -4.08 9.17 -4.45
C ILE A 47 -4.95 9.77 -5.54
N LEU A 48 -4.62 9.46 -6.80
CA LEU A 48 -5.37 9.98 -7.94
C LEU A 48 -6.87 9.71 -7.76
N VAL A 49 -7.20 8.51 -7.30
CA VAL A 49 -8.59 8.13 -7.08
C VAL A 49 -8.97 8.23 -5.61
N PHE A 50 -8.03 7.86 -4.74
CA PHE A 50 -8.26 7.91 -3.30
C PHE A 50 -8.50 9.34 -2.83
N TYR A 51 -7.47 10.18 -2.96
CA TYR A 51 -7.57 11.57 -2.56
C TYR A 51 -8.44 12.37 -3.52
N LEU A 52 -8.01 12.44 -4.77
CA LEU A 52 -8.75 13.17 -5.80
C LEU A 52 -10.07 12.48 -6.11
N PRO A 53 -11.00 13.23 -6.71
CA PRO A 53 -12.32 12.71 -7.09
C PRO A 53 -12.25 11.71 -8.23
N SER A 54 -13.10 10.69 -8.17
CA SER A 54 -13.12 9.65 -9.21
C SER A 54 -14.49 8.99 -9.26
N ASP A 55 -14.62 7.98 -10.12
CA ASP A 55 -15.88 7.25 -10.28
C ASP A 55 -15.70 6.06 -11.21
N CYS A 56 -16.82 5.44 -11.59
CA CYS A 56 -16.79 4.28 -12.47
C CYS A 56 -16.06 3.11 -11.81
N GLY A 57 -16.10 1.95 -12.46
CA GLY A 57 -15.44 0.78 -11.93
C GLY A 57 -13.96 1.01 -11.67
N GLU A 58 -13.39 1.98 -12.37
CA GLU A 58 -11.97 2.29 -12.22
C GLU A 58 -11.62 2.50 -10.75
N LYS A 59 -12.55 3.08 -9.99
CA LYS A 59 -12.33 3.33 -8.58
C LYS A 59 -11.90 2.06 -7.86
N MET A 60 -12.66 0.99 -8.03
CA MET A 60 -12.35 -0.28 -7.40
C MET A 60 -11.13 -0.94 -8.06
N THR A 61 -11.07 -0.87 -9.38
CA THR A 61 -9.97 -1.45 -10.13
C THR A 61 -8.62 -0.94 -9.61
N LEU A 62 -8.63 0.27 -9.06
CA LEU A 62 -7.41 0.87 -8.53
C LEU A 62 -6.99 0.17 -7.23
N CYS A 63 -7.97 -0.15 -6.40
CA CYS A 63 -7.70 -0.82 -5.13
C CYS A 63 -7.14 -2.22 -5.35
N ILE A 64 -7.78 -2.96 -6.26
CA ILE A 64 -7.35 -4.31 -6.57
C ILE A 64 -6.05 -4.31 -7.37
N SER A 65 -5.88 -3.31 -8.23
CA SER A 65 -4.68 -3.19 -9.05
C SER A 65 -3.43 -3.21 -8.18
N VAL A 66 -3.48 -2.48 -7.07
CA VAL A 66 -2.35 -2.42 -6.15
C VAL A 66 -1.96 -3.80 -5.65
N LEU A 67 -2.96 -4.66 -5.47
CA LEU A 67 -2.72 -6.02 -5.00
C LEU A 67 -1.68 -6.73 -5.86
N LEU A 68 -1.60 -6.34 -7.12
CA LEU A 68 -0.65 -6.93 -8.05
C LEU A 68 0.78 -6.53 -7.69
N ALA A 69 0.96 -5.28 -7.28
CA ALA A 69 2.27 -4.78 -6.90
C ALA A 69 2.78 -5.47 -5.64
N LEU A 70 1.85 -5.88 -4.78
CA LEU A 70 2.21 -6.56 -3.53
C LEU A 70 2.87 -7.91 -3.81
N THR A 71 2.18 -8.75 -4.59
CA THR A 71 2.70 -10.06 -4.93
C THR A 71 3.99 -9.95 -5.73
N VAL A 72 4.06 -8.96 -6.61
CA VAL A 72 5.25 -8.75 -7.43
C VAL A 72 6.41 -8.21 -6.58
N PHE A 73 6.08 -7.41 -5.57
CA PHE A 73 7.09 -6.84 -4.69
C PHE A 73 7.78 -7.92 -3.87
N LEU A 74 7.06 -8.99 -3.59
CA LEU A 74 7.60 -10.10 -2.82
C LEU A 74 8.62 -10.90 -3.64
N LEU A 75 8.24 -11.23 -4.88
CA LEU A 75 9.11 -11.98 -5.77
C LEU A 75 10.26 -11.11 -6.27
N LEU A 76 9.95 -9.85 -6.58
CA LEU A 76 10.94 -8.91 -7.08
C LEU A 76 12.09 -8.75 -6.08
N ILE A 77 11.74 -8.48 -4.83
CA ILE A 77 12.73 -8.30 -3.78
C ILE A 77 13.38 -9.64 -3.41
N SER A 78 12.63 -10.72 -3.63
CA SER A 78 13.13 -12.06 -3.31
C SER A 78 14.06 -12.57 -4.41
N LYS A 79 14.03 -11.90 -5.55
CA LYS A 79 14.87 -12.27 -6.68
C LYS A 79 16.32 -12.45 -6.26
N ILE A 80 16.72 -11.71 -5.23
CA ILE A 80 18.09 -11.78 -4.72
C ILE A 80 18.50 -13.23 -4.47
N VAL A 81 17.56 -14.02 -3.98
CA VAL A 81 17.83 -15.44 -3.69
C VAL A 81 19.07 -15.59 -2.83
N PRO A 82 18.90 -15.41 -1.51
CA PRO A 82 20.00 -15.53 -0.55
C PRO A 82 20.47 -16.97 -0.39
N PRO A 83 21.63 -17.13 0.27
CA PRO A 83 22.22 -18.46 0.51
C PRO A 83 21.42 -19.27 1.52
N THR A 84 21.11 -18.67 2.66
CA THR A 84 20.34 -19.34 3.70
C THR A 84 19.29 -18.42 4.29
N SER A 85 19.63 -17.15 4.45
CA SER A 85 18.71 -16.17 5.01
C SER A 85 19.38 -14.79 5.11
N LEU A 86 19.38 -14.05 4.01
CA LEU A 86 19.99 -12.72 3.98
C LEU A 86 18.92 -11.64 4.08
N ASP A 87 17.68 -12.01 3.81
CA ASP A 87 16.57 -11.07 3.88
C ASP A 87 15.26 -11.80 4.16
N VAL A 88 15.36 -12.97 4.78
CA VAL A 88 14.18 -13.76 5.12
C VAL A 88 13.33 -13.07 6.17
N PRO A 89 13.94 -12.79 7.33
CA PRO A 89 13.26 -12.13 8.45
C PRO A 89 12.95 -10.67 8.15
N LEU A 90 13.68 -10.09 7.19
CA LEU A 90 13.49 -8.70 6.81
C LEU A 90 12.20 -8.54 6.00
N VAL A 91 12.08 -9.32 4.94
CA VAL A 91 10.91 -9.27 4.07
C VAL A 91 9.75 -10.04 4.69
N GLY A 92 10.03 -11.25 5.17
CA GLY A 92 8.99 -12.06 5.77
C GLY A 92 8.22 -11.32 6.84
N LYS A 93 8.94 -10.53 7.64
CA LYS A 93 8.31 -9.77 8.71
C LYS A 93 7.51 -8.59 8.15
N TYR A 94 7.88 -8.15 6.96
CA TYR A 94 7.20 -7.03 6.30
C TYR A 94 5.84 -7.47 5.77
N LEU A 95 5.77 -8.68 5.25
CA LEU A 95 4.53 -9.21 4.70
C LEU A 95 3.43 -9.21 5.75
N MET A 96 3.82 -9.34 7.01
CA MET A 96 2.87 -9.34 8.11
C MET A 96 2.24 -7.97 8.30
N PHE A 97 3.08 -6.94 8.25
CA PHE A 97 2.62 -5.57 8.42
C PHE A 97 1.89 -5.08 7.17
N THR A 98 2.54 -5.24 6.01
CA THR A 98 1.96 -4.81 4.75
C THR A 98 0.57 -5.41 4.56
N MET A 99 0.34 -6.58 5.13
CA MET A 99 -0.95 -7.26 5.02
C MET A 99 -2.03 -6.47 5.76
N VAL A 100 -1.63 -5.77 6.82
CA VAL A 100 -2.57 -4.97 7.60
C VAL A 100 -2.87 -3.65 6.92
N LEU A 101 -1.89 -3.13 6.18
CA LEU A 101 -2.06 -1.87 5.48
C LEU A 101 -2.95 -2.04 4.25
N VAL A 102 -2.88 -3.20 3.62
CA VAL A 102 -3.68 -3.49 2.45
C VAL A 102 -5.13 -3.80 2.83
N THR A 103 -5.30 -4.51 3.94
CA THR A 103 -6.63 -4.88 4.41
C THR A 103 -7.36 -3.67 4.98
N PHE A 104 -6.63 -2.81 5.68
CA PHE A 104 -7.21 -1.62 6.27
C PHE A 104 -7.68 -0.65 5.20
N SER A 105 -6.97 -0.64 4.06
CA SER A 105 -7.31 0.25 2.96
C SER A 105 -8.58 -0.24 2.25
N ILE A 106 -8.71 -1.55 2.14
CA ILE A 106 -9.87 -2.14 1.48
C ILE A 106 -11.13 -1.96 2.32
N VAL A 107 -11.06 -2.34 3.59
CA VAL A 107 -12.20 -2.21 4.50
C VAL A 107 -12.72 -0.78 4.51
N THR A 108 -11.82 0.18 4.40
CA THR A 108 -12.19 1.59 4.40
C THR A 108 -13.28 1.87 3.38
N SER A 109 -13.25 1.13 2.27
CA SER A 109 -14.24 1.31 1.21
C SER A 109 -15.66 1.29 1.78
N VAL A 110 -15.85 0.53 2.85
CA VAL A 110 -17.15 0.43 3.49
C VAL A 110 -17.72 1.81 3.81
N CYS A 111 -16.83 2.75 4.11
CA CYS A 111 -17.25 4.11 4.44
C CYS A 111 -17.87 4.79 3.22
N VAL A 112 -17.24 4.61 2.06
CA VAL A 112 -17.73 5.21 0.82
C VAL A 112 -18.93 4.45 0.29
N LEU A 113 -18.91 3.13 0.46
CA LEU A 113 -19.99 2.27 -0.02
C LEU A 113 -21.24 2.46 0.84
N ASN A 114 -21.04 2.75 2.12
CA ASN A 114 -22.14 2.94 3.05
C ASN A 114 -23.00 4.14 2.63
N VAL A 115 -22.36 5.12 1.99
CA VAL A 115 -23.06 6.32 1.53
C VAL A 115 -23.34 6.25 0.03
N HIS A 116 -22.54 5.46 -0.67
CA HIS A 116 -22.69 5.31 -2.12
C HIS A 116 -24.07 4.75 -2.46
N HIS A 117 -24.26 3.46 -2.21
CA HIS A 117 -25.53 2.81 -2.50
C HIS A 117 -25.52 1.36 -2.01
N ARG A 118 -25.68 1.18 -0.71
CA ARG A 118 -25.68 -0.15 -0.12
C ARG A 118 -26.86 -0.97 -0.64
N SER A 119 -27.09 -2.13 -0.02
CA SER A 119 -28.17 -3.01 -0.43
C SER A 119 -27.98 -3.51 -1.85
N PRO A 120 -26.97 -4.36 -2.04
CA PRO A 120 -26.64 -4.93 -3.36
C PRO A 120 -27.69 -5.92 -3.83
N THR A 121 -27.39 -6.62 -4.93
CA THR A 121 -28.32 -7.59 -5.48
C THR A 121 -27.62 -8.93 -5.72
N THR A 122 -26.78 -8.99 -6.74
CA THR A 122 -26.05 -10.21 -7.07
C THR A 122 -24.55 -9.94 -7.19
N HIS A 123 -23.75 -10.96 -6.87
CA HIS A 123 -22.30 -10.84 -6.94
C HIS A 123 -21.81 -9.67 -6.07
N THR A 124 -20.53 -9.33 -6.22
CA THR A 124 -19.94 -8.24 -5.46
C THR A 124 -19.54 -7.09 -6.36
N PRO A 125 -20.55 -6.35 -6.87
CA PRO A 125 -20.32 -5.20 -7.76
C PRO A 125 -19.69 -4.02 -7.03
N ARG A 126 -18.75 -3.36 -7.69
CA ARG A 126 -18.08 -2.21 -7.10
C ARG A 126 -17.88 -1.10 -8.14
N GLY A 127 -17.70 0.12 -7.66
CA GLY A 127 -17.51 1.25 -8.56
C GLY A 127 -18.70 2.19 -8.57
N GLY A 128 -18.46 3.44 -8.94
CA GLY A 128 -19.53 4.42 -8.98
C GLY A 128 -19.15 5.72 -8.30
N GLY A 129 -20.16 6.49 -7.89
CA GLY A 129 -19.90 7.75 -7.24
C GLY A 129 -19.24 7.58 -5.88
N GLY A 130 -19.55 8.48 -4.95
CA GLY A 130 -18.98 8.41 -3.63
C GLY A 130 -18.04 9.56 -3.34
N TYR A 131 -18.47 10.77 -3.68
CA TYR A 131 -17.66 11.96 -3.46
C TYR A 131 -17.89 12.53 -2.05
N VAL A 132 -19.16 12.58 -1.65
CA VAL A 132 -19.52 13.10 -0.34
C VAL A 132 -18.76 12.38 0.77
N ALA A 133 -18.47 11.10 0.54
CA ALA A 133 -17.74 10.30 1.52
C ALA A 133 -16.28 10.71 1.60
N MET A 134 -15.78 11.29 0.51
CA MET A 134 -14.39 11.73 0.46
C MET A 134 -14.06 12.63 1.64
N VAL A 135 -15.06 13.38 2.11
CA VAL A 135 -14.88 14.28 3.23
C VAL A 135 -14.36 13.54 4.46
N ILE A 136 -15.02 12.43 4.79
CA ILE A 136 -14.63 11.62 5.94
C ILE A 136 -13.35 10.85 5.65
N ASP A 137 -13.26 10.31 4.45
CA ASP A 137 -12.09 9.53 4.04
C ASP A 137 -10.83 10.39 4.07
N ARG A 138 -11.00 11.69 3.82
CA ARG A 138 -9.88 12.62 3.81
C ARG A 138 -9.10 12.53 5.11
N LEU A 139 -9.78 12.14 6.18
CA LEU A 139 -9.15 12.02 7.50
C LEU A 139 -8.14 10.88 7.51
N PHE A 140 -8.57 9.71 7.06
CA PHE A 140 -7.70 8.54 7.02
C PHE A 140 -6.70 8.65 5.89
N LEU A 141 -7.10 9.31 4.81
CA LEU A 141 -6.22 9.50 3.65
C LEU A 141 -4.87 10.06 4.07
N TRP A 142 -4.88 10.89 5.12
CA TRP A 142 -3.66 11.50 5.62
C TRP A 142 -2.82 10.49 6.40
N ILE A 143 -3.49 9.59 7.10
CA ILE A 143 -2.81 8.57 7.89
C ILE A 143 -2.29 7.46 6.99
N PHE A 144 -3.00 7.18 5.91
CA PHE A 144 -2.59 6.13 4.97
C PHE A 144 -1.18 6.38 4.46
N VAL A 145 -0.96 7.56 3.87
CA VAL A 145 0.35 7.90 3.34
C VAL A 145 1.41 7.91 4.44
N PHE A 146 1.01 8.32 5.63
CA PHE A 146 1.93 8.36 6.77
C PHE A 146 2.53 6.98 7.03
N VAL A 147 1.75 5.94 6.77
CA VAL A 147 2.22 4.57 6.97
C VAL A 147 3.35 4.23 6.02
N CYS A 148 3.27 4.74 4.80
CA CYS A 148 4.30 4.47 3.79
C CYS A 148 5.67 4.92 4.29
N VAL A 149 5.74 6.17 4.75
CA VAL A 149 7.00 6.72 5.24
C VAL A 149 7.41 6.05 6.56
N PHE A 150 6.42 5.67 7.36
CA PHE A 150 6.67 5.03 8.64
C PHE A 150 7.60 3.83 8.46
N GLY A 151 7.22 2.92 7.57
CA GLY A 151 8.02 1.74 7.32
C GLY A 151 9.24 2.04 6.48
N THR A 152 9.21 3.15 5.76
CA THR A 152 10.31 3.55 4.89
C THR A 152 11.56 3.87 5.72
N ILE A 153 11.40 4.74 6.70
CA ILE A 153 12.52 5.14 7.56
C ILE A 153 12.83 4.05 8.59
N GLY A 154 11.81 3.24 8.91
CA GLY A 154 11.99 2.17 9.87
C GLY A 154 13.09 1.19 9.47
N MET A 155 13.01 0.73 8.23
CA MET A 155 14.00 -0.22 7.71
C MET A 155 15.35 0.46 7.51
N PHE A 156 15.31 1.74 7.17
CA PHE A 156 16.53 2.50 6.96
C PHE A 156 17.25 2.77 8.27
N LEU A 157 16.51 2.75 9.37
CA LEU A 157 17.07 2.99 10.69
C LEU A 157 17.84 1.78 11.18
N GLN A 158 17.46 0.60 10.69
CA GLN A 158 18.12 -0.64 11.09
C GLN A 158 19.63 -0.54 10.89
N PRO A 159 20.05 -0.30 9.65
CA PRO A 159 21.48 -0.17 9.30
C PRO A 159 22.10 1.11 9.86
N LEU A 160 21.31 2.18 9.87
CA LEU A 160 21.78 3.47 10.38
C LEU A 160 23.14 3.83 9.78
N PHE A 161 23.35 3.44 8.53
CA PHE A 161 24.60 3.73 7.84
C PHE A 161 25.70 2.78 8.31
N GLN A 162 25.88 2.70 9.62
CA GLN A 162 26.91 1.83 10.20
C GLN A 162 26.76 1.75 11.71
N ASN A 163 27.13 2.82 12.40
CA ASN A 163 27.03 2.86 13.85
C ASN A 163 27.38 4.25 14.38
N TYR A 164 26.42 4.89 15.03
CA TYR A 164 26.63 6.23 15.59
C TYR A 164 26.92 7.24 14.48
N ARG A 25 27.10 -3.63 3.27
CA ARG A 25 28.51 -3.27 3.08
C ARG A 25 28.64 -2.01 2.24
N ARG A 26 28.31 -2.12 0.96
CA ARG A 26 28.39 -0.98 0.05
C ARG A 26 27.21 -0.05 0.23
N LYS A 27 27.13 0.60 1.39
CA LYS A 27 26.03 1.52 1.68
C LYS A 27 24.75 1.07 0.99
N PRO A 28 24.10 0.05 1.57
CA PRO A 28 22.84 -0.49 1.03
C PRO A 28 21.68 0.46 1.20
N LEU A 29 21.94 1.59 1.85
CA LEU A 29 20.91 2.60 2.08
C LEU A 29 20.21 2.98 0.77
N PHE A 30 20.96 2.91 -0.32
CA PHE A 30 20.41 3.24 -1.64
C PHE A 30 19.63 2.08 -2.21
N TYR A 31 20.06 0.86 -1.88
CA TYR A 31 19.39 -0.35 -2.36
C TYR A 31 18.04 -0.54 -1.68
N THR A 32 18.04 -0.39 -0.35
CA THR A 32 16.81 -0.55 0.43
C THR A 32 15.75 0.44 -0.03
N ILE A 33 16.16 1.66 -0.31
CA ILE A 33 15.24 2.70 -0.75
C ILE A 33 14.81 2.48 -2.20
N ASN A 34 15.69 1.86 -2.98
CA ASN A 34 15.41 1.59 -4.39
C ASN A 34 14.12 0.78 -4.53
N LEU A 35 13.79 0.02 -3.51
CA LEU A 35 12.58 -0.80 -3.51
C LEU A 35 11.40 -0.04 -2.92
N ILE A 36 11.70 1.01 -2.16
CA ILE A 36 10.66 1.81 -1.54
C ILE A 36 10.01 2.75 -2.55
N ILE A 37 10.81 3.23 -3.49
CA ILE A 37 10.31 4.14 -4.53
C ILE A 37 9.14 3.52 -5.28
N PRO A 38 9.38 2.34 -5.87
CA PRO A 38 8.36 1.61 -6.63
C PRO A 38 7.25 1.06 -5.74
N CYS A 39 7.55 0.92 -4.45
CA CYS A 39 6.59 0.40 -3.49
C CYS A 39 5.54 1.46 -3.14
N VAL A 40 6.00 2.68 -2.90
CA VAL A 40 5.11 3.78 -2.56
C VAL A 40 4.47 4.39 -3.81
N LEU A 41 5.19 4.30 -4.93
CA LEU A 41 4.69 4.84 -6.19
C LEU A 41 3.29 4.34 -6.48
N ILE A 42 3.01 3.10 -6.07
CA ILE A 42 1.70 2.50 -6.29
C ILE A 42 0.60 3.33 -5.63
N THR A 43 0.92 3.94 -4.49
CA THR A 43 -0.04 4.76 -3.77
C THR A 43 -0.40 6.01 -4.57
N SER A 44 0.59 6.59 -5.23
CA SER A 44 0.37 7.79 -6.03
C SER A 44 -0.77 7.59 -7.01
N LEU A 45 -0.76 6.45 -7.71
CA LEU A 45 -1.79 6.14 -8.68
C LEU A 45 -3.09 5.73 -8.00
N ALA A 46 -2.97 4.95 -6.94
CA ALA A 46 -4.13 4.49 -6.18
C ALA A 46 -4.96 5.68 -5.68
N ILE A 47 -4.28 6.75 -5.32
CA ILE A 47 -4.95 7.95 -4.83
C ILE A 47 -5.82 8.58 -5.92
N LEU A 48 -5.37 8.46 -7.17
CA LEU A 48 -6.10 9.01 -8.30
C LEU A 48 -7.54 8.50 -8.32
N VAL A 49 -7.73 7.26 -7.88
CA VAL A 49 -9.05 6.65 -7.85
C VAL A 49 -9.62 6.66 -6.44
N PHE A 50 -8.75 6.47 -5.45
CA PHE A 50 -9.17 6.46 -4.05
C PHE A 50 -9.53 7.86 -3.57
N TYR A 51 -8.54 8.74 -3.55
CA TYR A 51 -8.75 10.12 -3.11
C TYR A 51 -9.69 10.86 -4.06
N LEU A 52 -9.50 10.63 -5.35
CA LEU A 52 -10.32 11.27 -6.38
C LEU A 52 -11.19 10.25 -7.10
N PRO A 53 -12.24 9.76 -6.43
CA PRO A 53 -13.15 8.77 -7.00
C PRO A 53 -14.01 9.34 -8.12
N SER A 54 -13.99 8.70 -9.27
CA SER A 54 -14.75 9.15 -10.43
C SER A 54 -15.80 8.12 -10.82
N ASP A 55 -15.53 6.86 -10.50
CA ASP A 55 -16.46 5.77 -10.81
C ASP A 55 -16.14 4.53 -9.98
N CYS A 56 -17.15 4.03 -9.28
CA CYS A 56 -16.98 2.85 -8.44
C CYS A 56 -16.48 1.66 -9.27
N GLY A 57 -16.78 1.68 -10.56
CA GLY A 57 -16.36 0.60 -11.44
C GLY A 57 -14.87 0.33 -11.34
N GLU A 58 -14.07 1.32 -11.72
CA GLU A 58 -12.61 1.18 -11.68
C GLU A 58 -12.10 1.27 -10.25
N LYS A 59 -12.74 2.10 -9.44
CA LYS A 59 -12.35 2.28 -8.05
C LYS A 59 -12.34 0.94 -7.32
N MET A 60 -13.44 0.20 -7.44
CA MET A 60 -13.56 -1.10 -6.78
C MET A 60 -12.55 -2.09 -7.36
N THR A 61 -12.53 -2.21 -8.68
CA THR A 61 -11.62 -3.12 -9.35
C THR A 61 -10.17 -2.82 -8.98
N LEU A 62 -9.90 -1.57 -8.66
CA LEU A 62 -8.55 -1.14 -8.28
C LEU A 62 -8.19 -1.66 -6.89
N CYS A 63 -9.08 -1.41 -5.93
CA CYS A 63 -8.85 -1.84 -4.55
C CYS A 63 -8.55 -3.33 -4.49
N ILE A 64 -9.39 -4.13 -5.16
CA ILE A 64 -9.22 -5.57 -5.18
C ILE A 64 -7.96 -5.96 -5.97
N SER A 65 -7.68 -5.20 -7.02
CA SER A 65 -6.52 -5.46 -7.87
C SER A 65 -5.23 -5.25 -7.10
N VAL A 66 -5.30 -4.41 -6.06
CA VAL A 66 -4.13 -4.12 -5.24
C VAL A 66 -3.55 -5.39 -4.63
N LEU A 67 -4.44 -6.31 -4.24
CA LEU A 67 -4.01 -7.57 -3.63
C LEU A 67 -3.00 -8.27 -4.52
N LEU A 68 -3.09 -8.05 -5.82
CA LEU A 68 -2.17 -8.66 -6.78
C LEU A 68 -0.77 -8.09 -6.63
N ALA A 69 -0.69 -6.79 -6.39
CA ALA A 69 0.60 -6.12 -6.22
C ALA A 69 1.30 -6.59 -4.95
N LEU A 70 0.52 -6.98 -3.95
CA LEU A 70 1.07 -7.44 -2.69
C LEU A 70 1.83 -8.75 -2.89
N THR A 71 1.17 -9.74 -3.47
CA THR A 71 1.78 -11.04 -3.71
C THR A 71 2.98 -10.91 -4.65
N VAL A 72 2.85 -10.05 -5.65
CA VAL A 72 3.92 -9.83 -6.62
C VAL A 72 5.09 -9.09 -5.98
N PHE A 73 4.77 -8.19 -5.04
CA PHE A 73 5.80 -7.41 -4.36
C PHE A 73 6.89 -8.32 -3.80
N LEU A 74 6.52 -9.55 -3.44
CA LEU A 74 7.47 -10.51 -2.90
C LEU A 74 8.39 -11.03 -4.00
N LEU A 75 7.83 -11.33 -5.15
CA LEU A 75 8.60 -11.84 -6.29
C LEU A 75 9.45 -10.73 -6.90
N LEU A 76 8.93 -9.51 -6.89
CA LEU A 76 9.65 -8.37 -7.45
C LEU A 76 10.84 -8.00 -6.58
N ILE A 77 10.59 -7.76 -5.30
CA ILE A 77 11.65 -7.40 -4.37
C ILE A 77 12.74 -8.47 -4.34
N SER A 78 12.35 -9.71 -4.58
CA SER A 78 13.30 -10.82 -4.58
C SER A 78 14.06 -10.89 -5.90
N LYS A 79 13.47 -10.32 -6.94
CA LYS A 79 14.09 -10.31 -8.27
C LYS A 79 15.30 -9.39 -8.29
N ILE A 80 15.44 -8.57 -7.24
CA ILE A 80 16.56 -7.66 -7.15
C ILE A 80 17.89 -8.39 -7.24
N VAL A 81 17.88 -9.67 -6.88
CA VAL A 81 19.09 -10.49 -6.93
C VAL A 81 20.13 -9.98 -5.95
N PRO A 82 19.92 -10.24 -4.65
CA PRO A 82 20.84 -9.81 -3.59
C PRO A 82 22.15 -10.57 -3.62
N PRO A 83 23.15 -10.07 -2.87
CA PRO A 83 24.47 -10.69 -2.79
C PRO A 83 24.45 -12.03 -2.05
N THR A 84 23.81 -12.04 -0.88
CA THR A 84 23.72 -13.26 -0.08
C THR A 84 22.27 -13.69 0.09
N SER A 85 21.35 -12.76 -0.13
CA SER A 85 19.93 -13.05 0.00
C SER A 85 19.57 -13.42 1.44
N LEU A 86 20.10 -12.65 2.39
CA LEU A 86 19.85 -12.90 3.81
C LEU A 86 18.69 -12.04 4.31
N ASP A 87 17.80 -11.66 3.40
CA ASP A 87 16.65 -10.82 3.75
C ASP A 87 15.37 -11.66 3.78
N VAL A 88 15.52 -12.97 4.00
CA VAL A 88 14.39 -13.87 4.05
C VAL A 88 13.52 -13.59 5.28
N PRO A 89 14.13 -13.67 6.47
CA PRO A 89 13.43 -13.42 7.73
C PRO A 89 13.06 -11.95 7.91
N LEU A 90 13.74 -11.08 7.18
CA LEU A 90 13.47 -9.65 7.26
C LEU A 90 12.17 -9.29 6.55
N VAL A 91 11.99 -9.85 5.36
CA VAL A 91 10.78 -9.59 4.58
C VAL A 91 9.63 -10.46 5.05
N GLY A 92 9.94 -11.70 5.41
CA GLY A 92 8.91 -12.61 5.88
C GLY A 92 8.07 -12.03 7.00
N LYS A 93 8.74 -11.51 8.04
CA LYS A 93 8.04 -10.91 9.17
C LYS A 93 7.26 -9.68 8.74
N TYR A 94 7.81 -8.94 7.78
CA TYR A 94 7.17 -7.74 7.28
C TYR A 94 5.81 -8.06 6.67
N LEU A 95 5.72 -9.20 6.01
CA LEU A 95 4.48 -9.63 5.37
C LEU A 95 3.32 -9.58 6.37
N MET A 96 3.63 -9.78 7.65
CA MET A 96 2.61 -9.76 8.69
C MET A 96 2.06 -8.36 8.87
N PHE A 97 2.94 -7.36 8.87
CA PHE A 97 2.54 -5.97 9.03
C PHE A 97 1.89 -5.44 7.75
N THR A 98 2.60 -5.59 6.64
CA THR A 98 2.11 -5.12 5.35
C THR A 98 0.70 -5.66 5.07
N MET A 99 0.41 -6.85 5.60
CA MET A 99 -0.89 -7.47 5.41
C MET A 99 -1.99 -6.67 6.11
N VAL A 100 -1.62 -6.00 7.20
CA VAL A 100 -2.58 -5.20 7.96
C VAL A 100 -2.80 -3.84 7.29
N LEU A 101 -1.78 -3.35 6.60
CA LEU A 101 -1.85 -2.06 5.91
C LEU A 101 -2.69 -2.17 4.65
N VAL A 102 -2.62 -3.33 4.00
CA VAL A 102 -3.37 -3.58 2.78
C VAL A 102 -4.84 -3.85 3.07
N THR A 103 -5.10 -4.57 4.16
CA THR A 103 -6.46 -4.91 4.56
C THR A 103 -7.18 -3.69 5.11
N PHE A 104 -6.47 -2.89 5.90
CA PHE A 104 -7.04 -1.69 6.50
C PHE A 104 -7.45 -0.69 5.42
N SER A 105 -6.69 -0.68 4.32
CA SER A 105 -6.97 0.23 3.21
C SER A 105 -8.24 -0.18 2.47
N ILE A 106 -8.49 -1.49 2.44
CA ILE A 106 -9.67 -2.01 1.76
C ILE A 106 -10.93 -1.76 2.57
N VAL A 107 -10.90 -2.15 3.84
CA VAL A 107 -12.04 -1.98 4.73
C VAL A 107 -12.48 -0.52 4.76
N THR A 108 -11.52 0.39 4.70
CA THR A 108 -11.81 1.82 4.72
C THR A 108 -12.84 2.19 3.66
N SER A 109 -12.82 1.47 2.54
CA SER A 109 -13.75 1.72 1.46
C SER A 109 -15.18 1.78 1.98
N VAL A 110 -15.46 1.03 3.03
CA VAL A 110 -16.79 0.98 3.62
C VAL A 110 -17.29 2.39 3.93
N CYS A 111 -16.36 3.28 4.29
CA CYS A 111 -16.71 4.66 4.63
C CYS A 111 -17.28 5.38 3.42
N VAL A 112 -16.64 5.19 2.26
CA VAL A 112 -17.09 5.82 1.03
C VAL A 112 -18.31 5.11 0.46
N LEU A 113 -18.36 3.81 0.63
CA LEU A 113 -19.49 3.00 0.13
C LEU A 113 -20.74 3.26 0.96
N ASN A 114 -20.54 3.52 2.25
CA ASN A 114 -21.66 3.78 3.15
C ASN A 114 -22.48 4.97 2.68
N VAL A 115 -21.81 5.93 2.05
CA VAL A 115 -22.47 7.13 1.55
C VAL A 115 -22.69 7.04 0.03
N HIS A 116 -21.86 6.25 -0.63
CA HIS A 116 -21.95 6.09 -2.08
C HIS A 116 -22.87 4.92 -2.42
N HIS A 117 -22.38 3.70 -2.21
CA HIS A 117 -23.16 2.50 -2.51
C HIS A 117 -22.45 1.25 -2.01
N ARG A 118 -22.86 0.77 -0.85
CA ARG A 118 -22.25 -0.42 -0.25
C ARG A 118 -23.10 -1.67 -0.54
N SER A 119 -22.52 -2.62 -1.26
CA SER A 119 -23.23 -3.85 -1.60
C SER A 119 -22.33 -4.79 -2.40
N PRO A 120 -22.70 -6.08 -2.42
CA PRO A 120 -21.94 -7.10 -3.16
C PRO A 120 -22.04 -6.93 -4.67
N THR A 121 -20.91 -7.06 -5.35
CA THR A 121 -20.88 -6.93 -6.80
C THR A 121 -19.53 -7.34 -7.36
N THR A 122 -19.54 -7.93 -8.55
CA THR A 122 -18.32 -8.37 -9.20
C THR A 122 -18.52 -8.56 -10.71
N HIS A 123 -18.71 -7.45 -11.41
CA HIS A 123 -18.92 -7.49 -12.86
C HIS A 123 -18.53 -6.16 -13.50
N THR A 124 -17.63 -5.44 -12.85
CA THR A 124 -17.18 -4.15 -13.36
C THR A 124 -18.34 -3.16 -13.47
N PRO A 125 -18.79 -2.66 -12.31
CA PRO A 125 -19.90 -1.70 -12.24
C PRO A 125 -19.52 -0.34 -12.80
N ARG A 126 -20.40 0.64 -12.62
CA ARG A 126 -20.15 2.00 -13.11
C ARG A 126 -20.29 3.01 -11.97
N GLY A 127 -21.52 3.28 -11.58
CA GLY A 127 -21.77 4.24 -10.51
C GLY A 127 -21.10 5.57 -10.76
N GLY A 128 -20.62 6.20 -9.69
CA GLY A 128 -19.95 7.48 -9.80
C GLY A 128 -20.24 8.40 -8.63
N GLY A 129 -19.18 8.89 -8.00
CA GLY A 129 -19.33 9.78 -6.86
C GLY A 129 -18.49 9.35 -5.68
N GLY A 130 -18.92 9.74 -4.48
CA GLY A 130 -18.17 9.39 -3.29
C GLY A 130 -17.15 10.45 -2.92
N TYR A 131 -17.42 11.69 -3.28
CA TYR A 131 -16.52 12.80 -2.98
C TYR A 131 -16.81 13.39 -1.61
N VAL A 132 -18.07 13.32 -1.19
CA VAL A 132 -18.49 13.84 0.10
C VAL A 132 -17.86 13.05 1.24
N ALA A 133 -17.71 11.74 1.05
CA ALA A 133 -17.12 10.87 2.06
C ALA A 133 -15.66 11.23 2.30
N MET A 134 -15.03 11.83 1.29
CA MET A 134 -13.62 12.23 1.41
C MET A 134 -13.40 13.08 2.65
N VAL A 135 -14.42 13.84 3.05
CA VAL A 135 -14.32 14.69 4.22
C VAL A 135 -13.96 13.88 5.46
N ILE A 136 -14.78 12.89 5.79
CA ILE A 136 -14.55 12.05 6.94
C ILE A 136 -13.41 11.06 6.69
N ASP A 137 -13.33 10.57 5.46
CA ASP A 137 -12.28 9.63 5.08
C ASP A 137 -10.90 10.27 5.22
N ARG A 138 -10.84 11.58 5.04
CA ARG A 138 -9.58 12.31 5.15
C ARG A 138 -8.88 12.00 6.46
N LEU A 139 -9.67 11.71 7.49
CA LEU A 139 -9.13 11.39 8.81
C LEU A 139 -8.43 10.04 8.80
N PHE A 140 -9.00 9.08 8.09
CA PHE A 140 -8.43 7.73 7.99
C PHE A 140 -7.20 7.73 7.09
N LEU A 141 -7.37 8.25 5.87
CA LEU A 141 -6.28 8.30 4.91
C LEU A 141 -5.05 8.97 5.53
N TRP A 142 -5.28 9.94 6.40
CA TRP A 142 -4.19 10.65 7.05
C TRP A 142 -3.26 9.69 7.76
N ILE A 143 -3.84 8.80 8.57
CA ILE A 143 -3.05 7.83 9.32
C ILE A 143 -2.58 6.69 8.40
N PHE A 144 -3.41 6.35 7.42
CA PHE A 144 -3.08 5.29 6.48
C PHE A 144 -1.76 5.56 5.79
N VAL A 145 -1.64 6.71 5.15
CA VAL A 145 -0.42 7.11 4.46
C VAL A 145 0.76 7.15 5.41
N PHE A 146 0.50 7.57 6.64
CA PHE A 146 1.55 7.67 7.66
C PHE A 146 2.09 6.28 8.01
N VAL A 147 1.21 5.29 7.97
CA VAL A 147 1.60 3.92 8.29
C VAL A 147 2.79 3.47 7.44
N CYS A 148 2.68 3.66 6.14
CA CYS A 148 3.74 3.28 5.22
C CYS A 148 5.08 3.87 5.65
N VAL A 149 5.07 5.17 5.97
CA VAL A 149 6.28 5.85 6.39
C VAL A 149 6.80 5.29 7.71
N PHE A 150 5.88 4.84 8.56
CA PHE A 150 6.25 4.27 9.86
C PHE A 150 7.29 3.18 9.69
N GLY A 151 6.97 2.19 8.86
CA GLY A 151 7.88 1.09 8.63
C GLY A 151 9.00 1.46 7.68
N THR A 152 8.79 2.51 6.90
CA THR A 152 9.79 2.96 5.94
C THR A 152 11.10 3.33 6.64
N ILE A 153 11.00 4.21 7.64
CA ILE A 153 12.16 4.64 8.39
C ILE A 153 12.63 3.57 9.37
N GLY A 154 11.67 2.82 9.92
CA GLY A 154 11.99 1.77 10.86
C GLY A 154 12.99 0.78 10.30
N MET A 155 12.72 0.28 9.09
CA MET A 155 13.61 -0.68 8.45
C MET A 155 14.89 -0.01 7.98
N PHE A 156 14.78 1.26 7.59
CA PHE A 156 15.93 2.02 7.11
C PHE A 156 16.88 2.34 8.26
N LEU A 157 16.36 2.36 9.47
CA LEU A 157 17.16 2.65 10.66
C LEU A 157 18.03 1.46 11.03
N GLN A 158 17.57 0.26 10.67
CA GLN A 158 18.31 -0.96 10.97
C GLN A 158 19.76 -0.85 10.50
N PRO A 159 19.93 -0.66 9.18
CA PRO A 159 21.26 -0.54 8.56
C PRO A 159 21.95 0.77 8.94
N LEU A 160 21.18 1.71 9.48
CA LEU A 160 21.72 3.00 9.88
C LEU A 160 22.09 2.99 11.37
N PHE A 161 22.67 1.90 11.81
CA PHE A 161 23.08 1.76 13.21
C PHE A 161 24.23 2.71 13.53
N GLN A 162 25.01 3.06 12.52
CA GLN A 162 26.14 3.96 12.70
C GLN A 162 27.28 3.27 13.43
N ASN A 163 27.06 2.98 14.72
CA ASN A 163 28.07 2.31 15.53
C ASN A 163 29.41 3.04 15.45
N TYR A 164 29.59 4.04 16.30
CA TYR A 164 30.82 4.81 16.32
C TYR A 164 31.07 5.48 14.97
N ARG A 25 28.66 -4.92 2.04
CA ARG A 25 29.55 -4.11 1.23
C ARG A 25 29.64 -2.69 1.75
N ARG A 26 28.50 -2.00 1.76
CA ARG A 26 28.45 -0.62 2.23
C ARG A 26 27.11 -0.32 2.89
N LYS A 27 26.85 0.96 3.14
CA LYS A 27 25.60 1.37 3.77
C LYS A 27 24.40 0.74 3.07
N PRO A 28 23.76 -0.22 3.75
CA PRO A 28 22.59 -0.92 3.21
C PRO A 28 21.36 -0.02 3.14
N LEU A 29 21.43 1.12 3.80
CA LEU A 29 20.33 2.07 3.81
C LEU A 29 19.86 2.39 2.39
N PHE A 30 20.81 2.35 1.46
CA PHE A 30 20.50 2.64 0.06
C PHE A 30 19.82 1.44 -0.61
N TYR A 31 20.21 0.25 -0.19
CA TYR A 31 19.65 -0.98 -0.75
C TYR A 31 18.22 -1.19 -0.27
N THR A 32 18.01 -1.01 1.04
CA THR A 32 16.68 -1.18 1.63
C THR A 32 15.69 -0.21 1.01
N ILE A 33 16.12 1.01 0.77
CA ILE A 33 15.25 2.03 0.18
C ILE A 33 15.06 1.78 -1.31
N ASN A 34 16.05 1.18 -1.94
CA ASN A 34 15.99 0.88 -3.37
C ASN A 34 14.75 0.05 -3.70
N LEU A 35 14.27 -0.71 -2.72
CA LEU A 35 13.09 -1.55 -2.90
C LEU A 35 11.83 -0.80 -2.50
N ILE A 36 12.00 0.28 -1.72
CA ILE A 36 10.87 1.08 -1.28
C ILE A 36 10.36 1.98 -2.39
N ILE A 37 11.29 2.47 -3.23
CA ILE A 37 10.94 3.33 -4.33
C ILE A 37 9.90 2.69 -5.24
N PRO A 38 10.23 1.50 -5.77
CA PRO A 38 9.34 0.74 -6.65
C PRO A 38 8.13 0.18 -5.91
N CYS A 39 8.24 0.06 -4.60
CA CYS A 39 7.16 -0.46 -3.78
C CYS A 39 6.06 0.58 -3.60
N VAL A 40 6.48 1.82 -3.30
CA VAL A 40 5.54 2.91 -3.10
C VAL A 40 5.09 3.50 -4.43
N LEU A 41 5.95 3.41 -5.43
CA LEU A 41 5.63 3.94 -6.76
C LEU A 41 4.28 3.41 -7.25
N ILE A 42 3.95 2.18 -6.87
CA ILE A 42 2.69 1.57 -7.26
C ILE A 42 1.51 2.40 -6.78
N THR A 43 1.66 3.01 -5.60
CA THR A 43 0.61 3.83 -5.03
C THR A 43 0.34 5.07 -5.88
N SER A 44 1.42 5.68 -6.38
CA SER A 44 1.30 6.87 -7.21
C SER A 44 0.33 6.64 -8.37
N LEU A 45 0.45 5.47 -9.00
CA LEU A 45 -0.41 5.12 -10.13
C LEU A 45 -1.80 4.72 -9.65
N ALA A 46 -1.84 3.95 -8.56
CA ALA A 46 -3.10 3.50 -7.99
C ALA A 46 -4.02 4.68 -7.68
N ILE A 47 -3.43 5.78 -7.23
CA ILE A 47 -4.20 6.97 -6.90
C ILE A 47 -4.88 7.55 -8.14
N LEU A 48 -4.23 7.40 -9.29
CA LEU A 48 -4.77 7.91 -10.54
C LEU A 48 -6.21 7.44 -10.75
N VAL A 49 -6.48 6.20 -10.36
CA VAL A 49 -7.83 5.63 -10.50
C VAL A 49 -8.56 5.65 -9.16
N PHE A 50 -7.83 5.39 -8.08
CA PHE A 50 -8.40 5.38 -6.74
C PHE A 50 -8.87 6.77 -6.33
N TYR A 51 -7.92 7.69 -6.20
CA TYR A 51 -8.24 9.06 -5.81
C TYR A 51 -8.95 9.80 -6.94
N LEU A 52 -8.27 9.92 -8.08
CA LEU A 52 -8.83 10.60 -9.24
C LEU A 52 -9.94 9.78 -9.86
N PRO A 53 -10.79 10.45 -10.66
CA PRO A 53 -11.91 9.80 -11.35
C PRO A 53 -11.45 8.86 -12.46
N SER A 54 -12.17 7.76 -12.64
CA SER A 54 -11.83 6.78 -13.67
C SER A 54 -12.82 5.63 -13.67
N ASP A 55 -13.82 5.72 -14.55
CA ASP A 55 -14.84 4.68 -14.64
C ASP A 55 -15.48 4.41 -13.29
N CYS A 56 -16.32 3.38 -13.23
CA CYS A 56 -17.00 3.02 -12.00
C CYS A 56 -16.54 1.64 -11.52
N GLY A 57 -17.01 0.59 -12.18
CA GLY A 57 -16.64 -0.76 -11.81
C GLY A 57 -15.14 -1.00 -11.90
N GLU A 58 -14.48 -0.26 -12.78
CA GLU A 58 -13.04 -0.39 -12.96
C GLU A 58 -12.32 -0.29 -11.63
N LYS A 59 -12.84 0.56 -10.74
CA LYS A 59 -12.24 0.76 -9.43
C LYS A 59 -12.04 -0.58 -8.71
N MET A 60 -13.12 -1.37 -8.63
CA MET A 60 -13.06 -2.66 -7.98
C MET A 60 -12.12 -3.61 -8.72
N THR A 61 -12.24 -3.64 -10.05
CA THR A 61 -11.39 -4.50 -10.87
C THR A 61 -9.91 -4.19 -10.66
N LEU A 62 -9.61 -2.91 -10.48
CA LEU A 62 -8.23 -2.48 -10.27
C LEU A 62 -7.77 -2.81 -8.85
N CYS A 63 -8.70 -2.75 -7.91
CA CYS A 63 -8.40 -3.04 -6.51
C CYS A 63 -7.98 -4.50 -6.34
N ILE A 64 -8.81 -5.42 -6.85
CA ILE A 64 -8.53 -6.84 -6.75
C ILE A 64 -7.21 -7.19 -7.44
N SER A 65 -6.92 -6.50 -8.54
CA SER A 65 -5.70 -6.73 -9.30
C SER A 65 -4.47 -6.48 -8.42
N VAL A 66 -4.63 -5.64 -7.41
CA VAL A 66 -3.53 -5.32 -6.50
C VAL A 66 -2.97 -6.57 -5.84
N LEU A 67 -3.85 -7.52 -5.56
CA LEU A 67 -3.44 -8.77 -4.92
C LEU A 67 -2.31 -9.43 -5.70
N LEU A 68 -2.28 -9.19 -7.01
CA LEU A 68 -1.25 -9.76 -7.88
C LEU A 68 0.11 -9.14 -7.59
N ALA A 69 0.11 -7.83 -7.33
CA ALA A 69 1.35 -7.12 -7.03
C ALA A 69 1.95 -7.58 -5.71
N LEU A 70 1.08 -8.00 -4.79
CA LEU A 70 1.52 -8.47 -3.48
C LEU A 70 2.36 -9.73 -3.61
N THR A 71 1.80 -10.74 -4.26
CA THR A 71 2.50 -12.01 -4.45
C THR A 71 3.77 -11.82 -5.28
N VAL A 72 3.70 -10.94 -6.26
CA VAL A 72 4.84 -10.67 -7.12
C VAL A 72 5.92 -9.88 -6.37
N PHE A 73 5.48 -9.03 -5.46
CA PHE A 73 6.40 -8.21 -4.67
C PHE A 73 7.48 -9.07 -4.03
N LEU A 74 7.12 -10.32 -3.72
CA LEU A 74 8.06 -11.26 -3.10
C LEU A 74 9.07 -11.76 -4.13
N LEU A 75 8.60 -12.04 -5.33
CA LEU A 75 9.46 -12.52 -6.40
C LEU A 75 10.37 -11.40 -6.93
N LEU A 76 9.83 -10.19 -6.96
CA LEU A 76 10.59 -9.04 -7.44
C LEU A 76 11.69 -8.65 -6.46
N ILE A 77 11.30 -8.45 -5.20
CA ILE A 77 12.25 -8.07 -4.16
C ILE A 77 13.37 -9.10 -4.05
N SER A 78 13.07 -10.34 -4.44
CA SER A 78 14.06 -11.42 -4.38
C SER A 78 15.01 -11.35 -5.58
N LYS A 79 14.56 -10.70 -6.65
CA LYS A 79 15.37 -10.56 -7.86
C LYS A 79 16.53 -9.61 -7.63
N ILE A 80 16.50 -8.91 -6.49
CA ILE A 80 17.56 -7.97 -6.15
C ILE A 80 18.92 -8.65 -6.14
N VAL A 81 18.92 -9.96 -5.95
CA VAL A 81 20.16 -10.74 -5.92
C VAL A 81 21.04 -10.31 -4.76
N PRO A 82 20.66 -10.75 -3.54
CA PRO A 82 21.41 -10.44 -2.32
C PRO A 82 22.76 -11.14 -2.26
N PRO A 83 23.62 -10.71 -1.32
CA PRO A 83 24.95 -11.29 -1.15
C PRO A 83 24.90 -12.72 -0.59
N THR A 84 24.13 -12.90 0.48
CA THR A 84 23.98 -14.20 1.11
C THR A 84 22.55 -14.71 1.00
N SER A 85 21.61 -13.79 0.78
CA SER A 85 20.21 -14.15 0.67
C SER A 85 19.69 -14.72 1.99
N LEU A 86 20.36 -14.38 3.08
CA LEU A 86 19.96 -14.86 4.40
C LEU A 86 19.09 -13.83 5.11
N ASP A 87 18.32 -13.08 4.34
CA ASP A 87 17.43 -12.08 4.89
C ASP A 87 16.02 -12.62 5.10
N VAL A 88 15.94 -13.82 5.69
CA VAL A 88 14.66 -14.46 5.94
C VAL A 88 13.85 -13.68 6.97
N PRO A 89 14.42 -13.49 8.16
CA PRO A 89 13.76 -12.77 9.25
C PRO A 89 13.65 -11.26 8.96
N LEU A 90 14.48 -10.79 8.04
CA LEU A 90 14.46 -9.38 7.67
C LEU A 90 13.25 -9.05 6.82
N VAL A 91 13.06 -9.80 5.74
CA VAL A 91 11.93 -9.59 4.84
C VAL A 91 10.66 -10.21 5.41
N GLY A 92 10.81 -11.38 6.03
CA GLY A 92 9.66 -12.06 6.61
C GLY A 92 8.85 -11.16 7.52
N LYS A 93 9.53 -10.40 8.35
CA LYS A 93 8.88 -9.49 9.29
C LYS A 93 8.20 -8.34 8.54
N TYR A 94 8.66 -8.08 7.33
CA TYR A 94 8.10 -7.01 6.51
C TYR A 94 6.78 -7.44 5.88
N LEU A 95 6.74 -8.67 5.39
CA LEU A 95 5.55 -9.21 4.76
C LEU A 95 4.35 -9.11 5.70
N MET A 96 4.61 -9.18 7.00
CA MET A 96 3.56 -9.11 8.01
C MET A 96 2.95 -7.71 8.04
N PHE A 97 3.81 -6.69 7.98
CA PHE A 97 3.36 -5.31 8.02
C PHE A 97 2.76 -4.90 6.67
N THR A 98 3.50 -5.14 5.60
CA THR A 98 3.05 -4.80 4.26
C THR A 98 1.68 -5.39 3.98
N MET A 99 1.40 -6.53 4.60
CA MET A 99 0.11 -7.20 4.42
C MET A 99 -1.03 -6.37 4.99
N VAL A 100 -0.73 -5.60 6.03
CA VAL A 100 -1.73 -4.75 6.67
C VAL A 100 -1.95 -3.47 5.87
N LEU A 101 -0.90 -3.01 5.19
CA LEU A 101 -0.99 -1.80 4.39
C LEU A 101 -1.77 -2.05 3.10
N VAL A 102 -1.64 -3.26 2.57
CA VAL A 102 -2.33 -3.62 1.34
C VAL A 102 -3.81 -3.91 1.61
N THR A 103 -4.09 -4.54 2.74
CA THR A 103 -5.46 -4.88 3.10
C THR A 103 -6.24 -3.62 3.52
N PHE A 104 -5.57 -2.74 4.25
CA PHE A 104 -6.20 -1.51 4.71
C PHE A 104 -6.57 -0.61 3.53
N SER A 105 -5.77 -0.69 2.47
CA SER A 105 -6.01 0.12 1.28
C SER A 105 -7.20 -0.43 0.48
N ILE A 106 -7.35 -1.74 0.49
CA ILE A 106 -8.43 -2.40 -0.23
C ILE A 106 -9.76 -2.21 0.49
N VAL A 107 -9.77 -2.52 1.78
CA VAL A 107 -10.98 -2.38 2.59
C VAL A 107 -11.55 -0.96 2.49
N THR A 108 -10.67 0.02 2.35
CA THR A 108 -11.09 1.41 2.24
C THR A 108 -12.12 1.59 1.13
N SER A 109 -12.01 0.78 0.08
CA SER A 109 -12.94 0.84 -1.03
C SER A 109 -14.39 0.82 -0.55
N VAL A 110 -14.61 0.13 0.57
CA VAL A 110 -15.95 0.02 1.14
C VAL A 110 -16.58 1.39 1.32
N CYS A 111 -15.74 2.38 1.62
CA CYS A 111 -16.21 3.74 1.82
C CYS A 111 -16.76 4.34 0.53
N VAL A 112 -15.99 4.21 -0.55
CA VAL A 112 -16.39 4.72 -1.85
C VAL A 112 -17.55 3.91 -2.43
N LEU A 113 -17.53 2.60 -2.18
CA LEU A 113 -18.57 1.71 -2.67
C LEU A 113 -19.88 1.93 -1.92
N ASN A 114 -19.78 2.12 -0.61
CA ASN A 114 -20.95 2.35 0.23
C ASN A 114 -21.82 3.48 -0.34
N VAL A 115 -21.17 4.44 -0.98
CA VAL A 115 -21.88 5.57 -1.58
C VAL A 115 -22.02 5.41 -3.08
N HIS A 116 -21.11 4.63 -3.68
CA HIS A 116 -21.14 4.39 -5.12
C HIS A 116 -22.50 3.88 -5.56
N HIS A 117 -22.78 2.61 -5.26
CA HIS A 117 -24.05 2.00 -5.63
C HIS A 117 -24.12 0.56 -5.15
N ARG A 118 -23.54 0.30 -3.98
CA ARG A 118 -23.53 -1.04 -3.41
C ARG A 118 -24.22 -1.05 -2.04
N SER A 119 -24.17 -2.19 -1.37
CA SER A 119 -24.79 -2.34 -0.06
C SER A 119 -23.83 -1.90 1.06
N PRO A 120 -24.39 -1.60 2.23
CA PRO A 120 -23.61 -1.17 3.40
C PRO A 120 -22.75 -2.30 3.97
N THR A 121 -22.15 -2.05 5.12
CA THR A 121 -21.31 -3.04 5.79
C THR A 121 -21.28 -2.82 7.30
N THR A 122 -20.59 -1.77 7.73
CA THR A 122 -20.49 -1.46 9.14
C THR A 122 -20.49 0.05 9.38
N HIS A 123 -19.49 0.72 8.85
CA HIS A 123 -19.37 2.17 8.99
C HIS A 123 -19.64 2.87 7.66
N THR A 124 -19.49 4.20 7.65
CA THR A 124 -19.71 4.99 6.45
C THR A 124 -21.16 4.91 6.01
N PRO A 125 -22.05 5.60 6.74
CA PRO A 125 -23.47 5.63 6.44
C PRO A 125 -23.79 6.41 5.16
N ARG A 126 -25.07 6.64 4.92
CA ARG A 126 -25.50 7.38 3.73
C ARG A 126 -25.11 6.63 2.46
N GLY A 127 -25.77 6.98 1.36
CA GLY A 127 -25.48 6.32 0.09
C GLY A 127 -26.01 7.11 -1.10
N GLY A 128 -25.48 8.31 -1.31
CA GLY A 128 -25.93 9.13 -2.41
C GLY A 128 -24.78 9.79 -3.14
N GLY A 129 -24.55 9.38 -4.39
CA GLY A 129 -23.47 9.95 -5.18
C GLY A 129 -22.37 8.94 -5.45
N GLY A 130 -21.14 9.43 -5.54
CA GLY A 130 -20.01 8.56 -5.81
C GLY A 130 -18.68 9.22 -5.53
N TYR A 131 -18.41 10.32 -6.24
CA TYR A 131 -17.15 11.04 -6.07
C TYR A 131 -17.12 11.74 -4.71
N VAL A 132 -18.29 12.05 -4.17
CA VAL A 132 -18.40 12.71 -2.88
C VAL A 132 -17.64 11.94 -1.80
N ALA A 133 -17.53 10.63 -2.00
CA ALA A 133 -16.82 9.77 -1.04
C ALA A 133 -15.41 10.28 -0.79
N MET A 134 -14.84 10.96 -1.78
CA MET A 134 -13.49 11.50 -1.66
C MET A 134 -13.35 12.34 -0.39
N VAL A 135 -14.44 12.98 0.01
CA VAL A 135 -14.45 13.82 1.20
C VAL A 135 -14.00 13.03 2.43
N ILE A 136 -14.70 11.93 2.70
CA ILE A 136 -14.38 11.09 3.84
C ILE A 136 -13.10 10.28 3.59
N ASP A 137 -12.94 9.81 2.36
CA ASP A 137 -11.77 9.02 1.99
C ASP A 137 -10.50 9.84 2.17
N ARG A 138 -10.61 11.15 1.99
CA ARG A 138 -9.47 12.04 2.13
C ARG A 138 -8.80 11.86 3.48
N LEU A 139 -9.57 11.43 4.47
CA LEU A 139 -9.06 11.22 5.82
C LEU A 139 -8.19 9.97 5.87
N PHE A 140 -8.71 8.87 5.36
CA PHE A 140 -7.99 7.60 5.35
C PHE A 140 -6.80 7.66 4.39
N LEU A 141 -7.09 8.03 3.14
CA LEU A 141 -6.05 8.13 2.11
C LEU A 141 -4.89 8.99 2.60
N TRP A 142 -5.20 9.98 3.43
CA TRP A 142 -4.19 10.88 3.96
C TRP A 142 -3.17 10.11 4.80
N ILE A 143 -3.67 9.32 5.75
CA ILE A 143 -2.80 8.53 6.62
C ILE A 143 -2.21 7.34 5.87
N PHE A 144 -2.98 6.81 4.92
CA PHE A 144 -2.54 5.66 4.14
C PHE A 144 -1.21 5.94 3.45
N VAL A 145 -1.18 7.02 2.67
CA VAL A 145 0.03 7.40 1.94
C VAL A 145 1.21 7.55 2.90
N PHE A 146 0.93 8.04 4.11
CA PHE A 146 1.96 8.24 5.11
C PHE A 146 2.48 6.90 5.63
N VAL A 147 1.56 5.93 5.78
CA VAL A 147 1.93 4.61 6.26
C VAL A 147 3.03 3.99 5.41
N CYS A 148 3.01 4.29 4.13
CA CYS A 148 4.01 3.76 3.20
C CYS A 148 5.42 4.05 3.71
N VAL A 149 5.66 5.29 4.11
CA VAL A 149 6.97 5.70 4.62
C VAL A 149 7.20 5.16 6.02
N PHE A 150 6.14 5.14 6.82
CA PHE A 150 6.23 4.65 8.19
C PHE A 150 6.81 3.24 8.23
N GLY A 151 6.62 2.50 7.15
CA GLY A 151 7.13 1.14 7.07
C GLY A 151 8.64 1.09 6.90
N THR A 152 9.12 1.70 5.82
CA THR A 152 10.55 1.72 5.53
C THR A 152 11.33 2.29 6.71
N ILE A 153 10.74 3.25 7.41
CA ILE A 153 11.37 3.87 8.56
C ILE A 153 11.47 2.91 9.73
N GLY A 154 10.56 1.93 9.76
CA GLY A 154 10.56 0.95 10.83
C GLY A 154 11.74 0.01 10.77
N MET A 155 11.98 -0.56 9.59
CA MET A 155 13.09 -1.49 9.39
C MET A 155 14.41 -0.73 9.28
N PHE A 156 14.35 0.48 8.73
CA PHE A 156 15.54 1.29 8.56
C PHE A 156 16.01 1.85 9.90
N LEU A 157 15.10 1.89 10.87
CA LEU A 157 15.42 2.39 12.20
C LEU A 157 16.17 1.35 13.01
N GLN A 158 15.93 0.08 12.70
CA GLN A 158 16.57 -1.02 13.41
C GLN A 158 18.09 -0.83 13.44
N PRO A 159 18.71 -0.73 12.25
CA PRO A 159 20.15 -0.53 12.12
C PRO A 159 20.60 0.85 12.58
N LEU A 160 19.71 1.82 12.45
CA LEU A 160 20.02 3.20 12.85
C LEU A 160 20.53 3.24 14.28
N PHE A 161 19.78 2.65 15.20
CA PHE A 161 20.16 2.62 16.61
C PHE A 161 20.20 4.03 17.19
N GLN A 162 19.61 4.98 16.47
CA GLN A 162 19.59 6.37 16.92
C GLN A 162 21.00 6.92 17.08
N ASN A 163 21.83 6.69 16.07
CA ASN A 163 23.22 7.16 16.11
C ASN A 163 23.82 7.16 14.71
N TYR A 164 23.88 5.98 14.10
CA TYR A 164 24.45 5.83 12.76
C TYR A 164 23.77 4.68 12.01
N ARG A 25 32.74 1.48 3.29
CA ARG A 25 31.73 2.34 2.70
C ARG A 25 30.38 1.61 2.62
N ARG A 26 30.18 0.64 3.50
CA ARG A 26 28.95 -0.14 3.52
C ARG A 26 27.77 0.75 3.91
N LYS A 27 27.11 1.32 2.91
CA LYS A 27 25.96 2.19 3.14
C LYS A 27 24.73 1.67 2.41
N PRO A 28 24.08 0.65 2.99
CA PRO A 28 22.88 0.05 2.40
C PRO A 28 21.67 0.99 2.46
N LEU A 29 21.85 2.13 3.10
CA LEU A 29 20.78 3.11 3.24
C LEU A 29 20.18 3.44 1.86
N PHE A 30 21.01 3.37 0.83
CA PHE A 30 20.56 3.66 -0.53
C PHE A 30 19.84 2.46 -1.13
N TYR A 31 20.25 1.26 -0.73
CA TYR A 31 19.64 0.04 -1.23
C TYR A 31 18.26 -0.17 -0.63
N THR A 32 18.16 0.01 0.69
CA THR A 32 16.91 -0.17 1.39
C THR A 32 15.84 0.79 0.85
N ILE A 33 16.25 2.02 0.56
CA ILE A 33 15.34 3.03 0.04
C ILE A 33 15.01 2.77 -1.43
N ASN A 34 15.96 2.15 -2.14
CA ASN A 34 15.77 1.85 -3.55
C ASN A 34 14.50 1.02 -3.77
N LEU A 35 14.11 0.26 -2.75
CA LEU A 35 12.92 -0.57 -2.82
C LEU A 35 11.70 0.18 -2.32
N ILE A 36 11.94 1.25 -1.57
CA ILE A 36 10.84 2.06 -1.02
C ILE A 36 10.25 2.96 -2.10
N ILE A 37 11.10 3.44 -3.01
CA ILE A 37 10.65 4.31 -4.08
C ILE A 37 9.54 3.66 -4.89
N PRO A 38 9.83 2.47 -5.44
CA PRO A 38 8.87 1.71 -6.25
C PRO A 38 7.73 1.15 -5.42
N CYS A 39 7.95 1.03 -4.11
CA CYS A 39 6.93 0.52 -3.21
C CYS A 39 5.84 1.54 -2.98
N VAL A 40 6.23 2.78 -2.71
CA VAL A 40 5.28 3.86 -2.48
C VAL A 40 4.75 4.43 -3.80
N LEU A 41 5.58 4.35 -4.84
CA LEU A 41 5.21 4.86 -6.15
C LEU A 41 3.86 4.31 -6.58
N ILE A 42 3.57 3.07 -6.18
CA ILE A 42 2.31 2.43 -6.53
C ILE A 42 1.12 3.24 -6.00
N THR A 43 1.30 3.86 -4.84
CA THR A 43 0.25 4.66 -4.23
C THR A 43 -0.07 5.89 -5.07
N SER A 44 0.96 6.44 -5.72
CA SER A 44 0.79 7.62 -6.56
C SER A 44 -0.28 7.38 -7.62
N LEU A 45 -0.17 6.25 -8.32
CA LEU A 45 -1.13 5.89 -9.36
C LEU A 45 -2.47 5.47 -8.76
N ALA A 46 -2.40 4.67 -7.70
CA ALA A 46 -3.61 4.19 -7.02
C ALA A 46 -4.46 5.37 -6.55
N ILE A 47 -3.81 6.40 -6.04
CA ILE A 47 -4.52 7.58 -5.55
C ILE A 47 -5.24 8.30 -6.69
N LEU A 48 -4.66 8.24 -7.89
CA LEU A 48 -5.24 8.89 -9.06
C LEU A 48 -6.70 8.48 -9.23
N VAL A 49 -6.99 7.22 -8.93
CA VAL A 49 -8.35 6.70 -9.05
C VAL A 49 -9.03 6.61 -7.70
N PHE A 50 -8.25 6.28 -6.67
CA PHE A 50 -8.78 6.15 -5.32
C PHE A 50 -9.21 7.52 -4.78
N TYR A 51 -8.25 8.43 -4.66
CA TYR A 51 -8.54 9.77 -4.15
C TYR A 51 -9.63 10.44 -4.98
N LEU A 52 -9.57 10.25 -6.29
CA LEU A 52 -10.56 10.84 -7.19
C LEU A 52 -11.91 10.16 -7.03
N PRO A 53 -12.98 10.86 -7.46
CA PRO A 53 -14.35 10.34 -7.38
C PRO A 53 -14.59 9.19 -8.34
N SER A 54 -15.86 8.76 -8.45
CA SER A 54 -16.22 7.67 -9.33
C SER A 54 -15.55 6.37 -8.89
N ASP A 55 -16.19 5.64 -7.99
CA ASP A 55 -15.66 4.39 -7.49
C ASP A 55 -16.13 3.22 -8.36
N CYS A 56 -15.95 3.35 -9.66
CA CYS A 56 -16.36 2.30 -10.60
C CYS A 56 -15.57 1.02 -10.36
N GLY A 57 -15.75 0.05 -11.24
CA GLY A 57 -15.05 -1.21 -11.11
C GLY A 57 -13.55 -1.04 -10.97
N GLU A 58 -13.02 0.03 -11.56
CA GLU A 58 -11.60 0.31 -11.49
C GLU A 58 -11.14 0.52 -10.04
N LYS A 59 -12.03 1.11 -9.23
CA LYS A 59 -11.72 1.37 -7.84
C LYS A 59 -11.36 0.08 -7.11
N MET A 60 -12.16 -0.97 -7.33
CA MET A 60 -11.92 -2.26 -6.71
C MET A 60 -10.69 -2.94 -7.31
N THR A 61 -10.62 -2.94 -8.65
CA THR A 61 -9.51 -3.56 -9.35
C THR A 61 -8.17 -3.01 -8.85
N LEU A 62 -8.20 -1.77 -8.36
CA LEU A 62 -6.99 -1.12 -7.86
C LEU A 62 -6.53 -1.77 -6.56
N CYS A 63 -7.45 -1.89 -5.60
CA CYS A 63 -7.14 -2.50 -4.31
C CYS A 63 -6.54 -3.88 -4.48
N ILE A 64 -7.16 -4.69 -5.34
CA ILE A 64 -6.68 -6.04 -5.60
C ILE A 64 -5.38 -6.02 -6.40
N SER A 65 -5.26 -5.06 -7.30
CA SER A 65 -4.07 -4.92 -8.13
C SER A 65 -2.81 -4.87 -7.27
N VAL A 66 -2.96 -4.38 -6.05
CA VAL A 66 -1.83 -4.27 -5.13
C VAL A 66 -1.19 -5.63 -4.88
N LEU A 67 -2.03 -6.66 -4.79
CA LEU A 67 -1.54 -8.02 -4.55
C LEU A 67 -0.47 -8.39 -5.57
N LEU A 68 -0.55 -7.81 -6.76
CA LEU A 68 0.41 -8.09 -7.82
C LEU A 68 1.77 -7.52 -7.47
N ALA A 69 1.79 -6.32 -6.87
CA ALA A 69 3.03 -5.68 -6.47
C ALA A 69 3.74 -6.46 -5.38
N LEU A 70 2.95 -7.15 -4.55
CA LEU A 70 3.51 -7.94 -3.45
C LEU A 70 4.32 -9.11 -3.99
N THR A 71 3.70 -9.92 -4.83
CA THR A 71 4.37 -11.08 -5.42
C THR A 71 5.58 -10.66 -6.24
N VAL A 72 5.45 -9.54 -6.96
CA VAL A 72 6.53 -9.03 -7.78
C VAL A 72 7.66 -8.46 -6.93
N PHE A 73 7.29 -7.81 -5.82
CA PHE A 73 8.25 -7.22 -4.92
C PHE A 73 9.07 -8.30 -4.20
N LEU A 74 8.42 -9.44 -3.95
CA LEU A 74 9.08 -10.55 -3.28
C LEU A 74 10.06 -11.26 -4.21
N LEU A 75 9.61 -11.49 -5.45
CA LEU A 75 10.45 -12.16 -6.44
C LEU A 75 11.55 -11.24 -6.93
N LEU A 76 11.21 -9.99 -7.21
CA LEU A 76 12.17 -9.01 -7.68
C LEU A 76 13.35 -8.89 -6.72
N ILE A 77 13.04 -8.61 -5.46
CA ILE A 77 14.07 -8.47 -4.44
C ILE A 77 14.84 -9.78 -4.25
N SER A 78 14.18 -10.89 -4.57
CA SER A 78 14.80 -12.20 -4.43
C SER A 78 15.73 -12.49 -5.60
N LYS A 79 15.61 -11.70 -6.66
CA LYS A 79 16.44 -11.87 -7.85
C LYS A 79 17.92 -11.86 -7.48
N ILE A 80 18.24 -11.19 -6.37
CA ILE A 80 19.62 -11.11 -5.92
C ILE A 80 20.17 -12.48 -5.58
N VAL A 81 19.28 -13.45 -5.41
CA VAL A 81 19.67 -14.81 -5.08
C VAL A 81 20.89 -14.83 -4.16
N PRO A 82 20.65 -14.62 -2.85
CA PRO A 82 21.72 -14.60 -1.85
C PRO A 82 22.32 -15.98 -1.63
N PRO A 83 23.49 -16.02 -0.95
CA PRO A 83 24.19 -17.27 -0.65
C PRO A 83 23.45 -18.12 0.38
N THR A 84 23.09 -17.49 1.49
CA THR A 84 22.37 -18.19 2.56
C THR A 84 21.23 -17.34 3.10
N SER A 85 21.46 -16.04 3.21
CA SER A 85 20.45 -15.12 3.72
C SER A 85 20.99 -13.69 3.78
N LEU A 86 20.96 -13.02 2.64
CA LEU A 86 21.45 -11.64 2.56
C LEU A 86 20.30 -10.65 2.70
N ASP A 87 19.07 -11.12 2.50
CA ASP A 87 17.90 -10.28 2.61
C ASP A 87 16.67 -11.10 3.01
N VAL A 88 16.92 -12.24 3.66
CA VAL A 88 15.84 -13.12 4.09
C VAL A 88 15.01 -12.46 5.19
N PRO A 89 15.67 -12.08 6.29
CA PRO A 89 15.01 -11.45 7.43
C PRO A 89 14.54 -10.02 7.10
N LEU A 90 15.16 -9.43 6.09
CA LEU A 90 14.81 -8.07 5.67
C LEU A 90 13.47 -8.05 4.94
N VAL A 91 13.35 -8.89 3.91
CA VAL A 91 12.12 -8.98 3.14
C VAL A 91 11.07 -9.81 3.85
N GLY A 92 11.48 -10.94 4.39
CA GLY A 92 10.57 -11.81 5.10
C GLY A 92 9.79 -11.08 6.18
N LYS A 93 10.46 -10.18 6.87
CA LYS A 93 9.82 -9.41 7.93
C LYS A 93 8.89 -8.35 7.35
N TYR A 94 9.15 -7.95 6.10
CA TYR A 94 8.33 -6.95 5.44
C TYR A 94 7.00 -7.53 4.99
N LEU A 95 7.03 -8.79 4.54
CA LEU A 95 5.82 -9.47 4.10
C LEU A 95 4.74 -9.43 5.17
N MET A 96 5.17 -9.40 6.43
CA MET A 96 4.23 -9.37 7.55
C MET A 96 3.52 -8.03 7.62
N PHE A 97 4.27 -6.95 7.43
CA PHE A 97 3.70 -5.60 7.47
C PHE A 97 2.92 -5.31 6.19
N THR A 98 3.55 -5.54 5.05
CA THR A 98 2.91 -5.29 3.76
C THR A 98 1.57 -6.01 3.68
N MET A 99 1.45 -7.13 4.38
CA MET A 99 0.21 -7.90 4.37
C MET A 99 -0.92 -7.13 5.06
N VAL A 100 -0.55 -6.30 6.03
CA VAL A 100 -1.53 -5.50 6.75
C VAL A 100 -1.95 -4.27 5.95
N LEU A 101 -1.03 -3.77 5.13
CA LEU A 101 -1.30 -2.60 4.30
C LEU A 101 -2.21 -2.96 3.13
N VAL A 102 -2.05 -4.17 2.62
CA VAL A 102 -2.87 -4.65 1.51
C VAL A 102 -4.27 -5.03 1.96
N THR A 103 -4.36 -5.63 3.14
CA THR A 103 -5.64 -6.05 3.69
C THR A 103 -6.46 -4.84 4.15
N PHE A 104 -5.78 -3.86 4.73
CA PHE A 104 -6.44 -2.65 5.22
C PHE A 104 -7.01 -1.83 4.07
N SER A 105 -6.34 -1.90 2.92
CA SER A 105 -6.77 -1.16 1.74
C SER A 105 -7.99 -1.82 1.11
N ILE A 106 -8.05 -3.14 1.18
CA ILE A 106 -9.17 -3.90 0.62
C ILE A 106 -10.41 -3.75 1.49
N VAL A 107 -10.26 -4.00 2.78
CA VAL A 107 -11.37 -3.90 3.72
C VAL A 107 -12.04 -2.53 3.63
N THR A 108 -11.25 -1.50 3.36
CA THR A 108 -11.75 -0.15 3.25
C THR A 108 -12.92 -0.08 2.26
N SER A 109 -12.88 -0.92 1.24
CA SER A 109 -13.93 -0.96 0.23
C SER A 109 -15.31 -1.05 0.88
N VAL A 110 -15.37 -1.70 2.04
CA VAL A 110 -16.62 -1.87 2.76
C VAL A 110 -17.30 -0.52 2.97
N CYS A 111 -16.51 0.53 3.13
CA CYS A 111 -17.04 1.87 3.34
C CYS A 111 -17.78 2.36 2.10
N VAL A 112 -17.14 2.21 0.94
CA VAL A 112 -17.74 2.65 -0.32
C VAL A 112 -18.89 1.72 -0.72
N LEU A 113 -18.74 0.44 -0.43
CA LEU A 113 -19.77 -0.54 -0.76
C LEU A 113 -20.99 -0.38 0.14
N ASN A 114 -20.74 -0.02 1.40
CA ASN A 114 -21.81 0.17 2.36
C ASN A 114 -22.84 1.17 1.85
N VAL A 115 -22.37 2.15 1.07
CA VAL A 115 -23.25 3.17 0.52
C VAL A 115 -23.55 2.89 -0.95
N HIS A 116 -22.65 2.17 -1.60
CA HIS A 116 -22.81 1.83 -3.01
C HIS A 116 -23.74 0.64 -3.19
N HIS A 117 -23.26 -0.54 -2.78
CA HIS A 117 -24.06 -1.76 -2.90
C HIS A 117 -24.21 -2.43 -1.54
N ARG A 118 -25.11 -1.89 -0.71
CA ARG A 118 -25.36 -2.43 0.63
C ARG A 118 -26.44 -1.64 1.34
N SER A 119 -26.29 -0.31 1.36
CA SER A 119 -27.25 0.55 2.02
C SER A 119 -27.05 2.00 1.61
N PRO A 120 -27.45 2.33 0.37
CA PRO A 120 -27.31 3.68 -0.18
C PRO A 120 -28.27 4.66 0.48
N THR A 121 -27.72 5.54 1.32
CA THR A 121 -28.53 6.54 2.01
C THR A 121 -28.93 7.67 1.09
N THR A 122 -28.12 7.90 0.04
CA THR A 122 -28.38 8.96 -0.92
C THR A 122 -28.32 10.33 -0.26
N HIS A 123 -27.20 11.02 -0.48
CA HIS A 123 -27.01 12.35 0.09
C HIS A 123 -26.81 13.39 -1.01
N THR A 124 -25.64 13.35 -1.66
CA THR A 124 -25.33 14.28 -2.73
C THR A 124 -24.21 13.75 -3.61
N PRO A 125 -24.50 12.68 -4.36
CA PRO A 125 -23.53 12.05 -5.26
C PRO A 125 -23.21 12.92 -6.46
N ARG A 126 -22.46 12.37 -7.41
CA ARG A 126 -22.09 13.11 -8.62
C ARG A 126 -22.55 12.36 -9.87
N GLY A 127 -22.10 11.12 -10.01
CA GLY A 127 -22.48 10.32 -11.17
C GLY A 127 -23.52 9.27 -10.83
N GLY A 128 -23.35 8.61 -9.69
CA GLY A 128 -24.29 7.58 -9.27
C GLY A 128 -23.60 6.30 -8.87
N GLY A 129 -23.30 6.16 -7.58
CA GLY A 129 -22.63 4.96 -7.10
C GLY A 129 -22.16 5.11 -5.67
N GLY A 130 -21.05 5.83 -5.49
CA GLY A 130 -20.51 6.03 -4.16
C GLY A 130 -19.55 7.20 -4.09
N TYR A 131 -20.06 8.38 -4.40
CA TYR A 131 -19.24 9.59 -4.37
C TYR A 131 -19.22 10.21 -2.98
N VAL A 132 -20.31 10.03 -2.24
CA VAL A 132 -20.41 10.57 -0.89
C VAL A 132 -19.55 9.77 0.09
N ALA A 133 -19.36 8.48 -0.21
CA ALA A 133 -18.55 7.61 0.63
C ALA A 133 -17.16 8.18 0.85
N MET A 134 -16.71 9.01 -0.09
CA MET A 134 -15.39 9.61 0.00
C MET A 134 -15.21 10.33 1.34
N VAL A 135 -16.31 10.83 1.89
CA VAL A 135 -16.27 11.54 3.16
C VAL A 135 -15.68 10.66 4.26
N ILE A 136 -16.29 9.50 4.46
CA ILE A 136 -15.83 8.56 5.48
C ILE A 136 -14.54 7.87 5.04
N ASP A 137 -14.44 7.57 3.75
CA ASP A 137 -13.27 6.91 3.20
C ASP A 137 -12.02 7.78 3.38
N ARG A 138 -12.23 9.10 3.37
CA ARG A 138 -11.12 10.04 3.53
C ARG A 138 -10.32 9.73 4.80
N LEU A 139 -10.99 9.14 5.78
CA LEU A 139 -10.34 8.79 7.04
C LEU A 139 -9.35 7.64 6.85
N PHE A 140 -9.82 6.57 6.21
CA PHE A 140 -8.99 5.40 5.96
C PHE A 140 -7.94 5.70 4.88
N LEU A 141 -8.29 6.60 3.98
CA LEU A 141 -7.39 6.98 2.89
C LEU A 141 -6.05 7.47 3.44
N TRP A 142 -6.11 8.25 4.51
CA TRP A 142 -4.90 8.79 5.14
C TRP A 142 -4.14 7.70 5.88
N ILE A 143 -4.85 6.96 6.73
CA ILE A 143 -4.24 5.88 7.50
C ILE A 143 -3.60 4.85 6.58
N PHE A 144 -4.18 4.66 5.40
CA PHE A 144 -3.67 3.71 4.43
C PHE A 144 -2.22 4.00 4.08
N VAL A 145 -1.96 5.22 3.61
CA VAL A 145 -0.61 5.63 3.25
C VAL A 145 0.28 5.72 4.48
N PHE A 146 -0.29 6.15 5.59
CA PHE A 146 0.46 6.28 6.83
C PHE A 146 1.11 4.96 7.22
N VAL A 147 0.40 3.86 6.95
CA VAL A 147 0.90 2.52 7.27
C VAL A 147 2.22 2.26 6.56
N CYS A 148 2.24 2.44 5.25
CA CYS A 148 3.45 2.23 4.46
C CYS A 148 4.61 3.05 4.99
N VAL A 149 4.29 4.24 5.52
CA VAL A 149 5.31 5.13 6.07
C VAL A 149 5.88 4.58 7.36
N PHE A 150 5.04 3.92 8.14
CA PHE A 150 5.47 3.34 9.41
C PHE A 150 6.36 2.13 9.20
N GLY A 151 6.18 1.46 8.06
CA GLY A 151 6.97 0.29 7.75
C GLY A 151 8.34 0.65 7.18
N THR A 152 8.34 1.54 6.20
CA THR A 152 9.58 1.98 5.56
C THR A 152 10.60 2.42 6.60
N ILE A 153 10.13 3.12 7.63
CA ILE A 153 10.99 3.61 8.70
C ILE A 153 11.65 2.45 9.45
N GLY A 154 10.85 1.42 9.74
CA GLY A 154 11.38 0.27 10.45
C GLY A 154 12.61 -0.31 9.79
N MET A 155 12.54 -0.52 8.48
CA MET A 155 13.66 -1.07 7.73
C MET A 155 14.78 -0.05 7.59
N PHE A 156 14.41 1.22 7.53
CA PHE A 156 15.38 2.30 7.39
C PHE A 156 16.16 2.49 8.69
N LEU A 157 15.56 2.09 9.80
CA LEU A 157 16.19 2.22 11.11
C LEU A 157 17.27 1.16 11.29
N GLN A 158 17.12 0.03 10.60
CA GLN A 158 18.08 -1.06 10.68
C GLN A 158 19.50 -0.56 10.43
N PRO A 159 19.73 0.01 9.24
CA PRO A 159 21.04 0.54 8.86
C PRO A 159 21.40 1.81 9.64
N LEU A 160 20.41 2.41 10.27
CA LEU A 160 20.62 3.63 11.05
C LEU A 160 20.92 3.29 12.51
N PHE A 161 21.78 2.30 12.72
CA PHE A 161 22.14 1.89 14.07
C PHE A 161 23.39 2.62 14.55
N GLN A 162 24.22 3.04 13.60
CA GLN A 162 25.45 3.75 13.92
C GLN A 162 26.38 2.88 14.75
N ASN A 163 26.75 1.72 14.20
CA ASN A 163 27.65 0.80 14.88
C ASN A 163 28.88 0.51 14.05
N TYR A 164 29.97 1.24 14.33
CA TYR A 164 31.22 1.07 13.61
C TYR A 164 32.10 0.03 14.29
N ARG A 25 29.67 1.19 -3.03
CA ARG A 25 29.51 -0.25 -2.88
C ARG A 25 28.90 -0.59 -1.52
N ARG A 26 29.31 0.14 -0.49
CA ARG A 26 28.80 -0.08 0.86
C ARG A 26 27.65 0.87 1.17
N LYS A 27 26.96 1.32 0.13
CA LYS A 27 25.83 2.22 0.30
C LYS A 27 24.54 1.60 -0.21
N PRO A 28 24.01 0.63 0.54
CA PRO A 28 22.77 -0.06 0.19
C PRO A 28 21.54 0.83 0.31
N LEU A 29 21.73 2.00 0.94
CA LEU A 29 20.64 2.94 1.12
C LEU A 29 19.94 3.24 -0.21
N PHE A 30 20.71 3.18 -1.29
CA PHE A 30 20.18 3.45 -2.62
C PHE A 30 19.43 2.24 -3.15
N TYR A 31 19.89 1.05 -2.79
CA TYR A 31 19.26 -0.19 -3.23
C TYR A 31 17.93 -0.41 -2.53
N THR A 32 17.93 -0.22 -1.21
CA THR A 32 16.72 -0.40 -0.41
C THR A 32 15.61 0.55 -0.87
N ILE A 33 15.99 1.78 -1.19
CA ILE A 33 15.04 2.78 -1.66
C ILE A 33 14.61 2.51 -3.09
N ASN A 34 15.49 1.90 -3.86
CA ASN A 34 15.21 1.59 -5.26
C ASN A 34 13.94 0.75 -5.38
N LEU A 35 13.63 -0.01 -4.33
CA LEU A 35 12.45 -0.86 -4.30
C LEU A 35 11.26 -0.11 -3.71
N ILE A 36 11.53 0.96 -2.99
CA ILE A 36 10.49 1.76 -2.37
C ILE A 36 9.80 2.65 -3.39
N ILE A 37 10.57 3.14 -4.36
CA ILE A 37 10.05 4.00 -5.41
C ILE A 37 8.89 3.34 -6.14
N PRO A 38 9.14 2.15 -6.70
CA PRO A 38 8.13 1.38 -7.43
C PRO A 38 7.06 0.82 -6.50
N CYS A 39 7.37 0.71 -5.23
CA CYS A 39 6.44 0.19 -4.24
C CYS A 39 5.37 1.23 -3.89
N VAL A 40 5.81 2.47 -3.68
CA VAL A 40 4.91 3.56 -3.34
C VAL A 40 4.25 4.13 -4.59
N LEU A 41 4.94 4.04 -5.71
CA LEU A 41 4.42 4.55 -6.98
C LEU A 41 3.02 4.01 -7.25
N ILE A 42 2.77 2.78 -6.82
CA ILE A 42 1.46 2.16 -7.01
C ILE A 42 0.36 2.98 -6.34
N THR A 43 0.69 3.61 -5.22
CA THR A 43 -0.27 4.43 -4.49
C THR A 43 -0.67 5.66 -5.30
N SER A 44 0.30 6.25 -5.97
CA SER A 44 0.06 7.45 -6.79
C SER A 44 -1.09 7.20 -7.77
N LEU A 45 -0.99 6.10 -8.52
CA LEU A 45 -2.01 5.75 -9.50
C LEU A 45 -3.31 5.34 -8.81
N ALA A 46 -3.18 4.61 -7.71
CA ALA A 46 -4.34 4.16 -6.95
C ALA A 46 -5.20 5.33 -6.51
N ILE A 47 -4.55 6.42 -6.10
CA ILE A 47 -5.27 7.61 -5.66
C ILE A 47 -6.07 8.23 -6.80
N LEU A 48 -5.56 8.09 -8.02
CA LEU A 48 -6.23 8.63 -9.19
C LEU A 48 -7.68 8.19 -9.23
N VAL A 49 -7.93 6.95 -8.85
CA VAL A 49 -9.29 6.40 -8.85
C VAL A 49 -9.86 6.37 -7.44
N PHE A 50 -9.01 6.09 -6.46
CA PHE A 50 -9.44 6.04 -5.07
C PHE A 50 -9.85 7.42 -4.58
N TYR A 51 -8.88 8.33 -4.52
CA TYR A 51 -9.14 9.69 -4.06
C TYR A 51 -9.96 10.47 -5.09
N LEU A 52 -9.40 10.64 -6.28
CA LEU A 52 -10.08 11.36 -7.35
C LEU A 52 -11.30 10.59 -7.84
N PRO A 53 -12.21 11.30 -8.51
CA PRO A 53 -13.44 10.70 -9.05
C PRO A 53 -13.17 9.76 -10.22
N SER A 54 -14.13 8.90 -10.53
CA SER A 54 -13.99 7.94 -11.62
C SER A 54 -15.28 7.16 -11.83
N ASP A 55 -15.60 6.29 -10.88
CA ASP A 55 -16.81 5.48 -10.95
C ASP A 55 -16.95 4.60 -9.72
N CYS A 56 -17.92 3.69 -9.76
CA CYS A 56 -18.17 2.79 -8.64
C CYS A 56 -17.45 1.45 -8.86
N GLY A 57 -17.99 0.64 -9.75
CA GLY A 57 -17.39 -0.66 -10.04
C GLY A 57 -15.92 -0.54 -10.37
N GLU A 58 -15.58 0.39 -11.26
CA GLU A 58 -14.19 0.58 -11.67
C GLU A 58 -13.31 0.89 -10.46
N LYS A 59 -13.86 1.61 -9.49
CA LYS A 59 -13.12 1.96 -8.28
C LYS A 59 -12.80 0.71 -7.46
N MET A 60 -13.78 -0.16 -7.31
CA MET A 60 -13.60 -1.39 -6.54
C MET A 60 -12.66 -2.34 -7.26
N THR A 61 -12.87 -2.51 -8.56
CA THR A 61 -12.03 -3.38 -9.36
C THR A 61 -10.58 -2.91 -9.39
N LEU A 62 -10.39 -1.61 -9.19
CA LEU A 62 -9.06 -1.03 -9.18
C LEU A 62 -8.32 -1.35 -7.88
N CYS A 63 -9.07 -1.36 -6.78
CA CYS A 63 -8.48 -1.66 -5.47
C CYS A 63 -8.19 -3.15 -5.34
N ILE A 64 -9.17 -3.97 -5.69
CA ILE A 64 -9.00 -5.43 -5.61
C ILE A 64 -7.77 -5.88 -6.39
N SER A 65 -7.47 -5.17 -7.47
CA SER A 65 -6.32 -5.51 -8.31
C SER A 65 -5.01 -5.26 -7.57
N VAL A 66 -5.05 -4.31 -6.64
CA VAL A 66 -3.86 -3.97 -5.86
C VAL A 66 -3.34 -5.18 -5.10
N LEU A 67 -4.26 -5.99 -4.59
CA LEU A 67 -3.89 -7.18 -3.83
C LEU A 67 -2.92 -8.05 -4.64
N LEU A 68 -3.03 -7.98 -5.96
CA LEU A 68 -2.15 -8.75 -6.83
C LEU A 68 -0.72 -8.25 -6.76
N ALA A 69 -0.57 -6.93 -6.70
CA ALA A 69 0.75 -6.31 -6.63
C ALA A 69 1.45 -6.66 -5.31
N LEU A 70 0.66 -6.86 -4.26
CA LEU A 70 1.20 -7.21 -2.95
C LEU A 70 1.90 -8.57 -2.99
N THR A 71 1.16 -9.58 -3.43
CA THR A 71 1.70 -10.94 -3.51
C THR A 71 2.89 -10.99 -4.46
N VAL A 72 2.80 -10.26 -5.56
CA VAL A 72 3.87 -10.23 -6.56
C VAL A 72 5.08 -9.47 -6.03
N PHE A 73 4.83 -8.45 -5.21
CA PHE A 73 5.90 -7.64 -4.64
C PHE A 73 6.95 -8.52 -3.97
N LEU A 74 6.50 -9.62 -3.39
CA LEU A 74 7.41 -10.55 -2.71
C LEU A 74 8.43 -11.13 -3.69
N LEU A 75 7.95 -11.64 -4.81
CA LEU A 75 8.82 -12.21 -5.83
C LEU A 75 9.58 -11.12 -6.57
N LEU A 76 8.94 -9.96 -6.73
CA LEU A 76 9.55 -8.83 -7.41
C LEU A 76 10.75 -8.30 -6.63
N ILE A 77 10.53 -8.01 -5.36
CA ILE A 77 11.59 -7.49 -4.50
C ILE A 77 12.64 -8.55 -4.22
N SER A 78 12.21 -9.82 -4.20
CA SER A 78 13.11 -10.93 -3.95
C SER A 78 13.89 -11.30 -5.21
N LYS A 79 13.35 -10.92 -6.36
CA LYS A 79 13.99 -11.21 -7.64
C LYS A 79 15.37 -10.56 -7.71
N ILE A 80 15.60 -9.57 -6.87
CA ILE A 80 16.89 -8.87 -6.84
C ILE A 80 18.02 -9.85 -6.53
N VAL A 81 17.68 -10.99 -5.94
CA VAL A 81 18.68 -12.00 -5.59
C VAL A 81 19.83 -11.39 -4.80
N PRO A 82 19.58 -11.13 -3.50
CA PRO A 82 20.58 -10.54 -2.62
C PRO A 82 21.71 -11.52 -2.29
N PRO A 83 22.92 -11.21 -2.79
CA PRO A 83 24.10 -12.04 -2.58
C PRO A 83 24.58 -12.00 -1.13
N THR A 84 24.71 -10.80 -0.59
CA THR A 84 25.16 -10.62 0.78
C THR A 84 24.07 -9.97 1.65
N SER A 85 23.15 -9.27 0.99
CA SER A 85 22.07 -8.60 1.69
C SER A 85 21.35 -9.56 2.64
N LEU A 86 21.01 -10.73 2.14
CA LEU A 86 20.33 -11.74 2.95
C LEU A 86 19.11 -11.14 3.66
N ASP A 87 18.21 -10.56 2.87
CA ASP A 87 17.00 -9.96 3.42
C ASP A 87 15.84 -10.94 3.37
N VAL A 88 16.15 -12.23 3.34
CA VAL A 88 15.12 -13.26 3.29
C VAL A 88 14.32 -13.30 4.59
N PRO A 89 15.02 -13.51 5.72
CA PRO A 89 14.40 -13.57 7.04
C PRO A 89 13.87 -12.21 7.49
N LEU A 90 14.39 -11.15 6.90
CA LEU A 90 13.98 -9.79 7.25
C LEU A 90 12.60 -9.48 6.68
N VAL A 91 12.45 -9.69 5.37
CA VAL A 91 11.18 -9.44 4.70
C VAL A 91 10.10 -10.39 5.20
N GLY A 92 10.49 -11.63 5.49
CA GLY A 92 9.53 -12.61 5.97
C GLY A 92 8.74 -12.11 7.16
N LYS A 93 9.41 -11.43 8.07
CA LYS A 93 8.76 -10.90 9.27
C LYS A 93 7.93 -9.66 8.92
N TYR A 94 8.27 -9.02 7.81
CA TYR A 94 7.55 -7.82 7.38
C TYR A 94 6.19 -8.18 6.78
N LEU A 95 6.14 -9.34 6.12
CA LEU A 95 4.90 -9.81 5.50
C LEU A 95 3.76 -9.82 6.51
N MET A 96 4.10 -10.03 7.78
CA MET A 96 3.10 -10.05 8.83
C MET A 96 2.51 -8.66 9.07
N PHE A 97 3.38 -7.66 9.09
CA PHE A 97 2.95 -6.29 9.31
C PHE A 97 2.29 -5.71 8.06
N THR A 98 2.98 -5.84 6.92
CA THR A 98 2.46 -5.34 5.65
C THR A 98 1.07 -5.88 5.37
N MET A 99 0.78 -7.08 5.88
CA MET A 99 -0.51 -7.71 5.69
C MET A 99 -1.61 -6.93 6.42
N VAL A 100 -1.24 -6.28 7.52
CA VAL A 100 -2.18 -5.50 8.31
C VAL A 100 -2.42 -4.13 7.68
N LEU A 101 -1.41 -3.61 7.00
CA LEU A 101 -1.50 -2.31 6.34
C LEU A 101 -2.35 -2.39 5.08
N VAL A 102 -2.28 -3.54 4.40
CA VAL A 102 -3.04 -3.75 3.18
C VAL A 102 -4.51 -4.04 3.48
N THR A 103 -4.74 -4.79 4.55
CA THR A 103 -6.10 -5.14 4.95
C THR A 103 -6.82 -3.94 5.55
N PHE A 104 -6.09 -3.14 6.31
CA PHE A 104 -6.67 -1.96 6.94
C PHE A 104 -7.05 -0.92 5.89
N SER A 105 -6.30 -0.87 4.80
CA SER A 105 -6.56 0.08 3.72
C SER A 105 -7.83 -0.30 2.95
N ILE A 106 -8.04 -1.61 2.81
CA ILE A 106 -9.22 -2.10 2.10
C ILE A 106 -10.49 -1.88 2.92
N VAL A 107 -10.47 -2.32 4.17
CA VAL A 107 -11.62 -2.16 5.05
C VAL A 107 -12.06 -0.71 5.12
N THR A 108 -11.10 0.20 5.09
CA THR A 108 -11.38 1.63 5.16
C THR A 108 -12.41 2.02 4.10
N SER A 109 -12.39 1.34 2.96
CA SER A 109 -13.32 1.63 1.87
C SER A 109 -14.74 1.67 2.38
N VAL A 110 -15.04 0.88 3.41
CA VAL A 110 -16.37 0.83 3.98
C VAL A 110 -16.86 2.22 4.35
N CYS A 111 -15.94 3.09 4.74
CA CYS A 111 -16.28 4.46 5.11
C CYS A 111 -16.81 5.23 3.91
N VAL A 112 -16.14 5.09 2.77
CA VAL A 112 -16.54 5.77 1.55
C VAL A 112 -17.76 5.11 0.92
N LEU A 113 -17.83 3.78 1.02
CA LEU A 113 -18.94 3.02 0.47
C LEU A 113 -20.21 3.24 1.29
N ASN A 114 -20.04 3.45 2.59
CA ASN A 114 -21.17 3.66 3.48
C ASN A 114 -21.97 4.90 3.06
N VAL A 115 -21.27 5.87 2.49
CA VAL A 115 -21.91 7.11 2.04
C VAL A 115 -22.11 7.10 0.53
N HIS A 116 -21.26 6.33 -0.16
CA HIS A 116 -21.34 6.25 -1.62
C HIS A 116 -22.27 5.11 -2.04
N HIS A 117 -21.79 3.87 -1.90
CA HIS A 117 -22.58 2.71 -2.26
C HIS A 117 -21.81 1.42 -1.97
N ARG A 118 -22.20 0.73 -0.91
CA ARG A 118 -21.55 -0.52 -0.52
C ARG A 118 -22.31 -1.73 -1.06
N SER A 119 -21.79 -2.34 -2.10
CA SER A 119 -22.42 -3.51 -2.70
C SER A 119 -21.58 -4.05 -3.86
N PRO A 120 -21.83 -5.31 -4.23
CA PRO A 120 -21.11 -5.98 -5.31
C PRO A 120 -21.47 -5.41 -6.68
N THR A 121 -20.46 -5.00 -7.44
CA THR A 121 -20.66 -4.43 -8.76
C THR A 121 -19.35 -4.27 -9.51
N THR A 122 -19.02 -5.28 -10.31
CA THR A 122 -17.78 -5.25 -11.09
C THR A 122 -18.06 -5.24 -12.58
N HIS A 123 -19.23 -5.76 -12.96
CA HIS A 123 -19.62 -5.82 -14.36
C HIS A 123 -20.60 -4.69 -14.70
N THR A 124 -21.34 -4.23 -13.70
CA THR A 124 -22.30 -3.16 -13.88
C THR A 124 -21.92 -1.93 -13.05
N PRO A 125 -20.83 -1.26 -13.46
CA PRO A 125 -20.34 -0.06 -12.77
C PRO A 125 -21.26 1.13 -12.97
N ARG A 126 -21.18 2.09 -12.06
CA ARG A 126 -22.00 3.30 -12.13
C ARG A 126 -21.26 4.52 -11.61
N GLY A 127 -21.10 4.58 -10.29
CA GLY A 127 -20.40 5.70 -9.68
C GLY A 127 -21.18 6.99 -9.78
N GLY A 128 -20.72 8.02 -9.05
CA GLY A 128 -21.41 9.29 -9.07
C GLY A 128 -21.22 10.06 -7.77
N GLY A 129 -19.98 10.42 -7.46
CA GLY A 129 -19.70 11.16 -6.25
C GLY A 129 -18.91 10.34 -5.24
N GLY A 130 -19.13 10.61 -3.96
CA GLY A 130 -18.43 9.88 -2.91
C GLY A 130 -17.25 10.66 -2.36
N TYR A 131 -17.25 11.97 -2.58
CA TYR A 131 -16.17 12.83 -2.10
C TYR A 131 -16.44 13.30 -0.67
N VAL A 132 -17.72 13.36 -0.31
CA VAL A 132 -18.12 13.81 1.02
C VAL A 132 -17.43 12.96 2.09
N ALA A 133 -17.18 11.70 1.78
CA ALA A 133 -16.53 10.78 2.71
C ALA A 133 -15.07 11.17 2.94
N MET A 134 -14.48 11.82 1.94
CA MET A 134 -13.09 12.24 2.03
C MET A 134 -12.84 13.04 3.30
N VAL A 135 -13.86 13.75 3.75
CA VAL A 135 -13.75 14.56 4.97
C VAL A 135 -13.34 13.72 6.16
N ILE A 136 -14.14 12.70 6.46
CA ILE A 136 -13.85 11.81 7.58
C ILE A 136 -12.71 10.86 7.25
N ASP A 137 -12.66 10.41 6.00
CA ASP A 137 -11.61 9.49 5.56
C ASP A 137 -10.24 10.15 5.69
N ARG A 138 -10.21 11.47 5.54
CA ARG A 138 -8.95 12.21 5.63
C ARG A 138 -8.23 11.90 6.95
N LEU A 139 -9.01 11.55 7.97
CA LEU A 139 -8.43 11.22 9.28
C LEU A 139 -7.59 9.97 9.20
N PHE A 140 -8.14 8.91 8.63
CA PHE A 140 -7.44 7.64 8.49
C PHE A 140 -6.36 7.73 7.41
N LEU A 141 -6.73 8.35 6.29
CA LEU A 141 -5.80 8.50 5.17
C LEU A 141 -4.48 9.11 5.63
N TRP A 142 -4.56 9.97 6.64
CA TRP A 142 -3.36 10.63 7.17
C TRP A 142 -2.45 9.62 7.85
N ILE A 143 -3.05 8.72 8.63
CA ILE A 143 -2.28 7.70 9.34
C ILE A 143 -1.85 6.59 8.39
N PHE A 144 -2.67 6.31 7.38
CA PHE A 144 -2.35 5.28 6.40
C PHE A 144 -1.00 5.53 5.75
N VAL A 145 -0.84 6.71 5.15
CA VAL A 145 0.42 7.08 4.50
C VAL A 145 1.57 7.07 5.49
N PHE A 146 1.29 7.47 6.72
CA PHE A 146 2.31 7.52 7.77
C PHE A 146 2.83 6.12 8.08
N VAL A 147 1.91 5.16 8.15
CA VAL A 147 2.26 3.77 8.44
C VAL A 147 3.26 3.23 7.42
N CYS A 148 3.13 3.68 6.18
CA CYS A 148 4.01 3.24 5.11
C CYS A 148 5.47 3.55 5.44
N VAL A 149 5.73 4.80 5.80
CA VAL A 149 7.09 5.22 6.15
C VAL A 149 7.47 4.74 7.55
N PHE A 150 6.50 4.71 8.44
CA PHE A 150 6.74 4.27 9.81
C PHE A 150 7.16 2.80 9.85
N GLY A 151 6.57 1.99 8.97
CA GLY A 151 6.90 0.59 8.92
C GLY A 151 8.20 0.32 8.19
N THR A 152 8.37 0.96 7.03
CA THR A 152 9.57 0.79 6.23
C THR A 152 10.81 1.22 7.01
N ILE A 153 10.77 2.42 7.56
CA ILE A 153 11.89 2.95 8.33
C ILE A 153 12.25 2.01 9.47
N GLY A 154 11.27 1.24 9.94
CA GLY A 154 11.51 0.31 11.03
C GLY A 154 12.70 -0.60 10.77
N MET A 155 12.72 -1.22 9.59
CA MET A 155 13.82 -2.11 9.22
C MET A 155 15.09 -1.33 8.95
N PHE A 156 14.94 -0.11 8.45
CA PHE A 156 16.08 0.74 8.14
C PHE A 156 16.78 1.19 9.41
N LEU A 157 16.06 1.15 10.53
CA LEU A 157 16.61 1.55 11.82
C LEU A 157 17.57 0.49 12.36
N GLN A 158 17.32 -0.77 11.99
CA GLN A 158 18.16 -1.87 12.43
C GLN A 158 19.62 -1.59 12.16
N PRO A 159 19.96 -1.41 10.87
CA PRO A 159 21.33 -1.13 10.43
C PRO A 159 21.80 0.26 10.85
N LEU A 160 20.84 1.12 11.20
CA LEU A 160 21.16 2.48 11.62
C LEU A 160 21.28 2.57 13.14
N PHE A 161 21.91 1.56 13.74
CA PHE A 161 22.09 1.52 15.18
C PHE A 161 22.79 2.79 15.67
N GLN A 162 23.58 3.39 14.79
CA GLN A 162 24.32 4.61 15.14
C GLN A 162 25.31 4.35 16.27
N ASN A 163 26.58 4.16 15.89
CA ASN A 163 27.63 3.90 16.88
C ASN A 163 27.48 2.50 17.46
N TYR A 164 26.44 2.32 18.27
CA TYR A 164 26.20 1.02 18.91
C TYR A 164 24.70 0.69 18.90
N ARG A 25 29.30 -1.95 -0.31
CA ARG A 25 28.17 -2.85 -0.08
C ARG A 25 27.87 -2.98 1.41
N ARG A 26 28.25 -1.95 2.17
CA ARG A 26 28.03 -1.95 3.61
C ARG A 26 26.74 -1.23 3.97
N LYS A 27 26.62 0.03 3.54
CA LYS A 27 25.44 0.84 3.80
C LYS A 27 24.88 1.41 2.51
N PRO A 28 24.34 0.54 1.65
CA PRO A 28 23.76 0.95 0.37
C PRO A 28 22.45 1.72 0.55
N LEU A 29 22.58 3.00 0.88
CA LEU A 29 21.42 3.86 1.09
C LEU A 29 20.75 4.19 -0.24
N PHE A 30 21.55 4.25 -1.30
CA PHE A 30 21.03 4.56 -2.64
C PHE A 30 20.38 3.33 -3.26
N TYR A 31 20.89 2.16 -2.92
CA TYR A 31 20.37 0.91 -3.45
C TYR A 31 19.03 0.57 -2.81
N THR A 32 18.95 0.71 -1.49
CA THR A 32 17.73 0.43 -0.76
C THR A 32 16.58 1.31 -1.22
N ILE A 33 16.89 2.58 -1.48
CA ILE A 33 15.88 3.53 -1.94
C ILE A 33 15.52 3.30 -3.41
N ASN A 34 16.48 2.77 -4.17
CA ASN A 34 16.27 2.49 -5.58
C ASN A 34 15.07 1.57 -5.78
N LEU A 35 14.79 0.76 -4.77
CA LEU A 35 13.66 -0.18 -4.83
C LEU A 35 12.40 0.47 -4.26
N ILE A 36 12.57 1.52 -3.48
CA ILE A 36 11.44 2.22 -2.88
C ILE A 36 10.74 3.11 -3.90
N ILE A 37 11.51 3.68 -4.82
CA ILE A 37 10.97 4.54 -5.86
C ILE A 37 9.89 3.83 -6.65
N PRO A 38 10.25 2.69 -7.25
CA PRO A 38 9.31 1.89 -8.05
C PRO A 38 8.24 1.22 -7.19
N CYS A 39 8.51 1.11 -5.90
CA CYS A 39 7.56 0.50 -4.97
C CYS A 39 6.33 1.38 -4.77
N VAL A 40 6.57 2.67 -4.56
CA VAL A 40 5.48 3.63 -4.36
C VAL A 40 4.89 4.06 -5.69
N LEU A 41 5.71 4.06 -6.73
CA LEU A 41 5.27 4.46 -8.06
C LEU A 41 3.99 3.72 -8.46
N ILE A 42 3.88 2.47 -8.01
CA ILE A 42 2.70 1.66 -8.31
C ILE A 42 1.42 2.32 -7.80
N THR A 43 1.53 3.01 -6.67
CA THR A 43 0.38 3.69 -6.08
C THR A 43 -0.09 4.84 -6.98
N SER A 44 0.85 5.51 -7.62
CA SER A 44 0.52 6.63 -8.50
C SER A 44 -0.49 6.20 -9.56
N LEU A 45 -0.26 5.04 -10.15
CA LEU A 45 -1.15 4.52 -11.19
C LEU A 45 -2.42 3.93 -10.57
N ALA A 46 -2.25 3.20 -9.47
CA ALA A 46 -3.38 2.60 -8.78
C ALA A 46 -4.42 3.64 -8.40
N ILE A 47 -3.94 4.84 -8.06
CA ILE A 47 -4.84 5.92 -7.68
C ILE A 47 -5.72 6.35 -8.84
N LEU A 48 -5.20 6.24 -10.04
CA LEU A 48 -5.95 6.61 -11.24
C LEU A 48 -7.31 5.93 -11.27
N VAL A 49 -7.35 4.69 -10.80
CA VAL A 49 -8.60 3.93 -10.76
C VAL A 49 -9.19 3.89 -9.36
N PHE A 50 -8.31 3.83 -8.35
CA PHE A 50 -8.73 3.80 -6.97
C PHE A 50 -9.35 5.13 -6.56
N TYR A 51 -8.53 6.18 -6.55
CA TYR A 51 -8.99 7.51 -6.18
C TYR A 51 -10.17 7.95 -7.04
N LEU A 52 -10.11 7.61 -8.33
CA LEU A 52 -11.17 7.96 -9.27
C LEU A 52 -12.51 7.40 -8.81
N PRO A 53 -13.58 8.20 -8.95
CA PRO A 53 -14.93 7.80 -8.55
C PRO A 53 -15.50 6.72 -9.47
N SER A 54 -16.72 6.28 -9.17
CA SER A 54 -17.37 5.25 -9.97
C SER A 54 -16.60 3.94 -9.90
N ASP A 55 -17.27 2.84 -10.24
CA ASP A 55 -16.64 1.53 -10.24
C ASP A 55 -17.42 0.55 -11.09
N CYS A 56 -16.90 -0.67 -11.22
CA CYS A 56 -17.56 -1.70 -12.02
C CYS A 56 -16.80 -3.02 -11.92
N GLY A 57 -17.23 -4.01 -12.70
CA GLY A 57 -16.59 -5.31 -12.69
C GLY A 57 -15.10 -5.22 -13.03
N GLU A 58 -14.75 -4.25 -13.86
CA GLU A 58 -13.36 -4.07 -14.27
C GLU A 58 -12.54 -3.44 -13.14
N LYS A 59 -13.01 -2.29 -12.65
CA LYS A 59 -12.33 -1.59 -11.58
C LYS A 59 -12.10 -2.50 -10.39
N MET A 60 -13.12 -3.27 -10.01
CA MET A 60 -13.02 -4.19 -8.89
C MET A 60 -11.89 -5.20 -9.11
N THR A 61 -11.91 -5.84 -10.27
CA THR A 61 -10.88 -6.83 -10.60
C THR A 61 -9.51 -6.18 -10.73
N LEU A 62 -9.50 -4.90 -11.10
CA LEU A 62 -8.25 -4.16 -11.26
C LEU A 62 -7.63 -3.85 -9.90
N CYS A 63 -8.48 -3.60 -8.92
CA CYS A 63 -8.01 -3.29 -7.57
C CYS A 63 -7.46 -4.53 -6.89
N ILE A 64 -8.25 -5.60 -6.87
CA ILE A 64 -7.84 -6.85 -6.26
C ILE A 64 -6.50 -7.33 -6.80
N SER A 65 -6.27 -7.04 -8.08
CA SER A 65 -5.02 -7.45 -8.73
C SER A 65 -3.81 -7.00 -7.91
N VAL A 66 -4.00 -5.94 -7.12
CA VAL A 66 -2.92 -5.42 -6.29
C VAL A 66 -2.37 -6.49 -5.35
N LEU A 67 -3.24 -7.40 -4.93
CA LEU A 67 -2.84 -8.48 -4.03
C LEU A 67 -1.66 -9.25 -4.61
N LEU A 68 -1.64 -9.40 -5.93
CA LEU A 68 -0.57 -10.12 -6.61
C LEU A 68 0.74 -9.34 -6.52
N ALA A 69 0.68 -8.05 -6.81
CA ALA A 69 1.86 -7.19 -6.76
C ALA A 69 2.59 -7.33 -5.42
N LEU A 70 1.84 -7.64 -4.38
CA LEU A 70 2.41 -7.81 -3.05
C LEU A 70 3.48 -8.89 -3.04
N THR A 71 3.12 -10.08 -3.51
CA THR A 71 4.05 -11.20 -3.57
C THR A 71 5.21 -10.90 -4.51
N VAL A 72 4.97 -10.04 -5.50
CA VAL A 72 5.99 -9.68 -6.47
C VAL A 72 7.04 -8.78 -5.83
N PHE A 73 6.62 -7.94 -4.88
CA PHE A 73 7.53 -7.02 -4.20
C PHE A 73 8.72 -7.79 -3.63
N LEU A 74 8.50 -9.05 -3.27
CA LEU A 74 9.55 -9.88 -2.71
C LEU A 74 10.54 -10.33 -3.80
N LEU A 75 9.99 -10.66 -4.96
CA LEU A 75 10.82 -11.09 -6.08
C LEU A 75 11.58 -9.93 -6.70
N LEU A 76 10.91 -8.79 -6.80
CA LEU A 76 11.53 -7.59 -7.36
C LEU A 76 12.69 -7.11 -6.49
N ILE A 77 12.40 -6.88 -5.21
CA ILE A 77 13.42 -6.43 -4.27
C ILE A 77 14.61 -7.39 -4.24
N SER A 78 14.36 -8.63 -4.60
CA SER A 78 15.41 -9.65 -4.61
C SER A 78 16.44 -9.36 -5.70
N LYS A 79 16.07 -8.48 -6.63
CA LYS A 79 16.96 -8.11 -7.72
C LYS A 79 18.26 -7.50 -7.20
N ILE A 80 18.22 -7.03 -5.95
CA ILE A 80 19.40 -6.43 -5.33
C ILE A 80 20.60 -7.37 -5.41
N VAL A 81 20.32 -8.67 -5.46
CA VAL A 81 21.39 -9.67 -5.54
C VAL A 81 22.28 -9.61 -4.31
N PRO A 82 21.77 -10.14 -3.19
CA PRO A 82 22.52 -10.16 -1.92
C PRO A 82 23.69 -11.13 -1.96
N PRO A 83 24.58 -11.03 -0.95
CA PRO A 83 25.75 -11.90 -0.84
C PRO A 83 25.39 -13.33 -0.51
N THR A 84 24.54 -13.51 0.51
CA THR A 84 24.12 -14.84 0.92
C THR A 84 22.61 -15.01 0.74
N SER A 85 21.90 -13.89 0.65
CA SER A 85 20.45 -13.93 0.47
C SER A 85 19.77 -14.56 1.69
N LEU A 86 20.30 -14.26 2.88
CA LEU A 86 19.74 -14.79 4.11
C LEU A 86 18.85 -13.76 4.80
N ASP A 87 18.13 -12.98 4.00
CA ASP A 87 17.24 -11.96 4.53
C ASP A 87 15.81 -12.48 4.61
N VAL A 88 15.67 -13.81 4.71
CA VAL A 88 14.36 -14.43 4.79
C VAL A 88 13.67 -14.09 6.12
N PRO A 89 14.34 -14.43 7.23
CA PRO A 89 13.81 -14.17 8.57
C PRO A 89 13.80 -12.68 8.90
N LEU A 90 14.61 -11.91 8.19
CA LEU A 90 14.69 -10.46 8.41
C LEU A 90 13.45 -9.76 7.87
N VAL A 91 13.15 -10.01 6.60
CA VAL A 91 11.98 -9.41 5.96
C VAL A 91 10.70 -10.13 6.33
N GLY A 92 10.85 -11.38 6.77
CA GLY A 92 9.69 -12.18 7.15
C GLY A 92 8.79 -11.45 8.12
N LYS A 93 9.37 -10.60 8.96
CA LYS A 93 8.62 -9.84 9.95
C LYS A 93 7.88 -8.68 9.29
N TYR A 94 8.49 -8.09 8.27
CA TYR A 94 7.89 -6.97 7.56
C TYR A 94 6.65 -7.41 6.81
N LEU A 95 6.73 -8.55 6.13
CA LEU A 95 5.61 -9.10 5.37
C LEU A 95 4.36 -9.17 6.24
N MET A 96 4.56 -9.36 7.54
CA MET A 96 3.44 -9.46 8.48
C MET A 96 2.74 -8.12 8.63
N PHE A 97 3.53 -7.04 8.73
CA PHE A 97 2.98 -5.71 8.88
C PHE A 97 2.43 -5.20 7.54
N THR A 98 3.25 -5.27 6.50
CA THR A 98 2.85 -4.82 5.18
C THR A 98 1.55 -5.47 4.75
N MET A 99 1.30 -6.68 5.23
CA MET A 99 0.08 -7.41 4.90
C MET A 99 -1.14 -6.72 5.49
N VAL A 100 -0.95 -6.05 6.62
CA VAL A 100 -2.04 -5.34 7.28
C VAL A 100 -2.31 -4.00 6.61
N LEU A 101 -1.27 -3.40 6.04
CA LEU A 101 -1.40 -2.12 5.37
C LEU A 101 -2.07 -2.27 4.01
N VAL A 102 -1.84 -3.40 3.37
CA VAL A 102 -2.43 -3.68 2.07
C VAL A 102 -3.90 -4.08 2.21
N THR A 103 -4.20 -4.85 3.25
CA THR A 103 -5.56 -5.31 3.49
C THR A 103 -6.44 -4.17 3.99
N PHE A 104 -5.89 -3.32 4.85
CA PHE A 104 -6.61 -2.18 5.39
C PHE A 104 -6.98 -1.19 4.29
N SER A 105 -6.12 -1.09 3.28
CA SER A 105 -6.36 -0.19 2.16
C SER A 105 -7.49 -0.68 1.28
N ILE A 106 -7.59 -2.00 1.13
CA ILE A 106 -8.63 -2.60 0.32
C ILE A 106 -9.99 -2.48 0.99
N VAL A 107 -10.07 -2.92 2.25
CA VAL A 107 -11.30 -2.85 3.01
C VAL A 107 -11.89 -1.44 3.01
N THR A 108 -11.00 -0.45 3.03
CA THR A 108 -11.42 0.95 3.04
C THR A 108 -12.39 1.24 1.90
N SER A 109 -12.21 0.54 0.78
CA SER A 109 -13.07 0.72 -0.39
C SER A 109 -14.54 0.64 0.01
N VAL A 110 -14.84 -0.16 1.03
CA VAL A 110 -16.20 -0.32 1.51
C VAL A 110 -16.85 1.02 1.79
N CYS A 111 -16.04 1.98 2.23
CA CYS A 111 -16.53 3.32 2.55
C CYS A 111 -17.00 4.03 1.29
N VAL A 112 -16.21 3.95 0.23
CA VAL A 112 -16.54 4.59 -1.04
C VAL A 112 -17.64 3.83 -1.75
N LEU A 113 -17.64 2.51 -1.62
CA LEU A 113 -18.64 1.66 -2.25
C LEU A 113 -20.00 1.81 -1.57
N ASN A 114 -19.98 1.86 -0.24
CA ASN A 114 -21.20 1.99 0.54
C ASN A 114 -22.02 3.19 0.05
N VAL A 115 -21.34 4.21 -0.46
CA VAL A 115 -22.00 5.40 -0.97
C VAL A 115 -22.06 5.39 -2.48
N HIS A 116 -21.14 4.65 -3.11
CA HIS A 116 -21.10 4.55 -4.56
C HIS A 116 -22.46 4.18 -5.13
N HIS A 117 -22.90 2.96 -4.83
CA HIS A 117 -24.20 2.48 -5.31
C HIS A 117 -24.66 1.28 -4.50
N ARG A 118 -24.24 1.23 -3.24
CA ARG A 118 -24.62 0.13 -2.35
C ARG A 118 -25.43 0.64 -1.17
N SER A 119 -25.80 -0.28 -0.28
CA SER A 119 -26.58 0.08 0.90
C SER A 119 -25.88 1.16 1.71
N PRO A 120 -26.64 1.86 2.56
CA PRO A 120 -26.12 2.93 3.41
C PRO A 120 -25.20 2.40 4.51
N THR A 121 -24.50 3.31 5.17
CA THR A 121 -23.57 2.94 6.25
C THR A 121 -24.26 3.02 7.60
N THR A 122 -23.48 2.85 8.66
CA THR A 122 -24.02 2.90 10.02
C THR A 122 -24.29 4.33 10.46
N HIS A 123 -25.30 4.94 9.83
CA HIS A 123 -25.67 6.32 10.16
C HIS A 123 -24.51 7.27 9.87
N THR A 124 -24.47 7.78 8.64
CA THR A 124 -23.42 8.70 8.23
C THR A 124 -23.91 9.65 7.14
N PRO A 125 -23.22 10.78 6.98
CA PRO A 125 -23.56 11.79 5.97
C PRO A 125 -23.28 11.30 4.55
N ARG A 126 -22.55 10.20 4.44
CA ARG A 126 -22.22 9.63 3.14
C ARG A 126 -23.47 9.44 2.29
N GLY A 127 -23.47 10.04 1.10
CA GLY A 127 -24.61 9.92 0.21
C GLY A 127 -24.38 10.62 -1.12
N GLY A 128 -24.17 9.83 -2.17
CA GLY A 128 -23.94 10.39 -3.48
C GLY A 128 -23.79 9.32 -4.55
N GLY A 129 -22.79 9.50 -5.43
CA GLY A 129 -22.56 8.54 -6.48
C GLY A 129 -21.26 7.79 -6.32
N GLY A 130 -20.35 8.35 -5.51
CA GLY A 130 -19.07 7.72 -5.28
C GLY A 130 -17.99 8.72 -4.93
N TYR A 131 -17.86 9.75 -5.74
CA TYR A 131 -16.84 10.79 -5.50
C TYR A 131 -17.11 11.51 -4.19
N VAL A 132 -18.36 11.53 -3.77
CA VAL A 132 -18.75 12.19 -2.53
C VAL A 132 -17.98 11.63 -1.34
N ALA A 133 -17.67 10.34 -1.40
CA ALA A 133 -16.93 9.68 -0.33
C ALA A 133 -15.51 10.24 -0.23
N MET A 134 -15.01 10.77 -1.33
CA MET A 134 -13.66 11.34 -1.37
C MET A 134 -13.48 12.36 -0.25
N VAL A 135 -14.56 13.04 0.12
CA VAL A 135 -14.52 14.04 1.17
C VAL A 135 -14.00 13.45 2.47
N ILE A 136 -14.74 12.50 3.02
CA ILE A 136 -14.35 11.85 4.27
C ILE A 136 -13.14 10.95 4.07
N ASP A 137 -13.11 10.27 2.93
CA ASP A 137 -12.00 9.37 2.61
C ASP A 137 -10.68 10.14 2.55
N ARG A 138 -10.75 11.41 2.18
CA ARG A 138 -9.56 12.24 2.08
C ARG A 138 -8.80 12.27 3.41
N LEU A 139 -9.53 12.04 4.50
CA LEU A 139 -8.93 12.03 5.83
C LEU A 139 -8.03 10.82 6.01
N PHE A 140 -8.57 9.64 5.71
CA PHE A 140 -7.81 8.40 5.85
C PHE A 140 -6.78 8.27 4.73
N LEU A 141 -7.06 8.88 3.58
CA LEU A 141 -6.16 8.84 2.44
C LEU A 141 -4.84 9.54 2.76
N TRP A 142 -4.93 10.61 3.53
CA TRP A 142 -3.75 11.38 3.91
C TRP A 142 -2.75 10.50 4.66
N ILE A 143 -3.25 9.77 5.66
CA ILE A 143 -2.42 8.89 6.46
C ILE A 143 -2.09 7.61 5.70
N PHE A 144 -3.02 7.16 4.88
CA PHE A 144 -2.84 5.95 4.09
C PHE A 144 -1.57 6.03 3.25
N VAL A 145 -1.50 7.06 2.41
CA VAL A 145 -0.34 7.26 1.54
C VAL A 145 0.93 7.43 2.36
N PHE A 146 0.80 8.08 3.51
CA PHE A 146 1.95 8.31 4.39
C PHE A 146 2.50 6.99 4.93
N VAL A 147 1.61 6.03 5.13
CA VAL A 147 2.01 4.71 5.64
C VAL A 147 3.11 4.10 4.78
N CYS A 148 3.06 4.38 3.48
CA CYS A 148 4.05 3.85 2.55
C CYS A 148 5.47 4.16 3.03
N VAL A 149 5.67 5.39 3.50
CA VAL A 149 6.98 5.81 4.00
C VAL A 149 7.26 5.23 5.37
N PHE A 150 6.21 5.06 6.17
CA PHE A 150 6.35 4.51 7.52
C PHE A 150 7.10 3.18 7.48
N GLY A 151 6.68 2.28 6.60
CA GLY A 151 7.34 1.00 6.49
C GLY A 151 8.63 1.06 5.72
N THR A 152 8.79 2.12 4.92
CA THR A 152 9.99 2.30 4.12
C THR A 152 11.23 2.46 5.01
N ILE A 153 11.15 3.40 5.95
CA ILE A 153 12.26 3.65 6.85
C ILE A 153 12.34 2.58 7.93
N GLY A 154 11.20 1.95 8.24
CA GLY A 154 11.17 0.91 9.24
C GLY A 154 12.21 -0.16 9.00
N MET A 155 12.55 -0.38 7.74
CA MET A 155 13.55 -1.38 7.38
C MET A 155 14.96 -0.88 7.65
N PHE A 156 15.15 0.43 7.50
CA PHE A 156 16.46 1.04 7.72
C PHE A 156 16.80 1.08 9.21
N LEU A 157 15.78 0.87 10.04
CA LEU A 157 15.97 0.89 11.49
C LEU A 157 16.75 -0.35 11.95
N GLN A 158 16.46 -1.48 11.32
CA GLN A 158 17.14 -2.74 11.65
C GLN A 158 18.65 -2.55 11.65
N PRO A 159 19.19 -2.19 10.49
CA PRO A 159 20.64 -1.97 10.32
C PRO A 159 21.12 -0.73 11.06
N LEU A 160 20.28 0.28 11.12
CA LEU A 160 20.63 1.53 11.80
C LEU A 160 21.10 1.26 13.23
N PHE A 161 20.35 0.41 13.94
CA PHE A 161 20.69 0.07 15.31
C PHE A 161 20.58 1.29 16.22
N GLN A 162 19.95 2.34 15.72
CA GLN A 162 19.78 3.58 16.48
C GLN A 162 18.84 3.36 17.67
N ASN A 163 17.93 2.40 17.52
CA ASN A 163 16.97 2.09 18.58
C ASN A 163 17.66 1.38 19.74
N TYR A 164 18.34 2.15 20.58
CA TYR A 164 19.04 1.60 21.73
C TYR A 164 18.06 1.31 22.87
N ARG A 25 32.97 -1.52 1.38
CA ARG A 25 32.04 -0.58 0.77
C ARG A 25 30.64 -1.16 0.71
N ARG A 26 30.35 -2.09 1.62
CA ARG A 26 29.03 -2.73 1.68
C ARG A 26 27.96 -1.72 2.03
N LYS A 27 27.36 -1.11 1.02
CA LYS A 27 26.30 -0.13 1.22
C LYS A 27 25.03 -0.54 0.48
N PRO A 28 24.27 -1.47 1.08
CA PRO A 28 23.02 -1.96 0.50
C PRO A 28 21.91 -0.92 0.54
N LEU A 29 22.19 0.22 1.15
CA LEU A 29 21.23 1.30 1.26
C LEU A 29 20.67 1.66 -0.12
N PHE A 30 21.48 1.48 -1.15
CA PHE A 30 21.07 1.78 -2.52
C PHE A 30 20.23 0.65 -3.09
N TYR A 31 20.53 -0.58 -2.67
CA TYR A 31 19.80 -1.75 -3.14
C TYR A 31 18.40 -1.80 -2.53
N THR A 32 18.32 -1.58 -1.23
CA THR A 32 17.04 -1.60 -0.52
C THR A 32 16.09 -0.56 -1.08
N ILE A 33 16.62 0.62 -1.40
CA ILE A 33 15.82 1.70 -1.95
C ILE A 33 15.46 1.44 -3.41
N ASN A 34 16.35 0.72 -4.10
CA ASN A 34 16.13 0.40 -5.51
C ASN A 34 14.78 -0.30 -5.71
N LEU A 35 14.32 -0.99 -4.67
CA LEU A 35 13.05 -1.70 -4.73
C LEU A 35 11.91 -0.80 -4.25
N ILE A 36 12.25 0.26 -3.54
CA ILE A 36 11.26 1.19 -3.03
C ILE A 36 10.73 2.10 -4.14
N ILE A 37 11.62 2.46 -5.06
CA ILE A 37 11.25 3.33 -6.17
C ILE A 37 10.08 2.75 -6.96
N PRO A 38 10.25 1.51 -7.45
CA PRO A 38 9.22 0.82 -8.22
C PRO A 38 8.04 0.41 -7.37
N CYS A 39 8.26 0.31 -6.06
CA CYS A 39 7.21 -0.08 -5.13
C CYS A 39 6.22 1.06 -4.93
N VAL A 40 6.74 2.27 -4.75
CA VAL A 40 5.91 3.44 -4.53
C VAL A 40 5.39 3.99 -5.86
N LEU A 41 6.16 3.78 -6.93
CA LEU A 41 5.77 4.25 -8.25
C LEU A 41 4.35 3.82 -8.59
N ILE A 42 3.97 2.63 -8.11
CA ILE A 42 2.63 2.10 -8.36
C ILE A 42 1.56 3.05 -7.84
N THR A 43 1.85 3.72 -6.73
CA THR A 43 0.92 4.65 -6.11
C THR A 43 0.68 5.86 -7.03
N SER A 44 1.75 6.37 -7.60
CA SER A 44 1.66 7.53 -8.49
C SER A 44 0.63 7.29 -9.59
N LEU A 45 0.63 6.08 -10.13
CA LEU A 45 -0.30 5.72 -11.20
C LEU A 45 -1.70 5.44 -10.63
N ALA A 46 -1.74 4.81 -9.47
CA ALA A 46 -3.00 4.49 -8.82
C ALA A 46 -3.81 5.75 -8.55
N ILE A 47 -3.18 6.72 -7.90
CA ILE A 47 -3.84 7.98 -7.57
C ILE A 47 -4.53 8.57 -8.80
N LEU A 48 -3.96 8.32 -9.97
CA LEU A 48 -4.52 8.82 -11.22
C LEU A 48 -6.01 8.48 -11.32
N VAL A 49 -6.36 7.26 -10.94
CA VAL A 49 -7.75 6.82 -10.99
C VAL A 49 -8.38 6.85 -9.61
N PHE A 50 -7.61 6.51 -8.59
CA PHE A 50 -8.09 6.51 -7.21
C PHE A 50 -8.47 7.92 -6.77
N TYR A 51 -7.48 8.81 -6.70
CA TYR A 51 -7.72 10.19 -6.30
C TYR A 51 -8.44 10.97 -7.39
N LEU A 52 -7.81 11.06 -8.55
CA LEU A 52 -8.39 11.78 -9.68
C LEU A 52 -9.45 10.93 -10.38
N PRO A 53 -10.33 11.61 -11.13
CA PRO A 53 -11.41 10.93 -11.87
C PRO A 53 -10.88 10.12 -13.04
N SER A 54 -11.45 8.92 -13.22
CA SER A 54 -11.03 8.04 -14.31
C SER A 54 -11.85 6.75 -14.31
N ASP A 55 -12.68 6.57 -15.33
CA ASP A 55 -13.51 5.39 -15.46
C ASP A 55 -14.39 5.22 -14.21
N CYS A 56 -15.14 4.12 -14.17
CA CYS A 56 -16.03 3.84 -13.05
C CYS A 56 -15.55 2.62 -12.27
N GLY A 57 -15.77 1.44 -12.85
CA GLY A 57 -15.36 0.21 -12.20
C GLY A 57 -13.86 0.14 -11.99
N GLU A 58 -13.12 0.89 -12.79
CA GLU A 58 -11.66 0.90 -12.68
C GLU A 58 -11.22 1.17 -11.25
N LYS A 59 -11.99 2.01 -10.54
CA LYS A 59 -11.68 2.35 -9.17
C LYS A 59 -11.51 1.10 -8.32
N MET A 60 -12.49 0.21 -8.38
CA MET A 60 -12.44 -1.04 -7.61
C MET A 60 -11.32 -1.94 -8.12
N THR A 61 -11.27 -2.12 -9.44
CA THR A 61 -10.25 -2.97 -10.05
C THR A 61 -8.85 -2.56 -9.60
N LEU A 62 -8.68 -1.27 -9.34
CA LEU A 62 -7.39 -0.73 -8.91
C LEU A 62 -7.06 -1.21 -7.50
N CYS A 63 -8.00 -1.03 -6.59
CA CYS A 63 -7.82 -1.43 -5.20
C CYS A 63 -7.39 -2.90 -5.11
N ILE A 64 -8.11 -3.75 -5.83
CA ILE A 64 -7.80 -5.18 -5.85
C ILE A 64 -6.53 -5.47 -6.62
N SER A 65 -6.29 -4.70 -7.68
CA SER A 65 -5.11 -4.87 -8.50
C SER A 65 -3.83 -4.74 -7.67
N VAL A 66 -3.94 -3.99 -6.57
CA VAL A 66 -2.80 -3.78 -5.69
C VAL A 66 -2.32 -5.10 -5.07
N LEU A 67 -3.27 -5.93 -4.68
CA LEU A 67 -2.95 -7.23 -4.08
C LEU A 67 -2.00 -8.02 -4.97
N LEU A 68 -2.08 -7.77 -6.27
CA LEU A 68 -1.23 -8.47 -7.24
C LEU A 68 0.23 -8.01 -7.09
N ALA A 69 0.41 -6.72 -6.86
CA ALA A 69 1.75 -6.16 -6.70
C ALA A 69 2.43 -6.69 -5.44
N LEU A 70 1.62 -7.01 -4.43
CA LEU A 70 2.13 -7.52 -3.16
C LEU A 70 2.78 -8.89 -3.36
N THR A 71 2.04 -9.82 -3.95
CA THR A 71 2.56 -11.17 -4.20
C THR A 71 3.75 -11.13 -5.15
N VAL A 72 3.68 -10.25 -6.13
CA VAL A 72 4.76 -10.12 -7.11
C VAL A 72 5.98 -9.47 -6.49
N PHE A 73 5.76 -8.57 -5.54
CA PHE A 73 6.84 -7.87 -4.86
C PHE A 73 7.73 -8.86 -4.11
N LEU A 74 7.14 -9.96 -3.66
CA LEU A 74 7.88 -10.98 -2.92
C LEU A 74 8.81 -11.75 -3.85
N LEU A 75 8.29 -12.14 -5.01
CA LEU A 75 9.07 -12.89 -5.99
C LEU A 75 10.09 -11.98 -6.68
N LEU A 76 9.69 -10.75 -6.97
CA LEU A 76 10.56 -9.78 -7.62
C LEU A 76 11.79 -9.50 -6.76
N ILE A 77 11.55 -9.15 -5.49
CA ILE A 77 12.64 -8.86 -4.56
C ILE A 77 13.44 -10.11 -4.25
N SER A 78 12.78 -11.26 -4.28
CA SER A 78 13.44 -12.53 -3.99
C SER A 78 14.20 -13.03 -5.21
N LYS A 79 13.92 -12.45 -6.37
CA LYS A 79 14.58 -12.83 -7.61
C LYS A 79 16.04 -12.37 -7.61
N ILE A 80 16.39 -11.54 -6.63
CA ILE A 80 17.75 -11.03 -6.53
C ILE A 80 18.74 -12.16 -6.27
N VAL A 81 18.23 -13.32 -5.89
CA VAL A 81 19.07 -14.48 -5.61
C VAL A 81 20.40 -14.06 -4.99
N PRO A 82 20.38 -13.81 -3.66
CA PRO A 82 21.56 -13.41 -2.92
C PRO A 82 22.59 -14.53 -2.80
N PRO A 83 23.81 -14.17 -2.36
CA PRO A 83 24.90 -15.14 -2.19
C PRO A 83 24.65 -16.09 -1.03
N THR A 84 24.29 -15.52 0.13
CA THR A 84 24.03 -16.32 1.32
C THR A 84 22.58 -16.17 1.77
N SER A 85 21.93 -15.11 1.31
CA SER A 85 20.53 -14.86 1.66
C SER A 85 20.40 -14.62 3.17
N LEU A 86 21.27 -13.78 3.71
CA LEU A 86 21.24 -13.47 5.14
C LEU A 86 20.02 -12.63 5.48
N ASP A 87 19.33 -12.13 4.46
CA ASP A 87 18.14 -11.32 4.65
C ASP A 87 16.88 -12.17 4.57
N VAL A 88 17.03 -13.46 4.84
CA VAL A 88 15.89 -14.39 4.81
C VAL A 88 14.90 -14.10 5.92
N PRO A 89 15.39 -14.14 7.17
CA PRO A 89 14.56 -13.88 8.35
C PRO A 89 14.15 -12.41 8.45
N LEU A 90 14.88 -11.55 7.78
CA LEU A 90 14.59 -10.11 7.79
C LEU A 90 13.36 -9.80 6.95
N VAL A 91 13.37 -10.26 5.71
CA VAL A 91 12.25 -10.02 4.80
C VAL A 91 11.02 -10.81 5.24
N GLY A 92 11.23 -12.06 5.62
CA GLY A 92 10.13 -12.91 6.05
C GLY A 92 9.29 -12.25 7.13
N LYS A 93 9.96 -11.55 8.05
CA LYS A 93 9.26 -10.87 9.14
C LYS A 93 8.54 -9.62 8.64
N TYR A 94 9.02 -9.08 7.52
CA TYR A 94 8.42 -7.89 6.93
C TYR A 94 7.10 -8.23 6.25
N LEU A 95 7.05 -9.38 5.61
CA LEU A 95 5.84 -9.82 4.91
C LEU A 95 4.64 -9.83 5.84
N MET A 96 4.90 -10.05 7.13
CA MET A 96 3.84 -10.07 8.13
C MET A 96 3.30 -8.68 8.37
N PHE A 97 4.19 -7.69 8.43
CA PHE A 97 3.79 -6.31 8.67
C PHE A 97 3.18 -5.70 7.42
N THR A 98 3.90 -5.83 6.29
CA THR A 98 3.44 -5.30 5.02
C THR A 98 2.03 -5.78 4.70
N MET A 99 1.69 -6.98 5.18
CA MET A 99 0.38 -7.55 4.94
C MET A 99 -0.70 -6.75 5.67
N VAL A 100 -0.34 -6.14 6.78
CA VAL A 100 -1.28 -5.34 7.56
C VAL A 100 -1.45 -3.95 6.95
N LEU A 101 -0.40 -3.46 6.31
CA LEU A 101 -0.44 -2.14 5.67
C LEU A 101 -1.26 -2.18 4.39
N VAL A 102 -1.21 -3.31 3.70
CA VAL A 102 -1.95 -3.47 2.45
C VAL A 102 -3.44 -3.70 2.72
N THR A 103 -3.73 -4.45 3.78
CA THR A 103 -5.12 -4.74 4.14
C THR A 103 -5.80 -3.52 4.73
N PHE A 104 -5.12 -2.85 5.66
CA PHE A 104 -5.66 -1.66 6.29
C PHE A 104 -6.14 -0.65 5.25
N SER A 105 -5.48 -0.63 4.10
CA SER A 105 -5.83 0.28 3.02
C SER A 105 -7.11 -0.17 2.32
N ILE A 106 -7.15 -1.46 1.96
CA ILE A 106 -8.30 -2.02 1.28
C ILE A 106 -9.58 -1.80 2.10
N VAL A 107 -9.45 -1.84 3.42
CA VAL A 107 -10.58 -1.65 4.30
C VAL A 107 -11.30 -0.34 4.00
N THR A 108 -10.54 0.73 3.81
CA THR A 108 -11.11 2.03 3.51
C THR A 108 -12.07 1.96 2.33
N SER A 109 -11.77 1.06 1.39
CA SER A 109 -12.60 0.88 0.21
C SER A 109 -14.07 0.73 0.59
N VAL A 110 -14.31 0.14 1.76
CA VAL A 110 -15.67 -0.05 2.25
C VAL A 110 -16.47 1.24 2.23
N CYS A 111 -15.78 2.36 2.46
CA CYS A 111 -16.42 3.67 2.47
C CYS A 111 -16.94 4.02 1.08
N VAL A 112 -16.12 3.79 0.07
CA VAL A 112 -16.49 4.08 -1.31
C VAL A 112 -17.48 3.06 -1.84
N LEU A 113 -17.30 1.81 -1.43
CA LEU A 113 -18.19 0.73 -1.87
C LEU A 113 -19.56 0.84 -1.22
N ASN A 114 -19.58 1.33 0.02
CA ASN A 114 -20.83 1.48 0.76
C ASN A 114 -21.74 2.48 0.06
N VAL A 115 -21.15 3.43 -0.64
CA VAL A 115 -21.91 4.44 -1.37
C VAL A 115 -21.97 4.13 -2.85
N HIS A 116 -21.03 3.32 -3.32
CA HIS A 116 -20.99 2.94 -4.73
C HIS A 116 -22.05 1.90 -5.05
N HIS A 117 -23.30 2.34 -5.10
CA HIS A 117 -24.41 1.45 -5.41
C HIS A 117 -24.40 0.23 -4.48
N ARG A 118 -24.56 0.47 -3.19
CA ARG A 118 -24.56 -0.61 -2.21
C ARG A 118 -25.43 -0.24 -1.02
N SER A 119 -25.69 -1.23 -0.15
CA SER A 119 -26.52 -1.02 1.02
C SER A 119 -25.66 -0.84 2.27
N PRO A 120 -26.25 -0.26 3.32
CA PRO A 120 -25.56 -0.02 4.59
C PRO A 120 -25.27 -1.31 5.35
N THR A 121 -23.99 -1.66 5.44
CA THR A 121 -23.59 -2.88 6.14
C THR A 121 -23.49 -2.64 7.64
N THR A 122 -22.48 -1.89 8.06
CA THR A 122 -22.29 -1.59 9.47
C THR A 122 -21.28 -0.45 9.66
N HIS A 123 -21.67 0.56 10.42
CA HIS A 123 -20.81 1.70 10.68
C HIS A 123 -20.51 2.45 9.39
N THR A 124 -20.07 3.70 9.52
CA THR A 124 -19.76 4.54 8.37
C THR A 124 -20.98 4.76 7.50
N PRO A 125 -21.95 5.51 8.03
CA PRO A 125 -23.20 5.82 7.32
C PRO A 125 -22.98 6.77 6.14
N ARG A 126 -22.58 6.21 5.00
CA ARG A 126 -22.33 6.99 3.80
C ARG A 126 -23.58 7.07 2.93
N GLY A 127 -23.52 7.89 1.89
CA GLY A 127 -24.65 8.03 0.99
C GLY A 127 -24.33 8.90 -0.21
N GLY A 128 -24.95 8.58 -1.35
CA GLY A 128 -24.71 9.33 -2.56
C GLY A 128 -24.75 8.47 -3.81
N GLY A 129 -23.77 8.65 -4.69
CA GLY A 129 -23.71 7.87 -5.91
C GLY A 129 -22.54 6.92 -5.94
N GLY A 130 -21.33 7.46 -5.94
CA GLY A 130 -20.14 6.63 -5.97
C GLY A 130 -18.86 7.43 -5.82
N TYR A 131 -18.54 8.22 -6.85
CA TYR A 131 -17.34 9.04 -6.83
C TYR A 131 -17.39 10.06 -5.70
N VAL A 132 -18.60 10.42 -5.30
CA VAL A 132 -18.79 11.40 -4.22
C VAL A 132 -18.04 10.98 -2.96
N ALA A 133 -17.84 9.66 -2.81
CA ALA A 133 -17.14 9.14 -1.65
C ALA A 133 -15.75 9.74 -1.52
N MET A 134 -15.19 10.18 -2.65
CA MET A 134 -13.86 10.78 -2.67
C MET A 134 -13.78 11.93 -1.67
N VAL A 135 -14.90 12.59 -1.43
CA VAL A 135 -14.95 13.71 -0.49
C VAL A 135 -14.48 13.27 0.89
N ILE A 136 -15.20 12.33 1.49
CA ILE A 136 -14.87 11.83 2.81
C ILE A 136 -13.63 10.93 2.76
N ASP A 137 -13.40 10.31 1.60
CA ASP A 137 -12.26 9.43 1.42
C ASP A 137 -10.95 10.16 1.69
N ARG A 138 -10.95 11.46 1.43
CA ARG A 138 -9.76 12.28 1.64
C ARG A 138 -9.21 12.09 3.05
N LEU A 139 -10.11 11.80 3.99
CA LEU A 139 -9.72 11.58 5.38
C LEU A 139 -8.80 10.38 5.51
N PHE A 140 -9.22 9.25 4.95
CA PHE A 140 -8.43 8.02 5.00
C PHE A 140 -7.23 8.11 4.06
N LEU A 141 -7.46 8.67 2.87
CA LEU A 141 -6.39 8.81 1.88
C LEU A 141 -5.17 9.49 2.49
N TRP A 142 -5.41 10.38 3.45
CA TRP A 142 -4.33 11.10 4.10
C TRP A 142 -3.43 10.15 4.88
N ILE A 143 -4.06 9.25 5.64
CA ILE A 143 -3.31 8.27 6.44
C ILE A 143 -2.78 7.15 5.56
N PHE A 144 -3.52 6.82 4.51
CA PHE A 144 -3.11 5.76 3.59
C PHE A 144 -1.73 6.02 3.03
N VAL A 145 -1.55 7.18 2.42
CA VAL A 145 -0.26 7.56 1.84
C VAL A 145 0.85 7.44 2.86
N PHE A 146 0.54 7.80 4.10
CA PHE A 146 1.53 7.74 5.18
C PHE A 146 1.86 6.29 5.53
N VAL A 147 0.84 5.44 5.57
CA VAL A 147 1.03 4.03 5.89
C VAL A 147 2.07 3.40 4.98
N CYS A 148 2.12 3.85 3.73
CA CYS A 148 3.08 3.33 2.76
C CYS A 148 4.49 3.36 3.31
N VAL A 149 4.90 4.53 3.80
CA VAL A 149 6.23 4.71 4.36
C VAL A 149 6.33 4.10 5.75
N PHE A 150 5.23 4.15 6.49
CA PHE A 150 5.19 3.60 7.85
C PHE A 150 5.63 2.14 7.84
N GLY A 151 5.42 1.46 6.72
CA GLY A 151 5.81 0.06 6.61
C GLY A 151 7.29 -0.12 6.41
N THR A 152 7.82 0.48 5.35
CA THR A 152 9.24 0.38 5.04
C THR A 152 10.09 0.97 6.16
N ILE A 153 9.69 2.14 6.64
CA ILE A 153 10.41 2.81 7.72
C ILE A 153 10.55 1.90 8.94
N GLY A 154 9.62 0.97 9.08
CA GLY A 154 9.65 0.06 10.20
C GLY A 154 10.99 -0.63 10.36
N MET A 155 11.49 -1.20 9.26
CA MET A 155 12.78 -1.88 9.28
C MET A 155 13.93 -0.88 9.36
N PHE A 156 13.73 0.29 8.78
CA PHE A 156 14.76 1.33 8.78
C PHE A 156 14.95 1.89 10.19
N LEU A 157 13.95 1.71 11.04
CA LEU A 157 14.00 2.19 12.41
C LEU A 157 14.93 1.32 13.26
N GLN A 158 15.01 0.04 12.90
CA GLN A 158 15.86 -0.91 13.62
C GLN A 158 17.28 -0.36 13.77
N PRO A 159 17.95 -0.11 12.63
CA PRO A 159 19.32 0.41 12.61
C PRO A 159 19.39 1.86 13.08
N LEU A 160 18.29 2.59 12.90
CA LEU A 160 18.24 3.99 13.32
C LEU A 160 18.65 4.15 14.77
N PHE A 161 18.01 3.40 15.66
CA PHE A 161 18.31 3.47 17.08
C PHE A 161 17.99 4.84 17.65
N GLN A 162 17.23 5.63 16.89
CA GLN A 162 16.86 6.97 17.32
C GLN A 162 18.05 7.92 17.27
N ASN A 163 19.02 7.69 18.15
CA ASN A 163 20.21 8.53 18.20
C ASN A 163 19.84 10.01 18.32
N TYR A 164 19.47 10.42 19.53
CA TYR A 164 19.09 11.80 19.77
C TYR A 164 18.89 12.06 21.27
N ARG A 25 28.22 2.35 -4.42
CA ARG A 25 28.25 1.28 -3.42
C ARG A 25 27.86 1.80 -2.05
N ARG A 26 28.27 3.03 -1.75
CA ARG A 26 27.97 3.65 -0.46
C ARG A 26 26.81 4.63 -0.59
N LYS A 27 25.94 4.39 -1.57
CA LYS A 27 24.78 5.24 -1.80
C LYS A 27 23.54 4.41 -2.06
N PRO A 28 22.93 3.89 -0.98
CA PRO A 28 21.72 3.06 -1.06
C PRO A 28 20.51 3.88 -1.47
N LEU A 29 20.68 5.19 -1.58
CA LEU A 29 19.58 6.08 -1.97
C LEU A 29 18.93 5.61 -3.27
N PHE A 30 19.73 4.99 -4.13
CA PHE A 30 19.23 4.50 -5.41
C PHE A 30 18.53 3.16 -5.23
N TYR A 31 18.94 2.40 -4.23
CA TYR A 31 18.34 1.10 -3.95
C TYR A 31 16.99 1.25 -3.26
N THR A 32 16.93 2.14 -2.27
CA THR A 32 15.70 2.38 -1.54
C THR A 32 14.61 2.93 -2.46
N ILE A 33 15.00 3.81 -3.36
CA ILE A 33 14.05 4.41 -4.30
C ILE A 33 13.64 3.42 -5.38
N ASN A 34 14.53 2.49 -5.69
CA ASN A 34 14.26 1.47 -6.70
C ASN A 34 13.18 0.50 -6.22
N LEU A 35 13.06 0.37 -4.90
CA LEU A 35 12.07 -0.54 -4.31
C LEU A 35 10.77 0.21 -4.03
N ILE A 36 10.87 1.52 -3.79
CA ILE A 36 9.70 2.34 -3.51
C ILE A 36 8.96 2.69 -4.79
N ILE A 37 9.70 2.77 -5.90
CA ILE A 37 9.11 3.10 -7.19
C ILE A 37 7.98 2.13 -7.54
N PRO A 38 8.29 0.83 -7.57
CA PRO A 38 7.31 -0.21 -7.89
C PRO A 38 6.27 -0.38 -6.78
N CYS A 39 6.64 -0.01 -5.56
CA CYS A 39 5.75 -0.13 -4.42
C CYS A 39 4.67 0.96 -4.47
N VAL A 40 5.09 2.19 -4.74
CA VAL A 40 4.16 3.32 -4.82
C VAL A 40 3.46 3.36 -6.17
N LEU A 41 4.13 2.86 -7.20
CA LEU A 41 3.57 2.85 -8.54
C LEU A 41 2.18 2.23 -8.55
N ILE A 42 1.97 1.26 -7.68
CA ILE A 42 0.68 0.58 -7.58
C ILE A 42 -0.43 1.58 -7.25
N THR A 43 -0.10 2.59 -6.45
CA THR A 43 -1.06 3.61 -6.06
C THR A 43 -1.51 4.42 -7.26
N SER A 44 -0.60 4.65 -8.19
CA SER A 44 -0.89 5.43 -9.39
C SER A 44 -2.06 4.82 -10.17
N LEU A 45 -1.94 3.52 -10.45
CA LEU A 45 -2.97 2.81 -11.19
C LEU A 45 -4.22 2.63 -10.33
N ALA A 46 -4.02 2.44 -9.03
CA ALA A 46 -5.14 2.27 -8.11
C ALA A 46 -6.00 3.52 -8.03
N ILE A 47 -5.35 4.67 -7.94
CA ILE A 47 -6.06 5.94 -7.87
C ILE A 47 -6.85 6.21 -9.16
N LEU A 48 -6.31 5.74 -10.27
CA LEU A 48 -6.96 5.92 -11.57
C LEU A 48 -8.42 5.47 -11.51
N VAL A 49 -8.68 4.39 -10.79
CA VAL A 49 -10.03 3.87 -10.66
C VAL A 49 -10.64 4.25 -9.31
N PHE A 50 -9.81 4.26 -8.28
CA PHE A 50 -10.26 4.61 -6.93
C PHE A 50 -10.67 6.08 -6.86
N TYR A 51 -9.69 6.97 -7.06
CA TYR A 51 -9.95 8.40 -7.02
C TYR A 51 -10.75 8.85 -8.23
N LEU A 52 -10.19 8.64 -9.42
CA LEU A 52 -10.84 9.02 -10.66
C LEU A 52 -11.91 8.01 -11.05
N PRO A 53 -12.84 8.43 -11.92
CA PRO A 53 -13.94 7.59 -12.37
C PRO A 53 -13.46 6.46 -13.28
N SER A 54 -14.25 5.39 -13.37
CA SER A 54 -13.90 4.24 -14.21
C SER A 54 -14.99 3.18 -14.14
N ASP A 55 -14.70 2.01 -14.69
CA ASP A 55 -15.64 0.90 -14.70
C ASP A 55 -16.01 0.49 -13.27
N CYS A 56 -17.00 -0.39 -13.15
CA CYS A 56 -17.45 -0.86 -11.84
C CYS A 56 -16.54 -1.97 -11.33
N GLY A 57 -16.59 -3.12 -11.99
CA GLY A 57 -15.77 -4.25 -11.59
C GLY A 57 -14.29 -3.91 -11.55
N GLU A 58 -13.91 -2.90 -12.31
CA GLU A 58 -12.51 -2.48 -12.37
C GLU A 58 -11.95 -2.23 -10.97
N LYS A 59 -12.76 -1.58 -10.14
CA LYS A 59 -12.35 -1.27 -8.77
C LYS A 59 -11.90 -2.54 -8.05
N MET A 60 -12.65 -3.63 -8.22
CA MET A 60 -12.33 -4.89 -7.59
C MET A 60 -11.11 -5.53 -8.24
N THR A 61 -11.13 -5.63 -9.57
CA THR A 61 -10.03 -6.22 -10.31
C THR A 61 -8.70 -5.55 -9.95
N LEU A 62 -8.72 -4.23 -9.89
CA LEU A 62 -7.52 -3.47 -9.55
C LEU A 62 -7.16 -3.65 -8.08
N CYS A 63 -8.16 -3.89 -7.25
CA CYS A 63 -7.95 -4.09 -5.82
C CYS A 63 -7.27 -5.42 -5.55
N ILE A 64 -7.75 -6.47 -6.21
CA ILE A 64 -7.19 -7.81 -6.04
C ILE A 64 -5.82 -7.93 -6.70
N SER A 65 -5.67 -7.24 -7.83
CA SER A 65 -4.41 -7.26 -8.57
C SER A 65 -3.25 -6.83 -7.67
N VAL A 66 -3.55 -6.04 -6.66
CA VAL A 66 -2.54 -5.56 -5.73
C VAL A 66 -1.83 -6.72 -5.05
N LEU A 67 -2.58 -7.76 -4.71
CA LEU A 67 -2.03 -8.94 -4.05
C LEU A 67 -0.84 -9.49 -4.84
N LEU A 68 -0.86 -9.28 -6.15
CA LEU A 68 0.22 -9.75 -7.02
C LEU A 68 1.51 -8.97 -6.76
N ALA A 69 1.37 -7.67 -6.53
CA ALA A 69 2.52 -6.81 -6.27
C ALA A 69 3.17 -7.16 -4.95
N LEU A 70 2.37 -7.65 -4.00
CA LEU A 70 2.88 -8.03 -2.69
C LEU A 70 3.85 -9.21 -2.80
N THR A 71 3.39 -10.29 -3.42
CA THR A 71 4.22 -11.48 -3.57
C THR A 71 5.46 -11.17 -4.42
N VAL A 72 5.28 -10.34 -5.44
CA VAL A 72 6.38 -9.96 -6.31
C VAL A 72 7.37 -9.04 -5.60
N PHE A 73 6.85 -8.21 -4.70
CA PHE A 73 7.68 -7.28 -3.94
C PHE A 73 8.84 -8.00 -3.29
N LEU A 74 8.59 -9.21 -2.80
CA LEU A 74 9.63 -10.00 -2.14
C LEU A 74 10.58 -10.60 -3.17
N LEU A 75 10.07 -10.89 -4.36
CA LEU A 75 10.88 -11.46 -5.43
C LEU A 75 11.82 -10.41 -6.01
N LEU A 76 11.26 -9.28 -6.44
CA LEU A 76 12.06 -8.20 -7.00
C LEU A 76 13.16 -7.77 -6.05
N ILE A 77 12.77 -7.43 -4.82
CA ILE A 77 13.73 -6.99 -3.82
C ILE A 77 14.82 -8.04 -3.61
N SER A 78 14.48 -9.30 -3.87
CA SER A 78 15.44 -10.39 -3.72
C SER A 78 16.37 -10.48 -4.91
N LYS A 79 15.92 -9.97 -6.05
CA LYS A 79 16.71 -9.98 -7.28
C LYS A 79 17.96 -9.12 -7.13
N ILE A 80 17.96 -8.27 -6.10
CA ILE A 80 19.09 -7.38 -5.84
C ILE A 80 20.38 -8.18 -5.69
N VAL A 81 20.26 -9.45 -5.32
CA VAL A 81 21.42 -10.32 -5.15
C VAL A 81 22.31 -9.82 -4.02
N PRO A 82 21.88 -10.03 -2.77
CA PRO A 82 22.62 -9.62 -1.59
C PRO A 82 23.89 -10.43 -1.39
N PRO A 83 24.78 -9.95 -0.50
CA PRO A 83 26.04 -10.62 -0.19
C PRO A 83 25.84 -11.93 0.57
N THR A 84 25.04 -11.86 1.64
CA THR A 84 24.76 -13.03 2.45
C THR A 84 23.27 -13.38 2.44
N SER A 85 22.45 -12.36 2.20
CA SER A 85 20.99 -12.55 2.18
C SER A 85 20.48 -12.98 3.54
N LEU A 86 20.90 -12.26 4.58
CA LEU A 86 20.47 -12.56 5.94
C LEU A 86 19.35 -11.62 6.38
N ASP A 87 18.46 -11.30 5.44
CA ASP A 87 17.33 -10.43 5.73
C ASP A 87 16.01 -11.19 5.66
N VAL A 88 16.09 -12.51 5.83
CA VAL A 88 14.90 -13.36 5.78
C VAL A 88 13.99 -13.09 6.97
N PRO A 89 14.53 -13.26 8.19
CA PRO A 89 13.80 -13.04 9.44
C PRO A 89 13.48 -11.57 9.67
N LEU A 90 14.23 -10.69 9.01
CA LEU A 90 14.04 -9.26 9.15
C LEU A 90 12.79 -8.80 8.41
N VAL A 91 12.68 -9.18 7.14
CA VAL A 91 11.53 -8.82 6.32
C VAL A 91 10.34 -9.73 6.61
N GLY A 92 10.64 -10.94 7.10
CA GLY A 92 9.58 -11.89 7.41
C GLY A 92 8.50 -11.29 8.29
N LYS A 93 8.92 -10.66 9.39
CA LYS A 93 7.98 -10.04 10.32
C LYS A 93 7.23 -8.90 9.65
N TYR A 94 7.91 -8.18 8.77
CA TYR A 94 7.29 -7.06 8.06
C TYR A 94 6.10 -7.52 7.23
N LEU A 95 6.24 -8.68 6.59
CA LEU A 95 5.18 -9.24 5.77
C LEU A 95 3.86 -9.29 6.54
N MET A 96 3.96 -9.45 7.86
CA MET A 96 2.77 -9.51 8.70
C MET A 96 2.08 -8.15 8.77
N PHE A 97 2.87 -7.09 8.92
CA PHE A 97 2.33 -5.74 9.00
C PHE A 97 1.90 -5.25 7.62
N THR A 98 2.79 -5.36 6.64
CA THR A 98 2.50 -4.93 5.28
C THR A 98 1.22 -5.57 4.77
N MET A 99 0.92 -6.76 5.25
CA MET A 99 -0.29 -7.48 4.84
C MET A 99 -1.54 -6.75 5.32
N VAL A 100 -1.42 -6.05 6.45
CA VAL A 100 -2.54 -5.31 7.00
C VAL A 100 -2.73 -3.98 6.30
N LEU A 101 -1.64 -3.42 5.79
CA LEU A 101 -1.69 -2.15 5.09
C LEU A 101 -2.27 -2.32 3.69
N VAL A 102 -2.00 -3.47 3.09
CA VAL A 102 -2.50 -3.76 1.74
C VAL A 102 -3.98 -4.13 1.78
N THR A 103 -4.38 -4.88 2.81
CA THR A 103 -5.76 -5.31 2.97
C THR A 103 -6.65 -4.14 3.36
N PHE A 104 -6.15 -3.28 4.26
CA PHE A 104 -6.90 -2.13 4.72
C PHE A 104 -7.18 -1.16 3.57
N SER A 105 -6.25 -1.10 2.63
CA SER A 105 -6.38 -0.21 1.47
C SER A 105 -7.47 -0.71 0.53
N ILE A 106 -7.62 -2.03 0.46
CA ILE A 106 -8.62 -2.64 -0.42
C ILE A 106 -10.02 -2.47 0.16
N VAL A 107 -10.18 -2.85 1.43
CA VAL A 107 -11.47 -2.74 2.10
C VAL A 107 -12.01 -1.32 2.02
N THR A 108 -11.10 -0.34 2.06
CA THR A 108 -11.49 1.06 2.00
C THR A 108 -12.37 1.34 0.78
N SER A 109 -12.11 0.63 -0.31
CA SER A 109 -12.89 0.80 -1.54
C SER A 109 -14.38 0.66 -1.25
N VAL A 110 -14.75 -0.39 -0.54
CA VAL A 110 -16.14 -0.64 -0.20
C VAL A 110 -16.78 0.59 0.45
N CYS A 111 -15.98 1.32 1.22
CA CYS A 111 -16.46 2.52 1.90
C CYS A 111 -16.86 3.59 0.89
N VAL A 112 -16.06 3.73 -0.17
CA VAL A 112 -16.33 4.72 -1.20
C VAL A 112 -17.40 4.23 -2.16
N LEU A 113 -17.39 2.93 -2.44
CA LEU A 113 -18.37 2.33 -3.35
C LEU A 113 -19.75 2.25 -2.69
N ASN A 114 -19.80 1.68 -1.49
CA ASN A 114 -21.05 1.55 -0.76
C ASN A 114 -21.77 2.89 -0.66
N VAL A 115 -21.00 3.97 -0.67
CA VAL A 115 -21.57 5.32 -0.58
C VAL A 115 -21.64 5.97 -1.96
N HIS A 116 -20.90 5.41 -2.91
CA HIS A 116 -20.88 5.93 -4.27
C HIS A 116 -22.30 6.03 -4.84
N HIS A 117 -23.02 4.92 -4.77
CA HIS A 117 -24.40 4.88 -5.28
C HIS A 117 -25.15 3.67 -4.73
N ARG A 118 -24.80 3.28 -3.49
CA ARG A 118 -25.44 2.14 -2.85
C ARG A 118 -25.88 2.49 -1.43
N SER A 119 -26.44 1.51 -0.74
CA SER A 119 -26.90 1.71 0.63
C SER A 119 -25.73 2.04 1.55
N PRO A 120 -26.06 2.64 2.71
CA PRO A 120 -25.05 3.02 3.71
C PRO A 120 -24.42 1.81 4.39
N THR A 121 -23.25 2.02 5.00
CA THR A 121 -22.54 0.95 5.69
C THR A 121 -22.65 1.09 7.19
N THR A 122 -21.99 0.20 7.92
CA THR A 122 -22.00 0.23 9.38
C THR A 122 -20.61 0.45 9.95
N HIS A 123 -19.76 1.12 9.17
CA HIS A 123 -18.39 1.39 9.60
C HIS A 123 -17.90 2.73 9.02
N THR A 124 -18.03 3.78 9.81
CA THR A 124 -17.59 5.11 9.40
C THR A 124 -18.22 5.49 8.06
N PRO A 125 -19.55 5.70 8.07
CA PRO A 125 -20.30 6.07 6.86
C PRO A 125 -19.97 7.49 6.40
N ARG A 126 -20.61 7.90 5.31
CA ARG A 126 -20.39 9.24 4.76
C ARG A 126 -21.70 9.82 4.21
N GLY A 127 -22.46 8.99 3.51
CA GLY A 127 -23.72 9.44 2.95
C GLY A 127 -23.52 10.43 1.82
N GLY A 128 -24.36 10.32 0.79
CA GLY A 128 -24.26 11.21 -0.36
C GLY A 128 -23.78 10.50 -1.61
N GLY A 129 -23.39 11.26 -2.62
CA GLY A 129 -22.93 10.69 -3.86
C GLY A 129 -21.59 9.98 -3.71
N GLY A 130 -20.72 10.16 -4.68
CA GLY A 130 -19.41 9.53 -4.64
C GLY A 130 -18.33 10.48 -4.17
N TYR A 131 -18.59 11.78 -4.27
CA TYR A 131 -17.62 12.79 -3.86
C TYR A 131 -17.59 12.93 -2.35
N VAL A 132 -18.71 12.60 -1.70
CA VAL A 132 -18.81 12.68 -0.25
C VAL A 132 -17.76 11.80 0.42
N ALA A 133 -17.50 10.63 -0.17
CA ALA A 133 -16.52 9.71 0.37
C ALA A 133 -15.10 10.22 0.14
N MET A 134 -14.90 10.98 -0.92
CA MET A 134 -13.60 11.53 -1.25
C MET A 134 -13.05 12.36 -0.09
N VAL A 135 -13.95 12.98 0.68
CA VAL A 135 -13.57 13.80 1.82
C VAL A 135 -12.73 12.99 2.81
N ILE A 136 -13.36 12.00 3.42
CA ILE A 136 -12.68 11.15 4.39
C ILE A 136 -11.64 10.26 3.72
N ASP A 137 -11.93 9.85 2.49
CA ASP A 137 -11.02 9.01 1.73
C ASP A 137 -9.70 9.74 1.45
N ARG A 138 -9.78 11.06 1.34
CA ARG A 138 -8.60 11.87 1.06
C ARG A 138 -7.80 12.11 2.34
N LEU A 139 -8.49 12.12 3.48
CA LEU A 139 -7.84 12.34 4.76
C LEU A 139 -7.04 11.11 5.17
N PHE A 140 -7.64 9.93 5.01
CA PHE A 140 -6.98 8.68 5.37
C PHE A 140 -5.89 8.32 4.35
N LEU A 141 -6.27 8.28 3.08
CA LEU A 141 -5.34 7.95 2.01
C LEU A 141 -4.10 8.84 2.09
N TRP A 142 -4.29 10.10 2.46
CA TRP A 142 -3.19 11.04 2.56
C TRP A 142 -2.09 10.49 3.46
N ILE A 143 -2.46 10.04 4.65
CA ILE A 143 -1.51 9.48 5.60
C ILE A 143 -1.11 8.06 5.21
N PHE A 144 -2.08 7.30 4.73
CA PHE A 144 -1.83 5.92 4.32
C PHE A 144 -0.73 5.85 3.27
N VAL A 145 -0.94 6.57 2.16
CA VAL A 145 0.03 6.59 1.07
C VAL A 145 1.40 7.05 1.58
N PHE A 146 1.39 7.97 2.53
CA PHE A 146 2.64 8.49 3.10
C PHE A 146 3.38 7.41 3.86
N VAL A 147 2.63 6.51 4.48
CA VAL A 147 3.22 5.42 5.25
C VAL A 147 4.23 4.64 4.42
N CYS A 148 3.95 4.52 3.12
CA CYS A 148 4.83 3.80 2.22
C CYS A 148 6.27 4.29 2.34
N VAL A 149 6.42 5.60 2.55
CA VAL A 149 7.74 6.19 2.68
C VAL A 149 8.34 5.90 4.05
N PHE A 150 7.49 5.87 5.07
CA PHE A 150 7.93 5.61 6.43
C PHE A 150 8.32 4.13 6.59
N GLY A 151 7.72 3.28 5.78
CA GLY A 151 8.02 1.86 5.85
C GLY A 151 9.51 1.57 5.78
N THR A 152 10.14 2.00 4.68
CA THR A 152 11.56 1.78 4.48
C THR A 152 12.36 2.31 5.67
N ILE A 153 11.90 3.41 6.24
CA ILE A 153 12.57 4.02 7.39
C ILE A 153 12.50 3.11 8.61
N GLY A 154 11.28 2.78 9.03
CA GLY A 154 11.10 1.92 10.18
C GLY A 154 11.87 0.61 10.06
N MET A 155 12.11 0.19 8.82
CA MET A 155 12.85 -1.05 8.57
C MET A 155 14.28 -0.95 9.07
N PHE A 156 14.84 0.26 9.01
CA PHE A 156 16.21 0.49 9.46
C PHE A 156 16.28 0.62 10.97
N LEU A 157 15.17 1.05 11.57
CA LEU A 157 15.09 1.23 13.01
C LEU A 157 14.87 -0.10 13.71
N GLN A 158 14.27 -1.04 13.00
CA GLN A 158 13.99 -2.36 13.56
C GLN A 158 15.26 -2.98 14.16
N PRO A 159 16.30 -3.12 13.32
CA PRO A 159 17.58 -3.69 13.74
C PRO A 159 18.34 -2.76 14.69
N LEU A 160 17.94 -1.50 14.72
CA LEU A 160 18.58 -0.52 15.59
C LEU A 160 17.85 -0.41 16.92
N PHE A 161 17.43 -1.54 17.46
CA PHE A 161 16.73 -1.57 18.73
C PHE A 161 17.70 -1.58 19.90
N GLN A 162 18.55 -2.60 19.95
CA GLN A 162 19.53 -2.73 21.01
C GLN A 162 18.86 -3.11 22.33
N ASN A 163 18.10 -2.19 22.89
CA ASN A 163 17.41 -2.43 24.15
C ASN A 163 18.37 -2.94 25.22
N TYR A 164 19.55 -2.33 25.27
CA TYR A 164 20.56 -2.72 26.25
C TYR A 164 20.82 -4.22 26.20
N ARG A 25 26.46 -3.98 -7.39
CA ARG A 25 26.84 -5.10 -6.54
C ARG A 25 27.43 -4.61 -5.22
N ARG A 26 28.61 -4.00 -5.30
CA ARG A 26 29.28 -3.48 -4.11
C ARG A 26 28.45 -2.37 -3.46
N LYS A 27 27.74 -1.62 -4.27
CA LYS A 27 26.90 -0.53 -3.79
C LYS A 27 25.45 -0.70 -4.22
N PRO A 28 24.73 -1.60 -3.52
CA PRO A 28 23.32 -1.88 -3.81
C PRO A 28 22.41 -0.71 -3.46
N LEU A 29 22.98 0.33 -2.87
CA LEU A 29 22.22 1.52 -2.48
C LEU A 29 21.44 2.06 -3.67
N PHE A 30 21.99 1.89 -4.87
CA PHE A 30 21.34 2.37 -6.08
C PHE A 30 20.25 1.40 -6.53
N TYR A 31 20.45 0.12 -6.24
CA TYR A 31 19.49 -0.91 -6.61
C TYR A 31 18.27 -0.89 -5.70
N THR A 32 18.52 -0.72 -4.39
CA THR A 32 17.45 -0.67 -3.41
C THR A 32 16.52 0.50 -3.66
N ILE A 33 17.10 1.63 -4.05
CA ILE A 33 16.31 2.83 -4.33
C ILE A 33 15.58 2.71 -5.65
N ASN A 34 16.15 1.96 -6.58
CA ASN A 34 15.54 1.76 -7.89
C ASN A 34 14.14 1.18 -7.76
N LEU A 35 13.90 0.45 -6.68
CA LEU A 35 12.60 -0.16 -6.44
C LEU A 35 11.70 0.77 -5.63
N ILE A 36 12.32 1.73 -4.95
CA ILE A 36 11.59 2.69 -4.13
C ILE A 36 10.93 3.76 -5.00
N ILE A 37 11.60 4.12 -6.10
CA ILE A 37 11.08 5.13 -7.01
C ILE A 37 9.69 4.76 -7.50
N PRO A 38 9.57 3.57 -8.11
CA PRO A 38 8.29 3.08 -8.63
C PRO A 38 7.31 2.72 -7.52
N CYS A 39 7.81 2.66 -6.30
CA CYS A 39 6.98 2.33 -5.14
C CYS A 39 5.87 3.36 -4.94
N VAL A 40 6.23 4.63 -5.08
CA VAL A 40 5.26 5.71 -4.92
C VAL A 40 4.42 5.89 -6.18
N LEU A 41 4.99 5.52 -7.32
CA LEU A 41 4.29 5.64 -8.59
C LEU A 41 2.90 5.01 -8.51
N ILE A 42 2.79 3.94 -7.73
CA ILE A 42 1.50 3.26 -7.56
C ILE A 42 0.44 4.20 -7.02
N THR A 43 0.87 5.12 -6.15
CA THR A 43 -0.04 6.08 -5.55
C THR A 43 -0.63 7.02 -6.61
N SER A 44 0.20 7.38 -7.59
CA SER A 44 -0.24 8.27 -8.66
C SER A 44 -1.50 7.74 -9.33
N LEU A 45 -1.51 6.45 -9.64
CA LEU A 45 -2.65 5.82 -10.29
C LEU A 45 -3.77 5.57 -9.29
N ALA A 46 -3.39 5.18 -8.07
CA ALA A 46 -4.36 4.90 -7.02
C ALA A 46 -5.21 6.13 -6.73
N ILE A 47 -4.56 7.26 -6.49
CA ILE A 47 -5.27 8.50 -6.20
C ILE A 47 -6.35 8.77 -7.24
N LEU A 48 -6.11 8.33 -8.47
CA LEU A 48 -7.07 8.51 -9.55
C LEU A 48 -8.46 8.06 -9.13
N VAL A 49 -8.52 6.91 -8.45
CA VAL A 49 -9.79 6.35 -8.00
C VAL A 49 -10.00 6.64 -6.51
N PHE A 50 -8.93 6.59 -5.74
CA PHE A 50 -9.00 6.83 -4.31
C PHE A 50 -9.43 8.27 -4.02
N TYR A 51 -8.59 9.22 -4.42
CA TYR A 51 -8.88 10.63 -4.20
C TYR A 51 -10.00 11.11 -5.13
N LEU A 52 -9.75 11.03 -6.43
CA LEU A 52 -10.74 11.45 -7.43
C LEU A 52 -11.95 10.53 -7.41
N PRO A 53 -13.08 11.01 -7.96
CA PRO A 53 -14.32 10.25 -8.03
C PRO A 53 -14.23 9.08 -8.99
N SER A 54 -14.87 7.96 -8.64
CA SER A 54 -14.86 6.77 -9.47
C SER A 54 -16.11 5.92 -9.22
N ASP A 55 -16.11 4.72 -9.77
CA ASP A 55 -17.23 3.80 -9.61
C ASP A 55 -17.11 3.01 -8.32
N CYS A 56 -18.15 2.25 -7.99
CA CYS A 56 -18.16 1.45 -6.77
C CYS A 56 -17.16 0.30 -6.88
N GLY A 57 -17.37 -0.59 -7.84
CA GLY A 57 -16.48 -1.72 -8.03
C GLY A 57 -15.05 -1.28 -8.23
N GLU A 58 -14.85 -0.04 -8.68
CA GLU A 58 -13.51 0.47 -8.91
C GLU A 58 -12.62 0.28 -7.70
N LYS A 59 -13.22 0.39 -6.51
CA LYS A 59 -12.49 0.22 -5.26
C LYS A 59 -11.79 -1.14 -5.22
N MET A 60 -12.51 -2.18 -5.58
CA MET A 60 -11.96 -3.54 -5.59
C MET A 60 -10.88 -3.67 -6.64
N THR A 61 -11.20 -3.28 -7.87
CA THR A 61 -10.25 -3.36 -8.97
C THR A 61 -8.95 -2.62 -8.64
N LEU A 62 -9.06 -1.63 -7.76
CA LEU A 62 -7.90 -0.84 -7.35
C LEU A 62 -6.98 -1.65 -6.44
N CYS A 63 -7.58 -2.46 -5.58
CA CYS A 63 -6.82 -3.29 -4.65
C CYS A 63 -6.17 -4.46 -5.39
N ILE A 64 -6.95 -5.16 -6.20
CA ILE A 64 -6.44 -6.30 -6.96
C ILE A 64 -5.28 -5.90 -7.85
N SER A 65 -5.33 -4.66 -8.35
CA SER A 65 -4.28 -4.15 -9.22
C SER A 65 -3.00 -3.89 -8.44
N VAL A 66 -3.10 -3.05 -7.41
CA VAL A 66 -1.95 -2.72 -6.57
C VAL A 66 -1.38 -3.96 -5.90
N LEU A 67 -2.25 -4.90 -5.57
CA LEU A 67 -1.84 -6.14 -4.91
C LEU A 67 -0.73 -6.82 -5.70
N LEU A 68 -0.75 -6.64 -7.02
CA LEU A 68 0.26 -7.24 -7.89
C LEU A 68 1.63 -6.60 -7.66
N ALA A 69 1.63 -5.29 -7.44
CA ALA A 69 2.86 -4.56 -7.20
C ALA A 69 3.51 -4.98 -5.88
N LEU A 70 2.68 -5.38 -4.93
CA LEU A 70 3.17 -5.81 -3.62
C LEU A 70 3.97 -7.10 -3.73
N THR A 71 3.36 -8.12 -4.32
CA THR A 71 4.01 -9.41 -4.50
C THR A 71 5.28 -9.27 -5.34
N VAL A 72 5.22 -8.43 -6.37
CA VAL A 72 6.35 -8.21 -7.24
C VAL A 72 7.45 -7.42 -6.53
N PHE A 73 7.04 -6.53 -5.64
CA PHE A 73 7.99 -5.71 -4.89
C PHE A 73 8.84 -6.57 -3.97
N LEU A 74 8.22 -7.59 -3.37
CA LEU A 74 8.93 -8.48 -2.46
C LEU A 74 9.81 -9.45 -3.23
N LEU A 75 9.35 -9.87 -4.40
CA LEU A 75 10.10 -10.80 -5.24
C LEU A 75 11.28 -10.10 -5.89
N LEU A 76 11.03 -8.94 -6.48
CA LEU A 76 12.08 -8.16 -7.14
C LEU A 76 13.21 -7.84 -6.16
N ILE A 77 12.85 -7.35 -4.98
CA ILE A 77 13.84 -7.01 -3.96
C ILE A 77 14.56 -8.25 -3.44
N SER A 78 13.87 -9.39 -3.49
CA SER A 78 14.43 -10.64 -3.03
C SER A 78 15.33 -11.26 -4.09
N LYS A 79 15.09 -10.89 -5.35
CA LYS A 79 15.88 -11.40 -6.46
C LYS A 79 17.35 -11.06 -6.29
N ILE A 80 17.63 -10.03 -5.50
CA ILE A 80 19.00 -9.61 -5.24
C ILE A 80 19.87 -10.79 -4.81
N VAL A 81 19.26 -11.76 -4.14
CA VAL A 81 19.97 -12.94 -3.69
C VAL A 81 21.17 -12.55 -2.81
N PRO A 82 20.89 -12.24 -1.54
CA PRO A 82 21.94 -11.85 -0.58
C PRO A 82 22.85 -13.02 -0.21
N PRO A 83 24.11 -12.94 -0.63
CA PRO A 83 25.11 -13.97 -0.35
C PRO A 83 25.50 -14.02 1.12
N THR A 84 25.81 -12.86 1.69
CA THR A 84 26.20 -12.77 3.08
C THR A 84 25.21 -11.94 3.88
N SER A 85 24.47 -11.08 3.18
CA SER A 85 23.47 -10.23 3.82
C SER A 85 22.54 -11.04 4.71
N LEU A 86 22.04 -12.15 4.17
CA LEU A 86 21.13 -13.01 4.92
C LEU A 86 19.98 -12.22 5.51
N ASP A 87 19.33 -11.41 4.68
CA ASP A 87 18.21 -10.59 5.12
C ASP A 87 16.88 -11.29 4.81
N VAL A 88 16.91 -12.62 4.80
CA VAL A 88 15.70 -13.39 4.51
C VAL A 88 14.68 -13.24 5.63
N PRO A 89 15.08 -13.59 6.86
CA PRO A 89 14.21 -13.50 8.03
C PRO A 89 13.92 -12.05 8.43
N LEU A 90 14.77 -11.14 7.99
CA LEU A 90 14.61 -9.72 8.29
C LEU A 90 13.47 -9.12 7.48
N VAL A 91 13.43 -9.45 6.19
CA VAL A 91 12.40 -8.95 5.30
C VAL A 91 11.11 -9.74 5.46
N GLY A 92 11.24 -11.05 5.63
CA GLY A 92 10.07 -11.89 5.78
C GLY A 92 9.13 -11.39 6.86
N LYS A 93 9.67 -11.14 8.04
CA LYS A 93 8.88 -10.65 9.17
C LYS A 93 8.30 -9.28 8.86
N TYR A 94 9.06 -8.46 8.14
CA TYR A 94 8.63 -7.12 7.78
C TYR A 94 7.36 -7.16 6.95
N LEU A 95 7.25 -8.18 6.08
CA LEU A 95 6.08 -8.34 5.23
C LEU A 95 4.79 -8.29 6.04
N MET A 96 4.86 -8.78 7.27
CA MET A 96 3.71 -8.79 8.16
C MET A 96 3.11 -7.40 8.29
N PHE A 97 3.95 -6.38 8.13
CA PHE A 97 3.50 -4.99 8.23
C PHE A 97 2.68 -4.60 7.01
N THR A 98 3.26 -4.78 5.83
CA THR A 98 2.58 -4.44 4.58
C THR A 98 1.22 -5.11 4.50
N MET A 99 1.08 -6.25 5.16
CA MET A 99 -0.18 -6.99 5.16
C MET A 99 -1.25 -6.23 5.95
N VAL A 100 -0.82 -5.47 6.95
CA VAL A 100 -1.73 -4.69 7.77
C VAL A 100 -2.14 -3.40 7.08
N LEU A 101 -1.25 -2.88 6.24
CA LEU A 101 -1.53 -1.65 5.51
C LEU A 101 -2.50 -1.90 4.37
N VAL A 102 -2.43 -3.09 3.78
CA VAL A 102 -3.32 -3.46 2.68
C VAL A 102 -4.71 -3.81 3.17
N THR A 103 -4.77 -4.48 4.33
CA THR A 103 -6.04 -4.88 4.92
C THR A 103 -6.77 -3.68 5.49
N PHE A 104 -6.02 -2.76 6.10
CA PHE A 104 -6.60 -1.57 6.69
C PHE A 104 -7.16 -0.64 5.61
N SER A 105 -6.53 -0.64 4.45
CA SER A 105 -6.96 0.20 3.35
C SER A 105 -8.28 -0.29 2.76
N ILE A 106 -8.47 -1.61 2.78
CA ILE A 106 -9.69 -2.22 2.26
C ILE A 106 -10.87 -1.96 3.19
N VAL A 107 -10.69 -2.26 4.47
CA VAL A 107 -11.74 -2.06 5.46
C VAL A 107 -12.21 -0.61 5.48
N THR A 108 -11.28 0.31 5.24
CA THR A 108 -11.60 1.73 5.23
C THR A 108 -12.76 2.02 4.29
N SER A 109 -12.85 1.25 3.21
CA SER A 109 -13.91 1.42 2.23
C SER A 109 -15.28 1.49 2.91
N VAL A 110 -15.41 0.77 4.03
CA VAL A 110 -16.66 0.75 4.78
C VAL A 110 -17.15 2.16 5.09
N CYS A 111 -16.20 3.07 5.30
CA CYS A 111 -16.53 4.45 5.60
C CYS A 111 -17.21 5.13 4.42
N VAL A 112 -16.63 4.96 3.23
CA VAL A 112 -17.19 5.56 2.02
C VAL A 112 -18.46 4.84 1.59
N LEU A 113 -18.49 3.53 1.79
CA LEU A 113 -19.66 2.74 1.43
C LEU A 113 -20.82 3.00 2.38
N ASN A 114 -20.50 3.26 3.65
CA ASN A 114 -21.52 3.55 4.65
C ASN A 114 -22.36 4.75 4.26
N VAL A 115 -21.73 5.69 3.55
CA VAL A 115 -22.43 6.90 3.12
C VAL A 115 -22.81 6.81 1.64
N HIS A 116 -22.09 5.98 0.89
CA HIS A 116 -22.36 5.81 -0.53
C HIS A 116 -23.34 4.66 -0.76
N HIS A 117 -22.87 3.43 -0.58
CA HIS A 117 -23.71 2.26 -0.76
C HIS A 117 -22.94 0.98 -0.43
N ARG A 118 -23.15 0.46 0.77
CA ARG A 118 -22.48 -0.76 1.21
C ARG A 118 -23.24 -2.00 0.76
N SER A 119 -24.37 -2.26 1.43
CA SER A 119 -25.19 -3.42 1.10
C SER A 119 -25.61 -3.40 -0.37
N PRO A 120 -26.01 -4.56 -0.89
CA PRO A 120 -26.44 -4.70 -2.28
C PRO A 120 -27.77 -4.02 -2.55
N THR A 121 -27.83 -3.23 -3.62
CA THR A 121 -29.04 -2.51 -3.98
C THR A 121 -29.12 -2.30 -5.49
N THR A 122 -29.55 -3.33 -6.20
CA THR A 122 -29.67 -3.26 -7.66
C THR A 122 -28.31 -3.05 -8.31
N HIS A 123 -27.79 -4.10 -8.94
CA HIS A 123 -26.50 -4.02 -9.61
C HIS A 123 -26.46 -2.85 -10.57
N THR A 124 -25.78 -1.78 -10.16
CA THR A 124 -25.65 -0.58 -10.99
C THR A 124 -24.26 0.02 -10.88
N PRO A 125 -23.28 -0.63 -11.51
CA PRO A 125 -21.89 -0.16 -11.51
C PRO A 125 -21.69 1.11 -12.32
N ARG A 126 -20.67 1.87 -11.98
CA ARG A 126 -20.36 3.12 -12.67
C ARG A 126 -21.50 4.13 -12.50
N GLY A 127 -21.28 5.10 -11.63
CA GLY A 127 -22.29 6.11 -11.38
C GLY A 127 -22.88 6.02 -9.98
N GLY A 128 -22.92 7.16 -9.30
CA GLY A 128 -23.46 7.18 -7.94
C GLY A 128 -23.06 8.43 -7.18
N GLY A 129 -23.26 8.41 -5.86
CA GLY A 129 -22.91 9.55 -5.04
C GLY A 129 -22.36 9.14 -3.68
N GLY A 130 -21.13 9.53 -3.41
CA GLY A 130 -20.50 9.20 -2.14
C GLY A 130 -19.08 9.72 -2.02
N TYR A 131 -18.85 10.91 -2.56
CA TYR A 131 -17.53 11.52 -2.52
C TYR A 131 -17.33 12.32 -1.24
N VAL A 132 -18.44 12.77 -0.64
CA VAL A 132 -18.39 13.55 0.58
C VAL A 132 -17.61 12.81 1.67
N ALA A 133 -17.65 11.48 1.62
CA ALA A 133 -16.95 10.65 2.59
C ALA A 133 -15.46 10.97 2.60
N MET A 134 -14.96 11.49 1.48
CA MET A 134 -13.55 11.83 1.37
C MET A 134 -13.12 12.75 2.51
N VAL A 135 -14.05 13.56 2.99
CA VAL A 135 -13.76 14.49 4.08
C VAL A 135 -13.25 13.75 5.31
N ILE A 136 -14.00 12.75 5.75
CA ILE A 136 -13.61 11.95 6.92
C ILE A 136 -12.47 11.00 6.58
N ASP A 137 -12.51 10.43 5.38
CA ASP A 137 -11.47 9.51 4.94
C ASP A 137 -10.12 10.20 4.87
N ARG A 138 -10.13 11.50 4.60
CA ARG A 138 -8.91 12.28 4.51
C ARG A 138 -8.05 12.07 5.75
N LEU A 139 -8.69 11.82 6.88
CA LEU A 139 -7.98 11.60 8.13
C LEU A 139 -7.09 10.36 8.05
N PHE A 140 -7.69 9.25 7.63
CA PHE A 140 -6.95 8.00 7.51
C PHE A 140 -6.01 8.03 6.30
N LEU A 141 -6.47 8.66 5.22
CA LEU A 141 -5.67 8.76 4.01
C LEU A 141 -4.28 9.31 4.30
N TRP A 142 -4.21 10.21 5.28
CA TRP A 142 -2.93 10.81 5.67
C TRP A 142 -1.99 9.75 6.23
N ILE A 143 -2.47 8.97 7.18
CA ILE A 143 -1.66 7.93 7.80
C ILE A 143 -1.38 6.80 6.82
N PHE A 144 -2.31 6.56 5.90
CA PHE A 144 -2.16 5.51 4.90
C PHE A 144 -0.88 5.71 4.10
N VAL A 145 -0.75 6.89 3.48
CA VAL A 145 0.43 7.21 2.68
C VAL A 145 1.67 7.30 3.55
N PHE A 146 1.51 7.82 4.77
CA PHE A 146 2.62 7.96 5.70
C PHE A 146 3.31 6.62 5.93
N VAL A 147 2.52 5.54 5.90
CA VAL A 147 3.05 4.20 6.12
C VAL A 147 4.20 3.91 5.17
N CYS A 148 4.12 4.46 3.96
CA CYS A 148 5.16 4.25 2.95
C CYS A 148 6.53 4.59 3.52
N VAL A 149 6.62 5.70 4.25
CA VAL A 149 7.88 6.13 4.84
C VAL A 149 8.23 5.28 6.05
N PHE A 150 7.20 4.87 6.80
CA PHE A 150 7.41 4.05 7.99
C PHE A 150 8.21 2.79 7.65
N GLY A 151 8.09 2.33 6.41
CA GLY A 151 8.81 1.15 5.99
C GLY A 151 10.30 1.39 5.85
N THR A 152 10.68 2.65 5.69
CA THR A 152 12.08 3.01 5.54
C THR A 152 12.78 3.06 6.89
N ILE A 153 12.20 3.82 7.82
CA ILE A 153 12.77 3.95 9.16
C ILE A 153 12.48 2.71 9.99
N GLY A 154 11.43 1.98 9.64
CA GLY A 154 11.07 0.78 10.37
C GLY A 154 12.24 -0.17 10.51
N MET A 155 12.90 -0.47 9.40
CA MET A 155 14.05 -1.38 9.41
C MET A 155 15.26 -0.73 10.08
N PHE A 156 15.36 0.59 9.93
CA PHE A 156 16.47 1.33 10.52
C PHE A 156 16.35 1.39 12.04
N LEU A 157 15.13 1.23 12.53
CA LEU A 157 14.86 1.27 13.97
C LEU A 157 15.32 -0.03 14.63
N GLN A 158 15.32 -1.11 13.87
CA GLN A 158 15.73 -2.41 14.38
C GLN A 158 17.09 -2.32 15.06
N PRO A 159 18.11 -1.93 14.28
CA PRO A 159 19.48 -1.78 14.78
C PRO A 159 19.64 -0.61 15.75
N LEU A 160 18.66 0.28 15.74
CA LEU A 160 18.68 1.45 16.61
C LEU A 160 17.91 1.18 17.89
N PHE A 161 18.08 -0.02 18.44
CA PHE A 161 17.40 -0.41 19.67
C PHE A 161 18.06 0.25 20.89
N GLN A 162 19.35 -0.04 21.07
CA GLN A 162 20.10 0.52 22.19
C GLN A 162 21.56 0.04 22.16
N ASN A 163 21.76 -1.21 22.52
CA ASN A 163 23.11 -1.78 22.53
C ASN A 163 24.02 -1.01 23.48
N TYR A 164 24.18 -1.52 24.69
CA TYR A 164 25.03 -0.88 25.70
C TYR A 164 26.19 -1.78 26.08
#